data_8DDW
#
_entry.id   8DDW
#
_cell.length_a   1.00
_cell.length_b   1.00
_cell.length_c   1.00
_cell.angle_alpha   90.00
_cell.angle_beta   90.00
_cell.angle_gamma   90.00
#
_symmetry.space_group_name_H-M   'P 1'
#
loop_
_entity.id
_entity.type
_entity.pdbx_description
1 polymer 'Transient receptor potential cation channel, subfamily M, member 3'
2 polymer 'Unidentified segment at the N-terminus of TRPM3'
3 polymer 'Guanine nucleotide-binding protein G(I)/G(S)/G(T) subunit beta-1'
4 polymer 'Guanine nucleotide-binding protein G(I)/G(S)/G(O) subunit gamma-2'
#
loop_
_entity_poly.entity_id
_entity_poly.type
_entity_poly.pdbx_seq_one_letter_code
_entity_poly.pdbx_strand_id
1 'polypeptide(L)'
;MGKKWRDAGELERGCSDREDSAESRRRSRSASRGRFAESWKRLSSKQGSTKRSGLPAQQTPAQKSWIERAFYKRECVHII
PSTKDPHRCCCGRLIGQHVGLTPSISVLQNEKNESRLSRNDIQSEKWSISKHTQLSPTDAFGTIEFQGGGHSNKAMYVRV
SFDTKPDLLLHLMTKEWQLELPKLLISVHGGLQNFELQPKLKQVFGKGLIKAAMTTGAWIFTGGVNTGVIRHVGDALKDH
ASKSRGKICTIGIAPWGIVENQEDLIGRDVVRPYQTMSNPMSKLTVLNSMHSHFILADNGTTGKYGAEVKLRRQLEKHIS
LQKINTRIGQGVPVVALIVEGGPNVISIVLEYLRDTPPVPVVVCDGSGRASDILAFGHKYSEEGGLINESLRDQLLVTIQ
KTFTYTRTQAQHLFIILMECMKKKELITVFRMGSEGHQDIDLAILTALLKGANASAPDQLSLALAWNRVDIARSQIFIYG
QQWPVGSLEQAMLDALVLDRVDFVKLLIENGVSMHRFLTISRLEELYNTRHGPSNTLYHLVRDVKKGNLPPDYRISLIDI
GLVIEYLMGGAYRCNYTRKRFRTLYHNLFGPKRPKALKLLGMEDDIPLRRGRKTTKKREEEVDIDLDDPEINHFPFPFHE
LMVWAVLMKRQKMALFFWQHGEEAMAKALVACKLCKAMAHEASENDMVDDISQELNHNSRDFGQLAVELLDQSYKQDEQL
AMKLLTYELKNWSNATCLQLAVAAKHRDFIAHTCSQMLLTDMWMGRLRMRKNSGLKVILGILLPPSILSLEFKNKDDMPY
MTQAQEIHLQEKEPEEPEKPTKEKDEEDMELTAMLGRSNGESSRKKDEEEVQSRHRLIPVGRKIYEFYNAPIVKFWFYTL
AYIGYLMLFNYIVLVKMERWPSTQEWIVISYIFTLGIEKMREILMSEPGKLLQKVKVWLQEYWNVTDLIAILLFSVGMIL
RLQDQPFRSDGRVIYCVNIIYWYIRLLDIFGVNKYLGPYVMMIGKMMIDMMYFVIIMLVVLMSFGVARQAILFPNEEPSW
KLAKNIFYMPYWMIYGEVFADQIDPPCGQNETREDGKTIQLPPCKTGAWIVPAIMACYLLVANILLVNLLIAVFNNTFFE
VKSISNQVWKFQRYQLIMTFHERPVLPPPLIIFSHMTMIFQHVCCRWRKHESDQDERDYGLKLFITDDELKKVHDFEEQC
IEEYFREKDDRFNSSNDERIRVTSERVENMSMRLEEVNEREHSMKASLQTVDIRLAQLEDLIGRMATALERLTGLERAES
NKIRSRTSSDCTDAAYIVRQSSFNSQEGNTFKLQESIDPAGEETISPTSPTLMPRMRSHSFYSVNVKDKGGIEKLESIFK
ERSLSLHRATS
;
A,B,C,D
2 'polypeptide(L)'
;(UNK)(UNK)(UNK)(UNK)(UNK)(UNK)(UNK)(UNK)(UNK)(UNK)(UNK)(UNK)(UNK)(UNK)(UNK)(UNK)
(UNK)
;
E,F,G,H
3 'polypeptide(L)'
;SELDQLRQEAEQLKNQIRDARKACADATLSQITNNIDPVGRIQMRTRRTLRGHLAKIYAMHWGTDSRLLVSASQDGKLII
WDSYTTNKVHAIPLRSSWVMTCAYAPSGNYVACGGLDNICSIYNLKTREGNVRVSRELAGHTGYLSCCRFLDDNQIVTSS
GDTTCALWDIETGQQTTTFTGHTGDVMSLSLAPDTRLFVSGACDASAKLWDVREGMCRQTFTGHESDINAICFFPNGNAF
ATGSDDATCRLFDLRADQELMTYSHDNIICGITSVSFSKSGRLLLAGYDDFNCNVWDALKADRAGVLAGHDNRVSCLGVT
DDGMAVATGSWDSFLKIWN
;
I
4 'polypeptide(L)' ASNNTASIAQARKLVEQLKMEANIDRIKVSKAAADLMAYCEAHAKEDPLLTPVPASENPFREKKFFSAIL J
#
# COMPACT_ATOMS: atom_id res chain seq x y z
N ILE A 129 58.45 -40.14 -42.76
CA ILE A 129 57.88 -41.40 -42.28
C ILE A 129 56.42 -41.50 -42.67
N SER A 130 55.94 -42.73 -42.81
CA SER A 130 54.52 -42.98 -43.03
C SER A 130 53.83 -43.29 -41.70
N LYS A 131 53.93 -42.32 -40.79
CA LYS A 131 53.43 -42.43 -39.41
C LYS A 131 54.04 -43.66 -38.73
N HIS A 132 55.35 -43.57 -38.55
CA HIS A 132 56.13 -44.60 -37.85
C HIS A 132 56.77 -43.92 -36.65
N THR A 133 56.26 -44.24 -35.45
CA THR A 133 56.69 -43.58 -34.23
C THR A 133 57.33 -44.58 -33.28
N GLN A 134 57.97 -44.05 -32.24
CA GLN A 134 58.59 -44.83 -31.18
C GLN A 134 57.69 -44.77 -29.96
N LEU A 135 57.40 -45.95 -29.38
CA LEU A 135 56.42 -46.05 -28.30
C LEU A 135 57.13 -46.08 -26.95
N SER A 136 57.48 -44.89 -26.47
CA SER A 136 58.07 -44.73 -25.16
C SER A 136 56.99 -44.60 -24.09
N PRO A 137 57.33 -44.80 -22.81
CA PRO A 137 56.38 -44.49 -21.75
C PRO A 137 56.35 -43.00 -21.42
N THR A 138 55.28 -42.60 -20.77
CA THR A 138 55.05 -41.20 -20.42
C THR A 138 55.80 -40.82 -19.15
N ASP A 139 55.97 -39.51 -18.96
CA ASP A 139 56.66 -39.01 -17.77
C ASP A 139 56.10 -37.69 -17.25
N ALA A 140 54.90 -37.28 -17.65
CA ALA A 140 54.39 -35.96 -17.29
C ALA A 140 52.93 -36.10 -16.86
N PHE A 141 52.67 -35.85 -15.58
CA PHE A 141 51.31 -35.86 -15.07
C PHE A 141 51.29 -35.08 -13.76
N GLY A 142 50.08 -34.67 -13.36
CA GLY A 142 49.91 -33.92 -12.14
C GLY A 142 48.97 -32.74 -12.29
N THR A 143 49.35 -31.60 -11.72
CA THR A 143 48.54 -30.39 -11.77
C THR A 143 49.46 -29.18 -11.96
N ILE A 144 49.05 -28.27 -12.85
CA ILE A 144 49.81 -27.07 -13.16
C ILE A 144 49.04 -25.86 -12.68
N GLU A 145 49.76 -24.90 -12.09
CA GLU A 145 49.18 -23.62 -11.70
C GLU A 145 49.46 -22.60 -12.79
N PHE A 146 48.39 -22.02 -13.33
CA PHE A 146 48.52 -21.05 -14.40
C PHE A 146 48.74 -19.67 -13.81
N GLN A 147 49.97 -19.17 -13.93
CA GLN A 147 50.32 -17.82 -13.51
C GLN A 147 50.05 -16.87 -14.66
N GLY A 148 49.48 -15.70 -14.33
CA GLY A 148 49.00 -14.74 -15.31
C GLY A 148 47.49 -14.59 -15.29
N GLY A 149 46.78 -15.48 -14.61
CA GLY A 149 45.36 -15.32 -14.44
C GLY A 149 45.02 -14.71 -13.09
N GLY A 150 43.91 -13.98 -13.07
CA GLY A 150 43.48 -13.33 -11.84
C GLY A 150 42.75 -14.20 -10.85
N HIS A 151 42.51 -15.46 -11.20
CA HIS A 151 41.78 -16.37 -10.31
C HIS A 151 42.50 -17.71 -10.26
N SER A 152 42.42 -18.36 -9.11
CA SER A 152 43.07 -19.64 -8.90
C SER A 152 42.37 -20.73 -9.72
N ASN A 153 43.17 -21.54 -10.41
CA ASN A 153 42.63 -22.62 -11.22
C ASN A 153 43.70 -23.69 -11.36
N LYS A 154 43.47 -24.85 -10.74
CA LYS A 154 44.41 -25.96 -10.76
C LYS A 154 43.79 -27.10 -11.56
N ALA A 155 44.42 -27.45 -12.67
CA ALA A 155 43.88 -28.42 -13.62
C ALA A 155 44.77 -29.65 -13.64
N MET A 156 44.15 -30.83 -13.60
CA MET A 156 44.90 -32.08 -13.61
C MET A 156 45.30 -32.41 -15.04
N TYR A 157 46.60 -32.30 -15.34
CA TYR A 157 47.12 -32.56 -16.67
C TYR A 157 47.73 -33.96 -16.70
N VAL A 158 47.39 -34.72 -17.74
CA VAL A 158 47.98 -36.03 -17.99
C VAL A 158 48.10 -36.19 -19.50
N ARG A 159 49.32 -36.37 -20.00
CA ARG A 159 49.51 -36.71 -21.40
C ARG A 159 49.39 -38.22 -21.56
N VAL A 160 48.67 -38.65 -22.60
CA VAL A 160 48.39 -40.05 -22.83
C VAL A 160 48.71 -40.39 -24.29
N SER A 161 48.52 -41.65 -24.62
CA SER A 161 48.69 -42.15 -25.98
C SER A 161 47.33 -42.33 -26.65
N PHE A 162 47.24 -41.89 -27.90
CA PHE A 162 46.03 -42.11 -28.67
C PHE A 162 45.74 -43.58 -28.91
N ASP A 163 46.76 -44.44 -28.82
CA ASP A 163 46.57 -45.88 -28.94
C ASP A 163 45.82 -46.48 -27.76
N THR A 164 45.68 -45.75 -26.67
CA THR A 164 45.11 -46.31 -25.45
C THR A 164 43.61 -46.53 -25.60
N LYS A 165 43.11 -47.58 -24.96
CA LYS A 165 41.70 -47.87 -24.96
C LYS A 165 40.98 -46.90 -24.02
N PRO A 166 39.73 -46.55 -24.33
CA PRO A 166 38.99 -45.63 -23.44
C PRO A 166 38.73 -46.18 -22.05
N ASP A 167 38.79 -47.50 -21.86
CA ASP A 167 38.51 -48.09 -20.56
C ASP A 167 39.53 -47.64 -19.52
N LEU A 168 40.82 -47.64 -19.89
CA LEU A 168 41.85 -47.17 -18.97
C LEU A 168 41.69 -45.69 -18.67
N LEU A 169 41.30 -44.91 -19.69
CA LEU A 169 41.09 -43.48 -19.49
C LEU A 169 39.94 -43.24 -18.51
N LEU A 170 38.84 -43.99 -18.65
CA LEU A 170 37.73 -43.88 -17.72
C LEU A 170 38.16 -44.31 -16.32
N HIS A 171 38.95 -45.37 -16.22
CA HIS A 171 39.45 -45.79 -14.92
C HIS A 171 40.30 -44.72 -14.27
N LEU A 172 41.15 -44.05 -15.06
CA LEU A 172 41.96 -42.96 -14.52
C LEU A 172 41.08 -41.80 -14.07
N MET A 173 40.07 -41.45 -14.86
CA MET A 173 39.19 -40.35 -14.49
C MET A 173 38.44 -40.64 -13.20
N THR A 174 37.93 -41.86 -13.06
CA THR A 174 37.15 -42.22 -11.88
C THR A 174 38.02 -42.54 -10.67
N LYS A 175 39.30 -42.86 -10.87
CA LYS A 175 40.17 -43.26 -9.78
C LYS A 175 41.30 -42.27 -9.54
N GLU A 176 42.10 -41.96 -10.56
CA GLU A 176 43.18 -41.00 -10.37
C GLU A 176 42.65 -39.58 -10.23
N TRP A 177 41.44 -39.30 -10.71
CA TRP A 177 40.84 -37.99 -10.57
C TRP A 177 39.55 -38.01 -9.76
N GLN A 178 38.97 -39.19 -9.50
CA GLN A 178 37.85 -39.36 -8.58
C GLN A 178 36.63 -38.53 -9.01
N LEU A 179 36.07 -38.91 -10.15
CA LEU A 179 34.88 -38.26 -10.68
C LEU A 179 33.80 -39.30 -10.92
N GLU A 180 32.62 -39.08 -10.35
CA GLU A 180 31.46 -39.91 -10.64
C GLU A 180 30.81 -39.47 -11.95
N LEU A 181 30.13 -40.41 -12.59
CA LEU A 181 29.56 -40.16 -13.90
C LEU A 181 28.49 -39.07 -13.82
N PRO A 182 28.34 -38.27 -14.87
CA PRO A 182 27.33 -37.21 -14.87
C PRO A 182 26.00 -37.69 -15.40
N LYS A 183 24.98 -36.87 -15.17
CA LYS A 183 23.66 -37.08 -15.74
C LYS A 183 23.51 -36.43 -17.11
N LEU A 184 24.60 -35.89 -17.65
CA LEU A 184 24.61 -35.27 -18.97
C LEU A 184 26.04 -35.16 -19.44
N LEU A 185 26.30 -35.56 -20.67
CA LEU A 185 27.58 -35.37 -21.31
C LEU A 185 27.40 -34.40 -22.47
N ILE A 186 28.21 -33.35 -22.50
CA ILE A 186 28.09 -32.28 -23.48
C ILE A 186 29.32 -32.28 -24.36
N SER A 187 29.13 -32.42 -25.66
CA SER A 187 30.19 -32.22 -26.63
C SER A 187 30.14 -30.77 -27.11
N VAL A 188 31.32 -30.14 -27.16
CA VAL A 188 31.44 -28.75 -27.56
C VAL A 188 32.28 -28.68 -28.83
N HIS A 189 31.83 -27.89 -29.79
CA HIS A 189 32.52 -27.74 -31.06
C HIS A 189 32.48 -26.29 -31.48
N GLY A 190 33.56 -25.83 -32.11
CA GLY A 190 33.63 -24.45 -32.57
C GLY A 190 34.71 -24.30 -33.61
N GLY A 191 34.74 -23.12 -34.22
CA GLY A 191 35.73 -22.84 -35.26
C GLY A 191 37.11 -22.64 -34.67
N LEU A 192 38.12 -23.18 -35.38
CA LEU A 192 39.50 -23.03 -34.93
C LEU A 192 39.95 -21.58 -34.98
N GLN A 193 39.34 -20.76 -35.84
CA GLN A 193 39.58 -19.33 -35.81
C GLN A 193 39.01 -18.73 -34.53
N ASN A 194 39.80 -17.88 -33.87
CA ASN A 194 39.39 -17.28 -32.61
C ASN A 194 38.49 -16.09 -32.93
N PHE A 195 37.25 -16.37 -33.29
CA PHE A 195 36.30 -15.36 -33.70
C PHE A 195 35.58 -14.78 -32.48
N GLU A 196 34.78 -13.75 -32.72
CA GLU A 196 33.99 -13.11 -31.68
C GLU A 196 32.53 -13.07 -32.09
N LEU A 197 31.64 -13.20 -31.11
CA LEU A 197 30.22 -13.25 -31.36
C LEU A 197 29.59 -11.87 -31.18
N GLN A 198 28.31 -11.80 -31.50
CA GLN A 198 27.53 -10.59 -31.31
C GLN A 198 27.21 -10.40 -29.83
N PRO A 199 27.47 -9.21 -29.26
CA PRO A 199 27.15 -8.98 -27.85
C PRO A 199 25.65 -9.07 -27.59
N LYS A 200 25.31 -9.11 -26.31
CA LYS A 200 23.97 -9.40 -25.80
C LYS A 200 23.48 -10.79 -26.19
N LEU A 201 24.36 -11.60 -26.78
CA LEU A 201 24.14 -13.04 -26.93
C LEU A 201 25.08 -13.84 -26.06
N LYS A 202 26.34 -13.41 -25.96
CA LYS A 202 27.32 -14.12 -25.15
C LYS A 202 26.93 -14.14 -23.68
N GLN A 203 26.34 -13.05 -23.17
CA GLN A 203 25.99 -13.00 -21.75
C GLN A 203 24.89 -14.00 -21.41
N VAL A 204 23.80 -13.98 -22.18
CA VAL A 204 22.69 -14.88 -21.90
C VAL A 204 23.08 -16.33 -22.16
N PHE A 205 23.88 -16.55 -23.21
CA PHE A 205 24.36 -17.90 -23.49
C PHE A 205 25.24 -18.42 -22.37
N GLY A 206 26.13 -17.57 -21.85
CA GLY A 206 26.96 -17.99 -20.74
C GLY A 206 26.14 -18.28 -19.49
N LYS A 207 25.14 -17.45 -19.21
CA LYS A 207 24.28 -17.69 -18.06
C LYS A 207 23.54 -19.02 -18.20
N GLY A 208 22.99 -19.28 -19.39
CA GLY A 208 22.29 -20.54 -19.60
C GLY A 208 23.21 -21.74 -19.52
N LEU A 209 24.43 -21.61 -20.04
CA LEU A 209 25.39 -22.69 -19.97
C LEU A 209 25.79 -22.99 -18.53
N ILE A 210 26.01 -21.94 -17.73
CA ILE A 210 26.36 -22.13 -16.33
C ILE A 210 25.22 -22.80 -15.58
N LYS A 211 23.98 -22.33 -15.84
CA LYS A 211 22.83 -22.94 -15.19
C LYS A 211 22.68 -24.41 -15.56
N ALA A 212 22.89 -24.73 -16.85
CA ALA A 212 22.81 -26.11 -17.30
C ALA A 212 23.88 -26.96 -16.63
N ALA A 213 25.11 -26.45 -16.54
CA ALA A 213 26.20 -27.23 -15.96
C ALA A 213 26.02 -27.42 -14.46
N MET A 214 25.42 -26.45 -13.77
CA MET A 214 25.39 -26.47 -12.31
C MET A 214 24.12 -27.08 -11.74
N THR A 215 22.96 -26.85 -12.36
CA THR A 215 21.70 -27.34 -11.79
C THR A 215 21.66 -28.86 -11.78
N THR A 216 22.27 -29.49 -12.77
CA THR A 216 22.36 -30.94 -12.83
C THR A 216 23.78 -31.37 -13.14
N GLY A 217 24.14 -32.57 -12.70
CA GLY A 217 25.49 -33.07 -12.90
C GLY A 217 25.81 -33.29 -14.36
N ALA A 218 26.71 -32.48 -14.90
CA ALA A 218 27.05 -32.55 -16.31
C ALA A 218 28.54 -32.33 -16.49
N TRP A 219 29.10 -32.99 -17.51
CA TRP A 219 30.48 -32.80 -17.91
C TRP A 219 30.52 -32.00 -19.21
N ILE A 220 31.70 -31.44 -19.49
CA ILE A 220 31.91 -30.64 -20.70
C ILE A 220 33.23 -31.08 -21.32
N PHE A 221 33.20 -31.39 -22.61
CA PHE A 221 34.36 -31.83 -23.35
C PHE A 221 34.70 -30.77 -24.40
N THR A 222 35.93 -30.26 -24.33
CA THR A 222 36.37 -29.18 -25.20
C THR A 222 37.79 -29.46 -25.66
N GLY A 223 38.30 -28.57 -26.52
CA GLY A 223 39.69 -28.64 -26.92
C GLY A 223 40.62 -28.26 -25.78
N GLY A 224 40.59 -27.00 -25.37
CA GLY A 224 41.37 -26.51 -24.26
C GLY A 224 42.28 -25.34 -24.59
N VAL A 225 42.65 -25.16 -25.85
CA VAL A 225 43.50 -24.05 -26.23
C VAL A 225 42.66 -22.79 -26.39
N ASN A 226 43.30 -21.64 -26.25
CA ASN A 226 42.63 -20.34 -26.30
C ASN A 226 42.33 -19.97 -27.75
N THR A 227 41.39 -20.71 -28.34
CA THR A 227 40.97 -20.50 -29.71
C THR A 227 39.47 -20.72 -29.85
N GLY A 228 38.83 -19.88 -30.66
CA GLY A 228 37.44 -20.09 -31.02
C GLY A 228 36.50 -19.99 -29.83
N VAL A 229 35.48 -20.85 -29.83
CA VAL A 229 34.49 -20.85 -28.77
C VAL A 229 35.07 -21.28 -27.44
N ILE A 230 36.26 -21.86 -27.43
CA ILE A 230 36.90 -22.23 -26.17
C ILE A 230 37.20 -20.99 -25.34
N ARG A 231 37.62 -19.91 -26.00
CA ARG A 231 37.80 -18.64 -25.30
C ARG A 231 36.49 -18.17 -24.69
N HIS A 232 35.39 -18.27 -25.45
CA HIS A 232 34.10 -17.81 -24.97
C HIS A 232 33.65 -18.61 -23.76
N VAL A 233 33.81 -19.94 -23.81
CA VAL A 233 33.37 -20.75 -22.68
C VAL A 233 34.29 -20.59 -21.47
N GLY A 234 35.59 -20.36 -21.71
CA GLY A 234 36.47 -20.06 -20.59
C GLY A 234 36.10 -18.76 -19.90
N ASP A 235 35.76 -17.75 -20.68
CA ASP A 235 35.31 -16.49 -20.09
C ASP A 235 33.97 -16.67 -19.37
N ALA A 236 33.09 -17.52 -19.91
CA ALA A 236 31.84 -17.79 -19.23
C ALA A 236 32.07 -18.48 -17.90
N LEU A 237 33.00 -19.44 -17.86
CA LEU A 237 33.35 -20.07 -16.59
C LEU A 237 34.00 -19.06 -15.64
N LYS A 238 34.74 -18.10 -16.19
CA LYS A 238 35.25 -17.01 -15.37
C LYS A 238 34.10 -16.21 -14.75
N ASP A 239 33.03 -16.01 -15.52
CA ASP A 239 31.88 -15.26 -15.02
C ASP A 239 31.23 -15.94 -13.83
N HIS A 240 31.12 -17.28 -13.87
CA HIS A 240 30.52 -18.01 -12.76
C HIS A 240 31.40 -17.93 -11.50
N ALA A 241 32.70 -17.74 -11.67
CA ALA A 241 33.59 -17.68 -10.52
C ALA A 241 33.26 -16.52 -9.60
N SER A 242 32.76 -15.41 -10.16
CA SER A 242 32.33 -14.26 -9.38
C SER A 242 30.85 -14.29 -9.07
N LYS A 243 30.19 -15.44 -9.24
CA LYS A 243 28.75 -15.54 -9.04
C LYS A 243 28.33 -16.53 -7.97
N SER A 244 28.94 -17.70 -7.85
CA SER A 244 28.51 -18.69 -6.89
C SER A 244 29.62 -19.70 -6.67
N ARG A 245 29.33 -20.68 -5.82
CA ARG A 245 30.32 -21.66 -5.38
C ARG A 245 30.28 -22.89 -6.28
N GLY A 246 30.92 -23.97 -5.86
CA GLY A 246 30.89 -25.22 -6.57
C GLY A 246 31.90 -25.28 -7.69
N LYS A 247 32.20 -26.51 -8.11
CA LYS A 247 33.13 -26.78 -9.18
C LYS A 247 32.42 -27.54 -10.29
N ILE A 248 32.82 -27.28 -11.53
CA ILE A 248 32.20 -27.89 -12.70
C ILE A 248 33.27 -28.68 -13.44
N CYS A 249 32.93 -29.91 -13.83
CA CYS A 249 33.86 -30.79 -14.51
C CYS A 249 34.09 -30.29 -15.93
N THR A 250 35.26 -29.72 -16.18
CA THR A 250 35.67 -29.28 -17.50
C THR A 250 36.90 -30.06 -17.92
N ILE A 251 36.84 -30.66 -19.11
CA ILE A 251 37.92 -31.51 -19.62
C ILE A 251 38.37 -30.95 -20.97
N GLY A 252 39.65 -30.67 -21.08
CA GLY A 252 40.20 -30.17 -22.33
C GLY A 252 41.02 -31.21 -23.07
N ILE A 253 40.45 -31.74 -24.15
CA ILE A 253 41.15 -32.75 -24.96
C ILE A 253 41.97 -31.97 -25.99
N ALA A 254 43.15 -31.56 -25.58
CA ALA A 254 43.98 -30.81 -26.51
C ALA A 254 45.14 -31.64 -27.01
N PRO A 255 45.45 -31.58 -28.30
CA PRO A 255 46.64 -32.26 -28.80
C PRO A 255 47.91 -31.72 -28.13
N TRP A 256 48.82 -32.64 -27.81
CA TRP A 256 49.99 -32.27 -27.01
C TRP A 256 51.00 -31.45 -27.80
N GLY A 257 51.02 -31.61 -29.12
CA GLY A 257 52.00 -30.95 -29.96
C GLY A 257 51.66 -29.55 -30.43
N ILE A 258 50.62 -28.93 -29.85
CA ILE A 258 50.16 -27.64 -30.32
C ILE A 258 50.36 -26.53 -29.29
N VAL A 259 50.50 -26.87 -28.00
CA VAL A 259 50.66 -25.83 -26.99
C VAL A 259 52.04 -25.19 -27.12
N GLU A 260 52.15 -23.96 -26.64
CA GLU A 260 53.42 -23.24 -26.73
C GLU A 260 54.48 -23.87 -25.83
N ASN A 261 54.13 -24.13 -24.58
CA ASN A 261 55.07 -24.70 -23.62
C ASN A 261 54.88 -26.21 -23.56
N GLN A 262 55.36 -26.88 -24.61
CA GLN A 262 55.51 -28.33 -24.55
C GLN A 262 56.64 -28.72 -23.60
N GLU A 263 57.56 -27.80 -23.32
CA GLU A 263 58.46 -27.91 -22.19
C GLU A 263 57.75 -27.37 -20.96
N ASP A 264 58.49 -27.13 -19.88
CA ASP A 264 57.92 -26.79 -18.57
C ASP A 264 56.98 -27.90 -18.09
N LEU A 265 57.21 -29.11 -18.57
CA LEU A 265 56.37 -30.26 -18.25
C LEU A 265 57.17 -31.51 -17.97
N ILE A 266 58.50 -31.40 -17.78
CA ILE A 266 59.31 -32.57 -17.53
C ILE A 266 58.93 -33.24 -16.22
N GLY A 267 58.41 -32.46 -15.26
CA GLY A 267 58.10 -33.00 -13.95
C GLY A 267 56.90 -33.92 -13.99
N ARG A 268 56.87 -34.89 -13.09
CA ARG A 268 55.73 -35.76 -12.87
C ARG A 268 55.38 -35.77 -11.39
N ASP A 269 54.07 -35.81 -11.10
CA ASP A 269 53.54 -35.71 -9.73
C ASP A 269 53.95 -34.41 -9.06
N VAL A 270 54.18 -33.36 -9.85
CA VAL A 270 54.71 -32.10 -9.37
C VAL A 270 53.84 -30.97 -9.90
N VAL A 271 53.94 -29.82 -9.25
CA VAL A 271 53.20 -28.63 -9.63
C VAL A 271 54.11 -27.74 -10.48
N ARG A 272 53.71 -27.51 -11.72
CA ARG A 272 54.51 -26.71 -12.64
C ARG A 272 53.85 -25.35 -12.84
N PRO A 273 54.43 -24.26 -12.34
CA PRO A 273 53.84 -22.94 -12.57
C PRO A 273 53.89 -22.58 -14.05
N TYR A 274 52.71 -22.46 -14.65
CA TYR A 274 52.57 -22.17 -16.07
C TYR A 274 52.27 -20.69 -16.25
N GLN A 275 52.91 -20.07 -17.24
CA GLN A 275 52.69 -18.67 -17.52
C GLN A 275 51.63 -18.53 -18.61
N THR A 276 50.57 -17.78 -18.29
CA THR A 276 49.42 -17.68 -19.19
C THR A 276 49.63 -16.67 -20.32
N MET A 277 50.60 -15.78 -20.20
CA MET A 277 50.80 -14.76 -21.22
C MET A 277 51.72 -15.30 -22.31
N SER A 278 51.26 -15.22 -23.56
CA SER A 278 52.01 -15.69 -24.71
C SER A 278 52.01 -14.63 -25.80
N ASN A 279 52.67 -14.93 -26.91
CA ASN A 279 52.83 -14.00 -28.01
C ASN A 279 52.40 -14.65 -29.32
N PRO A 280 51.87 -13.87 -30.27
CA PRO A 280 51.46 -14.44 -31.56
C PRO A 280 52.61 -15.03 -32.37
N MET A 281 53.84 -14.55 -32.18
CA MET A 281 54.96 -15.07 -32.95
C MET A 281 55.28 -16.52 -32.62
N SER A 282 54.81 -17.01 -31.46
CA SER A 282 55.01 -18.42 -31.14
C SER A 282 54.15 -19.33 -32.02
N LYS A 283 52.99 -18.82 -32.46
CA LYS A 283 52.04 -19.50 -33.35
C LYS A 283 51.45 -20.75 -32.71
N LEU A 284 51.84 -21.05 -31.48
CA LEU A 284 51.34 -22.20 -30.73
C LEU A 284 50.52 -21.67 -29.56
N THR A 285 49.22 -21.90 -29.60
CA THR A 285 48.31 -21.36 -28.60
C THR A 285 48.51 -22.05 -27.25
N VAL A 286 48.61 -21.25 -26.19
CA VAL A 286 48.67 -21.83 -24.86
C VAL A 286 47.30 -22.32 -24.43
N LEU A 287 47.30 -23.23 -23.46
CA LEU A 287 46.05 -23.79 -22.96
C LEU A 287 45.26 -22.74 -22.19
N ASN A 288 43.96 -22.66 -22.49
CA ASN A 288 43.07 -21.84 -21.69
C ASN A 288 42.96 -22.42 -20.28
N SER A 289 42.91 -21.54 -19.30
CA SER A 289 42.70 -21.95 -17.91
C SER A 289 41.21 -22.21 -17.69
N MET A 290 40.81 -22.27 -16.42
CA MET A 290 39.42 -22.46 -16.00
C MET A 290 38.88 -23.84 -16.38
N HIS A 291 39.76 -24.79 -16.68
CA HIS A 291 39.36 -26.17 -16.92
C HIS A 291 39.64 -27.01 -15.68
N SER A 292 38.71 -27.91 -15.37
CA SER A 292 38.90 -28.77 -14.21
C SER A 292 40.07 -29.72 -14.40
N HIS A 293 40.18 -30.32 -15.59
CA HIS A 293 41.24 -31.27 -15.87
C HIS A 293 41.76 -31.01 -17.27
N PHE A 294 42.75 -31.80 -17.67
CA PHE A 294 43.32 -31.67 -19.00
C PHE A 294 43.92 -32.99 -19.42
N ILE A 295 43.86 -33.26 -20.72
CA ILE A 295 44.48 -34.43 -21.33
C ILE A 295 45.26 -33.97 -22.55
N LEU A 296 46.52 -34.39 -22.63
CA LEU A 296 47.39 -34.02 -23.74
C LEU A 296 47.49 -35.21 -24.69
N ALA A 297 47.03 -35.00 -25.92
CA ALA A 297 46.98 -36.06 -26.92
C ALA A 297 48.34 -36.18 -27.60
N ASP A 298 49.05 -37.26 -27.31
CA ASP A 298 50.38 -37.51 -27.86
C ASP A 298 50.28 -38.63 -28.90
N ASN A 299 50.60 -38.30 -30.14
CA ASN A 299 50.63 -39.30 -31.20
C ASN A 299 51.96 -39.22 -31.96
N GLY A 300 52.57 -38.03 -32.01
CA GLY A 300 53.86 -37.87 -32.64
C GLY A 300 53.99 -36.61 -33.47
N THR A 301 52.88 -36.01 -33.87
CA THR A 301 52.89 -34.83 -34.72
C THR A 301 53.13 -33.58 -33.88
N THR A 302 53.73 -32.57 -34.51
CA THR A 302 54.02 -31.30 -33.86
C THR A 302 53.50 -30.16 -34.74
N GLY A 303 52.74 -29.26 -34.14
CA GLY A 303 52.24 -28.10 -34.84
C GLY A 303 51.08 -28.35 -35.77
N LYS A 304 50.56 -29.57 -35.81
CA LYS A 304 49.45 -29.93 -36.68
C LYS A 304 48.38 -30.66 -35.88
N TYR A 305 47.12 -30.36 -36.17
CA TYR A 305 46.00 -30.91 -35.43
C TYR A 305 45.67 -32.31 -35.93
N GLY A 306 44.54 -32.85 -35.48
CA GLY A 306 43.98 -34.07 -36.02
C GLY A 306 44.47 -35.36 -35.39
N ALA A 307 44.55 -35.40 -34.06
CA ALA A 307 44.89 -36.62 -33.35
C ALA A 307 43.91 -37.01 -32.27
N GLU A 308 43.35 -36.04 -31.53
CA GLU A 308 42.44 -36.32 -30.44
C GLU A 308 40.99 -36.44 -30.87
N VAL A 309 40.67 -36.12 -32.12
CA VAL A 309 39.28 -36.16 -32.58
C VAL A 309 38.74 -37.58 -32.54
N LYS A 310 39.53 -38.54 -33.05
CA LYS A 310 39.14 -39.93 -32.97
C LYS A 310 39.01 -40.38 -31.53
N LEU A 311 39.98 -40.01 -30.69
CA LEU A 311 39.95 -40.43 -29.29
C LEU A 311 38.77 -39.82 -28.56
N ARG A 312 38.45 -38.55 -28.81
CA ARG A 312 37.28 -37.94 -28.21
C ARG A 312 36.00 -38.64 -28.65
N ARG A 313 35.91 -38.98 -29.95
CA ARG A 313 34.72 -39.67 -30.44
C ARG A 313 34.57 -41.04 -29.79
N GLN A 314 35.67 -41.79 -29.69
CA GLN A 314 35.60 -43.10 -29.04
C GLN A 314 35.32 -42.97 -27.56
N LEU A 315 35.77 -41.88 -26.94
CA LEU A 315 35.47 -41.64 -25.54
C LEU A 315 34.00 -41.39 -25.33
N GLU A 316 33.39 -40.59 -26.20
CA GLU A 316 31.94 -40.40 -26.15
C GLU A 316 31.22 -41.74 -26.33
N LYS A 317 31.69 -42.54 -27.30
CA LYS A 317 31.13 -43.87 -27.51
C LYS A 317 31.16 -44.69 -26.22
N HIS A 318 32.34 -44.84 -25.64
CA HIS A 318 32.50 -45.71 -24.48
C HIS A 318 31.72 -45.20 -23.27
N ILE A 319 31.76 -43.88 -23.03
CA ILE A 319 31.06 -43.31 -21.89
C ILE A 319 29.56 -43.49 -22.04
N SER A 320 29.04 -43.27 -23.25
CA SER A 320 27.62 -43.45 -23.50
C SER A 320 27.16 -44.87 -23.22
N LEU A 321 28.07 -45.85 -23.26
CA LEU A 321 27.69 -47.23 -22.96
C LEU A 321 27.33 -47.41 -21.49
N GLN A 322 27.97 -46.65 -20.61
CA GLN A 322 27.90 -46.94 -19.18
C GLN A 322 26.50 -46.72 -18.62
N LYS A 323 26.08 -47.64 -17.78
CA LYS A 323 24.73 -47.64 -17.24
C LYS A 323 24.61 -46.60 -16.13
N ILE A 324 23.57 -45.77 -16.22
CA ILE A 324 23.26 -44.84 -15.16
C ILE A 324 22.66 -45.58 -13.98
N ASN A 325 22.67 -44.95 -12.81
CA ASN A 325 22.22 -45.58 -11.59
C ASN A 325 20.71 -45.84 -11.57
N THR A 326 19.95 -45.23 -12.47
CA THR A 326 18.53 -45.49 -12.54
C THR A 326 18.27 -46.90 -13.05
N ARG A 327 17.12 -47.45 -12.69
CA ARG A 327 16.73 -48.80 -13.06
C ARG A 327 16.01 -48.86 -14.40
N ILE A 328 15.96 -47.75 -15.14
CA ILE A 328 15.36 -47.76 -16.46
C ILE A 328 16.19 -48.61 -17.42
N GLY A 329 17.52 -48.46 -17.37
CA GLY A 329 18.39 -49.12 -18.32
C GLY A 329 19.01 -48.10 -19.26
N GLN A 330 19.10 -46.86 -18.81
CA GLN A 330 19.60 -45.77 -19.63
C GLN A 330 21.10 -45.64 -19.47
N GLY A 331 21.76 -45.23 -20.55
CA GLY A 331 23.18 -44.94 -20.52
C GLY A 331 23.45 -43.53 -20.03
N VAL A 332 24.32 -42.84 -20.76
CA VAL A 332 24.57 -41.43 -20.52
C VAL A 332 23.84 -40.62 -21.57
N PRO A 333 22.85 -39.80 -21.19
CA PRO A 333 22.22 -38.89 -22.16
C PRO A 333 23.21 -37.83 -22.61
N VAL A 334 23.52 -37.83 -23.90
CA VAL A 334 24.57 -37.00 -24.47
C VAL A 334 23.98 -36.06 -25.50
N VAL A 335 24.33 -34.79 -25.43
CA VAL A 335 23.96 -33.80 -26.43
C VAL A 335 25.23 -33.06 -26.84
N ALA A 336 25.18 -32.44 -28.01
CA ALA A 336 26.29 -31.65 -28.51
C ALA A 336 25.79 -30.26 -28.86
N LEU A 337 26.42 -29.25 -28.27
CA LEU A 337 26.12 -27.86 -28.58
C LEU A 337 27.06 -27.39 -29.68
N ILE A 338 26.49 -26.83 -30.74
CA ILE A 338 27.25 -26.46 -31.92
C ILE A 338 27.18 -24.95 -32.08
N VAL A 339 28.34 -24.30 -32.03
CA VAL A 339 28.48 -22.87 -32.28
C VAL A 339 29.61 -22.68 -33.28
N GLU A 340 29.34 -21.91 -34.33
CA GLU A 340 30.32 -21.59 -35.38
C GLU A 340 30.82 -22.84 -36.08
N GLY A 341 31.98 -23.34 -35.66
CA GLY A 341 32.49 -24.57 -36.25
C GLY A 341 33.08 -24.34 -37.64
N GLY A 342 33.04 -25.40 -38.45
CA GLY A 342 33.58 -25.37 -39.79
C GLY A 342 32.99 -26.45 -40.65
N PRO A 343 33.49 -26.58 -41.88
CA PRO A 343 33.00 -27.65 -42.77
C PRO A 343 33.20 -29.04 -42.21
N ASN A 344 34.22 -29.24 -41.37
CA ASN A 344 34.39 -30.52 -40.70
C ASN A 344 33.24 -30.78 -39.73
N VAL A 345 32.77 -29.75 -39.04
CA VAL A 345 31.70 -29.92 -38.08
C VAL A 345 30.41 -30.37 -38.75
N ILE A 346 30.28 -30.12 -40.06
CA ILE A 346 29.16 -30.67 -40.82
C ILE A 346 29.25 -32.19 -40.85
N SER A 347 30.44 -32.73 -41.11
CA SER A 347 30.62 -34.17 -41.01
C SER A 347 30.42 -34.65 -39.58
N ILE A 348 30.79 -33.83 -38.60
CA ILE A 348 30.64 -34.23 -37.21
C ILE A 348 29.16 -34.39 -36.85
N VAL A 349 28.34 -33.40 -37.22
CA VAL A 349 26.91 -33.52 -36.95
C VAL A 349 26.29 -34.61 -37.80
N LEU A 350 26.84 -34.87 -38.99
CA LEU A 350 26.43 -36.03 -39.76
C LEU A 350 26.63 -37.32 -38.97
N GLU A 351 27.80 -37.46 -38.35
CA GLU A 351 28.06 -38.64 -37.54
C GLU A 351 27.15 -38.69 -36.33
N TYR A 352 26.91 -37.53 -35.69
CA TYR A 352 26.06 -37.48 -34.52
C TYR A 352 24.64 -37.93 -34.82
N LEU A 353 24.09 -37.47 -35.94
CA LEU A 353 22.75 -37.89 -36.33
C LEU A 353 22.71 -39.38 -36.64
N ARG A 354 23.68 -39.89 -37.38
CA ARG A 354 23.65 -41.27 -37.84
C ARG A 354 24.08 -42.27 -36.78
N ASP A 355 24.37 -41.83 -35.55
CA ASP A 355 24.66 -42.77 -34.49
C ASP A 355 23.44 -43.64 -34.22
N THR A 356 23.65 -44.91 -33.90
CA THR A 356 22.53 -45.78 -33.55
C THR A 356 21.53 -44.94 -32.78
N PRO A 357 21.97 -44.34 -31.65
CA PRO A 357 21.07 -43.41 -30.98
C PRO A 357 21.48 -42.04 -31.44
N PRO A 358 20.78 -41.47 -32.41
CA PRO A 358 21.22 -40.18 -32.96
C PRO A 358 21.52 -39.16 -31.88
N VAL A 359 22.74 -38.64 -31.85
CA VAL A 359 23.09 -37.63 -30.87
C VAL A 359 22.57 -36.29 -31.34
N PRO A 360 21.56 -35.75 -30.63
CA PRO A 360 20.96 -34.48 -31.07
C PRO A 360 21.99 -33.37 -31.06
N VAL A 361 21.67 -32.28 -31.75
CA VAL A 361 22.58 -31.17 -31.96
C VAL A 361 21.84 -29.86 -31.76
N VAL A 362 22.46 -28.94 -31.03
CA VAL A 362 21.89 -27.64 -30.73
C VAL A 362 22.71 -26.55 -31.42
N VAL A 363 22.03 -25.66 -32.12
CA VAL A 363 22.68 -24.61 -32.90
C VAL A 363 22.21 -23.25 -32.39
N CYS A 364 23.04 -22.23 -32.61
CA CYS A 364 22.74 -20.86 -32.22
C CYS A 364 22.69 -20.00 -33.47
N ASP A 365 21.72 -19.09 -33.52
CA ASP A 365 21.46 -18.31 -34.72
C ASP A 365 22.43 -17.15 -34.91
N GLY A 366 23.15 -16.74 -33.88
CA GLY A 366 24.06 -15.62 -33.99
C GLY A 366 25.46 -15.94 -34.42
N SER A 367 25.74 -17.19 -34.80
CA SER A 367 27.11 -17.61 -35.08
C SER A 367 27.65 -16.95 -36.34
N GLY A 368 27.03 -17.23 -37.48
CA GLY A 368 27.46 -16.71 -38.75
C GLY A 368 28.23 -17.70 -39.61
N ARG A 369 28.70 -18.80 -39.03
CA ARG A 369 29.38 -19.83 -39.79
C ARG A 369 28.34 -20.73 -40.46
N ALA A 370 28.77 -21.88 -40.96
CA ALA A 370 27.86 -22.86 -41.54
C ALA A 370 26.78 -23.29 -40.56
N SER A 371 27.05 -23.18 -39.25
CA SER A 371 26.01 -23.40 -38.25
C SER A 371 24.82 -22.48 -38.51
N ASP A 372 25.09 -21.21 -38.78
CA ASP A 372 24.01 -20.28 -39.12
C ASP A 372 23.36 -20.66 -40.45
N ILE A 373 24.17 -21.07 -41.43
CA ILE A 373 23.59 -21.51 -42.69
C ILE A 373 22.87 -22.84 -42.53
N LEU A 374 23.28 -23.65 -41.56
CA LEU A 374 22.53 -24.87 -41.28
C LEU A 374 21.20 -24.55 -40.59
N ALA A 375 21.17 -23.48 -39.79
CA ALA A 375 19.90 -22.99 -39.28
C ALA A 375 19.02 -22.50 -40.41
N PHE A 376 19.62 -21.81 -41.38
CA PHE A 376 18.87 -21.34 -42.54
C PHE A 376 18.28 -22.51 -43.33
N GLY A 377 19.09 -23.55 -43.55
CA GLY A 377 18.60 -24.72 -44.27
C GLY A 377 17.55 -25.48 -43.49
N HIS A 378 17.75 -25.64 -42.18
CA HIS A 378 16.74 -26.26 -41.33
C HIS A 378 15.45 -25.44 -41.35
N LYS A 379 15.57 -24.12 -41.41
CA LYS A 379 14.41 -23.27 -41.61
C LYS A 379 13.75 -23.59 -42.94
N TYR A 380 12.43 -23.79 -42.90
CA TYR A 380 11.61 -24.17 -44.06
C TYR A 380 12.28 -25.23 -44.91
N SER A 381 12.59 -26.36 -44.30
CA SER A 381 13.25 -27.46 -45.00
C SER A 381 12.26 -28.15 -45.94
N GLU A 382 12.67 -29.28 -46.51
CA GLU A 382 11.85 -30.03 -47.47
C GLU A 382 10.47 -30.38 -46.93
N VAL A 397 15.26 -22.26 -55.52
CA VAL A 397 15.08 -22.69 -54.14
C VAL A 397 16.38 -23.32 -53.62
N THR A 398 17.12 -23.96 -54.54
CA THR A 398 18.42 -24.51 -54.19
C THR A 398 19.54 -23.51 -54.42
N ILE A 399 19.22 -22.35 -55.00
CA ILE A 399 20.26 -21.39 -55.36
C ILE A 399 20.74 -20.56 -54.17
N GLN A 400 19.96 -20.48 -53.10
CA GLN A 400 20.35 -19.69 -51.94
C GLN A 400 21.55 -20.27 -51.20
N LYS A 401 21.95 -21.50 -51.53
CA LYS A 401 23.12 -22.11 -50.89
C LYS A 401 24.39 -21.32 -51.16
N THR A 402 24.54 -20.82 -52.38
CA THR A 402 25.79 -20.20 -52.79
C THR A 402 26.04 -18.90 -52.04
N PHE A 403 27.21 -18.80 -51.40
CA PHE A 403 27.63 -17.56 -50.76
C PHE A 403 29.11 -17.27 -50.95
N THR A 404 29.79 -18.06 -51.79
CA THR A 404 31.20 -17.91 -52.13
C THR A 404 32.12 -18.06 -50.92
N TYR A 405 31.60 -18.54 -49.79
CA TYR A 405 32.41 -18.69 -48.59
C TYR A 405 33.48 -19.78 -48.76
N THR A 406 33.31 -20.64 -49.77
CA THR A 406 34.32 -21.65 -50.10
C THR A 406 34.74 -21.51 -51.56
N ARG A 407 35.41 -22.53 -52.09
CA ARG A 407 35.99 -22.47 -53.43
C ARG A 407 34.88 -22.61 -54.47
N THR A 408 34.26 -21.46 -54.76
CA THR A 408 33.34 -21.26 -55.88
C THR A 408 32.13 -22.17 -55.84
N GLN A 409 31.34 -22.15 -56.91
CA GLN A 409 30.27 -23.13 -57.05
C GLN A 409 30.77 -24.48 -57.50
N ALA A 410 32.06 -24.59 -57.85
CA ALA A 410 32.65 -25.91 -58.07
C ALA A 410 32.65 -26.72 -56.78
N GLN A 411 32.92 -26.07 -55.65
CA GLN A 411 32.73 -26.74 -54.37
C GLN A 411 31.25 -26.91 -54.09
N HIS A 412 30.87 -28.08 -53.59
CA HIS A 412 29.46 -28.37 -53.34
C HIS A 412 29.35 -29.40 -52.22
N LEU A 413 28.74 -29.00 -51.11
CA LEU A 413 28.34 -29.91 -50.05
C LEU A 413 26.87 -30.27 -50.15
N PHE A 414 26.36 -30.42 -51.38
CA PHE A 414 24.92 -30.55 -51.59
C PHE A 414 24.38 -31.83 -50.96
N ILE A 415 25.06 -32.95 -51.18
CA ILE A 415 24.58 -34.23 -50.66
C ILE A 415 24.62 -34.23 -49.14
N ILE A 416 25.69 -33.69 -48.56
CA ILE A 416 25.82 -33.66 -47.11
C ILE A 416 24.76 -32.75 -46.50
N LEU A 417 24.53 -31.59 -47.09
CA LEU A 417 23.50 -30.69 -46.59
C LEU A 417 22.13 -31.33 -46.71
N MET A 418 21.89 -32.04 -47.80
CA MET A 418 20.60 -32.72 -47.97
C MET A 418 20.40 -33.79 -46.92
N GLU A 419 21.44 -34.58 -46.62
CA GLU A 419 21.30 -35.59 -45.59
C GLU A 419 21.09 -34.96 -44.21
N CYS A 420 21.80 -33.87 -43.93
CA CYS A 420 21.66 -33.18 -42.64
C CYS A 420 20.25 -32.65 -42.47
N MET A 421 19.72 -31.94 -43.46
CA MET A 421 18.35 -31.46 -43.37
C MET A 421 17.34 -32.59 -43.45
N LYS A 422 17.72 -33.73 -44.02
CA LYS A 422 16.85 -34.91 -43.98
C LYS A 422 16.70 -35.41 -42.55
N LYS A 423 17.80 -35.45 -41.80
CA LYS A 423 17.74 -35.87 -40.40
C LYS A 423 17.58 -34.67 -39.47
N LYS A 424 16.59 -33.83 -39.76
CA LYS A 424 16.35 -32.60 -39.02
C LYS A 424 15.44 -32.80 -37.82
N GLU A 425 14.79 -33.95 -37.70
CA GLU A 425 13.79 -34.15 -36.66
C GLU A 425 14.41 -34.05 -35.27
N LEU A 426 15.62 -34.58 -35.11
CA LEU A 426 16.33 -34.49 -33.85
C LEU A 426 17.26 -33.29 -33.78
N ILE A 427 17.25 -32.44 -34.80
CA ILE A 427 18.01 -31.21 -34.79
C ILE A 427 17.15 -30.11 -34.19
N THR A 428 17.75 -29.32 -33.31
CA THR A 428 17.07 -28.17 -32.70
C THR A 428 18.02 -27.00 -32.68
N VAL A 429 17.50 -25.82 -32.98
CA VAL A 429 18.28 -24.59 -33.02
C VAL A 429 17.68 -23.59 -32.04
N PHE A 430 18.44 -22.54 -31.76
CA PHE A 430 17.99 -21.45 -30.92
C PHE A 430 18.03 -20.15 -31.72
N ARG A 431 16.92 -19.43 -31.71
CA ARG A 431 16.84 -18.11 -32.33
C ARG A 431 16.60 -17.07 -31.24
N MET A 432 17.38 -16.00 -31.28
CA MET A 432 17.37 -15.01 -30.20
C MET A 432 16.08 -14.22 -30.26
N GLY A 433 15.09 -14.64 -29.47
CA GLY A 433 13.82 -13.97 -29.39
C GLY A 433 12.87 -14.24 -30.55
N SER A 434 13.40 -14.50 -31.75
CA SER A 434 12.55 -14.77 -32.90
C SER A 434 11.85 -16.12 -32.76
N GLU A 435 12.43 -17.04 -32.00
CA GLU A 435 11.81 -18.32 -31.72
C GLU A 435 11.90 -18.58 -30.21
N GLY A 436 11.01 -19.43 -29.73
CA GLY A 436 10.88 -19.67 -28.30
C GLY A 436 12.07 -20.43 -27.73
N HIS A 437 11.87 -20.93 -26.51
CA HIS A 437 12.90 -21.62 -25.73
C HIS A 437 14.14 -20.75 -25.58
N GLN A 438 13.92 -19.53 -25.09
CA GLN A 438 15.01 -18.58 -24.89
C GLN A 438 16.05 -19.07 -23.88
N ASP A 439 15.68 -20.01 -23.01
CA ASP A 439 16.62 -20.55 -22.04
C ASP A 439 17.54 -21.55 -22.74
N ILE A 440 18.85 -21.34 -22.61
CA ILE A 440 19.80 -22.33 -23.10
C ILE A 440 19.55 -23.68 -22.44
N ASP A 441 19.31 -23.67 -21.13
CA ASP A 441 19.04 -24.90 -20.40
C ASP A 441 17.80 -25.61 -20.95
N LEU A 442 16.72 -24.87 -21.16
CA LEU A 442 15.50 -25.47 -21.69
C LEU A 442 15.72 -26.02 -23.09
N ALA A 443 16.44 -25.27 -23.92
CA ALA A 443 16.75 -25.73 -25.27
C ALA A 443 17.50 -27.04 -25.25
N ILE A 444 18.49 -27.15 -24.36
CA ILE A 444 19.23 -28.41 -24.22
C ILE A 444 18.33 -29.48 -23.63
N LEU A 445 17.60 -29.15 -22.56
CA LEU A 445 16.85 -30.16 -21.82
C LEU A 445 15.74 -30.76 -22.67
N THR A 446 15.06 -29.93 -23.47
CA THR A 446 14.07 -30.46 -24.41
C THR A 446 14.73 -31.42 -25.38
N ALA A 447 15.88 -31.04 -25.93
CA ALA A 447 16.63 -31.94 -26.80
C ALA A 447 17.13 -33.14 -26.03
N LEU A 448 17.43 -32.97 -24.74
CA LEU A 448 17.87 -34.11 -23.93
C LEU A 448 16.76 -35.15 -23.82
N LEU A 449 15.54 -34.72 -23.57
CA LEU A 449 14.47 -35.66 -23.27
C LEU A 449 13.86 -36.24 -24.55
N LYS A 450 13.29 -35.38 -25.39
CA LYS A 450 12.63 -35.86 -26.59
C LYS A 450 13.61 -36.25 -27.69
N GLY A 451 14.90 -36.00 -27.50
CA GLY A 451 15.88 -36.37 -28.51
C GLY A 451 15.93 -37.86 -28.76
N ALA A 452 15.87 -38.66 -27.69
CA ALA A 452 15.87 -40.11 -27.82
C ALA A 452 14.47 -40.69 -27.91
N ASN A 453 13.43 -39.84 -27.87
CA ASN A 453 12.03 -40.28 -27.90
C ASN A 453 11.74 -41.29 -26.79
N ALA A 454 12.28 -41.02 -25.61
CA ALA A 454 12.22 -41.96 -24.52
C ALA A 454 10.80 -42.14 -24.01
N SER A 455 10.55 -43.28 -23.38
CA SER A 455 9.26 -43.57 -22.79
C SER A 455 8.99 -42.61 -21.64
N ALA A 456 7.70 -42.30 -21.43
CA ALA A 456 7.32 -41.34 -20.41
C ALA A 456 7.80 -41.70 -19.00
N PRO A 457 7.69 -42.94 -18.51
CA PRO A 457 8.35 -43.24 -17.23
C PRO A 457 9.86 -43.05 -17.28
N ASP A 458 10.49 -43.38 -18.39
CA ASP A 458 11.92 -43.16 -18.53
C ASP A 458 12.24 -41.67 -18.52
N GLN A 459 11.43 -40.87 -19.23
CA GLN A 459 11.63 -39.43 -19.21
C GLN A 459 11.48 -38.87 -17.80
N LEU A 460 10.47 -39.33 -17.07
CA LEU A 460 10.28 -38.87 -15.70
C LEU A 460 11.45 -39.29 -14.81
N SER A 461 11.97 -40.50 -15.01
CA SER A 461 13.12 -40.95 -14.24
C SER A 461 14.34 -40.09 -14.50
N LEU A 462 14.58 -39.75 -15.77
CA LEU A 462 15.71 -38.89 -16.10
C LEU A 462 15.52 -37.50 -15.52
N ALA A 463 14.30 -36.97 -15.56
CA ALA A 463 14.03 -35.67 -14.93
C ALA A 463 14.26 -35.72 -13.43
N LEU A 464 13.85 -36.82 -12.80
CA LEU A 464 14.06 -36.99 -11.37
C LEU A 464 15.55 -37.01 -11.05
N ALA A 465 16.33 -37.70 -11.88
CA ALA A 465 17.78 -37.66 -11.71
C ALA A 465 18.32 -36.25 -11.85
N TRP A 466 17.90 -35.55 -12.89
CA TRP A 466 18.34 -34.16 -13.12
C TRP A 466 17.86 -33.22 -12.04
N ASN A 467 16.85 -33.61 -11.26
CA ASN A 467 16.30 -32.79 -10.17
C ASN A 467 15.79 -31.45 -10.70
N ARG A 468 14.97 -31.51 -11.75
CA ARG A 468 14.37 -30.32 -12.35
C ARG A 468 12.86 -30.57 -12.43
N VAL A 469 12.13 -30.13 -11.40
CA VAL A 469 10.70 -30.36 -11.36
C VAL A 469 9.97 -29.52 -12.40
N ASP A 470 10.52 -28.38 -12.80
CA ASP A 470 9.86 -27.53 -13.78
C ASP A 470 9.70 -28.24 -15.11
N ILE A 471 10.72 -29.02 -15.50
CA ILE A 471 10.66 -29.75 -16.77
C ILE A 471 9.56 -30.79 -16.74
N ALA A 472 9.49 -31.57 -15.66
CA ALA A 472 8.43 -32.56 -15.54
C ALA A 472 7.06 -31.91 -15.53
N ARG A 473 6.94 -30.77 -14.84
CA ARG A 473 5.67 -30.06 -14.79
C ARG A 473 5.25 -29.58 -16.17
N SER A 474 6.17 -28.96 -16.91
CA SER A 474 5.84 -28.32 -18.17
C SER A 474 6.05 -29.25 -19.36
N GLN A 475 7.29 -29.71 -19.56
CA GLN A 475 7.61 -30.50 -20.74
C GLN A 475 6.94 -31.87 -20.70
N ILE A 476 6.91 -32.51 -19.53
CA ILE A 476 6.37 -33.86 -19.43
C ILE A 476 4.87 -33.81 -19.17
N PHE A 477 4.47 -33.22 -18.06
CA PHE A 477 3.06 -33.25 -17.65
C PHE A 477 2.26 -32.30 -18.52
N ILE A 478 1.61 -32.85 -19.53
CA ILE A 478 0.62 -32.15 -20.34
C ILE A 478 -0.57 -33.09 -20.53
N TYR A 479 -1.53 -32.65 -21.35
CA TYR A 479 -2.74 -33.44 -21.54
C TYR A 479 -2.43 -34.78 -22.21
N GLY A 480 -2.95 -35.86 -21.61
CA GLY A 480 -2.80 -37.19 -22.16
C GLY A 480 -1.38 -37.71 -22.18
N GLN A 481 -0.80 -37.96 -21.01
CA GLN A 481 0.55 -38.50 -20.93
C GLN A 481 0.59 -40.03 -20.84
N GLN A 482 -0.56 -40.68 -20.78
CA GLN A 482 -0.73 -42.14 -20.79
C GLN A 482 0.32 -42.85 -19.94
N TRP A 483 0.32 -42.51 -18.64
CA TRP A 483 1.24 -43.15 -17.72
C TRP A 483 0.88 -44.62 -17.53
N PRO A 484 1.86 -45.52 -17.65
CA PRO A 484 1.58 -46.95 -17.46
C PRO A 484 1.23 -47.29 -16.02
N VAL A 485 0.72 -48.51 -15.82
CA VAL A 485 0.28 -48.93 -14.50
C VAL A 485 1.48 -49.14 -13.58
N GLY A 486 1.39 -48.61 -12.36
CA GLY A 486 2.40 -48.82 -11.35
C GLY A 486 3.66 -48.00 -11.50
N SER A 487 3.77 -47.21 -12.56
CA SER A 487 4.95 -46.35 -12.72
C SER A 487 5.00 -45.28 -11.64
N LEU A 488 3.84 -44.71 -11.29
CA LEU A 488 3.81 -43.59 -10.37
C LEU A 488 4.28 -43.99 -8.98
N GLU A 489 3.92 -45.18 -8.51
CA GLU A 489 4.38 -45.60 -7.19
C GLU A 489 5.89 -45.82 -7.17
N GLN A 490 6.44 -46.42 -8.22
CA GLN A 490 7.88 -46.58 -8.30
C GLN A 490 8.58 -45.23 -8.32
N ALA A 491 8.02 -44.28 -9.07
CA ALA A 491 8.58 -42.94 -9.11
C ALA A 491 8.51 -42.26 -7.74
N MET A 492 7.40 -42.46 -7.03
CA MET A 492 7.29 -41.92 -5.67
C MET A 492 8.35 -42.51 -4.75
N LEU A 493 8.57 -43.82 -4.85
CA LEU A 493 9.61 -44.46 -4.06
C LEU A 493 10.98 -43.87 -4.37
N ASP A 494 11.29 -43.74 -5.66
CA ASP A 494 12.60 -43.25 -6.05
C ASP A 494 12.80 -41.79 -5.66
N ALA A 495 11.72 -40.99 -5.68
CA ALA A 495 11.81 -39.63 -5.19
C ALA A 495 11.99 -39.58 -3.69
N LEU A 496 11.35 -40.52 -2.97
CA LEU A 496 11.49 -40.57 -1.52
C LEU A 496 12.91 -40.97 -1.11
N VAL A 497 13.56 -41.85 -1.87
CA VAL A 497 14.91 -42.27 -1.50
C VAL A 497 15.97 -41.27 -1.91
N LEU A 498 15.62 -40.25 -2.70
CA LEU A 498 16.59 -39.27 -3.17
C LEU A 498 16.27 -37.84 -2.74
N ASP A 499 15.31 -37.67 -1.82
CA ASP A 499 15.02 -36.37 -1.20
C ASP A 499 14.54 -35.34 -2.23
N ARG A 500 14.02 -35.79 -3.36
CA ARG A 500 13.48 -34.89 -4.38
C ARG A 500 12.05 -34.51 -3.98
N VAL A 501 11.96 -33.57 -3.04
CA VAL A 501 10.70 -33.28 -2.37
C VAL A 501 9.68 -32.69 -3.34
N ASP A 502 10.12 -31.77 -4.20
CA ASP A 502 9.19 -31.17 -5.16
C ASP A 502 8.62 -32.22 -6.10
N PHE A 503 9.42 -33.23 -6.45
CA PHE A 503 8.91 -34.34 -7.25
C PHE A 503 7.85 -35.11 -6.49
N VAL A 504 8.03 -35.29 -5.18
CA VAL A 504 7.03 -35.96 -4.37
C VAL A 504 5.73 -35.16 -4.36
N LYS A 505 5.84 -33.84 -4.20
CA LYS A 505 4.65 -32.98 -4.23
C LYS A 505 3.95 -33.08 -5.58
N LEU A 506 4.73 -33.06 -6.66
CA LEU A 506 4.15 -33.17 -8.00
C LEU A 506 3.43 -34.50 -8.18
N LEU A 507 4.05 -35.59 -7.72
CA LEU A 507 3.42 -36.90 -7.81
C LEU A 507 2.12 -36.95 -7.03
N ILE A 508 2.11 -36.35 -5.84
CA ILE A 508 0.87 -36.25 -5.07
C ILE A 508 -0.19 -35.48 -5.85
N GLU A 509 0.22 -34.41 -6.52
CA GLU A 509 -0.70 -33.66 -7.37
C GLU A 509 -1.19 -34.44 -8.57
N ASN A 510 -0.59 -35.59 -8.88
CA ASN A 510 -0.93 -36.37 -10.06
C ASN A 510 -1.68 -37.65 -9.69
N GLY A 511 -2.60 -37.56 -8.72
CA GLY A 511 -3.45 -38.67 -8.37
C GLY A 511 -2.75 -39.85 -7.73
N VAL A 512 -1.78 -39.60 -6.84
CA VAL A 512 -1.11 -40.67 -6.10
C VAL A 512 -1.53 -40.58 -4.65
N SER A 513 -1.97 -41.71 -4.08
CA SER A 513 -2.46 -41.78 -2.71
C SER A 513 -1.47 -42.56 -1.86
N MET A 514 -0.98 -41.94 -0.78
CA MET A 514 -0.10 -42.63 0.14
C MET A 514 -0.80 -43.82 0.80
N HIS A 515 -2.11 -43.71 1.01
CA HIS A 515 -2.85 -44.84 1.55
C HIS A 515 -2.79 -46.04 0.61
N ARG A 516 -2.93 -45.78 -0.69
CA ARG A 516 -2.84 -46.84 -1.69
C ARG A 516 -1.42 -47.19 -2.06
N PHE A 517 -0.44 -46.44 -1.57
CA PHE A 517 0.95 -46.60 -2.01
C PHE A 517 1.74 -47.53 -1.10
N LEU A 518 1.84 -47.19 0.18
CA LEU A 518 2.84 -47.80 1.04
C LEU A 518 2.56 -49.28 1.28
N THR A 519 3.63 -50.07 1.23
CA THR A 519 3.60 -51.48 1.61
C THR A 519 4.63 -51.72 2.70
N ILE A 520 4.50 -52.86 3.38
CA ILE A 520 5.49 -53.27 4.37
C ILE A 520 6.87 -53.36 3.71
N SER A 521 6.92 -53.96 2.52
CA SER A 521 8.17 -54.00 1.77
C SER A 521 8.66 -52.60 1.46
N ARG A 522 7.76 -51.70 1.04
CA ARG A 522 8.15 -50.33 0.77
C ARG A 522 8.70 -49.65 2.02
N LEU A 523 8.04 -49.86 3.16
CA LEU A 523 8.52 -49.27 4.40
C LEU A 523 9.91 -49.77 4.74
N GLU A 524 10.14 -51.08 4.64
CA GLU A 524 11.46 -51.63 4.92
C GLU A 524 12.50 -51.08 3.96
N GLU A 525 12.14 -50.95 2.67
CA GLU A 525 13.05 -50.35 1.70
C GLU A 525 13.44 -48.94 2.09
N LEU A 526 12.46 -48.15 2.55
CA LEU A 526 12.75 -46.82 3.04
C LEU A 526 13.73 -46.88 4.22
N TYR A 527 13.53 -47.84 5.11
CA TYR A 527 14.44 -47.96 6.24
C TYR A 527 15.74 -48.67 5.88
N ASN A 528 15.78 -49.41 4.78
CA ASN A 528 16.97 -50.19 4.41
C ASN A 528 17.69 -49.58 3.21
N THR A 529 17.82 -48.26 3.17
CA THR A 529 18.51 -47.62 2.06
C THR A 529 19.78 -46.92 2.54
N ARG A 530 20.73 -46.79 1.61
CA ARG A 530 21.96 -46.04 1.84
C ARG A 530 22.11 -44.85 0.90
N HIS A 531 21.23 -44.70 -0.09
CA HIS A 531 21.41 -43.72 -1.17
C HIS A 531 20.82 -42.37 -0.79
N GLY A 532 21.31 -41.80 0.31
CA GLY A 532 20.84 -40.52 0.78
C GLY A 532 21.69 -40.00 1.91
N PRO A 533 21.18 -39.01 2.64
CA PRO A 533 21.92 -38.46 3.77
C PRO A 533 22.11 -39.50 4.86
N SER A 534 23.28 -39.48 5.49
CA SER A 534 23.58 -40.42 6.55
C SER A 534 22.95 -39.97 7.86
N ASN A 535 22.84 -40.92 8.79
CA ASN A 535 22.32 -40.64 10.12
C ASN A 535 22.80 -41.73 11.07
N THR A 536 22.75 -41.42 12.36
CA THR A 536 23.27 -42.30 13.41
C THR A 536 22.34 -43.47 13.72
N LEU A 537 21.32 -43.70 12.89
CA LEU A 537 20.29 -44.67 13.22
C LEU A 537 20.87 -46.08 13.36
N TYR A 538 21.79 -46.44 12.48
CA TYR A 538 22.34 -47.79 12.50
C TYR A 538 23.09 -48.07 13.80
N HIS A 539 23.79 -47.06 14.32
CA HIS A 539 24.47 -47.22 15.60
C HIS A 539 23.47 -47.44 16.73
N LEU A 540 22.36 -46.71 16.70
CA LEU A 540 21.32 -46.91 17.70
C LEU A 540 20.73 -48.31 17.58
N VAL A 541 20.57 -48.80 16.36
CA VAL A 541 20.08 -50.16 16.15
C VAL A 541 21.04 -51.17 16.75
N ARG A 542 22.35 -50.96 16.53
CA ARG A 542 23.35 -51.82 17.15
C ARG A 542 23.24 -51.79 18.67
N ASP A 543 23.01 -50.61 19.24
CA ASP A 543 22.89 -50.47 20.69
C ASP A 543 21.68 -51.24 21.21
N VAL A 544 20.53 -51.09 20.56
CA VAL A 544 19.32 -51.78 21.00
C VAL A 544 19.48 -53.28 20.85
N LYS A 545 20.07 -53.73 19.75
CA LYS A 545 20.34 -55.14 19.53
C LYS A 545 21.56 -55.63 20.31
N LYS A 546 22.02 -54.84 21.27
CA LYS A 546 23.08 -55.22 22.22
C LYS A 546 24.41 -55.50 21.53
N GLY A 547 24.65 -54.84 20.39
CA GLY A 547 25.94 -54.92 19.73
C GLY A 547 26.33 -56.29 19.24
N ASN A 548 25.37 -57.08 18.78
CA ASN A 548 25.62 -58.40 18.22
C ASN A 548 25.35 -58.43 16.73
N LEU A 549 25.74 -57.37 16.03
CA LEU A 549 25.30 -57.15 14.66
C LEU A 549 25.93 -58.14 13.69
N PRO A 550 25.18 -58.57 12.67
CA PRO A 550 25.78 -59.18 11.50
C PRO A 550 26.01 -58.16 10.42
N PRO A 551 26.92 -58.42 9.48
CA PRO A 551 27.08 -57.52 8.34
C PRO A 551 25.84 -57.52 7.46
N ASP A 552 25.64 -56.37 6.80
CA ASP A 552 24.52 -56.08 5.90
C ASP A 552 23.19 -56.63 6.41
N TYR A 553 22.92 -56.46 7.70
CA TYR A 553 21.70 -56.98 8.29
C TYR A 553 20.48 -56.34 7.64
N ARG A 554 19.48 -57.17 7.35
CA ARG A 554 18.23 -56.71 6.78
C ARG A 554 17.34 -56.21 7.90
N ILE A 555 17.07 -54.90 7.90
CA ILE A 555 16.45 -54.25 9.04
C ILE A 555 14.96 -54.58 9.09
N SER A 556 14.50 -55.02 10.27
CA SER A 556 13.09 -55.20 10.52
C SER A 556 12.50 -53.96 11.18
N LEU A 557 11.19 -53.81 11.08
CA LEU A 557 10.53 -52.64 11.64
C LEU A 557 10.15 -52.84 13.10
N ILE A 558 10.14 -54.09 13.58
CA ILE A 558 9.98 -54.33 15.00
C ILE A 558 11.16 -53.75 15.76
N ASP A 559 12.36 -53.87 15.19
CA ASP A 559 13.53 -53.23 15.75
C ASP A 559 13.35 -51.72 15.80
N ILE A 560 12.73 -51.15 14.75
CA ILE A 560 12.47 -49.72 14.73
C ILE A 560 11.50 -49.32 15.83
N GLY A 561 10.46 -50.13 16.05
CA GLY A 561 9.53 -49.84 17.14
C GLY A 561 10.19 -49.91 18.50
N LEU A 562 11.06 -50.91 18.70
CA LEU A 562 11.81 -51.00 19.94
C LEU A 562 12.72 -49.78 20.12
N VAL A 563 13.34 -49.32 19.02
CA VAL A 563 14.17 -48.12 19.07
C VAL A 563 13.33 -46.92 19.48
N ILE A 564 12.12 -46.80 18.93
CA ILE A 564 11.25 -45.67 19.25
C ILE A 564 10.86 -45.71 20.72
N GLU A 565 10.53 -46.90 21.24
CA GLU A 565 10.21 -47.02 22.66
C GLU A 565 11.42 -46.66 23.52
N TYR A 566 12.61 -47.07 23.09
CA TYR A 566 13.83 -46.71 23.78
C TYR A 566 14.02 -45.20 23.81
N LEU A 567 13.68 -44.52 22.72
CA LEU A 567 13.87 -43.08 22.65
C LEU A 567 12.82 -42.32 23.44
N MET A 568 11.59 -42.81 23.48
CA MET A 568 10.51 -42.07 24.12
C MET A 568 10.50 -42.30 25.62
N GLY A 569 10.58 -43.54 26.06
CA GLY A 569 10.62 -43.84 27.48
C GLY A 569 9.89 -45.12 27.78
N GLY A 570 9.98 -45.53 29.05
CA GLY A 570 9.34 -46.77 29.47
C GLY A 570 7.83 -46.69 29.45
N ALA A 571 7.27 -45.53 29.80
CA ALA A 571 5.83 -45.35 29.76
C ALA A 571 5.27 -45.42 28.35
N TYR A 572 6.10 -45.14 27.34
CA TYR A 572 5.64 -45.16 25.96
C TYR A 572 5.38 -46.60 25.50
N ARG A 573 4.38 -46.74 24.63
CA ARG A 573 3.98 -48.04 24.08
C ARG A 573 3.85 -47.90 22.57
N CYS A 574 4.72 -48.58 21.83
CA CYS A 574 4.74 -48.46 20.37
C CYS A 574 3.59 -49.24 19.76
N ASN A 575 3.17 -48.79 18.57
CA ASN A 575 2.18 -49.53 17.79
C ASN A 575 2.74 -50.86 17.32
N TYR A 576 4.04 -50.93 17.08
CA TYR A 576 4.63 -52.20 16.62
C TYR A 576 4.69 -53.21 17.75
N THR A 577 4.87 -52.76 18.99
CA THR A 577 4.97 -53.66 20.13
C THR A 577 3.65 -54.34 20.49
N ARG A 578 2.54 -53.89 19.91
CA ARG A 578 1.28 -54.60 20.11
C ARG A 578 1.38 -55.99 19.50
N LYS A 579 0.74 -56.97 20.15
CA LYS A 579 0.89 -58.37 19.75
C LYS A 579 0.32 -58.61 18.36
N ARG A 580 -0.78 -57.92 18.03
CA ARG A 580 -1.41 -58.10 16.72
C ARG A 580 -0.46 -57.72 15.60
N PHE A 581 0.34 -56.66 15.80
CA PHE A 581 1.32 -56.29 14.79
C PHE A 581 2.33 -57.41 14.57
N ARG A 582 2.81 -58.02 15.66
CA ARG A 582 3.78 -59.11 15.52
C ARG A 582 3.17 -60.29 14.78
N THR A 583 1.93 -60.65 15.14
CA THR A 583 1.26 -61.76 14.47
C THR A 583 1.07 -61.45 12.99
N LEU A 584 0.68 -60.22 12.67
CA LEU A 584 0.49 -59.84 11.28
C LEU A 584 1.79 -59.85 10.50
N TYR A 585 2.88 -59.42 11.11
CA TYR A 585 4.12 -59.23 10.36
C TYR A 585 4.90 -60.52 10.19
N HIS A 586 5.03 -61.33 11.24
CA HIS A 586 5.87 -62.51 11.11
C HIS A 586 5.31 -63.50 10.09
N ASN A 587 4.00 -63.48 9.87
CA ASN A 587 3.38 -64.30 8.83
C ASN A 587 3.49 -63.61 7.47
N LEU A 588 4.72 -63.25 7.12
CA LEU A 588 5.02 -62.53 5.90
C LEU A 588 6.52 -62.62 5.62
N ASN A 632 -2.26 -55.68 6.10
CA ASN A 632 -2.91 -55.50 4.81
C ASN A 632 -2.73 -54.07 4.31
N HIS A 633 -2.83 -53.11 5.22
CA HIS A 633 -2.76 -51.71 4.85
C HIS A 633 -2.37 -50.89 6.07
N PHE A 634 -2.00 -49.64 5.82
CA PHE A 634 -1.60 -48.71 6.88
C PHE A 634 -2.63 -47.60 6.96
N PRO A 635 -3.49 -47.59 7.98
CA PRO A 635 -4.59 -46.61 8.01
C PRO A 635 -4.13 -45.16 8.05
N PHE A 636 -3.02 -44.87 8.72
CA PHE A 636 -2.50 -43.51 8.84
C PHE A 636 -1.03 -43.49 8.44
N PRO A 637 -0.74 -43.66 7.15
CA PRO A 637 0.67 -43.78 6.72
C PRO A 637 1.50 -42.55 7.03
N PHE A 638 0.89 -41.36 7.06
CA PHE A 638 1.63 -40.14 7.28
C PHE A 638 2.33 -40.12 8.62
N HIS A 639 1.77 -40.82 9.62
CA HIS A 639 2.41 -40.88 10.93
C HIS A 639 3.76 -41.57 10.85
N GLU A 640 3.79 -42.77 10.27
CA GLU A 640 5.06 -43.47 10.13
C GLU A 640 5.98 -42.77 9.15
N LEU A 641 5.42 -42.09 8.14
CA LEU A 641 6.24 -41.32 7.22
C LEU A 641 6.98 -40.21 7.96
N MET A 642 6.26 -39.45 8.79
CA MET A 642 6.88 -38.40 9.58
C MET A 642 7.90 -38.98 10.55
N VAL A 643 7.58 -40.12 11.16
CA VAL A 643 8.53 -40.76 12.07
C VAL A 643 9.81 -41.12 11.34
N TRP A 644 9.68 -41.71 10.15
CA TRP A 644 10.86 -42.08 9.36
C TRP A 644 11.66 -40.87 8.96
N ALA A 645 10.98 -39.78 8.58
CA ALA A 645 11.68 -38.56 8.20
C ALA A 645 12.48 -38.00 9.36
N VAL A 646 11.89 -38.00 10.55
CA VAL A 646 12.62 -37.56 11.75
C VAL A 646 13.80 -38.48 12.01
N LEU A 647 13.57 -39.79 11.92
CA LEU A 647 14.61 -40.76 12.27
C LEU A 647 15.81 -40.66 11.36
N MET A 648 15.58 -40.69 10.04
CA MET A 648 16.67 -40.72 9.08
C MET A 648 17.16 -39.34 8.69
N LYS A 649 16.64 -38.29 9.34
CA LYS A 649 17.12 -36.92 9.17
C LYS A 649 16.98 -36.46 7.72
N ARG A 650 15.73 -36.31 7.30
CA ARG A 650 15.38 -35.57 6.09
C ARG A 650 14.39 -34.50 6.54
N GLN A 651 14.93 -33.34 6.96
CA GLN A 651 14.12 -32.33 7.62
C GLN A 651 13.06 -31.76 6.69
N LYS A 652 13.41 -31.54 5.44
CA LYS A 652 12.47 -30.96 4.49
C LYS A 652 11.25 -31.85 4.30
N MET A 653 11.48 -33.17 4.21
CA MET A 653 10.37 -34.10 4.07
C MET A 653 9.46 -34.07 5.29
N ALA A 654 10.06 -34.02 6.49
CA ALA A 654 9.26 -33.95 7.71
C ALA A 654 8.45 -32.67 7.79
N LEU A 655 9.06 -31.55 7.39
CA LEU A 655 8.34 -30.28 7.35
C LEU A 655 7.17 -30.35 6.38
N PHE A 656 7.38 -30.97 5.22
CA PHE A 656 6.29 -31.11 4.26
C PHE A 656 5.16 -31.97 4.82
N PHE A 657 5.49 -33.15 5.31
CA PHE A 657 4.47 -34.07 5.80
C PHE A 657 3.82 -33.59 7.08
N TRP A 658 4.43 -32.63 7.76
CA TRP A 658 3.87 -32.17 9.04
C TRP A 658 2.54 -31.45 8.86
N GLN A 659 2.33 -30.80 7.71
CA GLN A 659 1.10 -30.07 7.46
C GLN A 659 0.02 -30.92 6.80
N HIS A 660 0.12 -32.25 6.91
CA HIS A 660 -0.85 -33.16 6.31
C HIS A 660 -1.42 -34.08 7.38
N GLY A 661 -2.63 -34.58 7.11
CA GLY A 661 -3.26 -35.54 8.00
C GLY A 661 -3.92 -34.92 9.20
N GLU A 662 -3.92 -35.65 10.31
CA GLU A 662 -4.59 -35.25 11.55
C GLU A 662 -3.59 -35.30 12.70
N GLU A 663 -4.04 -34.79 13.85
CA GLU A 663 -3.28 -34.85 15.10
C GLU A 663 -1.92 -34.15 14.98
N ALA A 664 -1.91 -33.02 14.27
CA ALA A 664 -0.66 -32.34 13.96
C ALA A 664 0.06 -31.84 15.20
N MET A 665 -0.69 -31.45 16.24
CA MET A 665 -0.05 -30.95 17.46
C MET A 665 0.68 -32.07 18.19
N ALA A 666 0.01 -33.22 18.34
CA ALA A 666 0.68 -34.38 18.94
C ALA A 666 1.85 -34.83 18.07
N LYS A 667 1.69 -34.74 16.75
CA LYS A 667 2.79 -35.03 15.84
C LYS A 667 3.99 -34.15 16.14
N ALA A 668 3.76 -32.85 16.27
CA ALA A 668 4.86 -31.92 16.55
C ALA A 668 5.51 -32.21 17.89
N LEU A 669 4.70 -32.53 18.91
CA LEU A 669 5.25 -32.83 20.22
C LEU A 669 6.12 -34.08 20.17
N VAL A 670 5.63 -35.13 19.52
CA VAL A 670 6.41 -36.37 19.41
C VAL A 670 7.68 -36.12 18.64
N ALA A 671 7.61 -35.33 17.57
CA ALA A 671 8.79 -35.02 16.78
C ALA A 671 9.82 -34.25 17.60
N CYS A 672 9.37 -33.26 18.37
CA CYS A 672 10.28 -32.50 19.19
C CYS A 672 10.95 -33.38 20.24
N LYS A 673 10.17 -34.26 20.88
CA LYS A 673 10.74 -35.15 21.87
C LYS A 673 11.77 -36.09 21.25
N LEU A 674 11.45 -36.64 20.07
CA LEU A 674 12.38 -37.53 19.39
C LEU A 674 13.66 -36.79 18.99
N CYS A 675 13.52 -35.56 18.50
CA CYS A 675 14.70 -34.79 18.10
C CYS A 675 15.58 -34.49 19.31
N LYS A 676 14.97 -34.15 20.45
CA LYS A 676 15.76 -33.92 21.64
C LYS A 676 16.48 -35.18 22.10
N ALA A 677 15.78 -36.33 22.06
CA ALA A 677 16.41 -37.59 22.45
C ALA A 677 17.57 -37.94 21.53
N MET A 678 17.38 -37.77 20.23
CA MET A 678 18.45 -38.04 19.28
C MET A 678 19.61 -37.06 19.45
N ALA A 679 19.31 -35.81 19.80
CA ALA A 679 20.38 -34.85 20.07
C ALA A 679 21.22 -35.28 21.26
N HIS A 680 20.56 -35.71 22.33
CA HIS A 680 21.29 -36.21 23.49
C HIS A 680 22.11 -37.44 23.13
N GLU A 681 21.55 -38.34 22.32
CA GLU A 681 22.28 -39.54 21.90
C GLU A 681 23.51 -39.17 21.08
N ALA A 682 23.36 -38.21 20.17
CA ALA A 682 24.48 -37.81 19.33
C ALA A 682 25.57 -37.13 20.16
N SER A 683 25.19 -36.30 21.12
CA SER A 683 26.17 -35.62 21.95
C SER A 683 26.87 -36.60 22.88
N GLU A 684 26.13 -37.59 23.40
CA GLU A 684 26.73 -38.55 24.31
C GLU A 684 27.67 -39.53 23.60
N ASN A 685 27.60 -39.60 22.29
CA ASN A 685 28.40 -40.55 21.52
C ASN A 685 29.45 -39.82 20.71
N ASP A 686 30.33 -40.61 20.09
CA ASP A 686 31.49 -40.10 19.36
C ASP A 686 31.02 -39.53 18.03
N MET A 687 30.38 -38.37 18.09
CA MET A 687 29.84 -37.71 16.92
C MET A 687 30.44 -36.32 16.78
N VAL A 688 30.27 -35.73 15.59
CA VAL A 688 30.88 -34.43 15.29
C VAL A 688 30.17 -33.27 15.97
N ASP A 689 29.12 -33.54 16.75
CA ASP A 689 28.36 -32.59 17.55
C ASP A 689 27.55 -31.60 16.73
N ASP A 690 27.70 -31.60 15.40
CA ASP A 690 26.77 -30.84 14.57
C ASP A 690 25.40 -31.49 14.55
N ILE A 691 25.35 -32.82 14.66
CA ILE A 691 24.10 -33.55 14.67
C ILE A 691 23.24 -33.11 15.85
N SER A 692 23.85 -32.98 17.03
CA SER A 692 23.11 -32.62 18.23
C SER A 692 22.47 -31.25 18.10
N GLN A 693 23.24 -30.25 17.65
CA GLN A 693 22.69 -28.91 17.53
C GLN A 693 21.67 -28.83 16.41
N GLU A 694 21.88 -29.56 15.31
CA GLU A 694 20.87 -29.61 14.26
C GLU A 694 19.55 -30.19 14.78
N LEU A 695 19.63 -31.27 15.55
CA LEU A 695 18.43 -31.86 16.14
C LEU A 695 17.78 -30.89 17.12
N ASN A 696 18.60 -30.12 17.85
CA ASN A 696 18.05 -29.11 18.73
C ASN A 696 17.30 -28.04 17.95
N HIS A 697 17.85 -27.62 16.80
CA HIS A 697 17.16 -26.64 15.96
C HIS A 697 15.82 -27.18 15.47
N ASN A 698 15.83 -28.43 15.01
CA ASN A 698 14.60 -29.04 14.53
C ASN A 698 13.57 -29.17 15.64
N SER A 699 14.01 -29.58 16.84
CA SER A 699 13.10 -29.71 17.96
C SER A 699 12.51 -28.37 18.35
N ARG A 700 13.33 -27.31 18.33
CA ARG A 700 12.82 -25.99 18.65
C ARG A 700 11.81 -25.53 17.61
N ASP A 701 12.06 -25.83 16.34
CA ASP A 701 11.10 -25.49 15.29
C ASP A 701 9.78 -26.22 15.51
N PHE A 702 9.85 -27.51 15.87
CA PHE A 702 8.64 -28.26 16.13
C PHE A 702 7.87 -27.69 17.32
N GLY A 703 8.59 -27.34 18.39
CA GLY A 703 7.95 -26.74 19.54
C GLY A 703 7.31 -25.40 19.21
N GLN A 704 7.97 -24.60 18.38
CA GLN A 704 7.40 -23.33 17.95
C GLN A 704 6.13 -23.55 17.15
N LEU A 705 6.15 -24.54 16.26
CA LEU A 705 4.94 -24.85 15.49
C LEU A 705 3.81 -25.31 16.39
N ALA A 706 4.13 -26.14 17.40
CA ALA A 706 3.10 -26.59 18.33
C ALA A 706 2.51 -25.43 19.11
N VAL A 707 3.37 -24.51 19.56
CA VAL A 707 2.90 -23.33 20.30
C VAL A 707 1.99 -22.49 19.42
N GLU A 708 2.38 -22.27 18.18
CA GLU A 708 1.56 -21.47 17.28
C GLU A 708 0.24 -22.17 16.96
N LEU A 709 0.26 -23.49 16.84
CA LEU A 709 -0.98 -24.23 16.61
C LEU A 709 -1.92 -24.13 17.81
N LEU A 710 -1.36 -24.21 19.02
CA LEU A 710 -2.18 -24.02 20.22
C LEU A 710 -2.74 -22.60 20.27
N ASP A 711 -1.93 -21.61 19.87
CA ASP A 711 -2.41 -20.24 19.80
C ASP A 711 -3.56 -20.11 18.83
N GLN A 712 -3.45 -20.75 17.66
CA GLN A 712 -4.52 -20.71 16.68
C GLN A 712 -5.79 -21.37 17.22
N SER A 713 -5.64 -22.52 17.88
CA SER A 713 -6.79 -23.22 18.43
C SER A 713 -7.49 -22.39 19.49
N TYR A 714 -6.72 -21.83 20.43
CA TYR A 714 -7.29 -20.97 21.47
C TYR A 714 -7.91 -19.72 20.87
N LYS A 715 -7.37 -19.23 19.75
CA LYS A 715 -7.99 -18.11 19.04
C LYS A 715 -9.34 -18.50 18.47
N GLN A 716 -9.45 -19.71 17.93
CA GLN A 716 -10.68 -20.12 17.27
C GLN A 716 -11.80 -20.38 18.27
N ASP A 717 -11.61 -21.37 19.14
CA ASP A 717 -12.59 -21.69 20.17
C ASP A 717 -11.85 -22.22 21.38
N GLU A 718 -12.08 -21.59 22.54
CA GLU A 718 -11.31 -21.89 23.73
C GLU A 718 -11.71 -23.24 24.33
N GLN A 719 -13.01 -23.52 24.41
CA GLN A 719 -13.45 -24.81 24.95
C GLN A 719 -12.98 -25.96 24.07
N LEU A 720 -13.08 -25.80 22.75
CA LEU A 720 -12.59 -26.83 21.85
C LEU A 720 -11.07 -26.99 21.95
N ALA A 721 -10.36 -25.86 22.13
CA ALA A 721 -8.91 -25.94 22.32
C ALA A 721 -8.55 -26.71 23.58
N MET A 722 -9.27 -26.46 24.66
CA MET A 722 -9.07 -27.24 25.88
C MET A 722 -9.37 -28.71 25.66
N LYS A 723 -10.48 -28.99 24.97
CA LYS A 723 -10.86 -30.38 24.70
C LYS A 723 -9.82 -31.09 23.84
N LEU A 724 -9.11 -30.33 23.00
CA LEU A 724 -8.09 -30.93 22.15
C LEU A 724 -6.97 -31.55 22.98
N LEU A 725 -6.53 -30.85 24.02
CA LEU A 725 -5.47 -31.39 24.87
C LEU A 725 -5.93 -32.61 25.65
N THR A 726 -7.21 -32.68 26.02
CA THR A 726 -7.69 -33.65 27.00
C THR A 726 -7.73 -35.07 26.47
N TYR A 727 -8.24 -35.30 25.26
CA TYR A 727 -8.62 -36.64 24.87
C TYR A 727 -7.41 -37.51 24.58
N GLU A 728 -7.60 -38.82 24.75
CA GLU A 728 -6.53 -39.80 24.60
C GLU A 728 -6.20 -40.01 23.13
N LEU A 729 -5.18 -40.85 22.88
CA LEU A 729 -4.72 -41.16 21.53
C LEU A 729 -4.26 -42.61 21.49
N LYS A 730 -5.16 -43.49 21.04
CA LYS A 730 -4.81 -44.91 20.89
C LYS A 730 -3.62 -45.08 19.96
N ASN A 731 -3.55 -44.27 18.91
CA ASN A 731 -2.43 -44.34 17.97
C ASN A 731 -1.12 -43.84 18.57
N TRP A 732 -1.16 -43.25 19.76
CA TRP A 732 -0.01 -42.59 20.37
C TRP A 732 0.18 -43.06 21.81
N SER A 733 0.17 -44.38 22.00
CA SER A 733 0.45 -45.00 23.29
C SER A 733 -0.54 -44.57 24.36
N ASN A 734 -1.78 -44.28 23.95
CA ASN A 734 -2.86 -43.90 24.86
C ASN A 734 -2.47 -42.68 25.70
N ALA A 735 -1.78 -41.73 25.07
CA ALA A 735 -1.33 -40.53 25.74
C ALA A 735 -2.11 -39.32 25.24
N THR A 736 -1.87 -38.17 25.89
CA THR A 736 -2.53 -36.93 25.53
C THR A 736 -1.48 -35.85 25.31
N CYS A 737 -1.94 -34.74 24.72
CA CYS A 737 -1.03 -33.68 24.29
C CYS A 737 -0.31 -33.06 25.47
N LEU A 738 -1.03 -32.84 26.58
CA LEU A 738 -0.42 -32.23 27.75
C LEU A 738 0.71 -33.09 28.31
N GLN A 739 0.46 -34.39 28.44
CA GLN A 739 1.47 -35.29 29.00
C GLN A 739 2.71 -35.35 28.14
N LEU A 740 2.52 -35.42 26.81
CA LEU A 740 3.66 -35.43 25.91
C LEU A 740 4.43 -34.11 26.00
N ALA A 741 3.70 -32.99 25.99
CA ALA A 741 4.35 -31.68 26.02
C ALA A 741 5.18 -31.49 27.28
N VAL A 742 4.63 -31.89 28.43
CA VAL A 742 5.41 -31.83 29.66
C VAL A 742 6.58 -32.79 29.59
N ALA A 743 6.36 -33.99 29.08
CA ALA A 743 7.47 -34.92 28.84
C ALA A 743 8.45 -34.33 27.83
N ALA A 744 7.94 -33.58 26.85
CA ALA A 744 8.79 -32.87 25.91
C ALA A 744 9.51 -31.68 26.53
N LYS A 745 9.24 -31.36 27.80
CA LYS A 745 9.87 -30.26 28.52
C LYS A 745 9.58 -28.93 27.83
N HIS A 746 8.47 -28.83 27.12
CA HIS A 746 8.11 -27.60 26.41
C HIS A 746 7.46 -26.65 27.40
N ARG A 747 8.31 -25.90 28.11
CA ARG A 747 7.82 -24.93 29.07
C ARG A 747 7.01 -23.83 28.39
N ASP A 748 7.46 -23.37 27.23
CA ASP A 748 6.77 -22.30 26.53
C ASP A 748 5.37 -22.71 26.12
N PHE A 749 5.16 -23.99 25.81
CA PHE A 749 3.83 -24.46 25.48
C PHE A 749 2.90 -24.34 26.67
N ILE A 750 3.38 -24.72 27.86
CA ILE A 750 2.55 -24.66 29.06
C ILE A 750 2.28 -23.21 29.46
N ALA A 751 3.17 -22.29 29.12
CA ALA A 751 2.98 -20.89 29.45
C ALA A 751 1.87 -20.23 28.65
N HIS A 752 1.33 -20.92 27.65
CA HIS A 752 0.25 -20.37 26.84
C HIS A 752 -1.01 -20.19 27.70
N THR A 753 -1.84 -19.24 27.27
CA THR A 753 -3.03 -18.87 28.06
C THR A 753 -3.97 -20.06 28.24
N CYS A 754 -4.28 -20.76 27.15
CA CYS A 754 -5.22 -21.87 27.23
C CYS A 754 -4.66 -23.06 28.01
N SER A 755 -3.34 -23.17 28.10
CA SER A 755 -2.74 -24.27 28.85
C SER A 755 -3.05 -24.16 30.33
N GLN A 756 -2.98 -22.94 30.88
CA GLN A 756 -3.16 -22.76 32.33
C GLN A 756 -4.58 -23.09 32.76
N MET A 757 -5.58 -22.66 31.99
CA MET A 757 -6.96 -22.91 32.40
C MET A 757 -7.33 -24.39 32.34
N LEU A 758 -6.55 -25.20 31.62
CA LEU A 758 -6.72 -26.63 31.72
C LEU A 758 -6.27 -27.14 33.09
N LEU A 759 -5.21 -26.55 33.64
CA LEU A 759 -4.80 -26.88 35.00
C LEU A 759 -5.74 -26.29 36.03
N THR A 760 -6.35 -25.12 35.73
CA THR A 760 -7.36 -24.56 36.61
C THR A 760 -8.59 -25.47 36.69
N ASP A 761 -9.05 -25.97 35.55
CA ASP A 761 -10.15 -26.93 35.54
C ASP A 761 -9.74 -28.30 36.06
N MET A 762 -8.46 -28.55 36.25
CA MET A 762 -7.98 -29.82 36.76
C MET A 762 -8.02 -29.83 38.29
N ASN A 993 0.62 -21.05 44.66
CA ASN A 993 0.39 -19.62 44.85
C ASN A 993 0.78 -18.85 43.60
N LYS A 994 -0.09 -17.92 43.19
CA LYS A 994 0.13 -17.19 41.94
C LYS A 994 1.11 -16.04 42.11
N TYR A 995 1.37 -15.60 43.34
CA TYR A 995 2.25 -14.46 43.58
C TYR A 995 3.52 -14.85 44.31
N LEU A 996 3.40 -15.46 45.50
CA LEU A 996 4.57 -15.76 46.30
C LEU A 996 5.35 -16.95 45.79
N GLY A 997 4.68 -17.90 45.13
CA GLY A 997 5.33 -19.07 44.59
C GLY A 997 6.41 -18.75 43.58
N PRO A 998 6.10 -17.89 42.59
CA PRO A 998 7.16 -17.39 41.71
C PRO A 998 8.25 -16.63 42.45
N TYR A 999 7.91 -15.97 43.56
CA TYR A 999 8.92 -15.21 44.30
C TYR A 999 9.94 -16.12 44.97
N VAL A 1000 9.51 -17.32 45.38
CA VAL A 1000 10.40 -18.23 46.10
C VAL A 1000 11.54 -18.70 45.19
N MET A 1001 11.21 -19.13 43.97
CA MET A 1001 12.23 -19.61 43.06
C MET A 1001 13.21 -18.50 42.63
N MET A 1002 12.81 -17.23 42.75
CA MET A 1002 13.75 -16.14 42.57
C MET A 1002 14.87 -16.22 43.61
N ILE A 1003 14.51 -16.53 44.85
CA ILE A 1003 15.49 -16.66 45.92
C ILE A 1003 16.43 -17.83 45.65
N GLY A 1004 15.90 -18.90 45.06
CA GLY A 1004 16.72 -20.06 44.77
C GLY A 1004 17.87 -19.76 43.83
N LYS A 1005 17.67 -18.84 42.90
CA LYS A 1005 18.72 -18.46 41.97
C LYS A 1005 19.59 -17.30 42.47
N MET A 1006 19.24 -16.69 43.59
CA MET A 1006 20.03 -15.59 44.15
C MET A 1006 21.10 -16.07 45.13
N MET A 1007 21.22 -17.37 45.36
CA MET A 1007 22.20 -17.90 46.29
C MET A 1007 23.62 -17.89 45.75
N ILE A 1008 23.79 -17.62 44.45
CA ILE A 1008 25.11 -17.78 43.83
C ILE A 1008 26.08 -16.72 44.33
N ASP A 1009 25.63 -15.47 44.41
CA ASP A 1009 26.50 -14.37 44.82
C ASP A 1009 26.84 -14.46 46.31
N LEU A 1109 27.61 -2.15 47.03
CA LEU A 1109 27.86 -2.63 45.68
C LEU A 1109 26.78 -3.60 45.23
N LEU A 1110 26.48 -4.59 46.07
CA LEU A 1110 25.54 -5.64 45.69
C LEU A 1110 24.12 -5.12 45.51
N ILE A 1111 23.82 -3.92 46.01
CA ILE A 1111 22.53 -3.29 45.71
C ILE A 1111 22.43 -3.05 44.21
N ALA A 1112 23.49 -2.54 43.60
CA ALA A 1112 23.51 -2.38 42.14
C ALA A 1112 23.54 -3.72 41.43
N VAL A 1113 24.30 -4.68 41.96
CA VAL A 1113 24.44 -5.97 41.28
C VAL A 1113 23.11 -6.73 41.28
N PHE A 1114 22.39 -6.70 42.41
CA PHE A 1114 21.07 -7.32 42.44
C PHE A 1114 20.07 -6.56 41.56
N ASN A 1115 20.31 -5.27 41.33
CA ASN A 1115 19.37 -4.48 40.54
C ASN A 1115 19.46 -4.82 39.06
N ASN A 1116 20.67 -5.02 38.54
CA ASN A 1116 20.86 -5.25 37.11
C ASN A 1116 20.55 -6.67 36.68
N THR A 1117 20.30 -7.58 37.62
CA THR A 1117 20.02 -8.98 37.27
C THR A 1117 18.64 -9.36 37.76
N PHE A 1118 17.66 -8.50 37.50
CA PHE A 1118 16.30 -8.69 38.02
C PHE A 1118 15.29 -9.08 36.96
N PHE A 1119 15.37 -8.50 35.77
CA PHE A 1119 14.33 -8.71 34.75
C PHE A 1119 14.35 -10.16 34.25
N GLU A 1120 15.53 -10.65 33.85
CA GLU A 1120 15.62 -12.01 33.32
C GLU A 1120 15.29 -13.04 34.39
N VAL A 1121 15.76 -12.83 35.62
CA VAL A 1121 15.44 -13.74 36.70
C VAL A 1121 13.93 -13.77 36.95
N LYS A 1122 13.29 -12.59 36.93
CA LYS A 1122 11.85 -12.53 37.12
C LYS A 1122 11.10 -13.30 36.04
N SER A 1123 11.48 -13.09 34.78
CA SER A 1123 10.81 -13.77 33.68
C SER A 1123 10.98 -15.28 33.76
N ILE A 1124 12.22 -15.72 34.03
CA ILE A 1124 12.50 -17.15 34.12
C ILE A 1124 11.73 -17.77 35.28
N SER A 1125 11.66 -17.08 36.42
CA SER A 1125 10.93 -17.60 37.57
C SER A 1125 9.45 -17.72 37.25
N ASN A 1126 8.86 -16.71 36.60
CA ASN A 1126 7.44 -16.80 36.26
C ASN A 1126 7.18 -17.98 35.32
N GLN A 1127 8.02 -18.15 34.30
CA GLN A 1127 7.82 -19.26 33.38
C GLN A 1127 7.99 -20.61 34.08
N VAL A 1128 8.97 -20.71 34.98
CA VAL A 1128 9.21 -21.98 35.68
C VAL A 1128 8.02 -22.32 36.57
N TRP A 1129 7.48 -21.33 37.30
CA TRP A 1129 6.31 -21.59 38.14
C TRP A 1129 5.10 -21.99 37.30
N LYS A 1130 4.89 -21.30 36.17
CA LYS A 1130 3.78 -21.67 35.30
C LYS A 1130 3.96 -23.06 34.72
N PHE A 1131 5.20 -23.49 34.52
CA PHE A 1131 5.44 -24.84 34.00
C PHE A 1131 5.20 -25.90 35.06
N GLN A 1132 5.63 -25.66 36.30
CA GLN A 1132 5.52 -26.66 37.34
C GLN A 1132 4.18 -26.63 38.07
N ARG A 1133 3.29 -25.69 37.72
CA ARG A 1133 1.92 -25.77 38.17
C ARG A 1133 1.30 -27.12 37.84
N TYR A 1134 1.54 -27.63 36.63
CA TYR A 1134 0.97 -28.92 36.25
C TYR A 1134 1.50 -30.04 37.12
N GLN A 1135 2.80 -30.06 37.38
CA GLN A 1135 3.37 -31.13 38.21
C GLN A 1135 2.81 -31.08 39.61
N LEU A 1136 2.69 -29.87 40.19
CA LEU A 1136 2.10 -29.74 41.52
C LEU A 1136 0.66 -30.23 41.54
N ILE A 1137 -0.13 -29.85 40.52
CA ILE A 1137 -1.54 -30.22 40.51
C ILE A 1137 -1.71 -31.72 40.31
N MET A 1138 -0.90 -32.32 39.44
CA MET A 1138 -0.98 -33.77 39.24
C MET A 1138 -0.58 -34.53 40.50
N THR A 1139 0.47 -34.07 41.19
CA THR A 1139 0.86 -34.70 42.44
C THR A 1139 -0.23 -34.58 43.49
N PHE A 1140 -0.89 -33.42 43.56
CA PHE A 1140 -1.99 -33.24 44.49
C PHE A 1140 -3.16 -34.16 44.16
N HIS A 1141 -3.49 -34.29 42.86
CA HIS A 1141 -4.67 -35.06 42.46
C HIS A 1141 -4.45 -36.55 42.63
N GLU A 1142 -3.26 -37.04 42.26
CA GLU A 1142 -2.98 -38.47 42.35
C GLU A 1142 -2.86 -38.91 43.81
N ARG A 1177 -8.05 -43.13 33.90
CA ARG A 1177 -8.05 -41.69 33.98
C ARG A 1177 -9.28 -41.10 33.30
N ASP A 1178 -10.44 -41.21 33.98
CA ASP A 1178 -11.67 -40.67 33.44
C ASP A 1178 -11.59 -39.16 33.29
N TYR A 1179 -11.00 -38.48 34.26
CA TYR A 1179 -10.69 -37.06 34.14
C TYR A 1179 -9.48 -36.77 35.01
N GLY A 1180 -8.94 -35.55 34.85
CA GLY A 1180 -7.71 -35.14 35.48
C GLY A 1180 -6.48 -35.39 34.63
N LEU A 1181 -6.51 -36.42 33.78
CA LEU A 1181 -5.41 -36.71 32.90
C LEU A 1181 -5.89 -36.87 31.46
N LYS A 1182 -7.09 -37.43 31.28
CA LYS A 1182 -7.61 -37.76 29.97
C LYS A 1182 -9.09 -37.42 29.90
N LEU A 1183 -9.67 -37.68 28.73
CA LEU A 1183 -11.11 -37.52 28.52
C LEU A 1183 -11.52 -38.43 27.37
N PHE A 1184 -12.17 -39.53 27.70
CA PHE A 1184 -12.55 -40.51 26.69
C PHE A 1184 -13.70 -39.97 25.86
N ILE A 1185 -13.57 -40.06 24.53
CA ILE A 1185 -14.42 -39.35 23.60
C ILE A 1185 -15.15 -40.34 22.71
N THR A 1186 -16.27 -39.89 22.14
CA THR A 1186 -16.98 -40.64 21.12
C THR A 1186 -16.38 -40.37 19.75
N ASP A 1187 -16.77 -41.21 18.78
CA ASP A 1187 -16.20 -41.11 17.44
C ASP A 1187 -16.65 -39.83 16.74
N ASP A 1188 -17.91 -39.42 16.94
CA ASP A 1188 -18.42 -38.25 16.24
C ASP A 1188 -17.75 -36.97 16.74
N GLU A 1189 -17.63 -36.82 18.06
CA GLU A 1189 -16.93 -35.67 18.60
C GLU A 1189 -15.47 -35.67 18.21
N LEU A 1190 -14.86 -36.86 18.13
CA LEU A 1190 -13.46 -36.93 17.70
C LEU A 1190 -13.32 -36.50 16.24
N LYS A 1191 -14.28 -36.87 15.40
CA LYS A 1191 -14.28 -36.41 14.01
C LYS A 1191 -14.43 -34.90 13.94
N LYS A 1192 -15.30 -34.33 14.78
CA LYS A 1192 -15.44 -32.88 14.85
C LYS A 1192 -14.13 -32.23 15.26
N VAL A 1193 -13.43 -32.84 16.22
CA VAL A 1193 -12.14 -32.32 16.66
C VAL A 1193 -11.13 -32.36 15.53
N HIS A 1194 -11.10 -33.46 14.77
CA HIS A 1194 -10.18 -33.57 13.65
C HIS A 1194 -10.45 -32.50 12.60
N ASP A 1195 -11.72 -32.29 12.27
CA ASP A 1195 -12.07 -31.27 11.29
C ASP A 1195 -11.70 -29.88 11.79
N PHE A 1196 -11.95 -29.62 13.07
CA PHE A 1196 -11.60 -28.34 13.67
C PHE A 1196 -10.10 -28.09 13.61
N GLU A 1197 -9.31 -29.11 13.96
CA GLU A 1197 -7.86 -28.98 13.94
C GLU A 1197 -7.34 -28.72 12.53
N GLU A 1198 -7.87 -29.47 11.55
CA GLU A 1198 -7.43 -29.28 10.17
C GLU A 1198 -7.78 -27.90 9.65
N GLN A 1199 -9.00 -27.44 9.94
CA GLN A 1199 -9.39 -26.10 9.52
C GLN A 1199 -8.52 -25.04 10.19
N CYS A 1200 -8.23 -25.21 11.48
CA CYS A 1200 -7.41 -24.24 12.19
C CYS A 1200 -6.01 -24.16 11.62
N ILE A 1201 -5.40 -25.32 11.34
CA ILE A 1201 -4.03 -25.28 10.83
C ILE A 1201 -4.00 -24.74 9.40
N GLU A 1202 -5.02 -25.04 8.60
CA GLU A 1202 -5.10 -24.45 7.27
C GLU A 1202 -5.20 -22.93 7.35
N GLU A 1203 -6.05 -22.43 8.25
CA GLU A 1203 -6.18 -20.98 8.44
C GLU A 1203 -4.87 -20.38 8.91
N TYR A 1204 -4.17 -21.07 9.81
CA TYR A 1204 -2.90 -20.57 10.31
C TYR A 1204 -1.87 -20.44 9.19
N PHE A 1205 -1.77 -21.46 8.35
CA PHE A 1205 -0.82 -21.41 7.25
C PHE A 1205 -1.18 -20.30 6.26
N ARG A 1206 -2.48 -20.16 5.95
CA ARG A 1206 -2.89 -19.12 5.02
C ARG A 1206 -2.60 -17.73 5.58
N GLU A 1207 -2.84 -17.54 6.88
CA GLU A 1207 -2.52 -16.25 7.51
C GLU A 1207 -1.03 -15.99 7.49
N LYS A 1208 -0.22 -17.03 7.71
CA LYS A 1208 1.24 -16.86 7.63
C LYS A 1208 1.65 -16.43 6.22
N ASP A 1209 1.06 -17.05 5.21
CA ASP A 1209 1.37 -16.66 3.83
C ASP A 1209 0.97 -15.22 3.55
N ASP A 1210 -0.22 -14.82 4.03
CA ASP A 1210 -0.66 -13.45 3.83
C ASP A 1210 0.28 -12.45 4.50
N ARG A 1211 0.71 -12.75 5.73
CA ARG A 1211 1.64 -11.86 6.41
C ARG A 1211 2.97 -11.80 5.69
N PHE A 1212 3.45 -12.94 5.18
CA PHE A 1212 4.74 -12.95 4.49
C PHE A 1212 4.68 -12.16 3.19
N ASN A 1213 3.58 -12.28 2.45
CA ASN A 1213 3.49 -11.58 1.17
C ASN A 1213 3.04 -10.14 1.30
N SER A 1214 2.76 -9.68 2.51
CA SER A 1214 2.41 -8.28 2.76
C SER A 1214 3.56 -7.48 3.36
N SER A 1215 4.67 -8.13 3.69
CA SER A 1215 5.83 -7.44 4.21
C SER A 1215 6.41 -6.49 3.17
N ASN A 1216 6.92 -5.35 3.64
CA ASN A 1216 7.45 -4.34 2.73
C ASN A 1216 8.65 -4.87 1.95
N ASP A 1217 9.52 -5.64 2.61
CA ASP A 1217 10.77 -6.07 1.99
C ASP A 1217 10.49 -6.98 0.79
N GLU A 1218 9.53 -7.90 0.92
CA GLU A 1218 9.18 -8.76 -0.20
C GLU A 1218 8.64 -7.94 -1.37
N ARG A 1219 7.80 -6.95 -1.07
CA ARG A 1219 7.28 -6.08 -2.12
C ARG A 1219 8.41 -5.34 -2.82
N ILE A 1220 9.37 -4.84 -2.05
CA ILE A 1220 10.50 -4.12 -2.62
C ILE A 1220 11.30 -5.03 -3.56
N ARG A 1221 11.58 -6.25 -3.09
CA ARG A 1221 12.38 -7.17 -3.89
C ARG A 1221 11.68 -7.54 -5.19
N VAL A 1222 10.40 -7.91 -5.09
CA VAL A 1222 9.66 -8.33 -6.29
C VAL A 1222 9.52 -7.16 -7.26
N THR A 1223 9.20 -5.97 -6.73
CA THR A 1223 9.05 -4.80 -7.59
C THR A 1223 10.37 -4.45 -8.27
N SER A 1224 11.48 -4.58 -7.55
CA SER A 1224 12.78 -4.27 -8.14
C SER A 1224 13.11 -5.25 -9.26
N GLU A 1225 12.84 -6.54 -9.06
CA GLU A 1225 13.12 -7.51 -10.11
C GLU A 1225 12.23 -7.25 -11.33
N ARG A 1226 10.95 -6.94 -11.08
CA ARG A 1226 10.04 -6.61 -12.17
C ARG A 1226 10.52 -5.38 -12.93
N VAL A 1227 11.00 -4.37 -12.20
CA VAL A 1227 11.48 -3.15 -12.84
C VAL A 1227 12.71 -3.44 -13.70
N GLU A 1228 13.62 -4.27 -13.20
CA GLU A 1228 14.80 -4.62 -13.99
C GLU A 1228 14.41 -5.32 -15.28
N ASN A 1229 13.55 -6.34 -15.18
CA ASN A 1229 13.11 -7.06 -16.37
C ASN A 1229 12.36 -6.14 -17.32
N MET A 1230 11.54 -5.24 -16.77
CA MET A 1230 10.79 -4.31 -17.59
C MET A 1230 11.71 -3.33 -18.31
N SER A 1231 12.78 -2.90 -17.65
CA SER A 1231 13.74 -2.00 -18.28
C SER A 1231 14.45 -2.70 -19.43
N MET A 1232 14.88 -3.94 -19.22
CA MET A 1232 15.53 -4.67 -20.30
C MET A 1232 14.56 -4.89 -21.48
N ARG A 1233 13.31 -5.24 -21.17
CA ARG A 1233 12.32 -5.46 -22.21
C ARG A 1233 12.00 -4.17 -22.95
N LEU A 1234 11.94 -3.05 -22.23
CA LEU A 1234 11.70 -1.77 -22.90
C LEU A 1234 12.86 -1.39 -23.80
N GLU A 1235 14.09 -1.70 -23.39
CA GLU A 1235 15.21 -1.48 -24.30
C GLU A 1235 15.06 -2.33 -25.56
N GLU A 1236 14.62 -3.58 -25.39
CA GLU A 1236 14.33 -4.42 -26.55
C GLU A 1236 13.26 -3.79 -27.45
N VAL A 1237 12.21 -3.25 -26.84
CA VAL A 1237 11.13 -2.64 -27.62
C VAL A 1237 11.64 -1.42 -28.38
N ASN A 1238 12.43 -0.59 -27.70
CA ASN A 1238 12.99 0.59 -28.33
C ASN A 1238 14.02 0.24 -29.41
N GLU A 1239 14.55 -0.98 -29.38
CA GLU A 1239 15.58 -1.36 -30.35
C GLU A 1239 15.07 -1.29 -31.78
N ARG A 1240 13.84 -1.75 -32.02
CA ARG A 1240 13.32 -1.74 -33.38
C ARG A 1240 12.90 -0.34 -33.80
N GLU A 1241 13.60 0.19 -34.80
CA GLU A 1241 13.30 1.50 -35.39
C GLU A 1241 12.91 1.25 -36.85
N HIS A 1242 11.60 1.16 -37.11
CA HIS A 1242 11.14 0.90 -38.47
C HIS A 1242 11.37 2.12 -39.36
N SER A 1243 11.40 3.32 -38.80
CA SER A 1243 11.62 4.53 -39.58
C SER A 1243 13.09 4.65 -39.99
N UNK B 1 52.82 -44.72 -10.32
CA UNK B 1 51.43 -44.31 -10.51
C UNK B 1 50.56 -45.50 -10.87
N UNK B 2 49.25 -45.34 -10.74
CA UNK B 2 48.30 -46.38 -11.09
C UNK B 2 48.28 -46.58 -12.60
N UNK B 3 48.34 -45.47 -13.33
CA UNK B 3 48.33 -45.51 -14.78
C UNK B 3 49.75 -45.43 -15.32
N UNK B 4 50.66 -46.14 -14.69
CA UNK B 4 52.06 -46.14 -15.10
C UNK B 4 52.25 -46.92 -16.40
N UNK B 5 51.24 -47.70 -16.76
CA UNK B 5 51.28 -48.50 -17.98
C UNK B 5 51.08 -47.64 -19.23
N UNK B 6 50.70 -46.39 -19.02
CA UNK B 6 50.49 -45.45 -20.12
C UNK B 6 51.82 -45.18 -20.83
N UNK B 7 51.74 -44.61 -22.03
CA UNK B 7 52.91 -44.45 -22.88
C UNK B 7 53.05 -43.04 -23.45
N UNK B 8 54.04 -42.86 -24.32
CA UNK B 8 54.29 -41.59 -24.99
C UNK B 8 55.02 -41.81 -26.32
N UNK B 9 54.35 -41.48 -27.42
CA UNK B 9 54.90 -41.71 -28.75
C UNK B 9 56.12 -40.84 -29.00
N UNK B 10 56.91 -41.21 -30.01
CA UNK B 10 58.14 -40.48 -30.32
C UNK B 10 58.56 -40.65 -31.78
N UNK B 11 59.05 -39.57 -32.39
CA UNK B 11 59.47 -39.60 -33.79
C UNK B 11 60.75 -40.39 -34.00
N UNK B 12 60.69 -41.36 -34.91
CA UNK B 12 61.83 -42.22 -35.19
C UNK B 12 62.78 -41.58 -36.18
N UNK B 13 63.39 -42.41 -37.02
CA UNK B 13 64.29 -41.92 -38.07
C UNK B 13 63.48 -41.11 -39.08
N UNK B 14 63.34 -39.82 -38.80
CA UNK B 14 62.48 -38.96 -39.59
C UNK B 14 63.21 -38.29 -40.74
N UNK B 15 62.44 -37.85 -41.73
CA UNK B 15 62.98 -37.15 -42.89
C UNK B 15 62.02 -36.06 -43.33
N UNK B 16 61.88 -35.03 -42.50
CA UNK B 16 61.00 -33.90 -42.80
C UNK B 16 61.77 -32.84 -43.58
N UNK B 17 61.12 -31.70 -43.82
CA UNK B 17 61.69 -30.57 -44.55
C UNK B 17 62.22 -30.96 -45.92
N ILE C 129 46.26 54.67 -38.98
CA ILE C 129 47.70 54.44 -38.89
C ILE C 129 48.00 52.96 -39.14
N SER C 130 49.16 52.70 -39.76
CA SER C 130 49.56 51.33 -40.12
C SER C 130 50.15 50.60 -38.91
N LYS C 131 49.30 50.44 -37.89
CA LYS C 131 49.68 49.86 -36.60
C LYS C 131 50.87 50.60 -36.01
N HIS C 132 50.64 51.87 -35.69
CA HIS C 132 51.64 52.75 -35.11
C HIS C 132 51.19 53.05 -33.67
N THR C 133 51.59 52.17 -32.76
CA THR C 133 51.25 52.28 -31.35
C THR C 133 52.51 52.21 -30.51
N GLN C 134 52.45 52.81 -29.32
CA GLN C 134 53.55 52.84 -28.39
C GLN C 134 53.46 51.65 -27.44
N LEU C 135 54.61 51.09 -27.09
CA LEU C 135 54.65 49.91 -26.23
C LEU C 135 54.60 50.28 -24.75
N SER C 136 53.60 51.08 -24.39
CA SER C 136 53.39 51.39 -22.99
C SER C 136 52.87 50.15 -22.27
N PRO C 137 53.48 49.77 -21.15
CA PRO C 137 53.09 48.52 -20.49
C PRO C 137 51.69 48.60 -19.91
N THR C 138 51.09 47.43 -19.75
CA THR C 138 49.76 47.33 -19.16
C THR C 138 49.80 47.73 -17.69
N ASP C 139 48.65 48.20 -17.21
CA ASP C 139 48.48 48.59 -15.82
C ASP C 139 47.16 48.06 -15.27
N ALA C 140 46.85 46.80 -15.58
CA ALA C 140 45.57 46.23 -15.19
C ALA C 140 45.76 44.73 -14.96
N PHE C 141 45.83 44.34 -13.69
CA PHE C 141 45.82 42.94 -13.32
C PHE C 141 45.33 42.81 -11.88
N GLY C 142 44.99 41.59 -11.49
CA GLY C 142 44.49 41.32 -10.16
C GLY C 142 43.36 40.31 -10.14
N THR C 143 42.27 40.65 -9.45
CA THR C 143 41.08 39.79 -9.39
C THR C 143 39.83 40.63 -9.59
N ILE C 144 38.87 40.08 -10.31
CA ILE C 144 37.55 40.67 -10.48
C ILE C 144 36.50 39.66 -10.05
N GLU C 145 35.44 40.16 -9.43
CA GLU C 145 34.30 39.33 -9.02
C GLU C 145 33.07 39.79 -9.78
N PHE C 146 32.34 38.84 -10.35
CA PHE C 146 31.10 39.16 -11.05
C PHE C 146 30.03 39.57 -10.05
N GLN C 147 29.52 40.78 -10.19
CA GLN C 147 28.47 41.29 -9.31
C GLN C 147 27.16 41.32 -10.09
N GLY C 148 26.14 40.65 -9.55
CA GLY C 148 24.89 40.42 -10.23
C GLY C 148 24.69 38.99 -10.68
N GLY C 149 25.76 38.20 -10.74
CA GLY C 149 25.65 36.82 -11.17
C GLY C 149 24.99 35.94 -10.13
N GLY C 150 24.64 34.72 -10.57
CA GLY C 150 23.95 33.79 -9.70
C GLY C 150 24.78 33.19 -8.60
N HIS C 151 26.10 33.19 -8.74
CA HIS C 151 27.01 32.67 -7.74
C HIS C 151 27.98 33.76 -7.29
N SER C 152 28.93 33.38 -6.46
CA SER C 152 30.02 34.26 -6.04
C SER C 152 31.31 33.69 -6.61
N ASN C 153 31.85 34.35 -7.62
CA ASN C 153 33.01 33.86 -8.34
C ASN C 153 34.08 34.95 -8.40
N LYS C 154 35.33 34.52 -8.41
CA LYS C 154 36.48 35.42 -8.52
C LYS C 154 37.24 35.07 -9.79
N ALA C 155 37.64 36.10 -10.54
CA ALA C 155 38.25 35.92 -11.85
C ALA C 155 39.58 36.66 -11.92
N MET C 156 40.60 35.97 -12.40
CA MET C 156 41.91 36.59 -12.62
C MET C 156 41.91 37.32 -13.95
N TYR C 157 42.01 38.64 -13.92
CA TYR C 157 42.03 39.45 -15.13
C TYR C 157 43.44 39.95 -15.38
N VAL C 158 43.94 39.73 -16.60
CA VAL C 158 45.24 40.23 -17.03
C VAL C 158 45.12 40.61 -18.51
N ARG C 159 45.35 41.88 -18.82
CA ARG C 159 45.40 42.34 -20.20
C ARG C 159 46.85 42.44 -20.65
N VAL C 160 47.14 41.86 -21.81
CA VAL C 160 48.49 41.84 -22.36
C VAL C 160 48.40 41.97 -23.87
N SER C 161 49.36 42.71 -24.44
CA SER C 161 49.39 42.88 -25.88
C SER C 161 49.76 41.58 -26.58
N PHE C 162 49.27 41.43 -27.81
CA PHE C 162 49.50 40.20 -28.56
C PHE C 162 50.94 40.06 -29.02
N ASP C 163 51.77 41.09 -28.88
CA ASP C 163 53.17 40.99 -29.22
C ASP C 163 53.97 40.15 -28.24
N THR C 164 53.45 39.91 -27.03
CA THR C 164 54.23 39.27 -25.99
C THR C 164 54.50 37.81 -26.32
N LYS C 165 55.62 37.30 -25.80
CA LYS C 165 55.99 35.91 -26.03
C LYS C 165 54.99 34.97 -25.35
N PRO C 166 54.57 33.92 -26.04
CA PRO C 166 53.67 32.94 -25.38
C PRO C 166 54.28 32.29 -24.16
N ASP C 167 55.59 32.03 -24.17
CA ASP C 167 56.23 31.40 -23.02
C ASP C 167 56.23 32.31 -21.80
N LEU C 168 56.22 33.63 -22.00
CA LEU C 168 56.13 34.55 -20.87
C LEU C 168 54.81 34.37 -20.13
N LEU C 169 53.70 34.36 -20.87
CA LEU C 169 52.40 34.10 -20.27
C LEU C 169 52.32 32.69 -19.72
N LEU C 170 52.99 31.73 -20.35
CA LEU C 170 53.05 30.38 -19.85
C LEU C 170 53.70 30.35 -18.47
N HIS C 171 54.81 31.07 -18.30
CA HIS C 171 55.47 31.17 -17.01
C HIS C 171 54.59 31.89 -16.00
N LEU C 172 53.87 32.92 -16.45
CA LEU C 172 52.93 33.61 -15.56
C LEU C 172 51.89 32.66 -15.02
N MET C 173 51.30 31.85 -15.90
CA MET C 173 50.23 30.95 -15.49
C MET C 173 50.75 29.82 -14.61
N THR C 174 51.84 29.19 -15.02
CA THR C 174 52.36 28.05 -14.28
C THR C 174 53.05 28.44 -12.98
N LYS C 175 53.49 29.70 -12.86
CA LYS C 175 54.26 30.14 -11.70
C LYS C 175 53.47 31.09 -10.81
N GLU C 176 53.00 32.21 -11.37
CA GLU C 176 52.27 33.18 -10.55
C GLU C 176 50.87 32.70 -10.24
N TRP C 177 50.17 32.12 -11.22
CA TRP C 177 48.84 31.58 -11.00
C TRP C 177 48.87 30.16 -10.48
N GLN C 178 50.06 29.55 -10.38
CA GLN C 178 50.27 28.23 -9.78
C GLN C 178 49.43 27.16 -10.48
N LEU C 179 49.74 26.95 -11.75
CA LEU C 179 49.07 25.96 -12.58
C LEU C 179 50.05 24.87 -12.96
N GLU C 180 49.82 23.66 -12.46
CA GLU C 180 50.57 22.52 -12.95
C GLU C 180 50.13 22.19 -14.37
N LEU C 181 51.04 21.60 -15.13
CA LEU C 181 50.76 21.34 -16.54
C LEU C 181 49.62 20.32 -16.66
N PRO C 182 48.66 20.57 -17.53
CA PRO C 182 47.51 19.66 -17.64
C PRO C 182 47.86 18.41 -18.43
N LYS C 183 46.99 17.42 -18.31
CA LYS C 183 47.08 16.22 -19.12
C LYS C 183 46.33 16.33 -20.43
N LEU C 184 45.75 17.50 -20.72
CA LEU C 184 45.01 17.72 -21.95
C LEU C 184 44.81 19.21 -22.15
N LEU C 185 44.61 19.61 -23.40
CA LEU C 185 44.26 20.98 -23.73
C LEU C 185 43.11 20.97 -24.73
N ILE C 186 42.16 21.88 -24.53
CA ILE C 186 40.96 21.96 -25.36
C ILE C 186 40.84 23.38 -25.90
N SER C 187 40.79 23.51 -27.21
CA SER C 187 40.54 24.77 -27.87
C SER C 187 39.16 24.75 -28.49
N VAL C 188 38.29 25.66 -28.07
CA VAL C 188 36.89 25.67 -28.47
C VAL C 188 36.68 26.82 -29.44
N HIS C 189 36.04 26.52 -30.57
CA HIS C 189 35.77 27.51 -31.60
C HIS C 189 34.37 27.32 -32.13
N GLY C 190 33.67 28.43 -32.37
CA GLY C 190 32.32 28.36 -32.86
C GLY C 190 31.74 29.75 -33.05
N GLY C 191 30.46 29.78 -33.39
CA GLY C 191 29.77 31.04 -33.61
C GLY C 191 29.71 31.93 -32.39
N LEU C 192 30.19 33.17 -32.53
CA LEU C 192 30.16 34.14 -31.46
C LEU C 192 28.87 34.95 -31.44
N GLN C 193 27.90 34.62 -32.29
CA GLN C 193 26.62 35.33 -32.34
C GLN C 193 25.71 34.83 -31.23
N ASN C 194 24.43 35.19 -31.28
CA ASN C 194 23.54 34.87 -30.18
C ASN C 194 22.54 33.79 -30.57
N PHE C 195 23.02 32.76 -31.25
CA PHE C 195 22.20 31.61 -31.58
C PHE C 195 21.87 30.80 -30.33
N GLU C 196 20.68 30.22 -30.31
CA GLU C 196 20.25 29.30 -29.26
C GLU C 196 20.17 27.91 -29.84
N LEU C 197 20.86 26.96 -29.20
CA LEU C 197 21.02 25.63 -29.76
C LEU C 197 19.85 24.73 -29.39
N GLN C 198 19.98 23.45 -29.74
CA GLN C 198 18.86 22.53 -29.66
C GLN C 198 18.58 22.13 -28.20
N PRO C 199 17.33 22.09 -27.79
CA PRO C 199 16.99 21.52 -26.48
C PRO C 199 17.25 20.02 -26.46
N LYS C 200 17.37 19.48 -25.25
CA LYS C 200 17.67 18.08 -24.98
C LYS C 200 19.07 17.71 -25.50
N LEU C 201 19.81 18.70 -25.98
CA LEU C 201 21.18 18.55 -26.43
C LEU C 201 22.18 19.20 -25.50
N LYS C 202 21.85 20.38 -24.97
CA LYS C 202 22.77 21.08 -24.08
C LYS C 202 22.95 20.34 -22.76
N GLN C 203 21.93 19.62 -22.30
CA GLN C 203 22.04 18.91 -21.03
C GLN C 203 23.08 17.80 -21.09
N VAL C 204 22.95 16.92 -22.08
CA VAL C 204 23.88 15.80 -22.20
C VAL C 204 25.26 16.30 -22.59
N PHE C 205 25.32 17.30 -23.45
CA PHE C 205 26.61 17.89 -23.83
C PHE C 205 27.31 18.50 -22.61
N GLY C 206 26.56 19.22 -21.78
CA GLY C 206 27.15 19.80 -20.58
C GLY C 206 27.63 18.74 -19.61
N LYS C 207 26.82 17.71 -19.41
CA LYS C 207 27.23 16.61 -18.53
C LYS C 207 28.51 15.96 -19.02
N GLY C 208 28.56 15.63 -20.32
CA GLY C 208 29.74 14.97 -20.85
C GLY C 208 30.97 15.85 -20.84
N LEU C 209 30.82 17.12 -21.24
CA LEU C 209 31.95 18.04 -21.24
C LEU C 209 32.49 18.26 -19.83
N ILE C 210 31.59 18.43 -18.86
CA ILE C 210 32.01 18.62 -17.48
C ILE C 210 32.73 17.39 -16.96
N LYS C 211 32.19 16.20 -17.26
CA LYS C 211 32.84 14.96 -16.83
C LYS C 211 34.23 14.83 -17.46
N ALA C 212 34.35 15.16 -18.74
CA ALA C 212 35.65 15.08 -19.40
C ALA C 212 36.64 16.06 -18.81
N ALA C 213 36.18 17.28 -18.50
CA ALA C 213 37.07 18.28 -17.95
C ALA C 213 37.50 17.95 -16.53
N MET C 214 36.61 17.38 -15.72
CA MET C 214 36.90 17.12 -14.32
C MET C 214 37.64 15.81 -14.09
N THR C 215 37.36 14.77 -14.90
CA THR C 215 37.91 13.45 -14.64
C THR C 215 39.42 13.39 -14.81
N THR C 216 40.03 14.37 -15.45
CA THR C 216 41.48 14.38 -15.64
C THR C 216 41.94 15.81 -15.84
N GLY C 217 43.26 16.00 -15.77
CA GLY C 217 43.86 17.30 -15.97
C GLY C 217 43.53 17.89 -17.32
N ALA C 218 42.75 18.97 -17.32
CA ALA C 218 42.23 19.55 -18.56
C ALA C 218 42.25 21.07 -18.48
N TRP C 219 42.72 21.71 -19.54
CA TRP C 219 42.62 23.15 -19.71
C TRP C 219 41.79 23.43 -20.96
N ILE C 220 40.91 24.42 -20.87
CA ILE C 220 40.02 24.79 -21.96
C ILE C 220 40.24 26.26 -22.30
N PHE C 221 40.41 26.54 -23.59
CA PHE C 221 40.60 27.90 -24.07
C PHE C 221 39.33 28.36 -24.78
N THR C 222 38.85 29.54 -24.42
CA THR C 222 37.67 30.10 -25.03
C THR C 222 37.92 31.54 -25.48
N GLY C 223 36.86 32.25 -25.83
CA GLY C 223 36.97 33.66 -26.16
C GLY C 223 36.78 34.54 -24.94
N GLY C 224 35.77 34.26 -24.14
CA GLY C 224 35.50 35.00 -22.93
C GLY C 224 34.37 36.00 -23.01
N VAL C 225 33.87 36.29 -24.21
CA VAL C 225 32.74 37.19 -24.37
C VAL C 225 31.45 36.39 -24.27
N ASN C 226 30.50 36.90 -23.50
CA ASN C 226 29.28 36.14 -23.17
C ASN C 226 28.36 36.12 -24.38
N THR C 227 28.69 35.25 -25.33
CA THR C 227 27.86 35.05 -26.52
C THR C 227 28.22 33.71 -27.15
N GLY C 228 27.28 33.18 -27.92
CA GLY C 228 27.50 31.95 -28.66
C GLY C 228 27.74 30.77 -27.74
N VAL C 229 28.63 29.89 -28.17
CA VAL C 229 28.99 28.72 -27.38
C VAL C 229 29.58 29.11 -26.03
N ILE C 230 30.18 30.29 -25.94
CA ILE C 230 30.72 30.75 -24.67
C ILE C 230 29.61 30.90 -23.64
N ARG C 231 28.47 31.47 -24.05
CA ARG C 231 27.32 31.58 -23.15
C ARG C 231 26.84 30.22 -22.69
N HIS C 232 26.79 29.25 -23.61
CA HIS C 232 26.29 27.93 -23.26
C HIS C 232 27.24 27.18 -22.34
N VAL C 233 28.54 27.30 -22.57
CA VAL C 233 29.49 26.64 -21.66
C VAL C 233 29.54 27.35 -20.32
N GLY C 234 29.30 28.67 -20.30
CA GLY C 234 29.17 29.35 -19.03
C GLY C 234 27.95 28.88 -18.25
N ASP C 235 26.84 28.66 -18.95
CA ASP C 235 25.66 28.07 -18.31
C ASP C 235 25.98 26.67 -17.78
N ALA C 236 26.73 25.88 -18.55
CA ALA C 236 27.11 24.54 -18.10
C ALA C 236 27.98 24.60 -16.85
N LEU C 237 28.96 25.51 -16.83
CA LEU C 237 29.81 25.66 -15.66
C LEU C 237 29.01 26.11 -14.45
N LYS C 238 28.05 27.01 -14.66
CA LYS C 238 27.13 27.39 -13.60
C LYS C 238 26.32 26.20 -13.11
N ASP C 239 25.99 25.28 -14.02
CA ASP C 239 25.25 24.08 -13.65
C ASP C 239 26.15 23.00 -13.06
N HIS C 240 27.46 23.16 -13.10
CA HIS C 240 28.38 22.16 -12.58
C HIS C 240 29.05 22.57 -11.27
N ALA C 241 29.66 23.76 -11.24
CA ALA C 241 30.40 24.18 -10.05
C ALA C 241 29.52 24.27 -8.83
N SER C 242 28.21 24.47 -9.01
CA SER C 242 27.29 24.47 -7.89
C SER C 242 27.22 23.09 -7.24
N LYS C 243 27.15 22.04 -8.04
CA LYS C 243 26.84 20.70 -7.54
C LYS C 243 28.08 19.90 -7.18
N SER C 244 29.27 20.47 -7.31
CA SER C 244 30.48 19.72 -7.00
C SER C 244 31.62 20.69 -6.75
N ARG C 245 32.67 20.18 -6.10
CA ARG C 245 33.85 20.96 -5.78
C ARG C 245 34.83 20.90 -6.96
N GLY C 246 36.04 21.41 -6.75
CA GLY C 246 37.04 21.41 -7.78
C GLY C 246 36.92 22.61 -8.71
N LYS C 247 38.02 22.88 -9.42
CA LYS C 247 38.08 24.00 -10.33
C LYS C 247 38.65 23.55 -11.67
N ILE C 248 38.34 24.31 -12.71
CA ILE C 248 38.78 24.03 -14.06
C ILE C 248 39.45 25.29 -14.61
N CYS C 249 40.62 25.13 -15.20
CA CYS C 249 41.34 26.26 -15.77
C CYS C 249 40.59 26.75 -17.01
N THR C 250 39.79 27.78 -16.83
CA THR C 250 39.05 28.40 -17.92
C THR C 250 39.79 29.63 -18.39
N ILE C 251 40.04 29.72 -19.70
CA ILE C 251 40.77 30.83 -20.28
C ILE C 251 40.00 31.35 -21.48
N GLY C 252 39.68 32.64 -21.47
CA GLY C 252 39.06 33.30 -22.61
C GLY C 252 40.04 34.27 -23.24
N ILE C 253 39.98 34.40 -24.56
CA ILE C 253 40.88 35.26 -25.32
C ILE C 253 40.04 36.15 -26.21
N ALA C 254 39.93 37.42 -25.86
CA ALA C 254 39.19 38.41 -26.63
C ALA C 254 39.97 39.70 -26.64
N PRO C 255 39.85 40.51 -27.70
CA PRO C 255 40.54 41.80 -27.73
C PRO C 255 40.00 42.75 -26.66
N TRP C 256 40.89 43.62 -26.18
CA TRP C 256 40.53 44.57 -25.13
C TRP C 256 39.48 45.58 -25.60
N GLY C 257 39.34 45.79 -26.90
CA GLY C 257 38.47 46.82 -27.40
C GLY C 257 36.99 46.51 -27.43
N ILE C 258 36.57 45.33 -26.98
CA ILE C 258 35.17 44.93 -27.06
C ILE C 258 34.50 44.84 -25.71
N VAL C 259 35.25 44.88 -24.60
CA VAL C 259 34.63 44.87 -23.29
C VAL C 259 33.95 46.20 -23.05
N GLU C 260 32.69 46.16 -22.58
CA GLU C 260 31.92 47.38 -22.44
C GLU C 260 32.47 48.25 -21.32
N ASN C 261 32.46 47.74 -20.10
CA ASN C 261 32.92 48.51 -18.94
C ASN C 261 34.45 48.52 -18.95
N GLN C 262 35.00 49.36 -19.82
CA GLN C 262 36.45 49.48 -19.93
C GLN C 262 37.05 50.04 -18.65
N GLU C 263 36.33 50.91 -17.95
CA GLU C 263 36.75 51.37 -16.65
C GLU C 263 36.44 50.30 -15.61
N ASP C 264 36.86 50.55 -14.37
CA ASP C 264 36.83 49.58 -13.28
C ASP C 264 37.58 48.30 -13.66
N LEU C 265 38.61 48.45 -14.48
CA LEU C 265 39.48 47.34 -14.86
C LEU C 265 40.95 47.67 -14.73
N ILE C 266 41.33 48.95 -14.67
CA ILE C 266 42.72 49.37 -14.79
C ILE C 266 43.37 49.44 -13.41
N GLY C 267 42.75 48.79 -12.43
CA GLY C 267 43.32 48.75 -11.09
C GLY C 267 44.28 47.59 -10.90
N ARG C 268 45.57 47.89 -10.77
CA ARG C 268 46.57 46.85 -10.59
C ARG C 268 46.37 46.16 -9.24
N ASP C 269 46.35 44.83 -9.27
CA ASP C 269 46.32 43.98 -8.08
C ASP C 269 45.13 44.24 -7.17
N VAL C 270 44.08 44.91 -7.68
CA VAL C 270 43.00 45.39 -6.84
C VAL C 270 41.71 44.66 -7.20
N VAL C 271 40.79 44.64 -6.25
CA VAL C 271 39.47 44.06 -6.43
C VAL C 271 38.61 45.05 -7.22
N ARG C 272 38.04 44.59 -8.32
CA ARG C 272 37.21 45.42 -9.18
C ARG C 272 35.86 44.75 -9.38
N PRO C 273 34.76 45.33 -8.90
CA PRO C 273 33.45 44.75 -9.17
C PRO C 273 33.11 44.80 -10.65
N TYR C 274 32.34 43.82 -11.10
CA TYR C 274 31.98 43.68 -12.49
C TYR C 274 30.47 43.72 -12.60
N GLN C 275 29.96 44.50 -13.56
CA GLN C 275 28.53 44.54 -13.82
C GLN C 275 28.18 43.34 -14.70
N THR C 276 27.71 42.26 -14.05
CA THR C 276 27.35 41.05 -14.79
C THR C 276 26.19 41.32 -15.74
N MET C 277 25.19 42.07 -15.29
CA MET C 277 24.12 42.51 -16.17
C MET C 277 24.57 43.74 -16.96
N SER C 278 24.34 43.72 -18.26
CA SER C 278 24.71 44.83 -19.11
C SER C 278 23.71 44.99 -20.23
N ASN C 279 23.64 46.19 -20.79
CA ASN C 279 22.66 46.47 -21.82
C ASN C 279 23.03 45.78 -23.13
N PRO C 280 22.08 45.14 -23.80
CA PRO C 280 22.34 44.68 -25.18
C PRO C 280 22.56 45.81 -26.16
N MET C 281 22.15 47.03 -25.82
CA MET C 281 22.31 48.17 -26.71
C MET C 281 23.78 48.46 -26.99
N SER C 282 24.65 48.11 -26.04
CA SER C 282 26.08 48.30 -26.25
C SER C 282 26.63 47.28 -27.24
N LYS C 283 27.20 47.77 -28.33
CA LYS C 283 27.91 46.88 -29.25
C LYS C 283 29.17 46.33 -28.60
N LEU C 284 29.68 47.04 -27.58
CA LEU C 284 30.73 46.49 -26.75
C LEU C 284 30.13 45.51 -25.75
N THR C 285 30.63 44.28 -25.75
CA THR C 285 30.06 43.20 -24.96
C THR C 285 31.01 42.82 -23.82
N VAL C 286 30.45 42.66 -22.62
CA VAL C 286 31.23 42.38 -21.43
C VAL C 286 31.75 40.95 -21.45
N LEU C 287 32.68 40.64 -20.55
CA LEU C 287 33.24 39.31 -20.45
C LEU C 287 32.22 38.33 -19.91
N ASN C 288 32.32 37.08 -20.34
CA ASN C 288 31.47 36.02 -19.81
C ASN C 288 31.85 35.73 -18.37
N SER C 289 30.84 35.56 -17.52
CA SER C 289 31.08 35.21 -16.13
C SER C 289 31.34 33.71 -16.02
N MET C 290 31.42 33.21 -14.78
CA MET C 290 31.63 31.79 -14.49
C MET C 290 32.89 31.27 -15.19
N HIS C 291 33.97 32.02 -15.11
CA HIS C 291 35.24 31.65 -15.74
C HIS C 291 36.38 31.83 -14.77
N SER C 292 37.45 31.07 -14.98
CA SER C 292 38.54 31.04 -14.02
C SER C 292 39.53 32.18 -14.23
N HIS C 293 40.21 32.20 -15.37
CA HIS C 293 41.29 33.14 -15.61
C HIS C 293 41.10 33.81 -16.97
N PHE C 294 41.45 35.09 -17.04
CA PHE C 294 41.18 35.91 -18.22
C PHE C 294 42.48 36.41 -18.81
N ILE C 295 42.66 36.18 -20.10
CA ILE C 295 43.80 36.69 -20.86
C ILE C 295 43.23 37.67 -21.87
N LEU C 296 43.34 38.96 -21.58
CA LEU C 296 42.80 40.00 -22.44
C LEU C 296 43.89 40.45 -23.41
N ALA C 297 43.60 40.37 -24.70
CA ALA C 297 44.54 40.76 -25.74
C ALA C 297 44.30 42.22 -26.13
N ASP C 298 45.36 42.88 -26.56
CA ASP C 298 45.26 44.24 -27.08
C ASP C 298 46.22 44.41 -28.23
N ASN C 299 45.84 45.25 -29.19
CA ASN C 299 46.63 45.42 -30.40
C ASN C 299 46.89 46.90 -30.68
N GLY C 300 45.98 47.76 -30.27
CA GLY C 300 46.10 49.18 -30.53
C GLY C 300 44.81 49.78 -31.04
N THR C 301 44.05 49.00 -31.80
CA THR C 301 42.72 49.40 -32.24
C THR C 301 41.67 48.74 -31.36
N THR C 302 40.49 49.33 -31.32
CA THR C 302 39.44 48.91 -30.41
C THR C 302 38.12 48.79 -31.17
N GLY C 303 37.20 48.03 -30.58
CA GLY C 303 35.89 47.83 -31.18
C GLY C 303 35.88 46.99 -32.44
N LYS C 304 36.96 46.26 -32.71
CA LYS C 304 37.12 45.52 -33.95
C LYS C 304 37.45 44.06 -33.63
N TYR C 305 36.95 43.16 -34.46
CA TYR C 305 37.19 41.73 -34.32
C TYR C 305 38.27 41.26 -35.29
N GLY C 306 38.96 40.18 -34.91
CA GLY C 306 39.92 39.54 -35.79
C GLY C 306 41.36 39.93 -35.55
N ALA C 307 41.80 39.91 -34.29
CA ALA C 307 43.20 40.14 -33.98
C ALA C 307 43.72 39.22 -32.88
N GLU C 308 42.91 38.27 -32.42
CA GLU C 308 43.27 37.38 -31.33
C GLU C 308 43.45 35.93 -31.74
N VAL C 309 43.00 35.54 -32.93
CA VAL C 309 43.15 34.17 -33.38
C VAL C 309 44.63 33.82 -33.55
N LYS C 310 45.44 34.79 -34.00
CA LYS C 310 46.86 34.54 -34.18
C LYS C 310 47.54 34.19 -32.85
N LEU C 311 47.34 35.03 -31.83
CA LEU C 311 47.97 34.78 -30.54
C LEU C 311 47.46 33.50 -29.92
N ARG C 312 46.14 33.27 -30.00
CA ARG C 312 45.56 32.04 -29.47
C ARG C 312 46.17 30.81 -30.12
N ARG C 313 46.23 30.80 -31.46
CA ARG C 313 46.76 29.64 -32.17
C ARG C 313 48.25 29.45 -31.89
N GLN C 314 49.01 30.53 -31.84
CA GLN C 314 50.44 30.40 -31.61
C GLN C 314 50.74 29.93 -30.19
N LEU C 315 49.95 30.40 -29.22
CA LEU C 315 50.11 29.92 -27.85
C LEU C 315 49.76 28.44 -27.76
N GLU C 316 48.72 28.01 -28.47
CA GLU C 316 48.38 26.59 -28.50
C GLU C 316 49.49 25.78 -29.15
N LYS C 317 50.11 26.30 -30.22
CA LYS C 317 51.24 25.63 -30.84
C LYS C 317 52.41 25.50 -29.86
N HIS C 318 52.74 26.59 -29.18
CA HIS C 318 53.89 26.58 -28.28
C HIS C 318 53.66 25.65 -27.10
N ILE C 319 52.44 25.65 -26.54
CA ILE C 319 52.15 24.77 -25.42
C ILE C 319 52.10 23.31 -25.86
N SER C 320 51.54 23.07 -27.05
CA SER C 320 51.38 21.69 -27.53
C SER C 320 52.72 21.01 -27.73
N LEU C 321 53.73 21.76 -28.14
CA LEU C 321 55.05 21.19 -28.37
C LEU C 321 55.80 20.92 -27.08
N GLN C 322 55.29 21.36 -25.93
CA GLN C 322 55.97 21.10 -24.68
C GLN C 322 55.85 19.63 -24.29
N LYS C 323 56.71 19.22 -23.37
CA LYS C 323 56.80 17.83 -22.93
C LYS C 323 56.17 17.68 -21.56
N ILE C 324 55.26 16.72 -21.43
CA ILE C 324 54.67 16.37 -20.15
C ILE C 324 55.53 15.28 -19.51
N ASN C 325 55.34 15.04 -18.21
CA ASN C 325 56.23 14.17 -17.45
C ASN C 325 55.96 12.68 -17.68
N THR C 326 55.17 12.31 -18.68
CA THR C 326 55.01 10.90 -19.00
C THR C 326 56.33 10.32 -19.50
N ARG C 327 56.56 9.06 -19.15
CA ARG C 327 57.82 8.40 -19.47
C ARG C 327 57.80 7.66 -20.80
N ILE C 328 56.67 7.68 -21.50
CA ILE C 328 56.63 7.13 -22.86
C ILE C 328 57.36 8.06 -23.81
N GLY C 329 57.28 9.37 -23.58
CA GLY C 329 57.84 10.33 -24.50
C GLY C 329 56.76 11.04 -25.27
N GLN C 330 55.66 11.36 -24.59
CA GLN C 330 54.51 11.99 -25.23
C GLN C 330 54.42 13.46 -24.86
N GLY C 331 54.11 14.29 -25.84
CA GLY C 331 53.90 15.70 -25.62
C GLY C 331 52.50 15.99 -25.13
N VAL C 332 52.10 17.25 -25.23
CA VAL C 332 50.78 17.68 -24.77
C VAL C 332 49.73 17.24 -25.78
N PRO C 333 48.77 16.40 -25.39
CA PRO C 333 47.67 16.06 -26.31
C PRO C 333 46.66 17.20 -26.39
N VAL C 334 46.20 17.48 -27.61
CA VAL C 334 45.34 18.62 -27.88
C VAL C 334 44.13 18.15 -28.66
N VAL C 335 42.95 18.65 -28.29
CA VAL C 335 41.71 18.38 -28.99
C VAL C 335 40.97 19.70 -29.18
N ALA C 336 40.03 19.69 -30.12
CA ALA C 336 39.22 20.87 -30.41
C ALA C 336 37.77 20.46 -30.59
N LEU C 337 36.86 21.28 -30.07
CA LEU C 337 35.42 21.03 -30.17
C LEU C 337 34.79 22.16 -30.96
N ILE C 338 33.95 21.80 -31.93
CA ILE C 338 33.33 22.76 -32.83
C ILE C 338 31.81 22.64 -32.70
N VAL C 339 31.15 23.77 -32.46
CA VAL C 339 29.70 23.88 -32.49
C VAL C 339 29.35 25.15 -33.26
N GLU C 340 28.35 25.04 -34.15
CA GLU C 340 27.90 26.14 -35.01
C GLU C 340 29.02 26.61 -35.91
N GLY C 341 29.74 27.65 -35.50
CA GLY C 341 30.88 28.12 -36.28
C GLY C 341 30.44 28.87 -37.52
N GLY C 342 31.26 28.79 -38.57
CA GLY C 342 31.00 29.49 -39.80
C GLY C 342 32.02 29.15 -40.86
N PRO C 343 31.99 29.89 -41.97
CA PRO C 343 32.95 29.60 -43.07
C PRO C 343 34.40 29.71 -42.64
N ASN C 344 34.72 30.66 -41.78
CA ASN C 344 36.09 30.78 -41.29
C ASN C 344 36.46 29.61 -40.38
N VAL C 345 35.49 29.09 -39.63
CA VAL C 345 35.72 27.96 -38.75
C VAL C 345 36.17 26.73 -39.55
N ILE C 346 35.70 26.60 -40.79
CA ILE C 346 36.18 25.53 -41.65
C ILE C 346 37.66 25.69 -41.91
N SER C 347 38.11 26.93 -42.17
CA SER C 347 39.54 27.17 -42.37
C SER C 347 40.33 26.88 -41.09
N ILE C 348 39.77 27.24 -39.94
CA ILE C 348 40.47 26.99 -38.67
C ILE C 348 40.62 25.49 -38.43
N VAL C 349 39.55 24.73 -38.64
CA VAL C 349 39.64 23.30 -38.41
C VAL C 349 40.53 22.63 -39.46
N LEU C 350 40.59 23.21 -40.67
CA LEU C 350 41.55 22.72 -41.64
C LEU C 350 42.98 23.00 -41.19
N GLU C 351 43.22 24.17 -40.60
CA GLU C 351 44.52 24.49 -40.02
C GLU C 351 44.89 23.48 -38.94
N TYR C 352 43.91 23.10 -38.11
CA TYR C 352 44.14 22.03 -37.14
C TYR C 352 44.48 20.73 -37.85
N LEU C 353 43.78 20.43 -38.95
CA LEU C 353 44.16 19.30 -39.78
C LEU C 353 45.51 19.54 -40.44
N ARG C 354 45.77 20.76 -40.90
CA ARG C 354 47.02 21.06 -41.61
C ARG C 354 48.23 21.04 -40.70
N ASP C 355 48.05 20.97 -39.39
CA ASP C 355 49.18 20.79 -38.49
C ASP C 355 49.84 19.45 -38.75
N THR C 356 51.17 19.45 -38.77
CA THR C 356 51.90 18.21 -39.06
C THR C 356 51.65 17.14 -37.99
N PRO C 357 51.67 17.44 -36.69
CA PRO C 357 50.97 16.57 -35.74
C PRO C 357 49.51 16.96 -35.66
N PRO C 358 48.67 16.41 -36.54
CA PRO C 358 47.32 16.96 -36.71
C PRO C 358 46.47 16.82 -35.46
N VAL C 359 45.58 17.78 -35.26
CA VAL C 359 44.77 17.88 -34.06
C VAL C 359 43.40 17.25 -34.35
N PRO C 360 43.04 16.13 -33.73
CA PRO C 360 41.70 15.58 -33.93
C PRO C 360 40.63 16.55 -33.41
N VAL C 361 39.50 16.58 -34.10
CA VAL C 361 38.43 17.51 -33.80
C VAL C 361 37.11 16.75 -33.77
N VAL C 362 36.29 17.03 -32.75
CA VAL C 362 34.97 16.45 -32.62
C VAL C 362 33.94 17.49 -33.02
N VAL C 363 32.95 17.09 -33.81
CA VAL C 363 31.94 17.99 -34.34
C VAL C 363 30.57 17.54 -33.84
N CYS C 364 29.76 18.52 -33.42
CA CYS C 364 28.43 18.27 -32.90
C CYS C 364 27.39 18.53 -33.99
N ASP C 365 26.41 17.63 -34.11
CA ASP C 365 25.42 17.71 -35.18
C ASP C 365 24.41 18.83 -34.99
N GLY C 366 24.13 19.24 -33.75
CA GLY C 366 23.07 20.19 -33.49
C GLY C 366 23.44 21.63 -33.79
N SER C 367 24.31 21.83 -34.78
CA SER C 367 24.78 23.16 -35.12
C SER C 367 23.81 23.87 -36.07
N GLY C 368 23.63 23.32 -37.26
CA GLY C 368 22.89 23.97 -38.32
C GLY C 368 23.71 24.92 -39.16
N ARG C 369 24.88 25.33 -38.66
CA ARG C 369 25.75 26.26 -39.35
C ARG C 369 26.77 25.49 -40.19
N ALA C 370 27.85 26.17 -40.60
CA ALA C 370 28.82 25.58 -41.51
C ALA C 370 29.47 24.32 -40.95
N SER C 371 29.50 24.16 -39.62
CA SER C 371 29.97 22.90 -39.06
C SER C 371 28.98 21.77 -39.35
N ASP C 372 27.69 22.07 -39.35
CA ASP C 372 26.72 21.05 -39.67
C ASP C 372 26.82 20.62 -41.13
N ILE C 373 27.34 21.49 -42.01
CA ILE C 373 27.59 21.04 -43.37
C ILE C 373 28.81 20.12 -43.41
N LEU C 374 29.75 20.30 -42.48
CA LEU C 374 30.82 19.33 -42.34
C LEU C 374 30.28 17.98 -41.91
N ALA C 375 29.35 17.97 -40.96
CA ALA C 375 28.69 16.72 -40.56
C ALA C 375 27.88 16.14 -41.72
N PHE C 376 27.23 17.01 -42.49
CA PHE C 376 26.45 16.58 -43.65
C PHE C 376 27.33 15.86 -44.66
N GLY C 377 28.45 16.48 -45.04
CA GLY C 377 29.36 15.89 -46.00
C GLY C 377 30.20 14.76 -45.47
N HIS C 378 30.34 14.64 -44.14
CA HIS C 378 31.16 13.57 -43.58
C HIS C 378 30.59 12.20 -43.89
N LYS C 379 29.28 12.04 -43.75
CA LYS C 379 28.65 10.78 -44.10
C LYS C 379 28.56 10.64 -45.62
N TYR C 380 28.51 9.37 -46.07
CA TYR C 380 28.35 8.98 -47.48
C TYR C 380 29.29 9.73 -48.41
N SER C 381 30.54 9.88 -47.98
CA SER C 381 31.58 10.49 -48.79
C SER C 381 32.72 9.51 -49.00
N GLU C 382 33.64 9.87 -49.89
CA GLU C 382 34.78 9.04 -50.23
C GLU C 382 35.68 8.78 -49.03
N VAL C 397 26.62 15.23 -55.67
CA VAL C 397 26.24 15.79 -54.38
C VAL C 397 26.73 17.22 -54.26
N THR C 398 27.14 17.79 -55.41
CA THR C 398 27.73 19.12 -55.39
C THR C 398 26.68 20.20 -55.18
N ILE C 399 25.48 20.01 -55.73
CA ILE C 399 24.46 21.05 -55.68
C ILE C 399 23.92 21.23 -54.26
N GLN C 400 23.70 20.12 -53.55
CA GLN C 400 22.94 20.16 -52.31
C GLN C 400 23.67 20.89 -51.18
N LYS C 401 24.99 21.06 -51.29
CA LYS C 401 25.73 21.78 -50.26
C LYS C 401 25.35 23.26 -50.22
N THR C 402 25.09 23.85 -51.39
CA THR C 402 24.71 25.26 -51.47
C THR C 402 23.38 25.47 -50.76
N PHE C 403 23.39 26.28 -49.71
CA PHE C 403 22.19 26.62 -48.95
C PHE C 403 22.13 28.10 -48.62
N THR C 404 22.61 28.94 -49.53
CA THR C 404 22.45 30.40 -49.49
C THR C 404 23.07 31.02 -48.23
N TYR C 405 24.05 30.36 -47.63
CA TYR C 405 24.73 30.95 -46.48
C TYR C 405 25.58 32.13 -46.91
N THR C 406 26.40 31.96 -47.95
CA THR C 406 27.30 33.00 -48.43
C THR C 406 27.33 32.95 -49.96
N ARG C 407 26.56 33.85 -50.58
CA ARG C 407 26.52 34.01 -52.04
C ARG C 407 26.15 32.71 -52.74
N THR C 408 25.29 31.91 -52.09
CA THR C 408 24.56 30.76 -52.65
C THR C 408 25.53 29.88 -53.45
N GLN C 409 25.24 29.57 -54.71
CA GLN C 409 26.14 28.82 -55.56
C GLN C 409 27.12 29.72 -56.31
N ALA C 410 26.92 31.03 -56.29
CA ALA C 410 27.87 31.94 -56.93
C ALA C 410 29.24 31.85 -56.29
N GLN C 411 29.28 31.78 -54.96
CA GLN C 411 30.50 31.43 -54.23
C GLN C 411 30.32 30.01 -53.69
N HIS C 412 31.15 29.09 -54.19
CA HIS C 412 31.10 27.70 -53.78
C HIS C 412 32.28 27.45 -52.85
N LEU C 413 32.00 27.42 -51.54
CA LEU C 413 33.00 27.06 -50.54
C LEU C 413 33.09 25.54 -50.44
N PHE C 414 33.32 24.92 -51.58
CA PHE C 414 33.27 23.47 -51.70
C PHE C 414 34.60 22.83 -52.05
N ILE C 415 35.48 23.52 -52.76
CA ILE C 415 36.82 22.99 -53.00
C ILE C 415 37.56 22.82 -51.68
N ILE C 416 37.50 23.84 -50.83
CA ILE C 416 38.14 23.76 -49.53
C ILE C 416 37.46 22.71 -48.65
N LEU C 417 36.13 22.58 -48.78
CA LEU C 417 35.42 21.56 -48.03
C LEU C 417 35.86 20.16 -48.45
N MET C 418 36.06 19.95 -49.76
CA MET C 418 36.56 18.66 -50.22
C MET C 418 37.98 18.41 -49.75
N GLU C 419 38.81 19.46 -49.75
CA GLU C 419 40.18 19.30 -49.26
C GLU C 419 40.19 18.91 -47.78
N CYS C 420 39.30 19.52 -47.00
CA CYS C 420 39.17 19.13 -45.59
C CYS C 420 38.63 17.72 -45.46
N MET C 421 37.65 17.36 -46.28
CA MET C 421 37.04 16.03 -46.24
C MET C 421 38.00 14.95 -46.70
N LYS C 422 39.08 15.33 -47.39
CA LYS C 422 40.11 14.36 -47.72
C LYS C 422 40.72 13.77 -46.45
N LYS C 423 40.97 14.60 -45.45
CA LYS C 423 41.43 14.14 -44.14
C LYS C 423 40.26 13.92 -43.18
N LYS C 424 39.26 13.17 -43.63
CA LYS C 424 38.09 12.89 -42.80
C LYS C 424 38.34 11.77 -41.79
N GLU C 425 39.48 11.09 -41.88
CA GLU C 425 39.74 9.94 -41.01
C GLU C 425 39.82 10.35 -39.54
N LEU C 426 40.50 11.46 -39.26
CA LEU C 426 40.68 11.87 -37.87
C LEU C 426 39.39 12.43 -37.29
N ILE C 427 38.69 13.28 -38.04
CA ILE C 427 37.47 13.90 -37.54
C ILE C 427 36.35 12.86 -37.52
N THR C 428 35.63 12.79 -36.40
CA THR C 428 34.51 11.88 -36.25
C THR C 428 33.30 12.68 -35.81
N VAL C 429 32.13 12.34 -36.36
CA VAL C 429 30.92 13.09 -36.06
C VAL C 429 30.37 12.68 -34.70
N PHE C 430 29.54 13.55 -34.15
CA PHE C 430 28.81 13.27 -32.92
C PHE C 430 27.37 13.71 -33.10
N ARG C 431 26.44 12.81 -32.76
CA ARG C 431 25.02 13.12 -32.92
C ARG C 431 24.21 12.30 -31.93
N MET C 432 22.99 12.75 -31.70
CA MET C 432 22.04 12.07 -30.82
C MET C 432 21.20 11.04 -31.55
N GLY C 433 21.40 10.87 -32.85
CA GLY C 433 20.54 10.00 -33.65
C GLY C 433 21.16 8.66 -34.00
N SER C 434 21.63 8.53 -35.24
CA SER C 434 22.10 7.25 -35.73
C SER C 434 23.34 6.78 -34.98
N GLU C 435 24.29 7.68 -34.73
CA GLU C 435 25.51 7.33 -34.02
C GLU C 435 25.17 6.96 -32.58
N GLY C 436 25.35 5.69 -32.23
CA GLY C 436 25.05 5.22 -30.89
C GLY C 436 26.04 5.63 -29.83
N HIS C 437 27.16 6.23 -30.22
CA HIS C 437 28.13 6.76 -29.27
C HIS C 437 27.73 8.20 -28.90
N GLN C 438 26.58 8.30 -28.23
CA GLN C 438 26.01 9.57 -27.84
C GLN C 438 26.59 10.13 -26.55
N ASP C 439 27.73 9.62 -26.10
CA ASP C 439 28.36 10.08 -24.87
C ASP C 439 29.46 11.07 -25.19
N ILE C 440 29.33 12.30 -24.70
CA ILE C 440 30.30 13.34 -24.98
C ILE C 440 31.67 12.99 -24.41
N ASP C 441 31.70 12.63 -23.13
CA ASP C 441 32.98 12.33 -22.48
C ASP C 441 33.62 11.08 -23.08
N LEU C 442 32.84 10.04 -23.32
CA LEU C 442 33.39 8.82 -23.91
C LEU C 442 33.88 9.07 -25.32
N ALA C 443 33.20 9.96 -26.06
CA ALA C 443 33.61 10.26 -27.43
C ALA C 443 34.99 10.89 -27.48
N ILE C 444 35.27 11.82 -26.57
CA ILE C 444 36.49 12.63 -26.65
C ILE C 444 37.73 11.75 -26.48
N LEU C 445 37.77 10.94 -25.43
CA LEU C 445 38.97 10.16 -25.15
C LEU C 445 39.15 9.05 -26.18
N THR C 446 38.05 8.46 -26.65
CA THR C 446 38.14 7.49 -27.73
C THR C 446 38.69 8.14 -29.00
N ALA C 447 38.22 9.34 -29.33
CA ALA C 447 38.76 10.06 -30.48
C ALA C 447 40.22 10.41 -30.27
N LEU C 448 40.58 10.83 -29.06
CA LEU C 448 41.97 11.18 -28.78
C LEU C 448 42.89 9.99 -28.95
N LEU C 449 42.49 8.83 -28.44
CA LEU C 449 43.33 7.65 -28.61
C LEU C 449 43.27 7.11 -30.03
N LYS C 450 42.13 7.26 -30.70
CA LYS C 450 42.10 6.91 -32.13
C LYS C 450 42.90 7.92 -32.95
N GLY C 451 43.02 9.15 -32.46
CA GLY C 451 43.87 10.14 -33.08
C GLY C 451 45.30 10.13 -32.63
N ALA C 452 45.62 9.29 -31.63
CA ALA C 452 47.01 9.19 -31.17
C ALA C 452 47.89 8.62 -32.27
N ASN C 453 47.42 7.59 -32.98
CA ASN C 453 48.13 6.99 -34.10
C ASN C 453 49.51 6.49 -33.71
N ALA C 454 49.69 6.18 -32.43
CA ALA C 454 50.99 5.82 -31.88
C ALA C 454 50.96 4.38 -31.39
N SER C 455 52.07 3.97 -30.77
CA SER C 455 52.22 2.61 -30.27
C SER C 455 51.30 2.38 -29.07
N ALA C 456 51.01 1.11 -28.82
CA ALA C 456 50.20 0.73 -27.66
C ALA C 456 50.77 1.20 -26.32
N PRO C 457 52.08 1.10 -26.04
CA PRO C 457 52.57 1.63 -24.76
C PRO C 457 52.30 3.11 -24.59
N ASP C 458 52.29 3.88 -25.67
CA ASP C 458 52.03 5.31 -25.57
C ASP C 458 50.60 5.57 -25.11
N GLN C 459 49.63 4.93 -25.76
CA GLN C 459 48.25 5.08 -25.34
C GLN C 459 48.04 4.55 -23.92
N LEU C 460 48.74 3.47 -23.57
CA LEU C 460 48.64 2.94 -22.23
C LEU C 460 49.14 3.94 -21.19
N SER C 461 50.28 4.59 -21.46
CA SER C 461 50.80 5.60 -20.56
C SER C 461 49.86 6.78 -20.46
N LEU C 462 49.26 7.20 -21.58
CA LEU C 462 48.34 8.32 -21.56
C LEU C 462 47.11 8.00 -20.70
N ALA C 463 46.52 6.83 -20.91
CA ALA C 463 45.34 6.46 -20.13
C ALA C 463 45.68 6.29 -18.67
N LEU C 464 46.88 5.77 -18.36
CA LEU C 464 47.32 5.67 -16.99
C LEU C 464 47.47 7.04 -16.35
N ALA C 465 48.02 8.00 -17.10
CA ALA C 465 48.14 9.37 -16.59
C ALA C 465 46.78 9.98 -16.33
N TRP C 466 45.82 9.76 -17.22
CA TRP C 466 44.47 10.26 -17.00
C TRP C 466 43.75 9.55 -15.86
N ASN C 467 44.29 8.42 -15.39
CA ASN C 467 43.65 7.58 -14.38
C ASN C 467 42.24 7.20 -14.81
N ARG C 468 42.12 6.80 -16.07
CA ARG C 468 40.86 6.38 -16.66
C ARG C 468 40.99 4.91 -17.05
N VAL C 469 40.71 4.02 -16.10
CA VAL C 469 40.84 2.60 -16.35
C VAL C 469 39.75 2.10 -17.28
N ASP C 470 38.63 2.82 -17.38
CA ASP C 470 37.53 2.39 -18.24
C ASP C 470 37.96 2.37 -19.71
N ILE C 471 38.67 3.41 -20.16
CA ILE C 471 39.08 3.49 -21.55
C ILE C 471 40.15 2.46 -21.85
N ALA C 472 41.09 2.27 -20.93
CA ALA C 472 42.12 1.26 -21.12
C ALA C 472 41.50 -0.14 -21.20
N ARG C 473 40.50 -0.41 -20.36
CA ARG C 473 39.78 -1.67 -20.45
C ARG C 473 39.07 -1.80 -21.79
N SER C 474 38.43 -0.72 -22.24
CA SER C 474 37.55 -0.78 -23.41
C SER C 474 38.32 -0.65 -24.72
N GLN C 475 39.04 0.46 -24.90
CA GLN C 475 39.66 0.74 -26.18
C GLN C 475 41.08 0.19 -26.29
N ILE C 476 41.90 0.38 -25.26
CA ILE C 476 43.27 -0.11 -25.30
C ILE C 476 43.28 -1.63 -25.31
N PHE C 477 42.52 -2.25 -24.40
CA PHE C 477 42.45 -3.70 -24.36
C PHE C 477 41.33 -4.16 -25.28
N ILE C 478 41.71 -4.76 -26.40
CA ILE C 478 40.79 -5.20 -27.44
C ILE C 478 41.32 -6.50 -28.03
N TYR C 479 40.58 -7.04 -28.99
CA TYR C 479 40.97 -8.27 -29.65
C TYR C 479 42.28 -8.08 -30.42
N GLY C 480 43.16 -9.07 -30.35
CA GLY C 480 44.41 -9.04 -31.08
C GLY C 480 45.30 -7.86 -30.72
N GLN C 481 45.48 -7.62 -29.42
CA GLN C 481 46.21 -6.45 -28.96
C GLN C 481 47.68 -6.46 -29.35
N GLN C 482 48.25 -7.62 -29.66
CA GLN C 482 49.65 -7.82 -30.07
C GLN C 482 50.61 -6.95 -29.27
N TRP C 483 50.60 -7.16 -27.96
CA TRP C 483 51.40 -6.34 -27.07
C TRP C 483 52.88 -6.66 -27.20
N PRO C 484 53.73 -5.69 -27.50
CA PRO C 484 55.18 -5.93 -27.47
C PRO C 484 55.64 -6.28 -26.07
N VAL C 485 56.68 -7.12 -26.02
CA VAL C 485 57.16 -7.63 -24.73
C VAL C 485 57.97 -6.54 -24.02
N GLY C 486 57.84 -6.49 -22.70
CA GLY C 486 58.61 -5.60 -21.87
C GLY C 486 57.95 -4.27 -21.56
N SER C 487 56.95 -3.87 -22.35
CA SER C 487 56.26 -2.62 -22.08
C SER C 487 55.28 -2.77 -20.91
N LEU C 488 54.65 -3.94 -20.79
CA LEU C 488 53.70 -4.15 -19.71
C LEU C 488 54.37 -4.16 -18.35
N GLU C 489 55.57 -4.75 -18.26
CA GLU C 489 56.30 -4.74 -17.00
C GLU C 489 56.66 -3.31 -16.59
N GLN C 490 57.14 -2.52 -17.53
CA GLN C 490 57.45 -1.12 -17.25
C GLN C 490 56.20 -0.36 -16.84
N ALA C 491 55.08 -0.65 -17.52
CA ALA C 491 53.82 0.03 -17.19
C ALA C 491 53.37 -0.32 -15.78
N MET C 492 53.47 -1.59 -15.39
CA MET C 492 53.12 -1.99 -14.03
C MET C 492 54.03 -1.31 -13.01
N LEU C 493 55.33 -1.28 -13.29
CA LEU C 493 56.27 -0.64 -12.36
C LEU C 493 55.96 0.83 -12.18
N ASP C 494 55.63 1.52 -13.28
CA ASP C 494 55.32 2.95 -13.19
C ASP C 494 53.97 3.17 -12.52
N ALA C 495 53.00 2.28 -12.76
CA ALA C 495 51.67 2.44 -12.17
C ALA C 495 51.70 2.22 -10.67
N LEU C 496 52.60 1.35 -10.19
CA LEU C 496 52.71 1.10 -8.75
C LEU C 496 53.01 2.38 -7.99
N VAL C 497 53.96 3.17 -8.50
CA VAL C 497 54.31 4.41 -7.82
C VAL C 497 53.26 5.48 -8.02
N LEU C 498 52.37 5.31 -9.00
CA LEU C 498 51.34 6.30 -9.28
C LEU C 498 50.06 6.10 -8.49
N ASP C 499 49.97 5.00 -7.73
CA ASP C 499 48.81 4.69 -6.90
C ASP C 499 47.53 4.63 -7.74
N ARG C 500 47.55 3.72 -8.71
CA ARG C 500 46.42 3.48 -9.61
C ARG C 500 46.00 2.02 -9.45
N VAL C 501 45.11 1.77 -8.48
CA VAL C 501 44.77 0.40 -8.11
C VAL C 501 44.08 -0.33 -9.25
N ASP C 502 43.15 0.34 -9.93
CA ASP C 502 42.37 -0.32 -10.98
C ASP C 502 43.27 -0.78 -12.12
N PHE C 503 44.23 0.07 -12.53
CA PHE C 503 45.16 -0.33 -13.57
C PHE C 503 46.00 -1.52 -13.14
N VAL C 504 46.43 -1.53 -11.87
CA VAL C 504 47.24 -2.64 -11.36
C VAL C 504 46.43 -3.92 -11.41
N LYS C 505 45.17 -3.87 -10.98
CA LYS C 505 44.31 -5.04 -11.02
C LYS C 505 44.12 -5.53 -12.45
N LEU C 506 43.86 -4.62 -13.37
CA LEU C 506 43.64 -5.01 -14.77
C LEU C 506 44.89 -5.65 -15.38
N LEU C 507 46.06 -5.04 -15.16
CA LEU C 507 47.27 -5.57 -15.74
C LEU C 507 47.68 -6.88 -15.09
N ILE C 508 47.41 -7.05 -13.80
CA ILE C 508 47.63 -8.35 -13.16
C ILE C 508 46.74 -9.39 -13.80
N GLU C 509 45.47 -9.06 -14.02
CA GLU C 509 44.59 -9.96 -14.76
C GLU C 509 44.99 -10.09 -16.22
N ASN C 510 45.89 -9.24 -16.72
CA ASN C 510 46.34 -9.30 -18.10
C ASN C 510 47.68 -10.01 -18.24
N GLY C 511 47.92 -11.03 -17.41
CA GLY C 511 49.05 -11.91 -17.58
C GLY C 511 50.24 -11.60 -16.70
N VAL C 512 50.33 -10.39 -16.15
CA VAL C 512 51.50 -9.99 -15.39
C VAL C 512 51.43 -10.62 -14.00
N SER C 513 52.48 -11.34 -13.62
CA SER C 513 52.60 -11.95 -12.31
C SER C 513 53.60 -11.17 -11.47
N MET C 514 53.17 -10.74 -10.28
CA MET C 514 54.06 -10.04 -9.38
C MET C 514 55.21 -10.93 -8.91
N HIS C 515 55.07 -12.25 -9.03
CA HIS C 515 56.15 -13.15 -8.65
C HIS C 515 57.38 -12.94 -9.55
N ARG C 516 57.14 -12.82 -10.86
CA ARG C 516 58.25 -12.68 -11.80
C ARG C 516 58.47 -11.26 -12.27
N PHE C 517 57.42 -10.43 -12.31
CA PHE C 517 57.60 -9.04 -12.71
C PHE C 517 58.50 -8.29 -11.73
N LEU C 518 58.31 -8.54 -10.44
CA LEU C 518 59.05 -7.80 -9.42
C LEU C 518 60.53 -8.13 -9.45
N THR C 519 61.35 -7.11 -9.23
CA THR C 519 62.78 -7.28 -9.01
C THR C 519 63.17 -6.58 -7.72
N ILE C 520 64.29 -7.04 -7.13
CA ILE C 520 64.79 -6.41 -5.92
C ILE C 520 65.18 -4.97 -6.20
N SER C 521 65.77 -4.71 -7.38
CA SER C 521 66.03 -3.34 -7.79
C SER C 521 64.72 -2.58 -7.98
N ARG C 522 63.71 -3.24 -8.55
CA ARG C 522 62.39 -2.63 -8.64
C ARG C 522 61.84 -2.30 -7.26
N LEU C 523 62.07 -3.19 -6.30
CA LEU C 523 61.64 -2.92 -4.93
C LEU C 523 62.36 -1.69 -4.35
N GLU C 524 63.67 -1.60 -4.59
CA GLU C 524 64.43 -0.44 -4.13
C GLU C 524 63.88 0.85 -4.73
N GLU C 525 63.57 0.83 -6.02
CA GLU C 525 62.96 2.00 -6.64
C GLU C 525 61.59 2.30 -6.04
N LEU C 526 60.80 1.25 -5.77
CA LEU C 526 59.49 1.42 -5.17
C LEU C 526 59.57 2.04 -3.79
N TYR C 527 60.68 1.85 -3.09
CA TYR C 527 60.90 2.53 -1.82
C TYR C 527 61.61 3.87 -1.98
N ASN C 528 61.82 4.32 -3.22
CA ASN C 528 62.52 5.59 -3.46
C ASN C 528 61.72 6.52 -4.37
N THR C 529 60.44 6.24 -4.58
CA THR C 529 59.63 7.07 -5.46
C THR C 529 59.05 8.27 -4.71
N ARG C 530 58.52 9.22 -5.47
CA ARG C 530 57.99 10.45 -4.90
C ARG C 530 56.58 10.80 -5.39
N HIS C 531 56.07 10.13 -6.42
CA HIS C 531 54.82 10.52 -7.06
C HIS C 531 53.61 10.00 -6.29
N GLY C 532 53.49 10.44 -5.05
CA GLY C 532 52.42 10.02 -4.19
C GLY C 532 52.18 11.00 -3.06
N PRO C 533 51.25 10.66 -2.17
CA PRO C 533 50.93 11.57 -1.05
C PRO C 533 52.02 11.56 0.02
N SER C 534 51.76 12.25 1.12
CA SER C 534 52.74 12.32 2.20
C SER C 534 52.90 10.95 2.87
N ASN C 535 54.04 10.79 3.54
CA ASN C 535 54.34 9.56 4.27
C ASN C 535 55.41 9.87 5.30
N THR C 536 55.52 9.00 6.30
CA THR C 536 56.48 9.16 7.37
C THR C 536 57.72 8.30 7.20
N LEU C 537 57.84 7.62 6.05
CA LEU C 537 58.81 6.55 5.89
C LEU C 537 60.23 7.03 6.14
N TYR C 538 60.71 7.97 5.31
CA TYR C 538 62.09 8.43 5.42
C TYR C 538 62.35 9.09 6.77
N HIS C 539 61.32 9.70 7.36
CA HIS C 539 61.45 10.24 8.71
C HIS C 539 61.73 9.13 9.71
N LEU C 540 61.00 8.02 9.61
CA LEU C 540 61.25 6.88 10.49
C LEU C 540 62.63 6.30 10.25
N VAL C 541 63.08 6.27 8.99
CA VAL C 541 64.42 5.78 8.69
C VAL C 541 65.47 6.69 9.33
N ARG C 542 65.25 8.00 9.28
CA ARG C 542 66.13 8.95 9.95
C ARG C 542 66.17 8.70 11.44
N ASP C 543 64.99 8.44 12.04
CA ASP C 543 64.94 8.20 13.48
C ASP C 543 65.68 6.92 13.88
N VAL C 544 65.44 5.83 13.15
CA VAL C 544 66.07 4.55 13.50
C VAL C 544 67.56 4.59 13.21
N LYS C 545 67.95 5.10 12.03
CA LYS C 545 69.34 5.21 11.67
C LYS C 545 70.01 6.44 12.26
N LYS C 546 69.40 7.04 13.28
CA LYS C 546 69.95 8.15 14.06
C LYS C 546 70.18 9.40 13.21
N GLY C 547 69.64 9.45 12.01
CA GLY C 547 69.90 10.57 11.11
C GLY C 547 71.30 10.57 10.53
N ASN C 548 72.03 9.48 10.66
CA ASN C 548 73.38 9.39 10.13
C ASN C 548 73.43 9.36 8.61
N LEU C 549 72.31 9.01 7.97
CA LEU C 549 72.28 8.91 6.52
C LEU C 549 72.40 10.29 5.88
N PRO C 550 72.95 10.36 4.66
CA PRO C 550 73.03 11.65 3.95
C PRO C 550 71.64 12.14 3.57
N PRO C 551 71.49 13.44 3.32
CA PRO C 551 70.19 13.95 2.85
C PRO C 551 69.80 13.30 1.53
N ASP C 552 68.54 12.92 1.43
CA ASP C 552 68.00 12.21 0.27
C ASP C 552 68.81 10.95 -0.02
N TYR C 553 69.09 10.20 1.04
CA TYR C 553 69.89 8.99 0.93
C TYR C 553 69.15 7.93 0.13
N ARG C 554 69.87 7.24 -0.74
CA ARG C 554 69.30 6.17 -1.55
C ARG C 554 68.91 5.01 -0.63
N ILE C 555 67.62 4.90 -0.36
CA ILE C 555 67.13 4.00 0.69
C ILE C 555 67.32 2.56 0.25
N SER C 556 68.28 1.87 0.86
CA SER C 556 68.46 0.44 0.62
C SER C 556 67.38 -0.35 1.35
N LEU C 557 67.43 -1.66 1.17
CA LEU C 557 66.46 -2.53 1.82
C LEU C 557 66.95 -3.02 3.17
N ILE C 558 68.25 -2.91 3.45
CA ILE C 558 68.74 -3.20 4.80
C ILE C 558 68.17 -2.20 5.79
N ASP C 559 68.10 -0.93 5.40
CA ASP C 559 67.43 0.07 6.22
C ASP C 559 65.95 -0.27 6.39
N ILE C 560 65.33 -0.82 5.35
CA ILE C 560 63.94 -1.25 5.45
C ILE C 560 63.81 -2.32 6.52
N GLY C 561 64.70 -3.31 6.50
CA GLY C 561 64.65 -4.36 7.50
C GLY C 561 64.88 -3.85 8.92
N LEU C 562 65.83 -2.91 9.07
CA LEU C 562 66.10 -2.36 10.39
C LEU C 562 64.90 -1.56 10.91
N VAL C 563 64.27 -0.77 10.03
CA VAL C 563 63.07 -0.04 10.43
C VAL C 563 61.97 -1.02 10.81
N ILE C 564 61.84 -2.11 10.06
CA ILE C 564 60.83 -3.13 10.38
C ILE C 564 61.08 -3.72 11.76
N GLU C 565 62.35 -4.04 12.05
CA GLU C 565 62.67 -4.63 13.34
C GLU C 565 62.43 -3.64 14.47
N TYR C 566 62.70 -2.35 14.24
CA TYR C 566 62.37 -1.36 15.25
C TYR C 566 60.87 -1.24 15.44
N LEU C 567 60.10 -1.38 14.37
CA LEU C 567 58.65 -1.28 14.46
C LEU C 567 58.08 -2.45 15.25
N MET C 568 58.29 -3.67 14.76
CA MET C 568 57.74 -4.85 15.42
C MET C 568 58.36 -5.05 16.80
N GLY C 569 59.66 -4.85 16.91
CA GLY C 569 60.37 -5.03 18.15
C GLY C 569 61.56 -5.93 17.95
N GLY C 570 62.43 -5.96 18.97
CA GLY C 570 63.62 -6.79 18.89
C GLY C 570 63.30 -8.27 18.92
N ALA C 571 62.19 -8.64 19.56
CA ALA C 571 61.75 -10.02 19.54
C ALA C 571 61.47 -10.51 18.13
N TYR C 572 61.01 -9.64 17.24
CA TYR C 572 60.85 -9.97 15.84
C TYR C 572 62.17 -9.72 15.11
N ARG C 573 62.67 -10.77 14.47
CA ARG C 573 63.89 -10.69 13.68
C ARG C 573 63.51 -10.67 12.21
N CYS C 574 63.85 -9.59 11.52
CA CYS C 574 63.34 -9.37 10.17
C CYS C 574 63.99 -10.30 9.16
N ASN C 575 63.30 -10.47 8.03
CA ASN C 575 63.85 -11.22 6.91
C ASN C 575 65.09 -10.55 6.35
N TYR C 576 65.10 -9.22 6.29
CA TYR C 576 66.21 -8.51 5.67
C TYR C 576 67.48 -8.56 6.52
N THR C 577 67.36 -8.87 7.80
CA THR C 577 68.51 -8.97 8.68
C THR C 577 69.19 -10.34 8.59
N ARG C 578 68.86 -11.14 7.59
CA ARG C 578 69.53 -12.41 7.38
C ARG C 578 70.88 -12.21 6.71
N LYS C 579 71.89 -12.94 7.20
CA LYS C 579 73.21 -12.83 6.62
C LYS C 579 73.23 -13.30 5.17
N ARG C 580 72.36 -14.26 4.82
CA ARG C 580 72.21 -14.64 3.42
C ARG C 580 71.71 -13.46 2.60
N PHE C 581 70.72 -12.74 3.11
CA PHE C 581 70.21 -11.56 2.42
C PHE C 581 71.27 -10.47 2.35
N ARG C 582 72.02 -10.26 3.44
CA ARG C 582 73.03 -9.21 3.46
C ARG C 582 74.16 -9.55 2.50
N THR C 583 74.48 -10.83 2.33
CA THR C 583 75.51 -11.21 1.37
C THR C 583 75.01 -11.10 -0.06
N LEU C 584 73.74 -11.45 -0.28
CA LEU C 584 73.16 -11.27 -1.61
C LEU C 584 73.19 -9.81 -2.02
N TYR C 585 72.82 -8.92 -1.09
CA TYR C 585 72.97 -7.49 -1.34
C TYR C 585 74.43 -7.13 -1.55
N HIS C 586 75.33 -7.73 -0.75
CA HIS C 586 76.76 -7.56 -0.96
C HIS C 586 77.20 -8.14 -2.29
N ASN C 587 76.50 -9.17 -2.78
CA ASN C 587 76.74 -9.68 -4.12
C ASN C 587 76.03 -8.86 -5.19
N LEU C 588 75.29 -7.83 -4.79
CA LEU C 588 74.65 -6.92 -5.75
C LEU C 588 75.46 -5.64 -5.92
N ASN C 632 67.20 -12.46 -6.17
CA ASN C 632 66.84 -13.42 -7.21
C ASN C 632 65.33 -13.44 -7.39
N HIS C 633 64.64 -14.04 -6.42
CA HIS C 633 63.19 -14.16 -6.49
C HIS C 633 62.62 -14.32 -5.08
N PHE C 634 61.32 -14.07 -4.97
CA PHE C 634 60.61 -14.24 -3.71
C PHE C 634 59.45 -15.21 -3.93
N PRO C 635 59.42 -16.34 -3.23
CA PRO C 635 58.28 -17.27 -3.38
C PRO C 635 56.97 -16.66 -2.95
N PHE C 636 56.98 -15.67 -2.07
CA PHE C 636 55.77 -14.99 -1.61
C PHE C 636 55.99 -13.49 -1.76
N PRO C 637 55.87 -12.97 -2.98
CA PRO C 637 56.08 -11.52 -3.19
C PRO C 637 55.08 -10.66 -2.44
N PHE C 638 53.85 -11.15 -2.24
CA PHE C 638 52.81 -10.34 -1.62
C PHE C 638 53.16 -9.91 -0.21
N HIS C 639 54.04 -10.64 0.48
CA HIS C 639 54.52 -10.19 1.78
C HIS C 639 55.22 -8.84 1.65
N GLU C 640 56.19 -8.75 0.75
CA GLU C 640 56.89 -7.50 0.53
C GLU C 640 55.98 -6.45 -0.07
N LEU C 641 55.00 -6.88 -0.89
CA LEU C 641 54.02 -5.93 -1.41
C LEU C 641 53.22 -5.29 -0.29
N MET C 642 52.78 -6.10 0.66
CA MET C 642 52.05 -5.57 1.82
C MET C 642 52.95 -4.67 2.66
N VAL C 643 54.23 -5.04 2.79
CA VAL C 643 55.17 -4.20 3.51
C VAL C 643 55.26 -2.82 2.86
N TRP C 644 55.44 -2.79 1.54
CA TRP C 644 55.54 -1.52 0.83
C TRP C 644 54.25 -0.72 0.94
N ALA C 645 53.11 -1.38 0.81
CA ALA C 645 51.83 -0.68 0.85
C ALA C 645 51.58 -0.06 2.23
N VAL C 646 51.89 -0.80 3.30
CA VAL C 646 51.69 -0.28 4.64
C VAL C 646 52.68 0.83 4.93
N LEU C 647 53.96 0.60 4.66
CA LEU C 647 54.99 1.57 5.02
C LEU C 647 54.79 2.89 4.28
N MET C 648 54.53 2.83 2.98
CA MET C 648 54.31 4.04 2.20
C MET C 648 52.94 4.66 2.46
N LYS C 649 52.09 3.99 3.23
CA LYS C 649 50.76 4.47 3.59
C LYS C 649 49.91 4.72 2.35
N ARG C 650 49.69 3.65 1.59
CA ARG C 650 48.71 3.62 0.53
C ARG C 650 47.66 2.59 0.97
N GLN C 651 46.69 3.06 1.75
CA GLN C 651 45.77 2.15 2.44
C GLN C 651 44.90 1.39 1.46
N LYS C 652 44.44 2.04 0.41
CA LYS C 652 43.63 1.36 -0.60
C LYS C 652 44.42 0.25 -1.29
N MET C 653 45.69 0.53 -1.61
CA MET C 653 46.54 -0.50 -2.21
C MET C 653 46.78 -1.64 -1.23
N ALA C 654 46.96 -1.32 0.05
CA ALA C 654 47.12 -2.37 1.05
C ALA C 654 45.87 -3.24 1.14
N LEU C 655 44.69 -2.61 1.10
CA LEU C 655 43.45 -3.36 1.11
C LEU C 655 43.36 -4.30 -0.08
N PHE C 656 43.75 -3.81 -1.26
CA PHE C 656 43.76 -4.66 -2.44
C PHE C 656 44.71 -5.83 -2.27
N PHE C 657 45.96 -5.55 -1.88
CA PHE C 657 46.98 -6.58 -1.82
C PHE C 657 46.75 -7.60 -0.72
N TRP C 658 46.04 -7.22 0.34
CA TRP C 658 45.86 -8.12 1.46
C TRP C 658 45.05 -9.36 1.10
N GLN C 659 44.06 -9.22 0.22
CA GLN C 659 43.17 -10.34 -0.06
C GLN C 659 43.82 -11.42 -0.92
N HIS C 660 44.97 -11.14 -1.52
CA HIS C 660 45.68 -12.13 -2.32
C HIS C 660 46.77 -12.78 -1.47
N GLY C 661 47.48 -13.73 -2.07
CA GLY C 661 48.59 -14.37 -1.41
C GLY C 661 48.17 -15.35 -0.34
N GLU C 662 49.06 -15.59 0.62
CA GLU C 662 48.86 -16.59 1.66
C GLU C 662 49.14 -15.97 3.02
N GLU C 663 48.75 -16.69 4.08
CA GLU C 663 48.92 -16.25 5.47
C GLU C 663 48.26 -14.90 5.71
N ALA C 664 47.08 -14.71 5.12
CA ALA C 664 46.44 -13.39 5.11
C ALA C 664 46.11 -12.90 6.51
N MET C 665 45.79 -13.81 7.44
CA MET C 665 45.48 -13.38 8.80
C MET C 665 46.74 -12.93 9.53
N ALA C 666 47.85 -13.63 9.32
CA ALA C 666 49.12 -13.16 9.85
C ALA C 666 49.48 -11.80 9.26
N LYS C 667 49.24 -11.62 7.96
CA LYS C 667 49.45 -10.33 7.34
C LYS C 667 48.58 -9.27 7.99
N ALA C 668 47.32 -9.59 8.28
CA ALA C 668 46.42 -8.62 8.89
C ALA C 668 46.90 -8.22 10.28
N LEU C 669 47.31 -9.19 11.08
CA LEU C 669 47.80 -8.88 12.43
C LEU C 669 49.06 -8.03 12.37
N VAL C 670 50.00 -8.41 11.50
CA VAL C 670 51.24 -7.64 11.39
C VAL C 670 50.95 -6.22 10.90
N ALA C 671 50.03 -6.09 9.94
CA ALA C 671 49.68 -4.78 9.42
C ALA C 671 49.01 -3.92 10.49
N CYS C 672 48.15 -4.52 11.31
CA CYS C 672 47.53 -3.77 12.39
C CYS C 672 48.58 -3.30 13.40
N LYS C 673 49.53 -4.18 13.72
CA LYS C 673 50.62 -3.80 14.62
C LYS C 673 51.44 -2.64 14.04
N LEU C 674 51.76 -2.72 12.75
CA LEU C 674 52.55 -1.67 12.12
C LEU C 674 51.77 -0.36 12.06
N CYS C 675 50.47 -0.42 11.78
CA CYS C 675 49.65 0.80 11.74
C CYS C 675 49.55 1.42 13.12
N LYS C 676 49.42 0.61 14.17
CA LYS C 676 49.43 1.15 15.52
C LYS C 676 50.76 1.82 15.83
N ALA C 677 51.88 1.19 15.44
CA ALA C 677 53.19 1.77 15.68
C ALA C 677 53.34 3.09 14.93
N MET C 678 52.89 3.14 13.68
CA MET C 678 52.99 4.37 12.89
C MET C 678 52.14 5.46 13.50
N ALA C 679 50.93 5.12 13.96
CA ALA C 679 50.08 6.10 14.64
C ALA C 679 50.76 6.64 15.89
N HIS C 680 51.37 5.74 16.67
CA HIS C 680 52.06 6.17 17.88
C HIS C 680 53.22 7.10 17.56
N GLU C 681 54.01 6.78 16.53
CA GLU C 681 55.15 7.61 16.17
C GLU C 681 54.70 8.95 15.62
N ALA C 682 53.60 8.97 14.87
CA ALA C 682 53.06 10.25 14.39
C ALA C 682 52.56 11.10 15.55
N SER C 683 51.92 10.47 16.54
CA SER C 683 51.47 11.22 17.72
C SER C 683 52.66 11.78 18.49
N GLU C 684 53.72 10.99 18.65
CA GLU C 684 54.86 11.42 19.45
C GLU C 684 55.60 12.57 18.79
N ASN C 685 55.76 12.54 17.47
CA ASN C 685 56.71 13.40 16.77
C ASN C 685 56.06 14.68 16.25
N ASP C 686 55.09 15.23 16.99
CA ASP C 686 54.39 16.48 16.68
C ASP C 686 54.07 16.62 15.20
N MET C 687 53.43 15.59 14.66
CA MET C 687 53.09 15.55 13.24
C MET C 687 51.85 16.40 12.98
N VAL C 688 51.21 16.19 11.82
CA VAL C 688 49.99 16.91 11.50
C VAL C 688 48.83 16.49 12.38
N ASP C 689 48.99 15.44 13.18
CA ASP C 689 48.08 15.01 14.25
C ASP C 689 46.79 14.41 13.71
N ASP C 690 46.58 14.46 12.40
CA ASP C 690 45.48 13.73 11.77
C ASP C 690 45.95 12.41 11.19
N ILE C 691 47.22 12.33 10.80
CA ILE C 691 47.79 11.08 10.34
C ILE C 691 47.71 10.03 11.43
N SER C 692 47.90 10.43 12.69
CA SER C 692 47.84 9.49 13.80
C SER C 692 46.47 8.84 13.90
N GLN C 693 45.41 9.65 13.90
CA GLN C 693 44.08 9.07 14.02
C GLN C 693 43.65 8.34 12.76
N GLU C 694 44.12 8.77 11.59
CA GLU C 694 43.85 8.01 10.37
C GLU C 694 44.51 6.64 10.41
N LEU C 695 45.74 6.57 10.90
CA LEU C 695 46.41 5.28 11.05
C LEU C 695 45.72 4.43 12.10
N ASN C 696 45.18 5.06 13.15
CA ASN C 696 44.38 4.31 14.12
C ASN C 696 43.13 3.75 13.48
N HIS C 697 42.48 4.54 12.61
CA HIS C 697 41.34 4.03 11.86
C HIS C 697 41.73 2.83 11.02
N ASN C 698 42.86 2.91 10.32
CA ASN C 698 43.31 1.81 9.50
C ASN C 698 43.63 0.57 10.33
N SER C 699 44.26 0.77 11.49
CA SER C 699 44.55 -0.35 12.37
C SER C 699 43.25 -1.01 12.87
N ARG C 700 42.25 -0.19 13.20
CA ARG C 700 40.96 -0.75 13.58
C ARG C 700 40.34 -1.53 12.44
N ASP C 701 40.47 -1.03 11.21
CA ASP C 701 39.96 -1.76 10.05
C ASP C 701 40.63 -3.12 9.93
N PHE C 702 41.95 -3.16 10.08
CA PHE C 702 42.67 -4.42 9.97
C PHE C 702 42.27 -5.38 11.08
N GLY C 703 42.14 -4.87 12.30
CA GLY C 703 41.71 -5.72 13.40
C GLY C 703 40.31 -6.27 13.20
N GLN C 704 39.39 -5.41 12.74
CA GLN C 704 38.03 -5.86 12.46
C GLN C 704 38.02 -6.93 11.37
N LEU C 705 38.81 -6.73 10.32
CA LEU C 705 38.88 -7.73 9.26
C LEU C 705 39.43 -9.04 9.77
N ALA C 706 40.47 -8.98 10.60
CA ALA C 706 41.04 -10.21 11.17
C ALA C 706 40.02 -10.92 12.04
N VAL C 707 39.27 -10.18 12.84
CA VAL C 707 38.26 -10.79 13.71
C VAL C 707 37.18 -11.46 12.87
N GLU C 708 36.69 -10.76 11.84
CA GLU C 708 35.64 -11.33 11.00
C GLU C 708 36.13 -12.57 10.27
N LEU C 709 37.36 -12.54 9.75
CA LEU C 709 37.91 -13.70 9.07
C LEU C 709 38.07 -14.87 10.03
N LEU C 710 38.54 -14.59 11.25
CA LEU C 710 38.65 -15.64 12.25
C LEU C 710 37.30 -16.26 12.58
N ASP C 711 36.27 -15.43 12.73
CA ASP C 711 34.95 -15.94 13.04
C ASP C 711 34.40 -16.79 11.90
N GLN C 712 34.60 -16.35 10.66
CA GLN C 712 34.17 -17.14 9.51
C GLN C 712 34.90 -18.48 9.46
N SER C 713 36.21 -18.46 9.70
CA SER C 713 36.99 -19.70 9.69
C SER C 713 36.50 -20.66 10.77
N TYR C 714 36.22 -20.13 11.97
CA TYR C 714 35.68 -20.98 13.02
C TYR C 714 34.32 -21.55 12.63
N LYS C 715 33.49 -20.73 11.99
CA LYS C 715 32.19 -21.21 11.51
C LYS C 715 32.36 -22.29 10.45
N GLN C 716 33.51 -22.31 9.77
CA GLN C 716 33.76 -23.41 8.83
C GLN C 716 34.33 -24.63 9.54
N ASP C 717 35.30 -24.44 10.43
CA ASP C 717 35.93 -25.56 11.13
C ASP C 717 36.71 -25.02 12.32
N GLU C 718 37.10 -25.93 13.21
CA GLU C 718 37.77 -25.56 14.45
C GLU C 718 39.21 -26.02 14.52
N GLN C 719 39.45 -27.33 14.36
CA GLN C 719 40.77 -27.90 14.64
C GLN C 719 41.82 -27.37 13.67
N LEU C 720 41.46 -27.31 12.38
CA LEU C 720 42.38 -26.78 11.39
C LEU C 720 42.69 -25.32 11.64
N ALA C 721 41.69 -24.55 12.08
CA ALA C 721 41.91 -23.15 12.41
C ALA C 721 42.85 -23.01 13.60
N MET C 722 42.68 -23.85 14.63
CA MET C 722 43.57 -23.80 15.78
C MET C 722 45.00 -24.16 15.39
N LYS C 723 45.16 -25.18 14.55
CA LYS C 723 46.50 -25.50 14.04
C LYS C 723 47.05 -24.34 13.22
N LEU C 724 46.17 -23.62 12.51
CA LEU C 724 46.61 -22.44 11.78
C LEU C 724 47.09 -21.35 12.73
N LEU C 725 46.46 -21.22 13.90
CA LEU C 725 46.86 -20.19 14.84
C LEU C 725 48.19 -20.48 15.52
N THR C 726 48.75 -21.67 15.36
CA THR C 726 49.84 -22.13 16.20
C THR C 726 51.09 -22.57 15.47
N TYR C 727 51.14 -22.51 14.14
CA TYR C 727 52.32 -23.03 13.48
C TYR C 727 53.38 -21.94 13.30
N GLU C 728 54.62 -22.38 13.10
CA GLU C 728 55.76 -21.49 13.01
C GLU C 728 55.68 -20.64 11.74
N LEU C 729 56.20 -19.42 11.82
CA LEU C 729 56.14 -18.46 10.73
C LEU C 729 57.56 -18.08 10.32
N LYS C 730 58.15 -18.85 9.40
CA LYS C 730 59.41 -18.44 8.81
C LYS C 730 59.28 -17.11 8.08
N ASN C 731 58.08 -16.78 7.62
CA ASN C 731 57.81 -15.50 6.99
C ASN C 731 57.65 -14.37 8.00
N TRP C 732 57.46 -14.69 9.28
CA TRP C 732 57.18 -13.67 10.29
C TRP C 732 57.98 -13.94 11.56
N SER C 733 59.26 -14.29 11.41
CA SER C 733 60.20 -14.40 12.52
C SER C 733 59.77 -15.44 13.56
N ASN C 734 59.11 -16.51 13.09
CA ASN C 734 58.78 -17.66 13.91
C ASN C 734 57.92 -17.28 15.11
N ALA C 735 56.71 -16.80 14.83
CA ALA C 735 55.78 -16.38 15.85
C ALA C 735 54.47 -17.15 15.71
N THR C 736 53.49 -16.77 16.53
CA THR C 736 52.14 -17.27 16.43
C THR C 736 51.17 -16.09 16.33
N CYS C 737 49.98 -16.38 15.80
CA CYS C 737 48.96 -15.34 15.67
C CYS C 737 48.59 -14.78 17.04
N LEU C 738 48.56 -15.63 18.06
CA LEU C 738 48.30 -15.16 19.41
C LEU C 738 49.42 -14.25 19.89
N GLN C 739 50.67 -14.58 19.55
CA GLN C 739 51.78 -13.71 19.89
C GLN C 739 51.67 -12.37 19.18
N LEU C 740 51.22 -12.38 17.93
CA LEU C 740 50.98 -11.14 17.21
C LEU C 740 49.91 -10.30 17.91
N ALA C 741 48.81 -10.94 18.31
CA ALA C 741 47.76 -10.24 19.03
C ALA C 741 48.27 -9.69 20.35
N VAL C 742 49.20 -10.41 20.98
CA VAL C 742 49.85 -9.90 22.18
C VAL C 742 50.61 -8.62 21.87
N ALA C 743 51.39 -8.63 20.78
CA ALA C 743 52.05 -7.41 20.35
C ALA C 743 51.04 -6.36 19.88
N ALA C 744 49.87 -6.81 19.42
CA ALA C 744 48.86 -5.90 18.90
C ALA C 744 47.84 -5.46 19.94
N LYS C 745 47.75 -6.17 21.06
CA LYS C 745 46.80 -5.86 22.14
C LYS C 745 45.36 -5.88 21.64
N HIS C 746 45.04 -6.88 20.81
CA HIS C 746 43.72 -6.98 20.18
C HIS C 746 42.83 -7.83 21.08
N ARG C 747 41.95 -7.17 21.85
CA ARG C 747 41.08 -7.89 22.76
C ARG C 747 40.05 -8.73 22.02
N ASP C 748 39.37 -8.12 21.05
CA ASP C 748 38.26 -8.80 20.38
C ASP C 748 38.72 -10.03 19.62
N PHE C 749 39.94 -9.98 19.07
CA PHE C 749 40.51 -11.18 18.46
C PHE C 749 40.68 -12.28 19.50
N ILE C 750 41.21 -11.91 20.67
CA ILE C 750 41.31 -12.87 21.78
C ILE C 750 39.94 -13.21 22.31
N ALA C 751 39.01 -12.26 22.29
CA ALA C 751 37.69 -12.47 22.87
C ALA C 751 36.86 -13.51 22.12
N HIS C 752 37.29 -13.94 20.94
CA HIS C 752 36.52 -14.90 20.18
C HIS C 752 36.56 -16.27 20.85
N THR C 753 35.55 -17.09 20.55
CA THR C 753 35.42 -18.41 21.16
C THR C 753 36.61 -19.29 20.82
N CYS C 754 37.04 -19.27 19.56
CA CYS C 754 38.13 -20.13 19.13
C CYS C 754 39.42 -19.80 19.86
N SER C 755 39.69 -18.51 20.06
CA SER C 755 40.85 -18.10 20.83
C SER C 755 40.77 -18.61 22.27
N GLN C 756 39.57 -18.56 22.85
CA GLN C 756 39.38 -19.07 24.21
C GLN C 756 39.69 -20.56 24.30
N MET C 757 38.95 -21.37 23.56
CA MET C 757 39.03 -22.82 23.69
C MET C 757 40.37 -23.39 23.22
N LEU C 758 41.18 -22.61 22.52
CA LEU C 758 42.50 -23.08 22.14
C LEU C 758 43.41 -23.17 23.35
N LEU C 759 43.43 -22.11 24.17
CA LEU C 759 44.35 -22.07 25.32
C LEU C 759 44.03 -23.14 26.35
N THR C 760 42.77 -23.57 26.44
CA THR C 760 42.42 -24.60 27.39
C THR C 760 43.04 -25.94 27.02
N ASP C 761 43.34 -26.13 25.73
CA ASP C 761 43.89 -27.40 25.26
C ASP C 761 45.25 -27.67 25.90
N MET C 762 46.10 -26.65 25.99
CA MET C 762 47.44 -26.83 26.52
C MET C 762 47.40 -27.06 28.04
N ASN C 993 40.14 -17.19 38.94
CA ASN C 993 38.81 -17.73 38.77
C ASN C 993 38.13 -17.15 37.55
N LYS C 994 37.15 -17.88 37.01
CA LYS C 994 36.44 -17.42 35.82
C LYS C 994 35.62 -16.16 36.10
N TYR C 995 35.07 -16.05 37.31
CA TYR C 995 34.15 -14.98 37.64
C TYR C 995 34.58 -14.11 38.80
N LEU C 996 35.33 -14.67 39.77
CA LEU C 996 35.79 -13.86 40.90
C LEU C 996 36.75 -12.76 40.44
N GLY C 997 37.65 -13.08 39.51
CA GLY C 997 38.54 -12.10 38.95
C GLY C 997 37.83 -10.94 38.30
N PRO C 998 36.90 -11.23 37.38
CA PRO C 998 36.04 -10.15 36.86
C PRO C 998 35.27 -9.43 37.95
N TYR C 999 34.82 -10.13 38.99
CA TYR C 999 34.20 -9.45 40.12
C TYR C 999 35.16 -8.49 40.79
N VAL C 1000 36.41 -8.93 40.98
CA VAL C 1000 37.43 -8.07 41.60
C VAL C 1000 37.74 -6.87 40.72
N MET C 1001 37.84 -7.10 39.40
CA MET C 1001 38.22 -6.03 38.49
C MET C 1001 37.20 -4.89 38.48
N MET C 1002 35.92 -5.21 38.67
CA MET C 1002 34.93 -4.14 38.82
C MET C 1002 35.21 -3.32 40.07
N ILE C 1003 35.56 -3.99 41.18
CA ILE C 1003 35.90 -3.29 42.41
C ILE C 1003 37.16 -2.45 42.22
N GLY C 1004 38.09 -2.96 41.40
CA GLY C 1004 39.25 -2.16 41.04
C GLY C 1004 38.86 -0.88 40.32
N LYS C 1005 37.82 -0.94 39.50
CA LYS C 1005 37.27 0.26 38.90
C LYS C 1005 36.38 1.05 39.85
N MET C 1006 36.02 0.47 40.99
CA MET C 1006 35.30 1.19 42.03
C MET C 1006 36.23 1.97 42.95
N MET C 1007 37.54 1.73 42.88
CA MET C 1007 38.48 2.49 43.69
C MET C 1007 38.49 3.96 43.31
N ILE C 1008 38.37 4.25 42.01
CA ILE C 1008 38.34 5.64 41.56
C ILE C 1008 37.03 6.30 41.93
N ASP C 1009 36.05 5.52 42.38
CA ASP C 1009 34.74 6.06 42.73
C ASP C 1009 34.57 6.11 44.24
N LEU C 1109 23.06 8.47 48.07
CA LEU C 1109 22.96 9.05 46.74
C LEU C 1109 24.00 8.46 45.81
N LEU C 1110 25.18 8.15 46.36
CA LEU C 1110 26.23 7.52 45.58
C LEU C 1110 25.83 6.13 45.09
N ILE C 1111 24.84 5.52 45.74
CA ILE C 1111 24.31 4.23 45.27
C ILE C 1111 23.71 4.38 43.88
N ALA C 1112 23.09 5.53 43.60
CA ALA C 1112 22.53 5.77 42.27
C ALA C 1112 23.63 5.80 41.21
N VAL C 1113 24.77 6.40 41.53
CA VAL C 1113 25.88 6.44 40.58
C VAL C 1113 26.42 5.03 40.33
N PHE C 1114 26.53 4.22 41.39
CA PHE C 1114 27.00 2.86 41.23
C PHE C 1114 26.04 2.01 40.40
N ASN C 1115 24.73 2.25 40.53
CA ASN C 1115 23.75 1.46 39.80
C ASN C 1115 23.86 1.68 38.30
N ASN C 1116 23.85 2.94 37.86
CA ASN C 1116 23.85 3.26 36.44
C ASN C 1116 25.21 3.01 35.78
N THR C 1117 26.25 2.73 36.54
CA THR C 1117 27.58 2.56 35.98
C THR C 1117 28.11 1.16 36.25
N PHE C 1118 27.29 0.14 35.99
CA PHE C 1118 27.68 -1.24 36.20
C PHE C 1118 27.73 -2.07 34.93
N PHE C 1119 26.83 -1.84 33.98
CA PHE C 1119 26.76 -2.68 32.79
C PHE C 1119 28.02 -2.53 31.93
N GLU C 1120 28.38 -1.30 31.60
CA GLU C 1120 29.55 -1.05 30.75
C GLU C 1120 30.83 -1.48 31.45
N VAL C 1121 30.96 -1.17 32.75
CA VAL C 1121 32.14 -1.57 33.50
C VAL C 1121 32.24 -3.09 33.56
N LYS C 1122 31.10 -3.77 33.71
CA LYS C 1122 31.10 -5.23 33.74
C LYS C 1122 31.56 -5.80 32.41
N SER C 1123 31.06 -5.26 31.30
CA SER C 1123 31.48 -5.75 30.00
C SER C 1123 32.97 -5.51 29.76
N ILE C 1124 33.45 -4.32 30.14
CA ILE C 1124 34.88 -4.01 29.96
C ILE C 1124 35.73 -4.93 30.81
N SER C 1125 35.32 -5.19 32.05
CA SER C 1125 36.08 -6.09 32.92
C SER C 1125 36.09 -7.51 32.37
N ASN C 1126 34.96 -7.95 31.82
CA ASN C 1126 34.92 -9.28 31.19
C ASN C 1126 35.90 -9.35 30.03
N GLN C 1127 35.93 -8.31 29.18
CA GLN C 1127 36.85 -8.30 28.05
C GLN C 1127 38.31 -8.29 28.51
N VAL C 1128 38.61 -7.48 29.54
CA VAL C 1128 39.97 -7.40 30.05
C VAL C 1128 40.42 -8.74 30.60
N TRP C 1129 39.56 -9.40 31.38
CA TRP C 1129 39.90 -10.71 31.92
C TRP C 1129 40.09 -11.74 30.81
N LYS C 1130 39.22 -11.71 29.80
CA LYS C 1130 39.34 -12.64 28.69
C LYS C 1130 40.66 -12.45 27.95
N PHE C 1131 41.07 -11.20 27.77
CA PHE C 1131 42.37 -10.95 27.12
C PHE C 1131 43.53 -11.42 28.00
N GLN C 1132 43.51 -11.05 29.27
CA GLN C 1132 44.65 -11.34 30.14
C GLN C 1132 44.70 -12.79 30.60
N ARG C 1133 43.69 -13.60 30.24
CA ARG C 1133 43.79 -15.04 30.46
C ARG C 1133 45.03 -15.61 29.78
N TYR C 1134 45.36 -15.12 28.58
CA TYR C 1134 46.56 -15.60 27.90
C TYR C 1134 47.81 -15.26 28.69
N GLN C 1135 47.88 -14.05 29.24
CA GLN C 1135 49.00 -13.65 30.08
C GLN C 1135 49.12 -14.57 31.29
N LEU C 1136 47.98 -14.87 31.92
CA LEU C 1136 47.98 -15.76 33.08
C LEU C 1136 48.50 -17.14 32.71
N ILE C 1137 48.03 -17.69 31.58
CA ILE C 1137 48.41 -19.04 31.20
C ILE C 1137 49.88 -19.10 30.81
N MET C 1138 50.38 -18.08 30.12
CA MET C 1138 51.79 -18.06 29.75
C MET C 1138 52.68 -17.93 30.98
N THR C 1139 52.30 -17.08 31.93
CA THR C 1139 53.08 -16.96 33.16
C THR C 1139 53.08 -18.27 33.94
N PHE C 1140 51.93 -18.94 34.00
CA PHE C 1140 51.86 -20.23 34.70
C PHE C 1140 52.70 -21.30 34.01
N HIS C 1141 52.69 -21.31 32.67
CA HIS C 1141 53.39 -22.35 31.92
C HIS C 1141 54.88 -22.07 31.76
N GLU C 1142 55.33 -20.85 32.06
CA GLU C 1142 56.76 -20.55 32.01
C GLU C 1142 57.53 -21.41 33.00
N ARG C 1177 59.37 -24.17 22.35
CA ARG C 1177 58.74 -25.40 22.80
C ARG C 1177 58.11 -26.14 21.62
N ASP C 1178 58.22 -27.47 21.64
CA ASP C 1178 57.66 -28.28 20.56
C ASP C 1178 56.16 -28.06 20.43
N TYR C 1179 55.46 -28.06 21.56
CA TYR C 1179 54.10 -27.57 21.64
C TYR C 1179 53.97 -26.77 22.93
N GLY C 1180 52.91 -25.97 23.02
CA GLY C 1180 52.70 -25.08 24.13
C GLY C 1180 53.15 -23.66 23.85
N LEU C 1181 54.00 -23.47 22.85
CA LEU C 1181 54.37 -22.14 22.40
C LEU C 1181 54.22 -22.07 20.88
N LYS C 1182 54.42 -23.20 20.20
CA LYS C 1182 54.32 -23.31 18.75
C LYS C 1182 53.67 -24.64 18.40
N LEU C 1183 53.52 -24.89 17.09
CA LEU C 1183 53.02 -26.18 16.61
C LEU C 1183 53.68 -26.45 15.25
N PHE C 1184 54.78 -27.17 15.26
CA PHE C 1184 55.47 -27.49 14.02
C PHE C 1184 54.71 -28.57 13.25
N ILE C 1185 54.75 -28.47 11.92
CA ILE C 1185 54.00 -29.36 11.04
C ILE C 1185 54.74 -29.48 9.72
N THR C 1186 54.31 -30.44 8.90
CA THR C 1186 54.88 -30.67 7.59
C THR C 1186 54.35 -29.64 6.59
N ASP C 1187 55.01 -29.57 5.42
CA ASP C 1187 54.59 -28.65 4.38
C ASP C 1187 53.33 -29.11 3.66
N ASP C 1188 53.00 -30.41 3.70
CA ASP C 1188 51.75 -30.87 3.10
C ASP C 1188 50.56 -30.36 3.90
N GLU C 1189 50.61 -30.53 5.23
CA GLU C 1189 49.56 -29.97 6.07
C GLU C 1189 49.55 -28.46 6.02
N LEU C 1190 50.73 -27.84 5.84
CA LEU C 1190 50.79 -26.39 5.63
C LEU C 1190 50.04 -26.00 4.36
N LYS C 1191 50.20 -26.77 3.29
CA LYS C 1191 49.47 -26.51 2.06
C LYS C 1191 47.97 -26.69 2.27
N LYS C 1192 47.59 -27.72 3.04
CA LYS C 1192 46.18 -27.91 3.38
C LYS C 1192 45.63 -26.69 4.11
N VAL C 1193 46.39 -26.15 5.05
CA VAL C 1193 45.98 -24.95 5.78
C VAL C 1193 45.87 -23.76 4.85
N HIS C 1194 46.79 -23.65 3.89
CA HIS C 1194 46.72 -22.57 2.92
C HIS C 1194 45.45 -22.66 2.08
N ASP C 1195 45.10 -23.87 1.65
CA ASP C 1195 43.85 -24.07 0.92
C ASP C 1195 42.65 -23.69 1.78
N PHE C 1196 42.68 -24.09 3.05
CA PHE C 1196 41.62 -23.74 3.98
C PHE C 1196 41.47 -22.23 4.08
N GLU C 1197 42.58 -21.52 4.25
CA GLU C 1197 42.54 -20.08 4.39
C GLU C 1197 42.01 -19.41 3.13
N GLU C 1198 42.47 -19.87 1.96
CA GLU C 1198 42.04 -19.24 0.71
C GLU C 1198 40.56 -19.46 0.45
N GLN C 1199 40.07 -20.69 0.66
CA GLN C 1199 38.64 -20.92 0.47
C GLN C 1199 37.83 -20.14 1.50
N CYS C 1200 38.35 -20.00 2.73
CA CYS C 1200 37.64 -19.24 3.75
C CYS C 1200 37.52 -17.77 3.37
N ILE C 1201 38.60 -17.16 2.91
CA ILE C 1201 38.54 -15.74 2.59
C ILE C 1201 37.69 -15.50 1.36
N GLU C 1202 37.75 -16.40 0.37
CA GLU C 1202 36.88 -16.28 -0.79
C GLU C 1202 35.41 -16.37 -0.39
N GLU C 1203 35.08 -17.34 0.46
CA GLU C 1203 33.72 -17.48 0.94
C GLU C 1203 33.28 -16.25 1.73
N TYR C 1204 34.17 -15.70 2.55
CA TYR C 1204 33.84 -14.52 3.32
C TYR C 1204 33.53 -13.34 2.41
N PHE C 1205 34.34 -13.13 1.39
CA PHE C 1205 34.09 -12.02 0.48
C PHE C 1205 32.79 -12.22 -0.30
N ARG C 1206 32.51 -13.45 -0.71
CA ARG C 1206 31.25 -13.73 -1.39
C ARG C 1206 30.06 -13.45 -0.47
N GLU C 1207 30.16 -13.86 0.79
CA GLU C 1207 29.10 -13.59 1.76
C GLU C 1207 28.90 -12.10 1.96
N LYS C 1208 30.00 -11.35 2.06
CA LYS C 1208 29.90 -9.90 2.24
C LYS C 1208 29.21 -9.25 1.06
N ASP C 1209 29.58 -9.65 -0.17
CA ASP C 1209 28.96 -9.06 -1.34
C ASP C 1209 27.48 -9.39 -1.42
N ASP C 1210 27.12 -10.65 -1.15
CA ASP C 1210 25.72 -11.05 -1.20
C ASP C 1210 24.90 -10.33 -0.14
N ARG C 1211 25.46 -10.17 1.06
CA ARG C 1211 24.76 -9.43 2.11
C ARG C 1211 24.57 -7.98 1.72
N PHE C 1212 25.59 -7.36 1.12
CA PHE C 1212 25.46 -5.97 0.70
C PHE C 1212 24.39 -5.81 -0.36
N ASN C 1213 24.39 -6.70 -1.36
CA ASN C 1213 23.40 -6.60 -2.42
C ASN C 1213 22.00 -6.95 -1.96
N SER C 1214 21.87 -7.63 -0.82
CA SER C 1214 20.57 -7.97 -0.28
C SER C 1214 19.96 -6.83 0.53
N SER C 1215 20.67 -5.72 0.70
CA SER C 1215 20.14 -4.59 1.43
C SER C 1215 18.94 -3.99 0.72
N ASN C 1216 17.94 -3.57 1.49
CA ASN C 1216 16.79 -2.90 0.90
C ASN C 1216 17.18 -1.57 0.29
N ASP C 1217 18.12 -0.86 0.93
CA ASP C 1217 18.51 0.45 0.45
C ASP C 1217 19.18 0.37 -0.92
N GLU C 1218 20.06 -0.60 -1.11
CA GLU C 1218 20.71 -0.77 -2.40
C GLU C 1218 19.70 -1.08 -3.49
N ARG C 1219 18.74 -1.98 -3.19
CA ARG C 1219 17.72 -2.31 -4.16
C ARG C 1219 16.86 -1.09 -4.48
N ILE C 1220 16.54 -0.29 -3.47
CA ILE C 1220 15.74 0.91 -3.69
C ILE C 1220 16.48 1.88 -4.60
N ARG C 1221 17.78 2.08 -4.34
CA ARG C 1221 18.57 3.00 -5.15
C ARG C 1221 18.63 2.53 -6.60
N VAL C 1222 18.93 1.24 -6.80
CA VAL C 1222 19.03 0.71 -8.16
C VAL C 1222 17.67 0.80 -8.87
N THR C 1223 16.59 0.49 -8.15
CA THR C 1223 15.26 0.55 -8.75
C THR C 1223 14.89 1.97 -9.14
N SER C 1224 15.23 2.95 -8.29
CA SER C 1224 14.92 4.34 -8.62
C SER C 1224 15.71 4.79 -9.84
N GLU C 1225 16.99 4.44 -9.92
CA GLU C 1225 17.77 4.82 -11.09
C GLU C 1225 17.22 4.17 -12.36
N ARG C 1226 16.85 2.89 -12.26
CA ARG C 1226 16.30 2.21 -13.42
C ARG C 1226 14.93 2.77 -13.81
N VAL C 1227 14.14 3.22 -12.83
CA VAL C 1227 12.87 3.86 -13.14
C VAL C 1227 13.09 5.17 -13.88
N GLU C 1228 14.07 5.96 -13.43
CA GLU C 1228 14.40 7.19 -14.15
C GLU C 1228 14.81 6.90 -15.59
N ASN C 1229 15.68 5.91 -15.77
CA ASN C 1229 16.12 5.55 -17.12
C ASN C 1229 14.94 5.05 -17.96
N MET C 1230 14.05 4.27 -17.35
CA MET C 1230 12.89 3.74 -18.05
C MET C 1230 11.96 4.85 -18.49
N SER C 1231 11.75 5.86 -17.62
CA SER C 1231 10.92 6.99 -17.99
C SER C 1231 11.54 7.79 -19.13
N MET C 1232 12.87 7.97 -19.08
CA MET C 1232 13.56 8.64 -20.18
C MET C 1232 13.37 7.88 -21.49
N ARG C 1233 13.53 6.56 -21.44
CA ARG C 1233 13.39 5.75 -22.65
C ARG C 1233 11.95 5.77 -23.16
N LEU C 1234 10.98 5.77 -22.25
CA LEU C 1234 9.58 5.87 -22.66
C LEU C 1234 9.31 7.21 -23.34
N GLU C 1235 9.89 8.29 -22.82
CA GLU C 1235 9.76 9.58 -23.49
C GLU C 1235 10.38 9.55 -24.89
N GLU C 1236 11.54 8.90 -25.00
CA GLU C 1236 12.18 8.75 -26.31
C GLU C 1236 11.30 7.98 -27.29
N VAL C 1237 10.68 6.89 -26.82
CA VAL C 1237 9.85 6.06 -27.69
C VAL C 1237 8.59 6.83 -28.11
N ASN C 1238 7.93 7.48 -27.16
CA ASN C 1238 6.73 8.24 -27.46
C ASN C 1238 7.02 9.48 -28.28
N GLU C 1239 8.28 9.91 -28.35
CA GLU C 1239 8.64 11.05 -29.19
C GLU C 1239 8.34 10.78 -30.65
N ARG C 1240 8.69 9.58 -31.15
CA ARG C 1240 8.57 9.31 -32.57
C ARG C 1240 7.11 9.26 -33.00
N GLU C 1241 6.84 9.74 -34.22
CA GLU C 1241 5.50 9.79 -34.77
C GLU C 1241 5.57 9.44 -36.25
N HIS C 1242 5.06 8.26 -36.61
CA HIS C 1242 4.97 7.84 -38.00
C HIS C 1242 3.60 8.11 -38.61
N SER C 1243 2.69 8.71 -37.85
CA SER C 1243 1.34 8.99 -38.33
C SER C 1243 1.35 10.08 -39.39
N UNK D 1 57.37 45.05 -10.22
CA UNK D 1 56.50 43.89 -10.08
C UNK D 1 56.82 42.82 -11.13
N UNK D 2 56.38 41.60 -10.87
CA UNK D 2 56.59 40.50 -11.80
C UNK D 2 55.73 40.70 -13.04
N UNK D 3 54.55 41.28 -12.86
CA UNK D 3 53.63 41.55 -13.96
C UNK D 3 54.03 42.82 -14.68
N UNK D 4 54.88 43.62 -14.05
CA UNK D 4 55.31 44.89 -14.61
C UNK D 4 56.23 44.69 -15.79
N UNK D 5 56.75 43.47 -15.95
CA UNK D 5 57.65 43.16 -17.05
C UNK D 5 56.88 43.08 -18.37
N UNK D 6 55.58 42.89 -18.27
CA UNK D 6 54.72 42.83 -19.45
C UNK D 6 54.62 44.18 -20.13
N UNK D 7 54.13 44.20 -21.36
CA UNK D 7 54.03 45.44 -22.12
C UNK D 7 52.79 45.45 -23.01
N UNK D 8 51.97 46.47 -22.85
CA UNK D 8 50.78 46.63 -23.68
C UNK D 8 51.08 47.52 -24.87
N UNK D 9 50.04 47.90 -25.62
CA UNK D 9 50.21 48.76 -26.77
C UNK D 9 48.92 49.52 -27.07
N UNK D 10 49.05 50.82 -27.36
CA UNK D 10 47.90 51.65 -27.64
C UNK D 10 48.28 52.85 -28.51
N UNK D 11 47.28 53.41 -29.20
CA UNK D 11 47.49 54.55 -30.07
C UNK D 11 46.82 55.80 -29.50
N UNK D 12 47.13 56.95 -30.09
CA UNK D 12 46.55 58.22 -29.66
C UNK D 12 46.65 59.26 -30.77
N UNK D 13 46.86 58.81 -32.00
CA UNK D 13 46.97 59.71 -33.14
C UNK D 13 46.55 59.05 -34.44
N UNK D 14 45.55 58.18 -34.37
CA UNK D 14 45.01 57.53 -35.56
C UNK D 14 44.20 58.52 -36.38
N UNK D 15 44.90 59.34 -37.16
CA UNK D 15 44.26 60.37 -37.98
C UNK D 15 43.38 59.73 -39.05
N UNK D 16 42.11 59.57 -38.74
CA UNK D 16 41.17 58.95 -39.66
C UNK D 16 39.83 59.68 -39.67
N UNK D 17 38.90 59.21 -38.83
CA UNK D 17 37.56 59.78 -38.73
C UNK D 17 36.82 59.83 -40.07
N ILE E 129 -46.76 42.63 -23.44
CA ILE E 129 -46.53 44.00 -22.98
C ILE E 129 -45.06 44.38 -23.17
N SER E 130 -44.80 45.69 -23.13
CA SER E 130 -43.45 46.20 -23.33
C SER E 130 -42.79 46.46 -21.98
N LYS E 131 -42.47 45.34 -21.30
CA LYS E 131 -41.78 45.35 -20.02
C LYS E 131 -42.48 46.25 -19.00
N HIS E 132 -43.79 46.10 -18.91
CA HIS E 132 -44.58 46.85 -17.93
C HIS E 132 -44.36 46.22 -16.56
N THR E 133 -43.25 46.59 -15.95
CA THR E 133 -42.87 46.11 -14.63
C THR E 133 -43.12 47.21 -13.60
N GLN E 134 -42.75 46.94 -12.35
CA GLN E 134 -42.97 47.86 -11.26
C GLN E 134 -41.69 48.03 -10.45
N LEU E 135 -41.76 48.93 -9.47
CA LEU E 135 -40.64 49.25 -8.59
C LEU E 135 -40.72 48.53 -7.25
N SER E 136 -41.20 47.28 -7.24
CA SER E 136 -41.30 46.54 -6.01
C SER E 136 -39.90 46.31 -5.42
N PRO E 137 -39.72 46.52 -4.12
CA PRO E 137 -38.40 46.29 -3.52
C PRO E 137 -38.03 44.82 -3.55
N THR E 138 -36.72 44.58 -3.60
CA THR E 138 -36.21 43.22 -3.52
C THR E 138 -36.49 42.65 -2.13
N ASP E 139 -37.15 41.49 -2.08
CA ASP E 139 -37.56 40.90 -0.81
C ASP E 139 -37.28 39.40 -0.77
N ALA E 140 -36.21 38.96 -1.43
CA ALA E 140 -35.74 37.57 -1.31
C ALA E 140 -34.23 37.59 -1.48
N PHE E 141 -33.52 37.69 -0.36
CA PHE E 141 -32.07 37.78 -0.39
C PHE E 141 -31.52 37.45 0.99
N GLY E 142 -30.27 37.00 1.00
CA GLY E 142 -29.62 36.62 2.24
C GLY E 142 -28.61 35.51 2.07
N THR E 143 -28.75 34.45 2.88
CA THR E 143 -27.84 33.31 2.83
C THR E 143 -28.63 32.04 3.13
N ILE E 144 -28.49 31.05 2.25
CA ILE E 144 -29.20 29.78 2.40
C ILE E 144 -28.20 28.68 2.72
N GLU E 145 -28.74 27.55 3.19
CA GLU E 145 -27.95 26.37 3.51
C GLU E 145 -28.38 25.22 2.61
N PHE E 146 -27.41 24.52 2.04
CA PHE E 146 -27.67 23.46 1.08
C PHE E 146 -27.77 22.12 1.79
N GLN E 147 -28.96 21.52 1.74
CA GLN E 147 -29.19 20.17 2.23
C GLN E 147 -29.33 19.20 1.07
N GLY E 148 -29.33 17.92 1.40
CA GLY E 148 -29.49 16.89 0.40
C GLY E 148 -28.18 16.41 -0.18
N GLY E 149 -27.29 17.36 -0.50
CA GLY E 149 -25.99 17.02 -1.01
C GLY E 149 -25.05 16.57 0.09
N GLY E 150 -23.87 16.14 -0.32
CA GLY E 150 -22.89 15.64 0.63
C GLY E 150 -22.20 16.69 1.45
N HIS E 151 -22.37 17.97 1.11
CA HIS E 151 -21.74 19.06 1.84
C HIS E 151 -22.72 20.20 2.02
N SER E 152 -22.59 20.91 3.12
CA SER E 152 -23.44 22.06 3.43
C SER E 152 -22.85 23.28 2.72
N ASN E 153 -23.41 23.60 1.56
CA ASN E 153 -22.96 24.73 0.76
C ASN E 153 -23.73 25.97 1.16
N LYS E 154 -23.02 27.09 1.33
CA LYS E 154 -23.62 28.36 1.70
C LYS E 154 -23.38 29.35 0.56
N ALA E 155 -24.46 29.93 0.05
CA ALA E 155 -24.37 30.90 -1.02
C ALA E 155 -25.16 32.14 -0.65
N MET E 156 -24.51 33.31 -0.71
CA MET E 156 -25.18 34.58 -0.47
C MET E 156 -25.97 34.93 -1.72
N TYR E 157 -27.29 34.91 -1.60
CA TYR E 157 -28.19 35.05 -2.74
C TYR E 157 -28.93 36.37 -2.66
N VAL E 158 -29.14 37.01 -3.79
CA VAL E 158 -29.79 38.31 -3.88
C VAL E 158 -30.59 38.39 -5.17
N ARG E 159 -31.89 38.67 -5.05
CA ARG E 159 -32.68 39.00 -6.23
C ARG E 159 -32.39 40.43 -6.66
N VAL E 160 -32.17 40.64 -7.95
CA VAL E 160 -31.81 41.94 -8.48
C VAL E 160 -32.31 42.05 -9.92
N SER E 161 -32.59 43.28 -10.33
CA SER E 161 -33.02 43.53 -11.70
C SER E 161 -31.83 43.52 -12.65
N PHE E 162 -32.12 43.67 -13.93
CA PHE E 162 -31.11 43.66 -14.98
C PHE E 162 -30.62 45.05 -15.34
N ASP E 163 -31.10 46.09 -14.66
CA ASP E 163 -30.73 47.46 -14.97
C ASP E 163 -29.85 48.10 -13.89
N THR E 164 -29.50 47.36 -12.85
CA THR E 164 -28.71 47.92 -11.76
C THR E 164 -27.29 48.21 -12.21
N LYS E 165 -26.79 49.40 -11.88
CA LYS E 165 -25.43 49.74 -12.20
C LYS E 165 -24.46 48.85 -11.42
N PRO E 166 -23.43 48.32 -12.08
CA PRO E 166 -22.59 47.30 -11.44
C PRO E 166 -21.79 47.80 -10.24
N ASP E 167 -21.63 49.11 -10.06
CA ASP E 167 -20.86 49.62 -8.94
C ASP E 167 -21.50 49.24 -7.60
N LEU E 168 -22.82 49.34 -7.51
CA LEU E 168 -23.50 48.91 -6.29
C LEU E 168 -23.39 47.40 -6.11
N LEU E 169 -23.38 46.65 -7.20
CA LEU E 169 -23.14 45.21 -7.10
C LEU E 169 -21.76 44.94 -6.54
N LEU E 170 -20.76 45.71 -6.98
CA LEU E 170 -19.41 45.59 -6.43
C LEU E 170 -19.40 45.91 -4.95
N HIS E 171 -20.12 46.96 -4.55
CA HIS E 171 -20.21 47.30 -3.13
C HIS E 171 -20.83 46.16 -2.33
N LEU E 172 -21.89 45.55 -2.86
CA LEU E 172 -22.52 44.43 -2.18
C LEU E 172 -21.56 43.25 -2.07
N MET E 173 -20.84 42.94 -3.15
CA MET E 173 -19.95 41.79 -3.15
C MET E 173 -18.75 42.02 -2.25
N THR E 174 -18.29 43.25 -2.11
CA THR E 174 -17.08 43.52 -1.34
C THR E 174 -17.37 43.78 0.14
N LYS E 175 -18.24 44.73 0.42
CA LYS E 175 -18.54 45.10 1.81
C LYS E 175 -19.54 44.13 2.43
N GLU E 176 -20.72 44.01 1.83
CA GLU E 176 -21.78 43.20 2.41
C GLU E 176 -21.51 41.70 2.27
N TRP E 177 -20.78 41.29 1.25
CA TRP E 177 -20.45 39.89 1.06
C TRP E 177 -19.02 39.55 1.50
N GLN E 178 -18.29 40.53 2.04
CA GLN E 178 -16.97 40.31 2.65
C GLN E 178 -15.97 39.72 1.66
N LEU E 179 -15.67 40.49 0.62
CA LEU E 179 -14.73 40.07 -0.41
C LEU E 179 -13.78 41.21 -0.76
N GLU E 180 -12.63 40.84 -1.30
CA GLU E 180 -11.60 41.77 -1.72
C GLU E 180 -11.67 42.00 -3.24
N LEU E 181 -10.76 42.79 -3.76
CA LEU E 181 -10.58 42.85 -5.20
C LEU E 181 -9.71 41.68 -5.65
N PRO E 182 -10.22 40.75 -6.47
CA PRO E 182 -9.39 39.66 -6.95
C PRO E 182 -8.37 40.16 -7.96
N LYS E 183 -7.27 39.41 -8.06
CA LYS E 183 -6.20 39.73 -8.99
C LYS E 183 -6.45 39.18 -10.38
N LEU E 184 -7.55 38.48 -10.60
CA LEU E 184 -7.86 37.91 -11.90
C LEU E 184 -9.36 37.65 -11.98
N LEU E 185 -9.85 37.52 -13.21
CA LEU E 185 -11.25 37.19 -13.44
C LEU E 185 -11.35 36.16 -14.55
N ILE E 186 -12.21 35.17 -14.36
CA ILE E 186 -12.41 34.10 -15.32
C ILE E 186 -13.87 34.08 -15.72
N SER E 187 -14.14 34.26 -17.01
CA SER E 187 -15.49 34.20 -17.56
C SER E 187 -15.67 32.87 -18.27
N VAL E 188 -16.70 32.13 -17.90
CA VAL E 188 -16.96 30.80 -18.45
C VAL E 188 -18.35 30.81 -19.08
N HIS E 189 -18.42 30.36 -20.33
CA HIS E 189 -19.68 30.25 -21.06
C HIS E 189 -19.71 28.90 -21.75
N GLY E 190 -20.89 28.26 -21.75
CA GLY E 190 -20.98 26.92 -22.29
C GLY E 190 -22.39 26.55 -22.70
N GLY E 191 -22.51 25.35 -23.26
CA GLY E 191 -23.80 24.87 -23.74
C GLY E 191 -24.77 24.66 -22.59
N LEU E 192 -25.93 25.30 -22.68
CA LEU E 192 -26.93 25.25 -21.62
C LEU E 192 -27.57 23.89 -21.44
N GLN E 193 -27.39 22.97 -22.38
CA GLN E 193 -28.05 21.68 -22.35
C GLN E 193 -27.39 20.77 -21.31
N ASN E 194 -27.84 19.52 -21.24
CA ASN E 194 -27.32 18.54 -20.28
C ASN E 194 -26.29 17.61 -20.91
N PHE E 195 -25.46 18.16 -21.79
CA PHE E 195 -24.43 17.38 -22.47
C PHE E 195 -23.41 16.83 -21.48
N GLU E 196 -22.56 15.95 -21.98
CA GLU E 196 -21.40 15.45 -21.26
C GLU E 196 -20.21 15.48 -22.20
N LEU E 197 -19.01 15.47 -21.64
CA LEU E 197 -17.80 15.59 -22.43
C LEU E 197 -16.87 14.40 -22.19
N GLN E 198 -15.68 14.48 -22.77
CA GLN E 198 -14.74 13.36 -22.75
C GLN E 198 -14.15 13.17 -21.36
N PRO E 199 -14.21 11.96 -20.81
CA PRO E 199 -13.53 11.69 -19.53
C PRO E 199 -12.02 11.88 -19.66
N LYS E 200 -11.43 12.37 -18.56
CA LYS E 200 -10.01 12.71 -18.43
C LYS E 200 -9.64 13.92 -19.28
N LEU E 201 -10.59 14.41 -20.07
CA LEU E 201 -10.55 15.79 -20.52
C LEU E 201 -11.21 16.70 -19.50
N LYS E 202 -12.26 16.20 -18.84
CA LYS E 202 -12.84 16.91 -17.70
C LYS E 202 -11.84 16.99 -16.55
N GLN E 203 -11.06 15.92 -16.35
CA GLN E 203 -10.11 15.89 -15.23
C GLN E 203 -9.04 16.95 -15.38
N VAL E 204 -8.41 17.02 -16.56
CA VAL E 204 -7.33 17.97 -16.76
C VAL E 204 -7.84 19.41 -16.68
N PHE E 205 -8.99 19.67 -17.31
CA PHE E 205 -9.56 21.02 -17.27
C PHE E 205 -9.93 21.40 -15.85
N GLY E 206 -10.53 20.48 -15.10
CA GLY E 206 -10.90 20.77 -13.73
C GLY E 206 -9.71 21.04 -12.85
N LYS E 207 -8.67 20.21 -12.95
CA LYS E 207 -7.48 20.41 -12.13
C LYS E 207 -6.77 21.71 -12.49
N GLY E 208 -6.66 22.02 -13.79
CA GLY E 208 -6.04 23.28 -14.17
C GLY E 208 -6.82 24.48 -13.68
N LEU E 209 -8.15 24.44 -13.82
CA LEU E 209 -8.98 25.54 -13.33
C LEU E 209 -8.87 25.68 -11.82
N ILE E 210 -8.83 24.55 -11.10
CA ILE E 210 -8.71 24.58 -9.65
C ILE E 210 -7.38 25.21 -9.23
N LYS E 211 -6.29 24.78 -9.87
CA LYS E 211 -4.98 25.32 -9.53
C LYS E 211 -4.92 26.81 -9.84
N ALA E 212 -5.48 27.23 -10.97
CA ALA E 212 -5.48 28.65 -11.31
C ALA E 212 -6.30 29.45 -10.31
N ALA E 213 -7.48 28.94 -9.92
CA ALA E 213 -8.33 29.68 -9.01
C ALA E 213 -7.74 29.75 -7.61
N MET E 214 -7.03 28.71 -7.18
CA MET E 214 -6.51 28.66 -5.83
C MET E 214 -5.17 29.38 -5.68
N THR E 215 -4.30 29.30 -6.68
CA THR E 215 -2.98 29.91 -6.57
C THR E 215 -3.07 31.43 -6.50
N THR E 216 -3.94 32.03 -7.29
CA THR E 216 -4.09 33.48 -7.32
C THR E 216 -5.55 33.85 -7.10
N GLY E 217 -5.76 34.98 -6.41
CA GLY E 217 -7.10 35.45 -6.13
C GLY E 217 -7.88 35.78 -7.38
N ALA E 218 -8.86 34.94 -7.71
CA ALA E 218 -9.64 35.10 -8.92
C ALA E 218 -11.10 34.76 -8.65
N TRP E 219 -11.97 35.30 -9.50
CA TRP E 219 -13.39 35.03 -9.44
C TRP E 219 -13.85 34.40 -10.76
N ILE E 220 -14.89 33.58 -10.67
CA ILE E 220 -15.46 32.91 -11.82
C ILE E 220 -16.90 33.38 -11.98
N PHE E 221 -17.21 33.95 -13.15
CA PHE E 221 -18.55 34.40 -13.46
C PHE E 221 -19.27 33.30 -14.22
N THR E 222 -20.43 32.89 -13.70
CA THR E 222 -21.21 31.81 -14.28
C THR E 222 -22.68 32.20 -14.27
N GLY E 223 -23.46 31.46 -15.07
CA GLY E 223 -24.91 31.57 -14.97
C GLY E 223 -25.44 31.01 -13.68
N GLY E 224 -24.71 30.06 -13.08
CA GLY E 224 -25.10 29.48 -11.82
C GLY E 224 -26.18 28.42 -11.91
N VAL E 225 -26.71 28.14 -13.10
CA VAL E 225 -27.70 27.09 -13.24
C VAL E 225 -27.03 25.74 -13.08
N ASN E 226 -27.70 24.82 -12.37
CA ASN E 226 -27.14 23.50 -12.15
C ASN E 226 -27.25 22.66 -13.42
N THR E 227 -26.54 23.09 -14.46
CA THR E 227 -26.64 22.48 -15.79
C THR E 227 -25.43 22.91 -16.60
N GLY E 228 -25.29 22.31 -17.78
CA GLY E 228 -24.29 22.66 -18.76
C GLY E 228 -22.87 22.51 -18.23
N VAL E 229 -22.00 23.40 -18.69
CA VAL E 229 -20.63 23.44 -18.19
C VAL E 229 -20.58 23.93 -16.76
N ILE E 230 -21.60 24.66 -16.31
CA ILE E 230 -21.67 25.06 -14.91
C ILE E 230 -21.84 23.84 -14.02
N ARG E 231 -22.61 22.86 -14.48
CA ARG E 231 -22.68 21.59 -13.78
C ARG E 231 -21.30 20.94 -13.68
N HIS E 232 -20.52 20.99 -14.76
CA HIS E 232 -19.22 20.34 -14.75
C HIS E 232 -18.23 21.08 -13.86
N VAL E 233 -18.30 22.41 -13.80
CA VAL E 233 -17.39 23.10 -12.90
C VAL E 233 -17.83 22.92 -11.46
N GLY E 234 -19.13 22.76 -11.21
CA GLY E 234 -19.57 22.38 -9.88
C GLY E 234 -19.05 21.01 -9.49
N ASP E 235 -19.03 20.07 -10.45
CA ASP E 235 -18.45 18.76 -10.21
C ASP E 235 -16.96 18.86 -9.91
N ALA E 236 -16.25 19.70 -10.68
CA ALA E 236 -14.82 19.89 -10.44
C ALA E 236 -14.56 20.48 -9.05
N LEU E 237 -15.38 21.44 -8.64
CA LEU E 237 -15.28 21.96 -7.28
C LEU E 237 -15.56 20.87 -6.24
N LYS E 238 -16.55 20.03 -6.52
CA LYS E 238 -16.87 18.92 -5.62
C LYS E 238 -15.68 17.98 -5.47
N ASP E 239 -15.00 17.67 -6.58
CA ASP E 239 -13.78 16.88 -6.50
C ASP E 239 -12.72 17.61 -5.67
N HIS E 240 -12.58 18.92 -5.89
CA HIS E 240 -11.62 19.74 -5.16
C HIS E 240 -12.06 20.02 -3.74
N ALA E 241 -13.33 19.80 -3.40
CA ALA E 241 -13.86 20.20 -2.10
C ALA E 241 -13.11 19.51 -0.96
N SER E 242 -13.01 18.19 -1.02
CA SER E 242 -12.24 17.46 -0.02
C SER E 242 -10.75 17.45 -0.33
N LYS E 243 -10.36 17.84 -1.55
CA LYS E 243 -8.98 17.73 -1.98
C LYS E 243 -8.06 18.72 -1.28
N SER E 244 -8.61 19.79 -0.72
CA SER E 244 -7.80 20.82 -0.06
C SER E 244 -8.73 21.64 0.84
N ARG E 245 -8.23 22.78 1.30
CA ARG E 245 -8.98 23.72 2.11
C ARG E 245 -9.24 24.99 1.31
N GLY E 246 -9.87 25.96 1.97
CA GLY E 246 -10.19 27.22 1.35
C GLY E 246 -11.55 27.21 0.68
N LYS E 247 -12.12 28.41 0.55
CA LYS E 247 -13.44 28.59 -0.06
C LYS E 247 -13.26 29.48 -1.28
N ILE E 248 -13.10 28.87 -2.45
CA ILE E 248 -12.89 29.61 -3.69
C ILE E 248 -14.20 30.30 -4.06
N CYS E 249 -14.11 31.60 -4.33
CA CYS E 249 -15.29 32.42 -4.60
C CYS E 249 -15.81 32.11 -6.00
N THR E 250 -16.94 31.41 -6.06
CA THR E 250 -17.63 31.12 -7.30
C THR E 250 -18.90 31.97 -7.36
N ILE E 251 -19.10 32.64 -8.49
CA ILE E 251 -20.16 33.63 -8.64
C ILE E 251 -21.10 33.19 -9.76
N GLY E 252 -22.40 33.15 -9.46
CA GLY E 252 -23.39 32.75 -10.43
C GLY E 252 -24.48 33.78 -10.65
N ILE E 253 -24.77 34.08 -11.92
CA ILE E 253 -25.75 35.10 -12.28
C ILE E 253 -26.92 34.40 -12.95
N ALA E 254 -28.02 34.24 -12.23
CA ALA E 254 -29.14 33.48 -12.73
C ALA E 254 -30.40 34.33 -12.78
N PRO E 255 -31.17 34.24 -13.86
CA PRO E 255 -32.45 34.96 -13.92
C PRO E 255 -33.48 34.41 -12.94
N TRP E 256 -34.41 35.27 -12.55
CA TRP E 256 -35.36 34.97 -11.49
C TRP E 256 -36.35 33.87 -11.87
N GLY E 257 -36.81 33.85 -13.12
CA GLY E 257 -37.89 32.99 -13.53
C GLY E 257 -37.49 31.63 -14.06
N ILE E 258 -36.26 31.16 -13.82
CA ILE E 258 -35.79 29.90 -14.37
C ILE E 258 -35.51 28.86 -13.30
N VAL E 259 -35.35 29.25 -12.03
CA VAL E 259 -35.11 28.26 -11.00
C VAL E 259 -36.39 27.48 -10.72
N GLU E 260 -36.23 26.28 -10.13
CA GLU E 260 -37.38 25.44 -9.86
C GLU E 260 -38.19 25.98 -8.70
N ASN E 261 -37.53 26.54 -7.69
CA ASN E 261 -38.19 27.00 -6.48
C ASN E 261 -37.79 28.45 -6.22
N GLN E 262 -38.52 29.38 -6.82
CA GLN E 262 -38.40 30.77 -6.40
C GLN E 262 -38.89 30.93 -4.97
N GLU E 263 -39.80 30.07 -4.55
CA GLU E 263 -40.20 29.97 -3.15
C GLU E 263 -39.07 29.32 -2.35
N ASP E 264 -39.31 29.16 -1.04
CA ASP E 264 -38.36 28.63 -0.07
C ASP E 264 -37.10 29.49 0.05
N LEU E 265 -37.09 30.66 -0.58
CA LEU E 265 -35.96 31.57 -0.53
C LEU E 265 -36.37 32.99 -0.20
N ILE E 266 -37.66 33.23 0.05
CA ILE E 266 -38.17 34.58 0.24
C ILE E 266 -37.64 35.23 1.51
N GLY E 267 -37.18 34.43 2.47
CA GLY E 267 -36.70 34.95 3.74
C GLY E 267 -35.57 35.95 3.60
N ARG E 268 -35.86 37.21 3.89
CA ARG E 268 -34.89 38.28 3.68
C ARG E 268 -33.81 38.23 4.75
N ASP E 269 -32.56 38.11 4.31
CA ASP E 269 -31.38 38.10 5.19
C ASP E 269 -31.49 37.05 6.29
N VAL E 270 -32.01 35.87 5.95
CA VAL E 270 -32.23 34.81 6.92
C VAL E 270 -31.89 33.48 6.27
N VAL E 271 -31.74 32.45 7.10
CA VAL E 271 -31.35 31.13 6.63
C VAL E 271 -32.59 30.38 6.17
N ARG E 272 -32.54 29.83 4.97
CA ARG E 272 -33.62 29.02 4.42
C ARG E 272 -33.03 27.74 3.84
N PRO E 273 -33.36 26.57 4.38
CA PRO E 273 -32.79 25.32 3.85
C PRO E 273 -33.25 25.05 2.43
N TYR E 274 -32.40 24.36 1.68
CA TYR E 274 -32.67 24.04 0.29
C TYR E 274 -32.60 22.53 0.08
N GLN E 275 -33.36 22.06 -0.90
CA GLN E 275 -33.43 20.64 -1.21
C GLN E 275 -32.71 20.37 -2.54
N THR E 276 -31.66 19.56 -2.47
CA THR E 276 -30.88 19.24 -3.67
C THR E 276 -31.71 18.48 -4.69
N MET E 277 -32.50 17.52 -4.22
CA MET E 277 -33.23 16.64 -5.12
C MET E 277 -34.28 17.42 -5.92
N SER E 278 -34.47 17.01 -7.17
CA SER E 278 -35.42 17.67 -8.07
C SER E 278 -35.97 16.64 -9.04
N ASN E 279 -37.12 16.97 -9.62
CA ASN E 279 -37.80 16.10 -10.56
C ASN E 279 -37.59 16.58 -12.00
N PRO E 280 -37.28 15.65 -12.92
CA PRO E 280 -37.01 16.05 -14.30
C PRO E 280 -38.21 16.55 -15.07
N MET E 281 -39.43 16.18 -14.68
CA MET E 281 -40.62 16.66 -15.39
C MET E 281 -40.78 18.16 -15.24
N SER E 282 -40.25 18.74 -14.16
CA SER E 282 -40.19 20.19 -14.06
C SER E 282 -39.15 20.72 -15.04
N LYS E 283 -39.59 21.60 -15.94
CA LYS E 283 -38.68 22.16 -16.94
C LYS E 283 -37.64 23.07 -16.32
N LEU E 284 -37.90 23.64 -15.15
CA LEU E 284 -36.98 24.53 -14.48
C LEU E 284 -35.79 23.76 -13.92
N THR E 285 -34.69 24.48 -13.72
CA THR E 285 -33.45 23.91 -13.23
C THR E 285 -33.05 24.59 -11.93
N VAL E 286 -32.66 23.79 -10.95
CA VAL E 286 -32.24 24.29 -9.65
C VAL E 286 -30.92 25.03 -9.77
N LEU E 287 -30.55 25.74 -8.71
CA LEU E 287 -29.27 26.44 -8.69
C LEU E 287 -28.13 25.45 -8.47
N ASN E 288 -26.94 25.82 -8.97
CA ASN E 288 -25.78 24.97 -8.84
C ASN E 288 -25.35 24.87 -7.38
N SER E 289 -24.99 23.67 -6.94
CA SER E 289 -24.45 23.47 -5.62
C SER E 289 -22.95 23.74 -5.64
N MET E 290 -22.30 23.57 -4.49
CA MET E 290 -20.87 23.84 -4.33
C MET E 290 -20.53 25.25 -4.79
N HIS E 291 -21.35 26.21 -4.40
CA HIS E 291 -21.21 27.60 -4.81
C HIS E 291 -20.84 28.46 -3.60
N SER E 292 -20.25 29.62 -3.87
CA SER E 292 -19.88 30.55 -2.82
C SER E 292 -20.85 31.72 -2.73
N HIS E 293 -21.08 32.42 -3.84
CA HIS E 293 -22.01 33.52 -3.89
C HIS E 293 -22.91 33.38 -5.10
N PHE E 294 -24.15 33.84 -4.96
CA PHE E 294 -25.16 33.69 -6.00
C PHE E 294 -25.86 35.01 -6.27
N ILE E 295 -26.27 35.19 -7.52
CA ILE E 295 -26.97 36.40 -7.95
C ILE E 295 -28.25 35.97 -8.67
N LEU E 296 -29.38 36.51 -8.25
CA LEU E 296 -30.67 36.23 -8.87
C LEU E 296 -31.03 37.44 -9.73
N ALA E 297 -30.65 37.39 -11.00
CA ALA E 297 -31.08 38.41 -11.95
C ALA E 297 -32.59 38.34 -12.13
N ASP E 298 -33.17 39.46 -12.55
CA ASP E 298 -34.61 39.52 -12.70
C ASP E 298 -34.97 40.51 -13.80
N ASN E 299 -36.02 40.17 -14.56
CA ASN E 299 -36.61 41.07 -15.51
C ASN E 299 -38.14 41.00 -15.52
N GLY E 300 -38.74 40.21 -14.63
CA GLY E 300 -40.18 40.06 -14.60
C GLY E 300 -40.67 38.80 -15.28
N THR E 301 -40.02 38.45 -16.39
CA THR E 301 -40.41 37.26 -17.13
C THR E 301 -40.02 35.99 -16.38
N THR E 302 -40.78 34.92 -16.63
CA THR E 302 -40.56 33.64 -15.99
C THR E 302 -40.43 32.55 -17.06
N GLY E 303 -39.40 31.72 -16.93
CA GLY E 303 -39.21 30.61 -17.84
C GLY E 303 -38.67 30.97 -19.20
N LYS E 304 -38.13 32.17 -19.38
CA LYS E 304 -37.65 32.64 -20.67
C LYS E 304 -36.20 33.07 -20.55
N TYR E 305 -35.33 32.47 -21.36
CA TYR E 305 -33.92 32.77 -21.33
C TYR E 305 -33.62 34.11 -22.01
N GLY E 306 -32.40 34.59 -21.81
CA GLY E 306 -31.92 35.77 -22.50
C GLY E 306 -32.22 37.07 -21.78
N ALA E 307 -31.91 37.15 -20.49
CA ALA E 307 -32.06 38.40 -19.75
C ALA E 307 -30.94 38.61 -18.74
N GLU E 308 -29.77 38.00 -18.98
CA GLU E 308 -28.67 38.04 -18.02
C GLU E 308 -27.32 38.32 -18.65
N VAL E 309 -27.19 38.23 -19.97
CA VAL E 309 -25.91 38.51 -20.62
C VAL E 309 -25.54 39.97 -20.48
N LYS E 310 -26.54 40.86 -20.51
CA LYS E 310 -26.27 42.29 -20.43
C LYS E 310 -25.65 42.66 -19.09
N LEU E 311 -26.27 42.20 -18.00
CA LEU E 311 -25.76 42.52 -16.66
C LEU E 311 -24.38 41.92 -16.44
N ARG E 312 -24.17 40.68 -16.88
CA ARG E 312 -22.86 40.05 -16.74
C ARG E 312 -21.80 40.80 -17.53
N ARG E 313 -22.14 41.25 -18.74
CA ARG E 313 -21.20 42.00 -19.55
C ARG E 313 -20.85 43.34 -18.90
N GLN E 314 -21.85 44.04 -18.37
CA GLN E 314 -21.57 45.30 -17.70
C GLN E 314 -20.76 45.08 -16.42
N LEU E 315 -20.98 43.96 -15.74
CA LEU E 315 -20.19 43.62 -14.56
C LEU E 315 -18.73 43.42 -14.92
N GLU E 316 -18.47 42.65 -15.98
CA GLU E 316 -17.11 42.48 -16.44
C GLU E 316 -16.53 43.79 -16.96
N LYS E 317 -17.38 44.69 -17.47
CA LYS E 317 -16.92 46.01 -17.89
C LYS E 317 -16.42 46.80 -16.69
N HIS E 318 -17.20 46.86 -15.62
CA HIS E 318 -16.76 47.60 -14.44
C HIS E 318 -15.56 46.93 -13.77
N ILE E 319 -15.44 45.60 -13.89
CA ILE E 319 -14.23 44.95 -13.41
C ILE E 319 -13.03 45.40 -14.23
N SER E 320 -13.20 45.50 -15.56
CA SER E 320 -12.17 46.12 -16.38
C SER E 320 -11.97 47.58 -16.00
N LEU E 321 -13.03 48.26 -15.59
CA LEU E 321 -12.90 49.61 -15.06
C LEU E 321 -12.23 49.64 -13.70
N GLN E 322 -12.06 48.49 -13.04
CA GLN E 322 -11.35 48.43 -11.78
C GLN E 322 -9.85 48.22 -12.02
N LYS E 323 -9.06 48.60 -11.03
CA LYS E 323 -7.61 48.62 -11.15
C LYS E 323 -6.98 47.72 -10.10
N ILE E 324 -5.80 47.20 -10.42
CA ILE E 324 -5.07 46.36 -9.49
C ILE E 324 -4.18 47.23 -8.60
N ASN E 325 -3.76 46.66 -7.47
CA ASN E 325 -3.03 47.41 -6.46
C ASN E 325 -1.62 47.83 -6.90
N THR E 326 -1.12 47.29 -8.01
CA THR E 326 0.22 47.68 -8.45
C THR E 326 0.24 49.16 -8.82
N ARG E 327 1.27 49.85 -8.35
CA ARG E 327 1.38 51.29 -8.56
C ARG E 327 1.67 51.65 -10.00
N ILE E 328 1.99 50.67 -10.85
CA ILE E 328 2.08 50.92 -12.29
C ILE E 328 0.72 51.37 -12.82
N GLY E 329 -0.34 50.71 -12.39
CA GLY E 329 -1.68 51.02 -12.82
C GLY E 329 -2.28 50.06 -13.82
N GLN E 330 -1.96 48.77 -13.73
CA GLN E 330 -2.49 47.79 -14.66
C GLN E 330 -3.95 47.52 -14.34
N GLY E 331 -4.79 47.48 -15.38
CA GLY E 331 -6.17 47.10 -15.20
C GLY E 331 -6.31 45.66 -14.74
N VAL E 332 -7.42 45.38 -14.08
CA VAL E 332 -7.71 44.03 -13.58
C VAL E 332 -7.80 43.09 -14.78
N PRO E 333 -6.86 42.17 -14.95
CA PRO E 333 -6.88 41.32 -16.14
C PRO E 333 -8.08 40.40 -16.16
N VAL E 334 -8.70 40.29 -17.31
CA VAL E 334 -9.91 39.49 -17.50
C VAL E 334 -9.64 38.48 -18.60
N VAL E 335 -10.05 37.23 -18.37
CA VAL E 335 -9.85 36.16 -19.33
C VAL E 335 -11.18 35.42 -19.49
N ALA E 336 -11.31 34.74 -20.63
CA ALA E 336 -12.50 33.98 -20.98
C ALA E 336 -12.14 32.54 -21.24
N LEU E 337 -12.87 31.63 -20.62
CA LEU E 337 -12.69 30.19 -20.84
C LEU E 337 -13.92 29.66 -21.56
N ILE E 338 -13.70 28.97 -22.67
CA ILE E 338 -14.78 28.51 -23.54
C ILE E 338 -14.76 27.00 -23.59
N VAL E 339 -15.82 26.39 -23.06
CA VAL E 339 -16.05 24.95 -23.18
C VAL E 339 -17.47 24.77 -23.71
N GLU E 340 -17.62 23.89 -24.70
CA GLU E 340 -18.89 23.63 -25.38
C GLU E 340 -19.42 24.90 -26.03
N GLY E 341 -20.45 25.51 -25.45
CA GLY E 341 -21.04 26.71 -26.02
C GLY E 341 -22.24 26.40 -26.89
N GLY E 342 -22.55 27.36 -27.76
CA GLY E 342 -23.65 27.22 -28.69
C GLY E 342 -23.35 27.90 -30.01
N PRO E 343 -24.38 28.10 -30.83
CA PRO E 343 -24.18 28.86 -32.08
C PRO E 343 -23.72 30.28 -31.85
N ASN E 344 -24.09 30.89 -30.72
CA ASN E 344 -23.81 32.29 -30.45
C ASN E 344 -22.46 32.50 -29.75
N VAL E 345 -21.71 31.43 -29.49
CA VAL E 345 -20.38 31.58 -28.92
C VAL E 345 -19.49 32.35 -29.88
N ILE E 346 -19.79 32.28 -31.18
CA ILE E 346 -19.05 33.07 -32.15
C ILE E 346 -19.27 34.56 -31.90
N SER E 347 -20.52 34.94 -31.65
CA SER E 347 -20.81 36.35 -31.35
C SER E 347 -20.17 36.76 -30.02
N ILE E 348 -20.19 35.86 -29.03
CA ILE E 348 -19.59 36.18 -27.74
C ILE E 348 -18.09 36.39 -27.88
N VAL E 349 -17.41 35.50 -28.61
CA VAL E 349 -15.97 35.64 -28.79
C VAL E 349 -15.65 36.84 -29.66
N LEU E 350 -16.53 37.20 -30.60
CA LEU E 350 -16.33 38.42 -31.35
C LEU E 350 -16.42 39.65 -30.44
N GLU E 351 -17.41 39.66 -29.54
CA GLU E 351 -17.53 40.77 -28.60
C GLU E 351 -16.30 40.87 -27.71
N TYR E 352 -15.83 39.73 -27.21
CA TYR E 352 -14.62 39.75 -26.39
C TYR E 352 -13.37 39.99 -27.23
N LEU E 353 -13.47 39.90 -28.55
CA LEU E 353 -12.40 40.33 -29.45
C LEU E 353 -12.61 41.76 -29.94
N ARG E 354 -13.84 42.24 -29.95
CA ARG E 354 -14.13 43.62 -30.31
C ARG E 354 -13.97 44.57 -29.14
N ASP E 355 -13.64 44.06 -27.95
CA ASP E 355 -13.48 44.92 -26.79
C ASP E 355 -12.24 45.79 -26.93
N THR E 356 -12.38 47.06 -26.56
CA THR E 356 -11.24 47.98 -26.63
C THR E 356 -10.07 47.52 -25.76
N PRO E 357 -10.27 47.04 -24.53
CA PRO E 357 -9.26 46.16 -23.91
C PRO E 357 -9.46 44.73 -24.36
N PRO E 358 -8.85 44.32 -25.47
CA PRO E 358 -9.18 43.03 -26.09
C PRO E 358 -8.99 41.87 -25.13
N VAL E 359 -10.09 41.19 -24.81
CA VAL E 359 -10.10 40.11 -23.83
C VAL E 359 -9.67 38.83 -24.55
N PRO E 360 -8.59 38.17 -24.11
CA PRO E 360 -8.18 36.92 -24.76
C PRO E 360 -9.19 35.80 -24.49
N VAL E 361 -9.20 34.81 -25.37
CA VAL E 361 -10.15 33.72 -25.32
C VAL E 361 -9.41 32.41 -25.53
N VAL E 362 -9.72 31.41 -24.69
CA VAL E 362 -9.14 30.08 -24.76
C VAL E 362 -10.18 29.13 -25.33
N VAL E 363 -9.72 28.14 -26.12
CA VAL E 363 -10.60 27.17 -26.76
C VAL E 363 -10.10 25.77 -26.41
N CYS E 364 -11.04 24.85 -26.18
CA CYS E 364 -10.74 23.46 -25.89
C CYS E 364 -11.43 22.57 -26.92
N ASP E 365 -10.68 21.63 -27.49
CA ASP E 365 -11.19 20.85 -28.62
C ASP E 365 -12.15 19.75 -28.19
N GLY E 366 -12.04 19.25 -26.96
CA GLY E 366 -12.77 18.08 -26.57
C GLY E 366 -14.27 18.23 -26.39
N SER E 367 -14.80 19.43 -26.60
CA SER E 367 -16.23 19.65 -26.41
C SER E 367 -17.04 19.03 -27.53
N GLY E 368 -16.82 19.49 -28.77
CA GLY E 368 -17.59 19.05 -29.91
C GLY E 368 -18.64 20.06 -30.38
N ARG E 369 -18.79 21.17 -29.68
CA ARG E 369 -19.71 22.22 -30.07
C ARG E 369 -18.96 23.23 -30.95
N ALA E 370 -19.52 24.42 -31.15
CA ALA E 370 -18.92 25.42 -32.03
C ALA E 370 -17.52 25.82 -31.59
N SER E 371 -17.15 25.58 -30.34
CA SER E 371 -15.75 25.71 -29.95
C SER E 371 -14.86 24.79 -30.76
N ASP E 372 -15.31 23.55 -30.96
CA ASP E 372 -14.54 22.60 -31.76
C ASP E 372 -14.42 23.07 -33.21
N ILE E 373 -15.49 23.65 -33.76
CA ILE E 373 -15.39 24.15 -35.13
C ILE E 373 -14.48 25.38 -35.18
N LEU E 374 -14.44 26.18 -34.11
CA LEU E 374 -13.50 27.29 -34.07
C LEU E 374 -12.06 26.78 -34.06
N ALA E 375 -11.80 25.72 -33.30
CA ALA E 375 -10.47 25.10 -33.32
C ALA E 375 -10.16 24.53 -34.69
N PHE E 376 -11.15 23.92 -35.33
CA PHE E 376 -10.98 23.36 -36.68
C PHE E 376 -10.57 24.45 -37.66
N GLY E 377 -11.27 25.58 -37.63
CA GLY E 377 -11.01 26.66 -38.57
C GLY E 377 -9.88 27.60 -38.19
N HIS E 378 -9.35 27.49 -36.97
CA HIS E 378 -8.27 28.38 -36.56
C HIS E 378 -7.01 28.17 -37.39
N LYS E 379 -6.64 26.91 -37.60
CA LYS E 379 -5.44 26.61 -38.37
C LYS E 379 -5.72 26.79 -39.86
N TYR E 380 -4.65 26.72 -40.66
CA TYR E 380 -4.64 26.76 -42.12
C TYR E 380 -5.60 27.79 -42.72
N SER E 381 -5.61 29.00 -42.16
CA SER E 381 -6.46 30.09 -42.63
C SER E 381 -5.63 31.13 -43.37
N GLU E 382 -6.18 32.33 -43.49
CA GLU E 382 -5.50 33.48 -44.08
C GLU E 382 -4.13 33.72 -43.49
N VAL E 397 -12.51 25.74 -49.47
CA VAL E 397 -12.68 24.80 -48.36
C VAL E 397 -13.87 25.21 -47.51
N THR E 398 -14.79 25.98 -48.10
CA THR E 398 -15.94 26.47 -47.36
C THR E 398 -16.85 25.33 -46.92
N ILE E 399 -17.02 24.32 -47.77
CA ILE E 399 -17.92 23.21 -47.45
C ILE E 399 -17.36 22.27 -46.39
N GLN E 400 -16.13 22.49 -45.94
CA GLN E 400 -15.60 21.73 -44.82
C GLN E 400 -16.16 22.19 -43.48
N LYS E 401 -16.95 23.26 -43.47
CA LYS E 401 -17.63 23.73 -42.26
C LYS E 401 -19.06 23.22 -42.16
N THR E 402 -19.64 22.76 -43.26
CA THR E 402 -21.05 22.38 -43.27
C THR E 402 -21.25 21.04 -42.59
N PHE E 403 -21.90 21.05 -41.43
CA PHE E 403 -22.26 19.82 -40.74
C PHE E 403 -23.67 19.89 -40.15
N THR E 404 -24.55 20.70 -40.74
CA THR E 404 -25.97 20.82 -40.40
C THR E 404 -26.20 21.29 -38.96
N TYR E 405 -25.19 21.90 -38.34
CA TYR E 405 -25.42 22.56 -37.05
C TYR E 405 -26.33 23.77 -37.19
N THR E 406 -26.45 24.29 -38.41
CA THR E 406 -27.39 25.34 -38.77
C THR E 406 -28.25 24.84 -39.92
N ARG E 407 -28.93 25.73 -40.61
CA ARG E 407 -29.76 25.33 -41.76
C ARG E 407 -28.82 25.02 -42.94
N THR E 408 -28.24 23.81 -42.88
CA THR E 408 -27.47 23.22 -43.96
C THR E 408 -26.40 24.15 -44.53
N GLN E 409 -26.18 24.05 -45.84
CA GLN E 409 -25.40 25.05 -46.56
C GLN E 409 -26.23 26.26 -46.93
N ALA E 410 -27.55 26.20 -46.71
CA ALA E 410 -28.41 27.34 -46.97
C ALA E 410 -27.94 28.56 -46.18
N GLN E 411 -27.63 28.37 -44.90
CA GLN E 411 -27.02 29.41 -44.09
C GLN E 411 -25.68 28.91 -43.55
N HIS E 412 -24.64 29.70 -43.78
CA HIS E 412 -23.34 29.45 -43.20
C HIS E 412 -22.85 30.70 -42.50
N LEU E 413 -22.03 30.51 -41.48
CA LEU E 413 -21.59 31.58 -40.58
C LEU E 413 -20.20 32.08 -40.96
N PHE E 414 -19.91 32.13 -42.26
CA PHE E 414 -18.55 32.45 -42.70
C PHE E 414 -18.19 33.91 -42.45
N ILE E 415 -19.17 34.81 -42.41
CA ILE E 415 -18.88 36.21 -42.15
C ILE E 415 -18.31 36.38 -40.74
N ILE E 416 -19.02 35.84 -39.74
CA ILE E 416 -18.52 35.93 -38.37
C ILE E 416 -17.29 35.06 -38.20
N LEU E 417 -17.20 33.95 -38.94
CA LEU E 417 -15.99 33.12 -38.91
C LEU E 417 -14.78 33.93 -39.33
N MET E 418 -14.87 34.65 -40.44
CA MET E 418 -13.75 35.44 -40.93
C MET E 418 -13.46 36.62 -40.01
N GLU E 419 -14.51 37.27 -39.49
CA GLU E 419 -14.29 38.41 -38.60
C GLU E 419 -13.64 37.98 -37.29
N CYS E 420 -13.91 36.76 -36.82
CA CYS E 420 -13.19 36.23 -35.67
C CYS E 420 -11.77 35.82 -36.04
N MET E 421 -11.60 35.16 -37.18
CA MET E 421 -10.29 34.68 -37.61
C MET E 421 -9.33 35.80 -37.97
N LYS E 422 -9.84 37.01 -38.22
CA LYS E 422 -8.94 38.14 -38.47
C LYS E 422 -8.09 38.45 -37.24
N LYS E 423 -8.73 38.48 -36.07
CA LYS E 423 -8.02 38.67 -34.80
C LYS E 423 -7.70 37.33 -34.15
N LYS E 424 -7.09 36.42 -34.92
CA LYS E 424 -6.87 35.06 -34.44
C LYS E 424 -5.69 34.94 -33.48
N GLU E 425 -4.81 35.95 -33.44
CA GLU E 425 -3.61 35.84 -32.61
C GLU E 425 -3.95 35.73 -31.13
N LEU E 426 -5.08 36.30 -30.71
CA LEU E 426 -5.51 36.18 -29.32
C LEU E 426 -6.12 34.81 -29.01
N ILE E 427 -6.54 34.08 -30.03
CA ILE E 427 -7.17 32.77 -29.80
C ILE E 427 -6.09 31.76 -29.46
N THR E 428 -6.30 31.04 -28.36
CA THR E 428 -5.36 30.00 -27.92
C THR E 428 -6.14 28.71 -27.69
N VAL E 429 -5.89 27.72 -28.54
CA VAL E 429 -6.60 26.45 -28.42
C VAL E 429 -5.92 25.57 -27.37
N PHE E 430 -6.68 24.59 -26.87
CA PHE E 430 -6.18 23.62 -25.92
C PHE E 430 -6.45 22.22 -26.44
N ARG E 431 -5.40 21.40 -26.48
CA ARG E 431 -5.51 20.00 -26.85
C ARG E 431 -5.09 19.16 -25.65
N MET E 432 -5.42 17.86 -25.72
CA MET E 432 -5.20 16.99 -24.58
C MET E 432 -3.71 16.82 -24.27
N GLY E 433 -2.92 16.49 -25.29
CA GLY E 433 -1.49 16.39 -25.11
C GLY E 433 -0.70 16.77 -26.34
N SER E 434 -1.39 17.34 -27.34
CA SER E 434 -0.81 17.46 -28.67
C SER E 434 0.31 18.49 -28.72
N GLU E 435 0.01 19.74 -28.42
CA GLU E 435 0.96 20.83 -28.65
C GLU E 435 0.88 21.83 -27.51
N GLY E 436 1.77 22.81 -27.55
CA GLY E 436 1.75 23.93 -26.62
C GLY E 436 1.97 23.49 -25.19
N HIS E 437 1.41 24.29 -24.28
CA HIS E 437 1.47 23.95 -22.86
C HIS E 437 0.58 22.73 -22.58
N GLN E 438 1.15 21.73 -21.92
CA GLN E 438 0.44 20.49 -21.69
C GLN E 438 -0.65 20.60 -20.63
N ASP E 439 -0.73 21.72 -19.92
CA ASP E 439 -1.69 21.88 -18.83
C ASP E 439 -2.51 23.14 -19.05
N ILE E 440 -3.82 23.02 -18.80
CA ILE E 440 -4.73 24.17 -18.94
C ILE E 440 -4.34 25.27 -17.96
N ASP E 441 -3.85 24.88 -16.78
CA ASP E 441 -3.45 25.85 -15.76
C ASP E 441 -2.39 26.81 -16.31
N LEU E 442 -1.33 26.26 -16.89
CA LEU E 442 -0.32 27.11 -17.53
C LEU E 442 -0.88 27.79 -18.77
N ALA E 443 -1.77 27.11 -19.50
CA ALA E 443 -2.30 27.66 -20.74
C ALA E 443 -3.08 28.95 -20.49
N ILE E 444 -3.85 29.00 -19.40
CA ILE E 444 -4.70 30.16 -19.13
C ILE E 444 -3.85 31.41 -18.91
N LEU E 445 -2.86 31.31 -18.04
CA LEU E 445 -2.13 32.49 -17.61
C LEU E 445 -1.19 33.02 -18.67
N THR E 446 -0.82 32.19 -19.65
CA THR E 446 0.12 32.63 -20.67
C THR E 446 -0.47 33.76 -21.52
N ALA E 447 -1.75 33.64 -21.88
CA ALA E 447 -2.37 34.67 -22.72
C ALA E 447 -2.47 36.00 -21.99
N LEU E 448 -2.49 35.98 -20.67
CA LEU E 448 -2.59 37.21 -19.88
C LEU E 448 -1.35 38.07 -19.97
N LEU E 449 -0.25 37.56 -20.52
CA LEU E 449 0.96 38.33 -20.71
C LEU E 449 1.21 38.69 -22.17
N LYS E 450 1.23 37.70 -23.05
CA LYS E 450 1.44 37.97 -24.47
C LYS E 450 0.29 38.79 -25.05
N GLY E 451 -0.95 38.49 -24.66
CA GLY E 451 -2.08 39.25 -25.13
C GLY E 451 -2.29 40.58 -24.44
N ALA E 452 -1.61 40.81 -23.31
CA ALA E 452 -1.73 42.08 -22.61
C ALA E 452 -1.13 43.23 -23.42
N ASN E 453 -0.15 42.92 -24.27
CA ASN E 453 0.60 43.93 -25.02
C ASN E 453 1.20 44.97 -24.08
N ALA E 454 1.67 44.50 -22.93
CA ALA E 454 2.17 45.35 -21.86
C ALA E 454 3.67 45.18 -21.69
N SER E 455 4.26 46.13 -20.97
CA SER E 455 5.69 46.10 -20.72
C SER E 455 6.06 44.95 -19.80
N ALA E 456 7.24 44.39 -20.03
CA ALA E 456 7.73 43.29 -19.19
C ALA E 456 7.76 43.62 -17.69
N PRO E 457 8.16 44.82 -17.24
CA PRO E 457 8.00 45.11 -15.80
C PRO E 457 6.57 45.03 -15.31
N ASP E 458 5.60 45.44 -16.14
CA ASP E 458 4.21 45.34 -15.74
C ASP E 458 3.78 43.88 -15.61
N GLN E 459 4.20 43.03 -16.55
CA GLN E 459 3.94 41.60 -16.43
C GLN E 459 4.62 41.04 -15.18
N LEU E 460 5.80 41.55 -14.85
CA LEU E 460 6.47 41.14 -13.62
C LEU E 460 5.64 41.50 -12.40
N SER E 461 5.07 42.71 -12.39
CA SER E 461 4.20 43.12 -11.30
C SER E 461 3.00 42.19 -11.18
N LEU E 462 2.41 41.83 -12.32
CA LEU E 462 1.25 40.95 -12.32
C LEU E 462 1.60 39.58 -11.77
N ALA E 463 2.71 39.01 -12.25
CA ALA E 463 3.14 37.69 -11.77
C ALA E 463 3.47 37.73 -10.29
N LEU E 464 4.11 38.81 -9.85
CA LEU E 464 4.43 38.97 -8.43
C LEU E 464 3.16 39.02 -7.60
N ALA E 465 2.14 39.70 -8.10
CA ALA E 465 0.84 39.67 -7.43
C ALA E 465 0.28 38.25 -7.38
N TRP E 466 0.43 37.51 -8.48
CA TRP E 466 -0.11 36.16 -8.54
C TRP E 466 0.70 35.16 -7.72
N ASN E 467 1.90 35.55 -7.27
CA ASN E 467 2.80 34.65 -6.54
C ASN E 467 3.13 33.41 -7.39
N ARG E 468 3.50 33.65 -8.65
CA ARG E 468 3.79 32.59 -9.61
C ARG E 468 5.14 32.87 -10.23
N VAL E 469 6.21 32.37 -9.59
CA VAL E 469 7.56 32.59 -10.12
C VAL E 469 7.82 31.73 -11.35
N ASP E 470 7.12 30.61 -11.47
CA ASP E 470 7.35 29.71 -12.59
C ASP E 470 7.01 30.37 -13.92
N ILE E 471 5.91 31.12 -13.95
CA ILE E 471 5.50 31.79 -15.18
C ILE E 471 6.54 32.85 -15.56
N ALA E 472 6.98 33.64 -14.58
CA ALA E 472 7.95 34.69 -14.86
C ALA E 472 9.27 34.10 -15.34
N ARG E 473 9.75 33.03 -14.69
CA ARG E 473 10.97 32.38 -15.15
C ARG E 473 10.77 31.78 -16.53
N SER E 474 9.54 31.36 -16.85
CA SER E 474 9.28 30.74 -18.15
C SER E 474 9.00 31.78 -19.22
N GLN E 475 8.23 32.81 -18.91
CA GLN E 475 7.71 33.73 -19.91
C GLN E 475 8.33 35.12 -19.84
N ILE E 476 8.78 35.56 -18.67
CA ILE E 476 9.25 36.93 -18.55
C ILE E 476 10.76 37.01 -18.79
N PHE E 477 11.52 36.12 -18.17
CA PHE E 477 12.99 36.16 -18.25
C PHE E 477 13.45 35.13 -19.27
N ILE E 478 13.46 35.55 -20.53
CA ILE E 478 13.97 34.75 -21.64
C ILE E 478 14.79 35.64 -22.55
N TYR E 479 15.14 35.14 -23.74
CA TYR E 479 15.95 35.88 -24.69
C TYR E 479 15.36 37.23 -25.03
N GLY E 480 16.20 38.28 -24.97
CA GLY E 480 15.82 39.58 -25.50
C GLY E 480 14.69 40.30 -24.80
N GLN E 481 14.92 40.73 -23.55
CA GLN E 481 13.89 41.42 -22.79
C GLN E 481 14.10 42.93 -22.69
N GLN E 482 15.33 43.41 -22.93
CA GLN E 482 15.70 44.83 -23.00
C GLN E 482 15.00 45.68 -21.93
N TRP E 483 15.32 45.35 -20.68
CA TRP E 483 14.71 46.03 -19.55
C TRP E 483 15.13 47.50 -19.52
N PRO E 484 14.24 48.41 -19.13
CA PRO E 484 14.59 49.82 -19.05
C PRO E 484 15.34 50.17 -17.77
N VAL E 485 15.56 51.46 -17.55
CA VAL E 485 16.29 51.94 -16.39
C VAL E 485 15.32 52.18 -15.23
N GLY E 486 15.71 51.74 -14.04
CA GLY E 486 14.93 51.97 -12.84
C GLY E 486 13.74 51.05 -12.66
N SER E 487 13.57 50.05 -13.53
CA SER E 487 12.43 49.17 -13.43
C SER E 487 12.64 48.11 -12.36
N LEU E 488 13.72 47.34 -12.47
CA LEU E 488 13.95 46.24 -11.55
C LEU E 488 14.19 46.73 -10.13
N GLU E 489 14.67 47.97 -9.96
CA GLU E 489 14.84 48.52 -8.62
C GLU E 489 13.50 48.65 -7.90
N GLN E 490 12.53 49.30 -8.54
CA GLN E 490 11.19 49.40 -7.95
C GLN E 490 10.54 48.04 -7.85
N ALA E 491 10.83 47.15 -8.80
CA ALA E 491 10.30 45.79 -8.74
C ALA E 491 10.76 45.07 -7.48
N MET E 492 12.06 45.14 -7.19
CA MET E 492 12.60 44.56 -5.97
C MET E 492 12.02 45.24 -4.74
N LEU E 493 11.85 46.56 -4.81
CA LEU E 493 11.28 47.29 -3.69
C LEU E 493 9.88 46.78 -3.35
N ASP E 494 9.05 46.58 -4.37
CA ASP E 494 7.70 46.09 -4.11
C ASP E 494 7.69 44.59 -3.83
N ALA E 495 8.71 43.86 -4.26
CA ALA E 495 8.74 42.43 -4.00
C ALA E 495 9.14 42.12 -2.56
N LEU E 496 10.10 42.88 -2.03
CA LEU E 496 10.56 42.63 -0.66
C LEU E 496 9.47 42.92 0.35
N VAL E 497 8.70 44.00 0.15
CA VAL E 497 7.67 44.37 1.11
C VAL E 497 6.52 43.38 1.12
N LEU E 498 6.42 42.50 0.13
CA LEU E 498 5.35 41.51 0.05
C LEU E 498 5.83 40.11 0.35
N ASP E 499 7.11 39.92 0.65
CA ASP E 499 7.67 38.64 1.10
C ASP E 499 7.45 37.53 0.07
N ARG E 500 8.09 37.71 -1.09
CA ARG E 500 8.07 36.72 -2.16
C ARG E 500 9.52 36.33 -2.45
N VAL E 501 10.00 35.31 -1.74
CA VAL E 501 11.42 34.95 -1.79
C VAL E 501 11.84 34.53 -3.19
N ASP E 502 11.00 33.73 -3.85
CA ASP E 502 11.35 33.19 -5.17
C ASP E 502 11.56 34.30 -6.18
N PHE E 503 10.68 35.30 -6.20
CA PHE E 503 10.85 36.42 -7.11
C PHE E 503 12.13 37.20 -6.80
N VAL E 504 12.43 37.36 -5.51
CA VAL E 504 13.64 38.08 -5.12
C VAL E 504 14.88 37.35 -5.61
N LYS E 505 14.91 36.03 -5.43
CA LYS E 505 16.03 35.23 -5.91
C LYS E 505 16.14 35.31 -7.43
N LEU E 506 15.00 35.26 -8.12
CA LEU E 506 15.02 35.37 -9.58
C LEU E 506 15.60 36.70 -10.03
N LEU E 507 15.21 37.79 -9.38
CA LEU E 507 15.76 39.09 -9.72
C LEU E 507 17.25 39.16 -9.42
N ILE E 508 17.68 38.55 -8.32
CA ILE E 508 19.11 38.51 -7.98
C ILE E 508 19.89 37.79 -9.07
N GLU E 509 19.36 36.66 -9.54
CA GLU E 509 20.02 35.91 -10.60
C GLU E 509 20.03 36.65 -11.93
N ASN E 510 19.26 37.74 -12.06
CA ASN E 510 19.19 38.51 -13.29
C ASN E 510 19.94 39.83 -13.18
N GLY E 511 21.04 39.83 -12.43
CA GLY E 511 21.95 40.96 -12.40
C GLY E 511 21.76 41.92 -11.24
N VAL E 512 20.69 41.79 -10.46
CA VAL E 512 20.42 42.70 -9.37
C VAL E 512 21.40 42.42 -8.23
N SER E 513 22.13 43.45 -7.81
CA SER E 513 23.02 43.37 -6.66
C SER E 513 22.56 44.38 -5.62
N MET E 514 22.53 43.95 -4.36
CA MET E 514 21.86 44.72 -3.32
C MET E 514 22.67 45.94 -2.90
N HIS E 515 23.99 45.90 -3.05
CA HIS E 515 24.84 46.99 -2.57
C HIS E 515 24.49 48.29 -3.26
N ARG E 516 24.42 48.28 -4.60
CA ARG E 516 23.99 49.46 -5.33
C ARG E 516 22.48 49.65 -5.27
N PHE E 517 21.73 48.57 -5.02
CA PHE E 517 20.27 48.66 -5.07
C PHE E 517 19.71 49.47 -3.91
N LEU E 518 20.31 49.35 -2.73
CA LEU E 518 19.69 49.85 -1.52
C LEU E 518 19.94 51.34 -1.33
N THR E 519 18.90 52.05 -0.90
CA THR E 519 19.01 53.41 -0.41
C THR E 519 18.58 53.44 1.06
N ILE E 520 19.00 54.50 1.75
CA ILE E 520 18.57 54.67 3.14
C ILE E 520 17.06 54.84 3.19
N SER E 521 16.51 55.65 2.27
CA SER E 521 15.07 55.84 2.21
C SER E 521 14.35 54.53 1.89
N ARG E 522 15.00 53.66 1.12
CA ARG E 522 14.43 52.33 0.87
C ARG E 522 14.23 51.58 2.18
N LEU E 523 15.25 51.57 3.04
CA LEU E 523 15.11 50.89 4.32
C LEU E 523 14.10 51.59 5.21
N GLU E 524 14.02 52.91 5.12
CA GLU E 524 13.04 53.66 5.90
C GLU E 524 11.62 53.25 5.52
N GLU E 525 11.34 53.15 4.22
CA GLU E 525 10.02 52.72 3.80
C GLU E 525 9.79 51.23 4.07
N LEU E 526 10.85 50.43 4.05
CA LEU E 526 10.72 49.04 4.46
C LEU E 526 10.26 48.93 5.90
N TYR E 527 10.83 49.75 6.78
CA TYR E 527 10.39 49.75 8.17
C TYR E 527 9.01 50.38 8.34
N ASN E 528 8.61 51.25 7.43
CA ASN E 528 7.34 51.96 7.56
C ASN E 528 6.22 51.34 6.73
N THR E 529 6.43 50.17 6.14
CA THR E 529 5.41 49.55 5.31
C THR E 529 4.32 48.93 6.17
N ARG E 530 3.31 48.35 5.51
CA ARG E 530 2.19 47.75 6.21
C ARG E 530 1.75 46.39 5.67
N HIS E 531 2.20 45.98 4.49
CA HIS E 531 1.64 44.82 3.81
C HIS E 531 2.46 43.56 4.15
N GLY E 532 2.27 43.11 5.39
CA GLY E 532 2.91 41.90 5.85
C GLY E 532 2.24 41.35 7.10
N PRO E 533 2.60 40.13 7.48
CA PRO E 533 2.10 39.59 8.75
C PRO E 533 2.57 40.43 9.93
N SER E 534 1.69 40.54 10.93
CA SER E 534 1.91 41.46 12.03
C SER E 534 3.11 41.04 12.87
N ASN E 535 3.60 41.99 13.66
CA ASN E 535 4.80 41.81 14.46
C ASN E 535 4.66 42.64 15.73
N THR E 536 5.78 42.85 16.43
CA THR E 536 5.80 43.56 17.69
C THR E 536 6.31 44.99 17.55
N LEU E 537 6.40 45.52 16.33
CA LEU E 537 7.11 46.77 16.11
C LEU E 537 6.41 47.94 16.81
N TYR E 538 5.11 48.09 16.60
CA TYR E 538 4.40 49.26 17.10
C TYR E 538 4.43 49.33 18.62
N HIS E 539 4.17 48.20 19.28
CA HIS E 539 4.09 48.19 20.73
C HIS E 539 5.46 48.47 21.34
N LEU E 540 6.50 47.80 20.84
CA LEU E 540 7.84 48.01 21.38
C LEU E 540 8.33 49.43 21.11
N VAL E 541 7.98 49.98 19.94
CA VAL E 541 8.33 51.36 19.63
C VAL E 541 7.67 52.30 20.62
N ARG E 542 6.39 52.07 20.90
CA ARG E 542 5.69 52.89 21.89
C ARG E 542 6.34 52.78 23.25
N ASP E 543 6.70 51.56 23.67
CA ASP E 543 7.30 51.37 24.99
C ASP E 543 8.66 52.04 25.10
N VAL E 544 9.50 51.90 24.08
CA VAL E 544 10.85 52.45 24.15
C VAL E 544 10.80 53.97 24.22
N LYS E 545 10.02 54.58 23.34
CA LYS E 545 9.85 56.03 23.37
C LYS E 545 8.68 56.46 24.23
N LYS E 546 8.30 55.63 25.21
CA LYS E 546 7.33 55.97 26.24
C LYS E 546 5.97 56.36 25.67
N GLY E 547 5.68 55.95 24.44
CA GLY E 547 4.43 56.36 23.82
C GLY E 547 4.34 57.84 23.57
N ASN E 548 5.48 58.51 23.40
CA ASN E 548 5.52 59.93 23.08
C ASN E 548 5.28 60.21 21.60
N LEU E 549 4.76 59.23 20.87
CA LEU E 549 4.54 59.37 19.45
C LEU E 549 3.45 60.41 19.17
N PRO E 550 3.64 61.26 18.16
CA PRO E 550 2.51 62.01 17.61
C PRO E 550 1.55 61.05 16.91
N PRO E 551 0.30 61.45 16.70
CA PRO E 551 -0.66 60.53 16.07
C PRO E 551 -0.17 60.07 14.71
N ASP E 552 -0.35 58.76 14.45
CA ASP E 552 0.21 58.05 13.30
C ASP E 552 1.61 58.53 12.95
N TYR E 553 2.50 58.42 13.94
CA TYR E 553 3.88 58.87 13.78
C TYR E 553 4.62 58.02 12.75
N ARG E 554 5.39 58.69 11.90
CA ARG E 554 6.21 58.00 10.91
C ARG E 554 7.49 57.51 11.59
N ILE E 555 7.66 56.19 11.64
CA ILE E 555 8.80 55.61 12.34
C ILE E 555 10.09 56.02 11.64
N SER E 556 11.13 56.24 12.44
CA SER E 556 12.44 56.66 11.93
C SER E 556 13.51 55.68 12.38
N LEU E 557 14.62 55.68 11.63
CA LEU E 557 15.69 54.70 11.87
C LEU E 557 16.34 54.90 13.23
N ILE E 558 16.30 56.12 13.78
CA ILE E 558 16.96 56.39 15.05
C ILE E 558 16.26 55.64 16.17
N ASP E 559 14.93 55.70 16.23
CA ASP E 559 14.19 54.93 17.21
C ASP E 559 14.37 53.44 16.99
N ILE E 560 14.54 53.02 15.74
CA ILE E 560 14.83 51.61 15.45
C ILE E 560 16.14 51.20 16.11
N GLY E 561 17.16 52.05 15.97
CA GLY E 561 18.42 51.77 16.64
C GLY E 561 18.29 51.77 18.15
N LEU E 562 17.46 52.67 18.69
CA LEU E 562 17.22 52.68 20.13
C LEU E 562 16.61 51.37 20.60
N VAL E 563 15.60 50.88 19.88
CA VAL E 563 14.97 49.62 20.22
C VAL E 563 15.97 48.47 20.10
N ILE E 564 16.79 48.49 19.06
CA ILE E 564 17.76 47.43 18.85
C ILE E 564 18.76 47.37 20.00
N GLU E 565 19.30 48.53 20.38
CA GLU E 565 20.26 48.56 21.48
C GLU E 565 19.61 48.19 22.80
N TYR E 566 18.34 48.56 22.99
CA TYR E 566 17.63 48.14 24.18
C TYR E 566 17.47 46.63 24.25
N LEU E 567 17.19 46.00 23.11
CA LEU E 567 17.00 44.55 23.08
C LEU E 567 18.31 43.78 23.13
N MET E 568 19.40 44.37 22.63
CA MET E 568 20.68 43.65 22.59
C MET E 568 21.24 43.43 23.99
N GLY E 569 21.25 44.49 24.80
CA GLY E 569 21.82 44.39 26.13
C GLY E 569 22.25 45.76 26.63
N GLY E 570 22.88 45.75 27.79
CA GLY E 570 23.33 46.95 28.45
C GLY E 570 24.69 47.46 28.05
N ALA E 571 25.34 46.80 27.09
CA ALA E 571 26.65 47.23 26.62
C ALA E 571 26.76 47.32 25.11
N TYR E 572 25.90 46.65 24.36
CA TYR E 572 25.95 46.71 22.91
C TYR E 572 25.57 48.11 22.43
N ARG E 573 26.31 48.61 21.45
CA ARG E 573 26.05 49.91 20.84
C ARG E 573 25.99 49.74 19.33
N CYS E 574 24.85 50.03 18.74
CA CYS E 574 24.64 49.81 17.31
C CYS E 574 25.29 50.92 16.50
N ASN E 575 25.42 50.66 15.20
CA ASN E 575 26.00 51.64 14.29
C ASN E 575 25.09 52.86 14.13
N TYR E 576 23.78 52.65 14.19
CA TYR E 576 22.84 53.73 13.92
C TYR E 576 22.88 54.80 15.00
N THR E 577 23.31 54.44 16.21
CA THR E 577 23.47 55.41 17.29
C THR E 577 24.90 55.93 17.38
N ARG E 578 25.79 55.49 16.51
CA ARG E 578 27.10 56.11 16.42
C ARG E 578 26.95 57.55 15.93
N LYS E 579 27.81 58.43 16.43
CA LYS E 579 27.65 59.86 16.18
C LYS E 579 27.85 60.19 14.71
N ARG E 580 28.67 59.41 14.00
CA ARG E 580 28.81 59.62 12.56
C ARG E 580 27.49 59.36 11.85
N PHE E 581 26.77 58.32 12.24
CA PHE E 581 25.46 58.04 11.67
C PHE E 581 24.47 59.17 11.99
N ARG E 582 24.49 59.66 13.23
CA ARG E 582 23.59 60.72 13.64
C ARG E 582 23.86 61.99 12.84
N THR E 583 25.12 62.31 12.61
CA THR E 583 25.46 63.44 11.76
C THR E 583 25.04 63.19 10.31
N LEU E 584 25.22 61.94 9.85
CA LEU E 584 24.91 61.60 8.47
C LEU E 584 23.44 61.85 8.15
N TYR E 585 22.56 61.37 9.02
CA TYR E 585 21.16 61.65 8.75
C TYR E 585 20.66 62.92 9.43
N HIS E 586 21.54 63.64 10.14
CA HIS E 586 21.14 64.90 10.74
C HIS E 586 20.78 65.93 9.67
N ASN E 587 21.40 65.83 8.50
CA ASN E 587 21.19 66.77 7.42
C ASN E 587 20.30 66.20 6.31
N LEU E 588 19.33 65.37 6.67
CA LEU E 588 18.42 64.80 5.69
C LEU E 588 17.08 64.45 6.32
N ASN E 632 23.47 56.83 1.36
CA ASN E 632 24.37 57.00 0.23
C ASN E 632 24.89 55.65 -0.25
N HIS E 633 25.43 54.86 0.68
CA HIS E 633 25.98 53.56 0.33
C HIS E 633 26.01 52.69 1.57
N PHE E 634 26.03 51.38 1.34
CA PHE E 634 26.14 50.40 2.42
C PHE E 634 26.91 49.18 1.93
N PRO E 635 28.15 48.99 2.38
CA PRO E 635 28.95 47.85 1.89
C PRO E 635 28.42 46.50 2.34
N PHE E 636 27.53 46.44 3.33
CA PHE E 636 27.05 45.18 3.89
C PHE E 636 25.52 45.21 3.97
N PRO E 637 24.84 45.11 2.83
CA PRO E 637 23.37 45.17 2.85
C PRO E 637 22.73 44.03 3.63
N PHE E 638 23.33 42.83 3.59
CA PHE E 638 22.69 41.66 4.15
C PHE E 638 22.49 41.77 5.65
N HIS E 639 23.39 42.49 6.33
CA HIS E 639 23.27 42.64 7.78
C HIS E 639 22.00 43.37 8.15
N GLU E 640 21.78 44.54 7.54
CA GLU E 640 20.56 45.28 7.81
C GLU E 640 19.34 44.55 7.27
N LEU E 641 19.51 43.81 6.17
CA LEU E 641 18.42 42.98 5.66
C LEU E 641 17.94 41.99 6.71
N MET E 642 18.89 41.25 7.28
CA MET E 642 18.55 40.25 8.30
C MET E 642 17.97 40.91 9.54
N VAL E 643 18.54 42.03 9.97
CA VAL E 643 18.02 42.72 11.15
C VAL E 643 16.59 43.16 10.92
N TRP E 644 16.30 43.75 9.76
CA TRP E 644 14.96 44.19 9.43
C TRP E 644 14.00 43.02 9.36
N ALA E 645 14.44 41.91 8.75
CA ALA E 645 13.58 40.74 8.64
C ALA E 645 13.21 40.20 10.01
N VAL E 646 14.18 40.13 10.93
CA VAL E 646 13.90 39.69 12.28
C VAL E 646 12.96 40.67 12.96
N LEU E 647 13.21 41.98 12.80
CA LEU E 647 12.35 42.98 13.40
C LEU E 647 10.94 42.92 12.85
N MET E 648 10.80 42.75 11.54
CA MET E 648 9.49 42.67 10.92
C MET E 648 8.90 41.27 10.97
N LYS E 649 9.63 40.30 11.53
CA LYS E 649 9.14 38.94 11.72
C LYS E 649 8.74 38.31 10.40
N ARG E 650 9.72 38.13 9.52
CA ARG E 650 9.54 37.44 8.25
C ARG E 650 10.60 36.34 8.22
N GLN E 651 10.22 35.18 8.75
CA GLN E 651 11.20 34.13 9.05
C GLN E 651 11.86 33.58 7.79
N LYS E 652 11.07 33.27 6.77
CA LYS E 652 11.61 32.61 5.57
C LYS E 652 12.63 33.50 4.87
N MET E 653 12.30 34.76 4.68
CA MET E 653 13.23 35.70 4.06
C MET E 653 14.46 35.91 4.94
N ALA E 654 14.29 35.88 6.26
CA ALA E 654 15.44 36.00 7.16
C ALA E 654 16.38 34.81 7.00
N LEU E 655 15.82 33.60 6.90
CA LEU E 655 16.65 32.41 6.68
C LEU E 655 17.38 32.50 5.36
N PHE E 656 16.69 32.97 4.31
CA PHE E 656 17.37 33.15 3.03
C PHE E 656 18.49 34.18 3.12
N PHE E 657 18.23 35.28 3.85
CA PHE E 657 19.23 36.34 3.97
C PHE E 657 20.46 35.85 4.74
N TRP E 658 20.25 34.99 5.74
CA TRP E 658 21.36 34.55 6.57
C TRP E 658 22.42 33.82 5.76
N GLN E 659 21.99 32.97 4.82
CA GLN E 659 22.95 32.21 4.03
C GLN E 659 23.57 33.03 2.90
N HIS E 660 23.34 34.34 2.87
CA HIS E 660 23.93 35.22 1.88
C HIS E 660 24.71 36.31 2.59
N GLY E 661 26.00 36.41 2.27
CA GLY E 661 26.82 37.47 2.84
C GLY E 661 28.08 36.98 3.53
N GLU E 662 28.45 37.66 4.61
CA GLU E 662 29.70 37.41 5.32
C GLU E 662 29.44 37.34 6.82
N GLU E 663 30.29 36.59 7.52
CA GLU E 663 30.25 36.48 8.98
C GLU E 663 28.88 35.96 9.44
N ALA E 664 28.44 34.87 8.80
CA ALA E 664 27.07 34.39 9.00
C ALA E 664 26.83 33.89 10.42
N MET E 665 27.86 33.31 11.07
CA MET E 665 27.65 32.71 12.38
C MET E 665 27.26 33.75 13.42
N ALA E 666 27.95 34.89 13.43
CA ALA E 666 27.59 35.96 14.35
C ALA E 666 26.20 36.48 14.04
N LYS E 667 25.84 36.55 12.76
CA LYS E 667 24.51 36.98 12.39
C LYS E 667 23.45 36.05 12.95
N ALA E 668 23.69 34.73 12.85
CA ALA E 668 22.74 33.76 13.39
C ALA E 668 22.65 33.87 14.90
N LEU E 669 23.79 34.07 15.57
CA LEU E 669 23.78 34.23 17.02
C LEU E 669 22.97 35.45 17.44
N VAL E 670 23.21 36.59 16.78
CA VAL E 670 22.49 37.82 17.10
C VAL E 670 21.00 37.65 16.80
N ALA E 671 20.67 36.94 15.73
CA ALA E 671 19.27 36.68 15.40
C ALA E 671 18.62 35.84 16.48
N CYS E 672 19.31 34.81 16.97
CA CYS E 672 18.76 34.00 18.05
C CYS E 672 18.54 34.83 19.31
N LYS E 673 19.50 35.69 19.64
CA LYS E 673 19.36 36.57 20.79
C LYS E 673 18.16 37.49 20.63
N LEU E 674 17.98 38.06 19.44
CA LEU E 674 16.87 38.97 19.23
C LEU E 674 15.53 38.25 19.25
N CYS E 675 15.48 37.03 18.72
CA CYS E 675 14.26 36.24 18.81
C CYS E 675 13.91 35.94 20.27
N LYS E 676 14.92 35.57 21.06
CA LYS E 676 14.70 35.33 22.48
C LYS E 676 14.18 36.59 23.18
N ALA E 677 14.79 37.73 22.89
CA ALA E 677 14.38 38.99 23.52
C ALA E 677 12.96 39.37 23.13
N MET E 678 12.64 39.25 21.84
CA MET E 678 11.30 39.59 21.37
C MET E 678 10.25 38.66 21.95
N ALA E 679 10.57 37.36 22.05
CA ALA E 679 9.64 36.41 22.64
C ALA E 679 9.39 36.73 24.11
N HIS E 680 10.47 37.01 24.85
CA HIS E 680 10.30 37.33 26.27
C HIS E 680 9.49 38.61 26.45
N GLU E 681 9.76 39.62 25.63
CA GLU E 681 9.02 40.87 25.74
C GLU E 681 7.56 40.71 25.38
N ALA E 682 7.27 39.95 24.32
CA ALA E 682 5.89 39.76 23.89
C ALA E 682 5.09 38.97 24.92
N SER E 683 5.62 37.83 25.37
CA SER E 683 4.94 37.07 26.41
C SER E 683 4.92 37.81 27.73
N GLU E 684 5.82 38.77 27.92
CA GLU E 684 5.80 39.64 29.09
C GLU E 684 4.70 40.69 28.99
N ASN E 685 4.29 41.04 27.77
CA ASN E 685 3.36 42.15 27.55
C ASN E 685 1.95 41.68 27.21
N ASP E 686 1.50 40.62 27.88
CA ASP E 686 0.08 40.24 28.00
C ASP E 686 -0.65 40.14 26.65
N MET E 687 0.08 39.85 25.59
CA MET E 687 -0.54 39.74 24.26
C MET E 687 -0.96 38.29 24.01
N VAL E 688 -1.26 37.98 22.75
CA VAL E 688 -1.67 36.62 22.39
C VAL E 688 -0.52 35.64 22.61
N ASP E 689 0.72 36.08 22.40
CA ASP E 689 1.96 35.42 22.82
C ASP E 689 2.26 34.12 22.08
N ASP E 690 1.42 33.70 21.13
CA ASP E 690 1.86 32.67 20.20
C ASP E 690 2.97 33.19 19.31
N ILE E 691 3.04 34.51 19.15
CA ILE E 691 4.19 35.14 18.52
C ILE E 691 5.45 34.83 19.32
N SER E 692 5.34 34.80 20.64
CA SER E 692 6.50 34.49 21.48
C SER E 692 7.01 33.09 21.23
N GLN E 693 6.11 32.10 21.15
CA GLN E 693 6.58 30.75 20.90
C GLN E 693 7.06 30.56 19.46
N GLU E 694 6.50 31.31 18.51
CA GLU E 694 7.05 31.30 17.17
C GLU E 694 8.47 31.88 17.16
N LEU E 695 8.70 32.94 17.93
CA LEU E 695 10.05 33.47 18.08
C LEU E 695 10.96 32.47 18.77
N ASN E 696 10.42 31.68 19.70
CA ASN E 696 11.19 30.59 20.29
C ASN E 696 11.59 29.57 19.24
N HIS E 697 10.68 29.23 18.33
CA HIS E 697 11.00 28.32 17.24
C HIS E 697 12.14 28.89 16.39
N ASN E 698 12.04 30.18 16.05
CA ASN E 698 13.08 30.81 15.24
C ASN E 698 14.42 30.84 15.96
N SER E 699 14.41 31.15 17.25
CA SER E 699 15.66 31.19 18.01
C SER E 699 16.29 29.80 18.10
N ARG E 700 15.46 28.77 18.29
CA ARG E 700 15.98 27.41 18.30
C ARG E 700 16.58 27.04 16.96
N ASP E 701 15.92 27.44 15.87
CA ASP E 701 16.47 27.19 14.55
C ASP E 701 17.82 27.86 14.38
N PHE E 702 17.94 29.11 14.83
CA PHE E 702 19.19 29.83 14.69
C PHE E 702 20.30 29.19 15.52
N GLY E 703 19.98 28.80 16.75
CA GLY E 703 20.99 28.12 17.57
C GLY E 703 21.43 26.80 16.97
N GLN E 704 20.47 26.03 16.45
CA GLN E 704 20.80 24.76 15.82
C GLN E 704 21.70 24.98 14.61
N LEU E 705 21.37 25.98 13.78
CA LEU E 705 22.19 26.26 12.60
C LEU E 705 23.59 26.71 12.99
N ALA E 706 23.71 27.56 14.01
CA ALA E 706 25.02 28.02 14.45
C ALA E 706 25.86 26.86 14.97
N VAL E 707 25.27 25.98 15.77
CA VAL E 707 26.00 24.84 16.29
C VAL E 707 26.44 23.92 15.15
N GLU E 708 25.55 23.68 14.20
CA GLU E 708 25.90 22.82 13.08
C GLU E 708 27.03 23.42 12.24
N LEU E 709 26.97 24.73 12.00
CA LEU E 709 28.03 25.39 11.25
C LEU E 709 29.35 25.29 11.98
N LEU E 710 29.33 25.51 13.29
CA LEU E 710 30.55 25.38 14.09
C LEU E 710 31.10 23.96 14.03
N ASP E 711 30.22 22.97 14.11
CA ASP E 711 30.65 21.58 14.06
C ASP E 711 31.30 21.26 12.71
N GLN E 712 30.69 21.72 11.62
CA GLN E 712 31.26 21.49 10.30
C GLN E 712 32.61 22.17 10.16
N SER E 713 32.72 23.41 10.63
CA SER E 713 33.99 24.13 10.54
C SER E 713 35.07 23.41 11.31
N TYR E 714 34.77 22.99 12.55
CA TYR E 714 35.76 22.31 13.37
C TYR E 714 36.15 20.96 12.77
N LYS E 715 35.18 20.24 12.21
CA LYS E 715 35.51 18.97 11.57
C LYS E 715 36.43 19.18 10.36
N GLN E 716 36.18 20.23 9.58
CA GLN E 716 37.04 20.46 8.41
C GLN E 716 38.41 20.98 8.81
N ASP E 717 38.46 21.95 9.72
CA ASP E 717 39.73 22.56 10.09
C ASP E 717 39.68 22.97 11.56
N GLU E 718 40.83 22.88 12.23
CA GLU E 718 40.87 23.16 13.66
C GLU E 718 41.27 24.61 13.94
N GLN E 719 42.46 25.02 13.48
CA GLN E 719 43.05 26.28 13.89
C GLN E 719 42.21 27.47 13.46
N LEU E 720 41.76 27.47 12.21
CA LEU E 720 40.92 28.56 11.73
C LEU E 720 39.59 28.59 12.46
N ALA E 721 39.03 27.42 12.75
CA ALA E 721 37.80 27.37 13.52
C ALA E 721 37.98 27.98 14.90
N MET E 722 39.11 27.70 15.55
CA MET E 722 39.39 28.28 16.85
C MET E 722 39.51 29.80 16.75
N LYS E 723 40.34 30.28 15.81
CA LYS E 723 40.54 31.71 15.68
C LYS E 723 39.31 32.43 15.15
N LEU E 724 38.32 31.69 14.66
CA LEU E 724 37.10 32.28 14.14
C LEU E 724 36.28 32.98 15.22
N LEU E 725 36.52 32.68 16.49
CA LEU E 725 35.68 33.17 17.56
C LEU E 725 36.36 34.23 18.42
N THR E 726 37.67 34.38 18.30
CA THR E 726 38.42 35.23 19.21
C THR E 726 38.43 36.71 18.86
N TYR E 727 38.24 37.06 17.59
CA TYR E 727 38.44 38.44 17.18
C TYR E 727 37.16 39.25 17.35
N GLU E 728 37.33 40.57 17.28
CA GLU E 728 36.25 41.53 17.52
C GLU E 728 35.30 41.59 16.33
N LEU E 729 34.34 42.50 16.41
CA LEU E 729 33.39 42.77 15.34
C LEU E 729 33.04 44.25 15.38
N LYS E 730 33.76 45.05 14.58
CA LYS E 730 33.52 46.49 14.53
C LYS E 730 32.06 46.80 14.19
N ASN E 731 31.43 45.96 13.37
CA ASN E 731 30.03 46.15 13.01
C ASN E 731 29.08 45.66 14.08
N TRP E 732 29.59 45.03 15.14
CA TRP E 732 28.75 44.44 16.17
C TRP E 732 29.24 44.85 17.54
N SER E 733 29.56 46.13 17.69
CA SER E 733 29.98 46.73 18.96
C SER E 733 31.19 46.03 19.55
N ASN E 734 32.04 45.47 18.66
CA ASN E 734 33.29 44.83 19.05
C ASN E 734 33.07 43.73 20.07
N ALA E 735 32.36 42.69 19.64
CA ALA E 735 32.05 41.55 20.48
C ALA E 735 32.53 40.27 19.82
N THR E 736 32.80 39.27 20.64
CA THR E 736 33.16 37.94 20.18
C THR E 736 31.96 37.02 20.29
N CYS E 737 31.96 35.97 19.48
CA CYS E 737 30.82 35.07 19.39
C CYS E 737 30.49 34.43 20.72
N LEU E 738 31.51 34.18 21.54
CA LEU E 738 31.28 33.56 22.85
C LEU E 738 30.44 34.48 23.74
N GLN E 739 30.79 35.76 23.77
CA GLN E 739 30.00 36.70 24.56
C GLN E 739 28.59 36.84 24.00
N LEU E 740 28.44 36.71 22.68
CA LEU E 740 27.12 36.71 22.08
C LEU E 740 26.29 35.54 22.59
N ALA E 741 26.87 34.33 22.57
CA ALA E 741 26.16 33.17 23.07
C ALA E 741 25.85 33.30 24.55
N VAL E 742 26.75 33.91 25.31
CA VAL E 742 26.48 34.14 26.73
C VAL E 742 25.28 35.06 26.91
N ALA E 743 25.24 36.15 26.13
CA ALA E 743 24.11 37.06 26.20
C ALA E 743 22.82 36.39 25.72
N ALA E 744 22.94 35.42 24.82
CA ALA E 744 21.78 34.66 24.35
C ALA E 744 21.53 33.40 25.16
N LYS E 745 22.46 33.04 26.06
CA LYS E 745 22.30 31.89 26.95
C LYS E 745 22.13 30.59 26.17
N HIS E 746 23.07 30.31 25.28
CA HIS E 746 23.05 29.12 24.44
C HIS E 746 24.04 28.12 25.02
N ARG E 747 23.56 27.32 25.98
CA ARG E 747 24.42 26.32 26.62
C ARG E 747 24.91 25.29 25.61
N ASP E 748 24.02 24.83 24.73
CA ASP E 748 24.39 23.78 23.79
C ASP E 748 25.49 24.22 22.84
N PHE E 749 25.54 25.51 22.51
CA PHE E 749 26.65 26.04 21.74
C PHE E 749 27.96 25.88 22.48
N ILE E 750 27.95 26.15 23.79
CA ILE E 750 29.15 26.02 24.60
C ILE E 750 29.59 24.56 24.67
N ALA E 751 28.65 23.64 24.54
CA ALA E 751 28.93 22.21 24.67
C ALA E 751 29.85 21.69 23.59
N HIS E 752 30.08 22.45 22.52
CA HIS E 752 30.96 21.99 21.45
C HIS E 752 32.37 21.82 21.97
N THR E 753 33.05 20.79 21.45
CA THR E 753 34.40 20.47 21.91
C THR E 753 35.36 21.62 21.67
N CYS E 754 35.32 22.18 20.46
CA CYS E 754 36.20 23.31 20.13
C CYS E 754 35.86 24.53 20.96
N SER E 755 34.58 24.70 21.32
CA SER E 755 34.19 25.83 22.14
C SER E 755 34.86 25.77 23.51
N GLN E 756 34.94 24.57 24.10
CA GLN E 756 35.63 24.41 25.37
C GLN E 756 37.12 24.65 25.22
N MET E 757 37.73 24.07 24.18
CA MET E 757 39.18 24.04 24.09
C MET E 757 39.80 25.42 23.94
N LEU E 758 39.03 26.41 23.50
CA LEU E 758 39.55 27.77 23.44
C LEU E 758 39.93 28.26 24.83
N LEU E 759 39.06 28.03 25.81
CA LEU E 759 39.32 28.48 27.16
C LEU E 759 40.50 27.77 27.79
N THR E 760 40.84 26.56 27.31
CA THR E 760 41.85 25.75 27.96
C THR E 760 43.23 26.39 27.87
N ASP E 761 43.41 27.33 26.96
CA ASP E 761 44.72 27.97 26.79
C ASP E 761 45.12 28.74 28.04
N MET E 762 44.16 29.39 28.69
CA MET E 762 44.45 30.15 29.89
C MET E 762 44.74 29.23 31.07
N ASN E 993 38.46 20.85 40.28
CA ASN E 993 38.56 19.56 39.59
C ASN E 993 37.58 19.50 38.42
N LYS E 994 37.98 18.81 37.36
CA LYS E 994 37.12 18.65 36.21
C LYS E 994 35.86 17.87 36.56
N TYR E 995 36.01 16.76 37.29
CA TYR E 995 34.92 15.82 37.47
C TYR E 995 34.09 16.10 38.72
N LEU E 996 34.73 16.50 39.81
CA LEU E 996 34.02 16.77 41.06
C LEU E 996 33.24 18.07 41.02
N GLY E 997 33.48 18.92 40.03
CA GLY E 997 32.74 20.14 39.86
C GLY E 997 31.25 19.92 39.65
N PRO E 998 30.88 19.18 38.60
CA PRO E 998 29.46 18.87 38.38
C PRO E 998 28.81 18.09 39.52
N TYR E 999 29.60 17.37 40.33
CA TYR E 999 29.03 16.66 41.47
C TYR E 999 28.36 17.60 42.45
N VAL E 1000 28.81 18.85 42.51
CA VAL E 1000 28.15 19.85 43.35
C VAL E 1000 26.71 20.05 42.90
N MET E 1001 26.50 20.18 41.58
CA MET E 1001 25.17 20.45 41.07
C MET E 1001 24.30 19.21 41.10
N MET E 1002 24.90 18.02 41.02
CA MET E 1002 24.11 16.79 41.05
C MET E 1002 23.33 16.68 42.36
N ILE E 1003 23.99 16.95 43.49
CA ILE E 1003 23.32 16.90 44.78
C ILE E 1003 22.28 18.01 44.88
N GLY E 1004 22.62 19.22 44.40
CA GLY E 1004 21.68 20.32 44.44
C GLY E 1004 20.41 20.06 43.64
N LYS E 1005 20.54 19.29 42.56
CA LYS E 1005 19.34 18.83 41.86
C LYS E 1005 18.61 17.75 42.66
N MET E 1006 19.37 16.83 43.26
CA MET E 1006 18.76 15.76 44.03
C MET E 1006 18.24 16.21 45.39
N MET E 1007 18.73 17.33 45.91
CA MET E 1007 18.31 17.79 47.23
C MET E 1007 16.85 18.25 47.27
N ILE E 1008 16.20 18.40 46.11
CA ILE E 1008 14.79 18.71 46.09
C ILE E 1008 13.99 17.60 46.77
N ASP E 1009 14.33 16.35 46.48
CA ASP E 1009 13.63 15.22 47.07
C ASP E 1009 14.30 14.78 48.37
N LEU E 1109 12.84 2.96 49.42
CA LEU E 1109 12.06 3.62 48.38
C LEU E 1109 12.80 4.81 47.80
N LEU E 1110 13.32 5.66 48.69
CA LEU E 1110 13.93 6.91 48.25
C LEU E 1110 15.18 6.69 47.40
N ILE E 1111 15.78 5.50 47.47
CA ILE E 1111 16.87 5.16 46.57
C ILE E 1111 16.38 5.16 45.13
N ALA E 1112 15.21 4.55 44.89
CA ALA E 1112 14.67 4.49 43.54
C ALA E 1112 14.26 5.87 43.03
N VAL E 1113 13.92 6.79 43.93
CA VAL E 1113 13.57 8.14 43.52
C VAL E 1113 14.76 8.84 42.89
N PHE E 1114 15.93 8.76 43.55
CA PHE E 1114 17.15 9.28 42.96
C PHE E 1114 17.59 8.43 41.76
N ASN E 1115 17.26 7.14 41.77
CA ASN E 1115 17.71 6.25 40.72
C ASN E 1115 16.99 6.51 39.41
N ASN E 1116 15.70 6.86 39.48
CA ASN E 1116 14.92 7.07 38.27
C ASN E 1116 15.14 8.43 37.63
N THR E 1117 15.84 9.34 38.31
CA THR E 1117 16.05 10.70 37.82
C THR E 1117 17.53 11.07 37.87
N PHE E 1118 18.40 10.21 37.34
CA PHE E 1118 19.83 10.39 37.49
C PHE E 1118 20.53 10.81 36.20
N PHE E 1119 20.29 10.10 35.09
CA PHE E 1119 21.07 10.33 33.88
C PHE E 1119 20.81 11.72 33.30
N GLU E 1120 19.55 12.14 33.26
CA GLU E 1120 19.24 13.48 32.76
C GLU E 1120 19.83 14.54 33.68
N VAL E 1121 19.83 14.29 34.99
CA VAL E 1121 20.44 15.23 35.93
C VAL E 1121 21.93 15.36 35.66
N LYS E 1122 22.61 14.24 35.43
CA LYS E 1122 24.03 14.29 35.13
C LYS E 1122 24.32 15.04 33.84
N SER E 1123 23.52 14.77 32.79
CA SER E 1123 23.73 15.46 31.52
C SER E 1123 23.52 16.96 31.66
N ILE E 1124 22.44 17.36 32.35
CA ILE E 1124 22.17 18.79 32.54
C ILE E 1124 23.27 19.43 33.36
N SER E 1125 23.77 18.71 34.37
CA SER E 1125 24.86 19.25 35.19
C SER E 1125 26.11 19.48 34.36
N ASN E 1126 26.44 18.52 33.47
CA ASN E 1126 27.59 18.69 32.60
C ASN E 1126 27.41 19.90 31.69
N GLN E 1127 26.22 20.05 31.11
CA GLN E 1127 25.96 21.19 30.23
C GLN E 1127 26.10 22.51 30.98
N VAL E 1128 25.53 22.60 32.18
CA VAL E 1128 25.55 23.84 32.93
C VAL E 1128 26.97 24.18 33.38
N TRP E 1129 27.73 23.18 33.82
CA TRP E 1129 29.11 23.43 34.23
C TRP E 1129 29.95 23.91 33.06
N LYS E 1130 29.83 23.24 31.91
CA LYS E 1130 30.57 23.68 30.73
C LYS E 1130 30.13 25.07 30.29
N PHE E 1131 28.87 25.42 30.55
CA PHE E 1131 28.39 26.76 30.21
C PHE E 1131 29.00 27.82 31.13
N GLN E 1132 29.01 27.56 32.43
CA GLN E 1132 29.48 28.54 33.39
C GLN E 1132 31.00 28.60 33.52
N ARG E 1133 31.70 27.66 32.88
CA ARG E 1133 33.16 27.69 32.94
C ARG E 1133 33.73 28.97 32.34
N TYR E 1134 33.10 29.49 31.29
CA TYR E 1134 33.59 30.75 30.72
C TYR E 1134 33.39 31.91 31.66
N GLN E 1135 32.24 31.96 32.34
CA GLN E 1135 32.02 32.99 33.35
C GLN E 1135 33.09 32.92 34.43
N LEU E 1136 33.40 31.70 34.89
CA LEU E 1136 34.46 31.52 35.87
C LEU E 1136 35.80 31.99 35.32
N ILE E 1137 36.08 31.70 34.04
CA ILE E 1137 37.37 32.05 33.48
C ILE E 1137 37.50 33.56 33.32
N MET E 1138 36.39 34.27 33.08
CA MET E 1138 36.47 35.72 33.03
C MET E 1138 36.63 36.31 34.43
N THR E 1139 35.93 35.75 35.41
CA THR E 1139 36.06 36.22 36.79
C THR E 1139 37.50 36.09 37.27
N PHE E 1140 38.12 34.93 37.03
CA PHE E 1140 39.53 34.77 37.38
C PHE E 1140 40.47 35.44 36.38
N HIS E 1141 39.98 35.81 35.20
CA HIS E 1141 40.76 36.64 34.30
C HIS E 1141 40.98 38.01 34.91
N GLU E 1142 39.94 38.57 35.52
CA GLU E 1142 40.13 39.83 36.23
C GLU E 1142 40.98 39.60 37.48
N ARG E 1177 42.38 44.94 28.62
CA ARG E 1177 42.97 43.62 28.43
C ARG E 1177 43.89 43.62 27.23
N ASP E 1178 45.16 43.26 27.48
CA ASP E 1178 46.12 43.15 26.38
C ASP E 1178 45.72 42.06 25.41
N TYR E 1179 45.29 40.91 25.92
CA TYR E 1179 44.90 39.78 25.10
C TYR E 1179 44.02 38.86 25.92
N GLY E 1180 43.73 37.69 25.36
CA GLY E 1180 42.88 36.72 26.00
C GLY E 1180 41.40 37.03 25.93
N LEU E 1181 41.00 38.23 26.32
CA LEU E 1181 39.61 38.67 26.21
C LEU E 1181 39.15 38.69 24.76
N LYS E 1182 39.98 39.22 23.86
CA LYS E 1182 39.63 39.39 22.46
C LYS E 1182 40.89 39.17 21.64
N LEU E 1183 40.85 39.61 20.38
CA LEU E 1183 41.99 39.43 19.48
C LEU E 1183 41.92 40.50 18.41
N PHE E 1184 42.90 41.41 18.40
CA PHE E 1184 43.06 42.31 17.27
C PHE E 1184 43.69 41.56 16.11
N ILE E 1185 43.07 41.66 14.93
CA ILE E 1185 43.51 40.90 13.78
C ILE E 1185 43.70 41.84 12.59
N THR E 1186 44.52 41.39 11.65
CA THR E 1186 44.82 42.15 10.45
C THR E 1186 43.63 42.12 9.49
N ASP E 1187 43.78 42.80 8.36
CA ASP E 1187 42.76 42.81 7.32
C ASP E 1187 42.93 41.64 6.35
N ASP E 1188 44.18 41.32 6.00
CA ASP E 1188 44.43 40.15 5.17
C ASP E 1188 43.98 38.88 5.88
N GLU E 1189 44.30 38.78 7.17
CA GLU E 1189 43.84 37.63 7.96
C GLU E 1189 42.33 37.59 8.02
N LEU E 1190 41.68 38.75 8.17
CA LEU E 1190 40.22 38.78 8.20
C LEU E 1190 39.63 38.31 6.88
N LYS E 1191 40.23 38.71 5.76
CA LYS E 1191 39.75 38.26 4.45
C LYS E 1191 39.93 36.75 4.30
N LYS E 1192 41.07 36.22 4.75
CA LYS E 1192 41.27 34.78 4.72
C LYS E 1192 40.23 34.06 5.56
N VAL E 1193 39.90 34.63 6.72
CA VAL E 1193 38.87 34.06 7.60
C VAL E 1193 37.53 34.04 6.88
N HIS E 1194 37.18 35.13 6.20
CA HIS E 1194 35.92 35.19 5.47
C HIS E 1194 35.88 34.14 4.36
N ASP E 1195 37.00 33.98 3.64
CA ASP E 1195 37.07 32.96 2.59
C ASP E 1195 36.87 31.57 3.18
N PHE E 1196 37.52 31.29 4.30
CA PHE E 1196 37.38 30.00 4.97
C PHE E 1196 35.93 29.77 5.39
N GLU E 1197 35.29 30.80 5.95
CA GLU E 1197 33.91 30.66 6.41
C GLU E 1197 32.97 30.37 5.25
N GLU E 1198 33.12 31.10 4.14
CA GLU E 1198 32.23 30.88 3.00
C GLU E 1198 32.47 29.52 2.36
N GLN E 1199 33.74 29.09 2.28
CA GLN E 1199 34.01 27.74 1.83
C GLN E 1199 33.34 26.71 2.72
N CYS E 1200 33.42 26.91 4.04
CA CYS E 1200 32.82 25.97 4.98
C CYS E 1200 31.31 25.92 4.83
N ILE E 1201 30.65 27.07 4.66
CA ILE E 1201 29.19 27.04 4.54
C ILE E 1201 28.77 26.40 3.23
N GLU E 1202 29.54 26.61 2.15
CA GLU E 1202 29.24 25.94 0.90
C GLU E 1202 29.36 24.43 1.05
N GLU E 1203 30.44 23.96 1.69
CA GLU E 1203 30.62 22.52 1.90
C GLU E 1203 29.52 21.95 2.79
N TYR E 1204 29.15 22.69 3.84
CA TYR E 1204 28.10 22.25 4.75
C TYR E 1204 26.78 22.09 4.03
N PHE E 1205 26.42 23.08 3.20
CA PHE E 1205 25.17 22.97 2.45
C PHE E 1205 25.23 21.81 1.46
N ARG E 1206 26.39 21.60 0.84
CA ARG E 1206 26.55 20.47 -0.07
C ARG E 1206 26.29 19.15 0.65
N GLU E 1207 26.93 18.94 1.80
CA GLU E 1207 26.74 17.70 2.53
C GLU E 1207 25.31 17.55 3.04
N LYS E 1208 24.72 18.64 3.52
CA LYS E 1208 23.35 18.58 4.02
C LYS E 1208 22.37 18.19 2.92
N ASP E 1209 22.53 18.77 1.72
CA ASP E 1209 21.62 18.44 0.63
C ASP E 1209 21.88 17.04 0.09
N ASP E 1210 23.13 16.58 0.13
CA ASP E 1210 23.41 15.20 -0.26
C ASP E 1210 22.74 14.22 0.70
N ARG E 1211 22.78 14.52 2.00
CA ARG E 1211 22.01 13.71 2.95
C ARG E 1211 20.51 13.83 2.68
N PHE E 1212 20.05 15.00 2.26
CA PHE E 1212 18.63 15.21 1.99
C PHE E 1212 18.15 14.32 0.85
N ASN E 1213 18.90 14.26 -0.24
CA ASN E 1213 18.45 13.48 -1.39
C ASN E 1213 18.60 11.98 -1.17
N SER E 1214 19.71 11.56 -0.58
CA SER E 1214 20.04 10.14 -0.53
C SER E 1214 19.14 9.34 0.42
N SER E 1215 18.30 10.00 1.20
CA SER E 1215 17.45 9.28 2.15
C SER E 1215 16.44 8.42 1.42
N ASN E 1216 15.97 7.38 2.12
CA ASN E 1216 15.08 6.41 1.51
C ASN E 1216 13.75 7.02 1.12
N ASP E 1217 13.24 7.94 1.94
CA ASP E 1217 11.89 8.46 1.71
C ASP E 1217 11.83 9.30 0.45
N GLU E 1218 12.85 10.11 0.18
CA GLU E 1218 12.87 10.88 -1.06
C GLU E 1218 12.91 9.97 -2.27
N ARG E 1219 13.73 8.92 -2.21
CA ARG E 1219 13.79 7.97 -3.31
C ARG E 1219 12.45 7.28 -3.51
N ILE E 1220 11.79 6.92 -2.42
CA ILE E 1220 10.49 6.25 -2.52
C ILE E 1220 9.47 7.17 -3.17
N ARG E 1221 9.43 8.43 -2.74
CA ARG E 1221 8.44 9.36 -3.28
C ARG E 1221 8.71 9.65 -4.76
N VAL E 1222 9.97 9.89 -5.12
CA VAL E 1222 10.30 10.14 -6.52
C VAL E 1222 9.98 8.92 -7.37
N THR E 1223 10.28 7.72 -6.85
CA THR E 1223 9.97 6.50 -7.57
C THR E 1223 8.48 6.36 -7.79
N SER E 1224 7.68 6.65 -6.76
CA SER E 1224 6.22 6.51 -6.89
C SER E 1224 5.67 7.48 -7.92
N GLU E 1225 6.12 8.74 -7.88
CA GLU E 1225 5.64 9.72 -8.85
C GLU E 1225 6.05 9.34 -10.26
N ARG E 1226 7.30 8.93 -10.44
CA ARG E 1226 7.76 8.53 -11.76
C ARG E 1226 7.01 7.31 -12.27
N VAL E 1227 6.70 6.36 -11.37
CA VAL E 1227 5.96 5.17 -11.77
C VAL E 1227 4.55 5.53 -12.19
N GLU E 1228 3.90 6.44 -11.45
CA GLU E 1228 2.56 6.88 -11.83
C GLU E 1228 2.58 7.54 -13.21
N ASN E 1229 3.53 8.44 -13.43
CA ASN E 1229 3.63 9.10 -14.73
C ASN E 1229 3.92 8.11 -15.84
N MET E 1230 4.79 7.14 -15.56
CA MET E 1230 5.16 6.13 -16.55
C MET E 1230 3.96 5.27 -16.91
N SER E 1231 3.17 4.88 -15.92
CA SER E 1231 1.98 4.08 -16.19
C SER E 1231 0.98 4.86 -17.03
N MET E 1232 0.74 6.12 -16.67
CA MET E 1232 -0.20 6.92 -17.44
C MET E 1232 0.30 7.12 -18.87
N ARG E 1233 1.60 7.37 -19.03
CA ARG E 1233 2.16 7.58 -20.36
C ARG E 1233 2.12 6.30 -21.19
N LEU E 1234 2.37 5.15 -20.56
CA LEU E 1234 2.27 3.89 -21.28
C LEU E 1234 0.84 3.62 -21.72
N GLU E 1235 -0.14 3.93 -20.86
CA GLU E 1235 -1.53 3.79 -21.26
C GLU E 1235 -1.86 4.69 -22.44
N GLU E 1236 -1.35 5.94 -22.41
CA GLU E 1236 -1.58 6.86 -23.51
C GLU E 1236 -0.92 6.39 -24.80
N VAL E 1237 0.28 5.81 -24.71
CA VAL E 1237 0.95 5.27 -25.88
C VAL E 1237 0.14 4.11 -26.46
N ASN E 1238 -0.32 3.22 -25.58
CA ASN E 1238 -1.15 2.12 -26.04
C ASN E 1238 -2.52 2.58 -26.52
N GLU E 1239 -2.89 3.84 -26.22
CA GLU E 1239 -4.17 4.36 -26.72
C GLU E 1239 -4.13 4.56 -28.23
N ARG E 1240 -3.05 5.14 -28.76
CA ARG E 1240 -2.94 5.26 -30.21
C ARG E 1240 -2.57 3.91 -30.81
N GLU E 1241 -3.37 3.45 -31.76
CA GLU E 1241 -3.22 2.12 -32.36
C GLU E 1241 -3.31 2.27 -33.88
N HIS E 1242 -2.16 2.47 -34.52
CA HIS E 1242 -2.12 2.41 -35.97
C HIS E 1242 -2.41 1.01 -36.47
N SER E 1243 -2.12 -0.01 -35.66
CA SER E 1243 -2.45 -1.38 -36.01
C SER E 1243 -3.77 -1.79 -35.37
N UNK F 1 -32.24 48.55 4.35
CA UNK F 1 -30.94 48.03 4.75
C UNK F 1 -29.87 48.39 3.74
N UNK F 2 -28.66 47.89 3.95
CA UNK F 2 -27.55 48.14 3.05
C UNK F 2 -27.74 47.38 1.75
N UNK F 3 -28.07 46.10 1.87
CA UNK F 3 -28.38 45.27 0.72
C UNK F 3 -29.72 45.70 0.14
N UNK F 4 -30.64 46.04 1.03
CA UNK F 4 -31.95 46.53 0.62
C UNK F 4 -31.87 48.03 0.37
N UNK F 5 -31.05 48.42 -0.61
CA UNK F 5 -30.89 49.81 -0.95
C UNK F 5 -31.33 50.06 -2.39
N UNK F 6 -32.19 49.17 -2.89
CA UNK F 6 -32.71 49.29 -4.24
C UNK F 6 -34.03 48.52 -4.36
N UNK F 7 -34.69 48.67 -5.50
CA UNK F 7 -35.95 47.97 -5.73
C UNK F 7 -35.79 46.95 -6.86
N UNK F 8 -36.44 45.81 -6.72
CA UNK F 8 -36.38 44.77 -7.73
C UNK F 8 -37.36 45.06 -8.87
N UNK F 9 -38.14 44.06 -9.25
CA UNK F 9 -39.08 44.21 -10.36
C UNK F 9 -40.22 43.20 -10.30
N UNK F 10 -41.39 43.63 -10.74
CA UNK F 10 -42.57 42.78 -10.84
C UNK F 10 -43.52 43.38 -11.87
N UNK F 11 -44.10 42.52 -12.71
CA UNK F 11 -44.94 42.97 -13.81
C UNK F 11 -46.16 43.77 -13.34
N UNK F 12 -46.45 44.84 -14.06
CA UNK F 12 -47.59 45.70 -13.72
C UNK F 12 -48.88 45.12 -14.27
N UNK F 13 -49.17 45.43 -15.53
CA UNK F 13 -50.39 44.95 -16.17
C UNK F 13 -50.07 43.97 -17.29
N UNK F 14 -50.19 42.68 -16.99
CA UNK F 14 -49.90 41.63 -17.97
C UNK F 14 -50.98 41.57 -19.04
N UNK F 15 -50.59 41.21 -20.26
CA UNK F 15 -51.52 41.10 -21.37
C UNK F 15 -51.04 40.07 -22.39
N UNK F 16 -50.59 38.92 -21.90
CA UNK F 16 -50.09 37.87 -22.77
C UNK F 16 -51.24 37.00 -23.29
N UNK F 17 -50.96 35.71 -23.45
CA UNK F 17 -51.93 34.73 -23.95
C UNK F 17 -52.52 35.10 -25.30
N ILE G 129 -37.11 -50.43 -26.32
CA ILE G 129 -37.67 -50.16 -24.98
C ILE G 129 -38.01 -48.68 -24.85
N SER G 130 -39.14 -48.39 -24.22
CA SER G 130 -39.60 -47.02 -24.04
C SER G 130 -40.00 -46.77 -22.60
N LYS G 131 -39.01 -46.47 -21.76
CA LYS G 131 -39.21 -45.91 -20.42
C LYS G 131 -40.14 -46.75 -19.55
N HIS G 132 -39.97 -48.06 -19.63
CA HIS G 132 -40.65 -49.01 -18.73
C HIS G 132 -39.59 -49.48 -17.75
N THR G 133 -39.39 -48.73 -16.68
CA THR G 133 -38.26 -48.92 -15.78
C THR G 133 -38.69 -49.66 -14.51
N GLN G 134 -37.74 -50.38 -13.93
CA GLN G 134 -37.91 -51.01 -12.64
C GLN G 134 -37.86 -49.92 -11.57
N LEU G 135 -39.03 -49.48 -11.11
CA LEU G 135 -39.15 -48.28 -10.28
C LEU G 135 -39.24 -48.69 -8.81
N SER G 136 -38.10 -48.68 -8.15
CA SER G 136 -37.97 -48.82 -6.72
C SER G 136 -37.46 -47.51 -6.12
N PRO G 137 -37.80 -47.20 -4.87
CA PRO G 137 -37.28 -45.98 -4.25
C PRO G 137 -35.78 -46.03 -4.10
N THR G 138 -35.14 -44.87 -4.22
CA THR G 138 -33.69 -44.79 -4.18
C THR G 138 -33.17 -45.08 -2.77
N ASP G 139 -31.95 -45.62 -2.71
CA ASP G 139 -31.37 -46.03 -1.44
C ASP G 139 -29.87 -45.71 -1.37
N ALA G 140 -29.40 -44.73 -2.16
CA ALA G 140 -27.99 -44.37 -2.19
C ALA G 140 -27.88 -42.85 -2.10
N PHE G 141 -27.30 -42.37 -1.01
CA PHE G 141 -27.15 -40.94 -0.76
C PHE G 141 -26.22 -40.75 0.43
N GLY G 142 -25.38 -39.72 0.36
CA GLY G 142 -24.44 -39.47 1.44
C GLY G 142 -23.38 -38.43 1.12
N THR G 143 -22.12 -38.77 1.40
CA THR G 143 -21.01 -37.85 1.22
C THR G 143 -19.82 -38.61 0.64
N ILE G 144 -18.87 -37.86 0.07
CA ILE G 144 -17.65 -38.42 -0.47
C ILE G 144 -16.47 -37.64 0.07
N GLU G 145 -15.28 -38.24 -0.05
CA GLU G 145 -14.02 -37.57 0.25
C GLU G 145 -13.09 -37.77 -0.93
N PHE G 146 -12.68 -36.66 -1.55
CA PHE G 146 -11.87 -36.73 -2.76
C PHE G 146 -10.48 -37.27 -2.45
N GLN G 147 -9.96 -38.09 -3.37
CA GLN G 147 -8.61 -38.65 -3.27
C GLN G 147 -7.90 -38.45 -4.59
N GLY G 148 -6.64 -38.02 -4.53
CA GLY G 148 -5.84 -37.83 -5.72
C GLY G 148 -5.30 -36.43 -5.88
N GLY G 149 -6.10 -35.43 -5.52
CA GLY G 149 -5.68 -34.05 -5.59
C GLY G 149 -5.11 -33.56 -4.28
N GLY G 150 -4.71 -32.29 -4.29
CA GLY G 150 -4.19 -31.66 -3.09
C GLY G 150 -5.23 -31.22 -2.09
N HIS G 151 -6.50 -31.21 -2.48
CA HIS G 151 -7.59 -30.81 -1.61
C HIS G 151 -8.46 -32.01 -1.29
N SER G 152 -8.71 -32.23 0.01
CA SER G 152 -9.64 -33.26 0.46
C SER G 152 -11.00 -32.61 0.63
N ASN G 153 -11.82 -32.67 -0.43
CA ASN G 153 -13.09 -31.98 -0.49
C ASN G 153 -14.23 -32.96 -0.25
N LYS G 154 -15.27 -32.51 0.43
CA LYS G 154 -16.42 -33.32 0.76
C LYS G 154 -17.63 -32.81 -0.02
N ALA G 155 -18.28 -33.71 -0.77
CA ALA G 155 -19.40 -33.33 -1.63
C ALA G 155 -20.60 -34.20 -1.33
N MET G 156 -21.79 -33.62 -1.50
CA MET G 156 -23.05 -34.30 -1.24
C MET G 156 -23.66 -34.76 -2.56
N TYR G 157 -24.12 -36.01 -2.59
CA TYR G 157 -24.64 -36.61 -3.81
C TYR G 157 -25.93 -37.35 -3.52
N VAL G 158 -26.87 -37.25 -4.46
CA VAL G 158 -28.10 -38.04 -4.45
C VAL G 158 -28.37 -38.49 -5.87
N ARG G 159 -28.68 -39.78 -6.04
CA ARG G 159 -29.05 -40.32 -7.34
C ARG G 159 -30.57 -40.36 -7.46
N VAL G 160 -31.13 -39.55 -8.35
CA VAL G 160 -32.56 -39.46 -8.52
C VAL G 160 -32.95 -40.00 -9.89
N SER G 161 -34.25 -40.10 -10.15
CA SER G 161 -34.74 -40.57 -11.44
C SER G 161 -34.63 -39.46 -12.48
N PHE G 162 -34.63 -39.88 -13.75
CA PHE G 162 -34.64 -38.93 -14.84
C PHE G 162 -36.03 -38.37 -15.11
N ASP G 163 -37.02 -38.71 -14.28
CA ASP G 163 -38.34 -38.12 -14.33
C ASP G 163 -38.71 -37.45 -13.01
N THR G 164 -37.70 -37.07 -12.22
CA THR G 164 -37.95 -36.50 -10.90
C THR G 164 -38.46 -35.07 -11.00
N LYS G 165 -39.36 -34.71 -10.09
CA LYS G 165 -39.90 -33.36 -10.02
C LYS G 165 -38.90 -32.43 -9.30
N PRO G 166 -38.88 -31.15 -9.66
CA PRO G 166 -37.97 -30.21 -8.99
C PRO G 166 -38.38 -29.86 -7.58
N ASP G 167 -39.61 -30.18 -7.17
CA ASP G 167 -40.10 -29.78 -5.85
C ASP G 167 -39.29 -30.46 -4.75
N LEU G 168 -39.17 -31.78 -4.80
CA LEU G 168 -38.39 -32.47 -3.78
C LEU G 168 -36.91 -32.16 -3.91
N LEU G 169 -36.45 -31.81 -5.11
CA LEU G 169 -35.08 -31.33 -5.28
C LEU G 169 -34.85 -30.07 -4.45
N LEU G 170 -35.75 -29.10 -4.58
CA LEU G 170 -35.62 -27.87 -3.81
C LEU G 170 -35.78 -28.13 -2.32
N HIS G 171 -36.67 -29.04 -1.94
CA HIS G 171 -36.80 -29.41 -0.53
C HIS G 171 -35.49 -29.96 0.01
N LEU G 172 -34.87 -30.88 -0.72
CA LEU G 172 -33.59 -31.46 -0.29
C LEU G 172 -32.52 -30.38 -0.19
N MET G 173 -32.45 -29.49 -1.18
CA MET G 173 -31.39 -28.50 -1.21
C MET G 173 -31.53 -27.50 -0.07
N THR G 174 -32.75 -26.96 0.12
CA THR G 174 -32.95 -25.97 1.17
C THR G 174 -32.90 -26.58 2.56
N LYS G 175 -33.44 -27.78 2.73
CA LYS G 175 -33.58 -28.40 4.05
C LYS G 175 -32.39 -29.28 4.40
N GLU G 176 -32.13 -30.31 3.59
CA GLU G 176 -31.09 -31.27 3.95
C GLU G 176 -29.70 -30.68 3.78
N TRP G 177 -29.46 -29.99 2.67
CA TRP G 177 -28.14 -29.42 2.39
C TRP G 177 -27.98 -28.02 2.96
N GLN G 178 -28.99 -27.51 3.66
CA GLN G 178 -28.94 -26.22 4.35
C GLN G 178 -28.54 -25.09 3.39
N LEU G 179 -29.10 -25.13 2.19
CA LEU G 179 -28.73 -24.20 1.13
C LEU G 179 -29.85 -23.18 0.95
N GLU G 180 -29.65 -21.98 1.49
CA GLU G 180 -30.59 -20.88 1.28
C GLU G 180 -30.56 -20.42 -0.17
N LEU G 181 -31.60 -19.70 -0.55
CA LEU G 181 -31.72 -19.24 -1.93
C LEU G 181 -30.59 -18.27 -2.27
N PRO G 182 -29.87 -18.49 -3.36
CA PRO G 182 -28.87 -17.51 -3.79
C PRO G 182 -29.54 -16.32 -4.44
N LYS G 183 -28.81 -15.20 -4.45
CA LYS G 183 -29.29 -14.00 -5.11
C LYS G 183 -28.97 -13.98 -6.59
N LEU G 184 -28.58 -15.12 -7.15
CA LEU G 184 -28.26 -15.23 -8.57
C LEU G 184 -28.19 -16.72 -8.92
N LEU G 185 -28.61 -17.06 -10.13
CA LEU G 185 -28.40 -18.39 -10.67
C LEU G 185 -27.58 -18.29 -11.95
N ILE G 186 -26.58 -19.15 -12.07
CA ILE G 186 -25.67 -19.13 -13.21
C ILE G 186 -25.82 -20.43 -13.98
N SER G 187 -26.16 -20.34 -15.26
CA SER G 187 -26.28 -21.50 -16.12
C SER G 187 -25.05 -21.54 -17.03
N VAL G 188 -24.29 -22.63 -16.94
CA VAL G 188 -23.07 -22.81 -17.71
C VAL G 188 -23.25 -24.03 -18.59
N HIS G 189 -22.97 -23.88 -19.88
CA HIS G 189 -23.02 -24.98 -20.84
C HIS G 189 -21.73 -25.00 -21.62
N GLY G 190 -21.09 -26.17 -21.68
CA GLY G 190 -19.81 -26.30 -22.34
C GLY G 190 -19.71 -27.60 -23.10
N GLY G 191 -18.63 -27.71 -23.88
CA GLY G 191 -18.39 -28.93 -24.63
C GLY G 191 -18.08 -30.10 -23.71
N LEU G 192 -18.42 -31.30 -24.18
CA LEU G 192 -18.13 -32.52 -23.46
C LEU G 192 -16.79 -33.13 -23.86
N GLN G 193 -16.03 -32.45 -24.72
CA GLN G 193 -14.73 -32.92 -25.15
C GLN G 193 -13.64 -32.35 -24.24
N ASN G 194 -12.39 -32.46 -24.66
CA ASN G 194 -11.26 -32.00 -23.86
C ASN G 194 -10.52 -30.88 -24.57
N PHE G 195 -11.25 -29.91 -25.10
CA PHE G 195 -10.66 -28.79 -25.82
C PHE G 195 -9.77 -27.96 -24.91
N GLU G 196 -8.92 -27.15 -25.52
CA GLU G 196 -8.09 -26.20 -24.81
C GLU G 196 -8.09 -24.87 -25.56
N LEU G 197 -8.25 -23.78 -24.81
CA LEU G 197 -8.17 -22.44 -25.36
C LEU G 197 -6.88 -21.77 -24.86
N GLN G 198 -6.70 -20.53 -25.26
CA GLN G 198 -5.40 -19.88 -25.10
C GLN G 198 -5.18 -19.50 -23.63
N PRO G 199 -4.04 -19.89 -23.04
CA PRO G 199 -3.68 -19.36 -21.72
C PRO G 199 -3.45 -17.86 -21.79
N LYS G 200 -3.66 -17.21 -20.64
CA LYS G 200 -3.75 -15.76 -20.46
C LYS G 200 -4.99 -15.19 -21.13
N LEU G 201 -5.91 -16.02 -21.59
CA LEU G 201 -7.24 -15.62 -22.02
C LEU G 201 -8.32 -16.18 -21.11
N LYS G 202 -8.14 -17.41 -20.63
CA LYS G 202 -9.06 -18.00 -19.67
C LYS G 202 -8.92 -17.37 -18.29
N GLN G 203 -7.81 -16.68 -18.01
CA GLN G 203 -7.57 -16.16 -16.67
C GLN G 203 -8.61 -15.12 -16.27
N VAL G 204 -8.97 -14.23 -17.20
CA VAL G 204 -9.98 -13.22 -16.89
C VAL G 204 -11.33 -13.87 -16.66
N PHE G 205 -11.64 -14.92 -17.42
CA PHE G 205 -12.88 -15.67 -17.19
C PHE G 205 -12.90 -16.28 -15.80
N GLY G 206 -11.79 -16.88 -15.39
CA GLY G 206 -11.73 -17.48 -14.07
C GLY G 206 -11.85 -16.44 -12.97
N LYS G 207 -11.16 -15.31 -13.12
CA LYS G 207 -11.24 -14.24 -12.14
C LYS G 207 -12.66 -13.72 -12.00
N GLY G 208 -13.32 -13.45 -13.13
CA GLY G 208 -14.69 -12.96 -13.09
C GLY G 208 -15.65 -13.97 -12.49
N LEU G 209 -15.49 -15.25 -12.86
CA LEU G 209 -16.37 -16.28 -12.31
C LEU G 209 -16.19 -16.41 -10.80
N ILE G 210 -14.95 -16.41 -10.33
CA ILE G 210 -14.69 -16.52 -8.90
C ILE G 210 -15.24 -15.30 -8.16
N LYS G 211 -15.01 -14.10 -8.71
CA LYS G 211 -15.52 -12.89 -8.08
C LYS G 211 -17.04 -12.91 -7.99
N ALA G 212 -17.72 -13.33 -9.06
CA ALA G 212 -19.17 -13.40 -9.05
C ALA G 212 -19.67 -14.42 -8.03
N ALA G 213 -19.03 -15.59 -7.98
CA ALA G 213 -19.51 -16.63 -7.07
C ALA G 213 -19.17 -16.32 -5.62
N MET G 214 -18.19 -15.47 -5.36
CA MET G 214 -17.79 -15.17 -3.99
C MET G 214 -18.46 -13.93 -3.42
N THR G 215 -18.56 -12.85 -4.22
CA THR G 215 -19.09 -11.60 -3.70
C THR G 215 -20.54 -11.74 -3.24
N THR G 216 -21.35 -12.45 -4.01
CA THR G 216 -22.76 -12.65 -3.68
C THR G 216 -23.13 -14.12 -3.87
N GLY G 217 -24.16 -14.55 -3.17
CA GLY G 217 -24.64 -15.91 -3.28
C GLY G 217 -25.14 -16.24 -4.66
N ALA G 218 -24.45 -17.16 -5.35
CA ALA G 218 -24.81 -17.54 -6.70
C ALA G 218 -24.53 -19.02 -6.90
N TRP G 219 -25.57 -19.78 -7.25
CA TRP G 219 -25.44 -21.21 -7.49
C TRP G 219 -24.99 -21.44 -8.93
N ILE G 220 -24.24 -22.52 -9.14
CA ILE G 220 -23.68 -22.87 -10.43
C ILE G 220 -24.31 -24.18 -10.89
N PHE G 221 -24.84 -24.18 -12.10
CA PHE G 221 -25.47 -25.36 -12.68
C PHE G 221 -24.57 -25.91 -13.79
N THR G 222 -24.16 -27.17 -13.63
CA THR G 222 -23.31 -27.82 -14.61
C THR G 222 -23.44 -29.33 -14.44
N GLY G 223 -22.70 -30.07 -15.26
CA GLY G 223 -22.68 -31.52 -15.15
C GLY G 223 -21.81 -32.00 -14.01
N GLY G 224 -20.52 -31.72 -14.07
CA GLY G 224 -19.58 -32.10 -13.04
C GLY G 224 -18.48 -33.05 -13.47
N VAL G 225 -18.40 -33.39 -14.75
CA VAL G 225 -17.36 -34.29 -15.22
C VAL G 225 -16.09 -33.50 -15.54
N ASN G 226 -14.98 -34.23 -15.69
CA ASN G 226 -13.68 -33.61 -15.95
C ASN G 226 -13.44 -33.41 -17.45
N THR G 227 -14.40 -32.79 -18.13
CA THR G 227 -14.29 -32.54 -19.56
C THR G 227 -14.78 -31.14 -19.87
N GLY G 228 -14.22 -30.57 -20.93
CA GLY G 228 -14.65 -29.29 -21.44
C GLY G 228 -14.49 -28.17 -20.43
N VAL G 229 -15.41 -27.21 -20.50
CA VAL G 229 -15.36 -26.06 -19.60
C VAL G 229 -15.64 -26.45 -18.15
N ILE G 230 -16.19 -27.65 -17.91
CA ILE G 230 -16.39 -28.10 -16.54
C ILE G 230 -15.04 -28.36 -15.87
N ARG G 231 -14.10 -28.97 -16.60
CA ARG G 231 -12.76 -29.11 -16.09
C ARG G 231 -12.10 -27.76 -15.85
N HIS G 232 -12.35 -26.81 -16.76
CA HIS G 232 -11.78 -25.47 -16.60
C HIS G 232 -12.32 -24.78 -15.35
N VAL G 233 -13.62 -24.87 -15.11
CA VAL G 233 -14.17 -24.20 -13.92
C VAL G 233 -13.78 -24.94 -12.65
N GLY G 234 -13.59 -26.26 -12.72
CA GLY G 234 -13.05 -26.97 -11.57
C GLY G 234 -11.64 -26.53 -11.24
N ASP G 235 -10.81 -26.36 -12.27
CA ASP G 235 -9.47 -25.83 -12.06
C ASP G 235 -9.52 -24.40 -11.51
N ALA G 236 -10.45 -23.59 -11.99
CA ALA G 236 -10.60 -22.24 -11.47
C ALA G 236 -11.00 -22.25 -10.00
N LEU G 237 -11.93 -23.12 -9.62
CA LEU G 237 -12.32 -23.24 -8.23
C LEU G 237 -11.17 -23.72 -7.36
N LYS G 238 -10.34 -24.62 -7.91
CA LYS G 238 -9.13 -25.01 -7.20
C LYS G 238 -8.16 -23.84 -7.05
N ASP G 239 -8.10 -22.96 -8.06
CA ASP G 239 -7.20 -21.81 -7.99
C ASP G 239 -7.59 -20.88 -6.85
N HIS G 240 -8.87 -20.48 -6.80
CA HIS G 240 -9.31 -19.55 -5.77
C HIS G 240 -9.22 -20.17 -4.38
N ALA G 241 -9.52 -21.47 -4.26
CA ALA G 241 -9.49 -22.12 -2.96
C ALA G 241 -8.10 -22.10 -2.34
N SER G 242 -7.05 -22.00 -3.16
CA SER G 242 -5.70 -21.84 -2.66
C SER G 242 -5.34 -20.38 -2.41
N LYS G 243 -6.21 -19.44 -2.79
CA LYS G 243 -5.97 -18.01 -2.57
C LYS G 243 -6.62 -17.50 -1.30
N SER G 244 -7.91 -17.75 -1.11
CA SER G 244 -8.65 -17.17 0.01
C SER G 244 -9.60 -18.20 0.59
N ARG G 245 -10.24 -17.84 1.69
CA ARG G 245 -11.22 -18.68 2.36
C ARG G 245 -12.56 -18.56 1.62
N GLY G 246 -13.62 -19.07 2.24
CA GLY G 246 -14.95 -18.97 1.70
C GLY G 246 -15.38 -20.23 0.99
N LYS G 247 -16.70 -20.39 0.88
CA LYS G 247 -17.31 -21.54 0.24
C LYS G 247 -18.22 -21.09 -0.89
N ILE G 248 -18.30 -21.93 -1.93
CA ILE G 248 -19.09 -21.64 -3.13
C ILE G 248 -19.97 -22.85 -3.40
N CYS G 249 -21.27 -22.60 -3.58
CA CYS G 249 -22.22 -23.67 -3.84
C CYS G 249 -22.12 -24.09 -5.30
N THR G 250 -21.44 -25.20 -5.56
CA THR G 250 -21.34 -25.79 -6.87
C THR G 250 -22.26 -27.01 -6.94
N ILE G 251 -23.14 -27.04 -7.93
CA ILE G 251 -24.16 -28.07 -8.04
C ILE G 251 -23.89 -28.86 -9.31
N GLY G 252 -23.48 -30.12 -9.16
CA GLY G 252 -23.20 -30.97 -10.29
C GLY G 252 -24.39 -31.80 -10.71
N ILE G 253 -25.03 -31.43 -11.80
CA ILE G 253 -26.24 -32.10 -12.28
C ILE G 253 -25.86 -32.85 -13.53
N ALA G 254 -25.66 -34.17 -13.40
CA ALA G 254 -25.29 -35.03 -14.51
C ALA G 254 -26.07 -36.33 -14.39
N PRO G 255 -26.28 -37.03 -15.50
CA PRO G 255 -26.91 -38.36 -15.41
C PRO G 255 -26.05 -39.34 -14.64
N TRP G 256 -26.72 -40.27 -13.95
CA TRP G 256 -26.04 -41.16 -13.02
C TRP G 256 -25.16 -42.17 -13.74
N GLY G 257 -25.55 -42.61 -14.93
CA GLY G 257 -24.84 -43.69 -15.60
C GLY G 257 -23.57 -43.29 -16.32
N ILE G 258 -23.24 -42.00 -16.37
CA ILE G 258 -22.12 -41.54 -17.18
C ILE G 258 -20.79 -42.02 -16.58
N VAL G 259 -20.62 -41.85 -15.27
CA VAL G 259 -19.30 -42.07 -14.66
C VAL G 259 -18.96 -43.56 -14.67
N GLU G 260 -17.66 -43.83 -14.52
CA GLU G 260 -17.21 -45.21 -14.37
C GLU G 260 -17.53 -45.76 -12.99
N ASN G 261 -17.40 -44.92 -11.96
CA ASN G 261 -17.64 -45.35 -10.58
C ASN G 261 -19.13 -45.21 -10.23
N GLN G 262 -19.97 -45.82 -11.06
CA GLN G 262 -21.36 -46.00 -10.68
C GLN G 262 -21.46 -46.94 -9.49
N GLU G 263 -20.60 -47.95 -9.44
CA GLU G 263 -20.40 -48.74 -8.24
C GLU G 263 -19.59 -47.93 -7.22
N ASP G 264 -19.31 -48.55 -6.08
CA ASP G 264 -18.54 -47.96 -4.98
C ASP G 264 -19.21 -46.72 -4.41
N LEU G 265 -20.47 -46.46 -4.78
CA LEU G 265 -21.24 -45.33 -4.27
C LEU G 265 -22.67 -45.76 -3.97
N ILE G 266 -22.86 -47.04 -3.65
CA ILE G 266 -24.20 -47.57 -3.42
C ILE G 266 -24.62 -47.42 -1.96
N GLY G 267 -23.67 -47.50 -1.03
CA GLY G 267 -23.97 -47.38 0.39
C GLY G 267 -24.54 -46.04 0.78
N ARG G 268 -25.63 -46.05 1.56
CA ARG G 268 -26.27 -44.83 1.98
C ARG G 268 -25.72 -44.36 3.33
N ASP G 269 -25.64 -43.04 3.49
CA ASP G 269 -25.28 -42.40 4.77
C ASP G 269 -23.87 -42.78 5.23
N VAL G 270 -22.98 -43.07 4.28
CA VAL G 270 -21.58 -43.36 4.59
C VAL G 270 -20.71 -42.56 3.65
N VAL G 271 -19.64 -41.99 4.20
CA VAL G 271 -18.70 -41.19 3.41
C VAL G 271 -17.89 -42.14 2.54
N ARG G 272 -18.20 -42.18 1.26
CA ARG G 272 -17.53 -43.11 0.34
C ARG G 272 -16.43 -42.37 -0.40
N PRO G 273 -15.17 -42.68 -0.16
CA PRO G 273 -14.09 -41.97 -0.87
C PRO G 273 -14.14 -42.22 -2.36
N TYR G 274 -13.79 -41.19 -3.12
CA TYR G 274 -13.77 -41.25 -4.58
C TYR G 274 -12.33 -41.13 -5.05
N GLN G 275 -12.00 -41.84 -6.12
CA GLN G 275 -10.66 -41.84 -6.68
C GLN G 275 -10.66 -41.02 -7.96
N THR G 276 -9.92 -39.91 -7.95
CA THR G 276 -9.92 -38.97 -9.06
C THR G 276 -8.93 -39.33 -10.15
N MET G 277 -8.06 -40.31 -9.92
CA MET G 277 -7.15 -40.76 -10.97
C MET G 277 -7.91 -41.63 -11.95
N SER G 278 -7.94 -41.20 -13.21
CA SER G 278 -8.76 -41.83 -14.24
C SER G 278 -7.87 -42.65 -15.17
N ASN G 279 -8.27 -43.90 -15.42
CA ASN G 279 -7.53 -44.73 -16.35
C ASN G 279 -7.81 -44.28 -17.79
N PRO G 280 -6.81 -44.35 -18.67
CA PRO G 280 -7.04 -43.89 -20.05
C PRO G 280 -7.87 -44.84 -20.89
N MET G 281 -7.89 -46.13 -20.55
CA MET G 281 -8.62 -47.11 -21.37
C MET G 281 -10.12 -46.85 -21.34
N SER G 282 -10.66 -46.50 -20.18
CA SER G 282 -12.11 -46.37 -20.03
C SER G 282 -12.66 -45.23 -20.87
N LYS G 283 -13.78 -45.48 -21.54
CA LYS G 283 -14.53 -44.47 -22.24
C LYS G 283 -15.57 -43.78 -21.35
N LEU G 284 -15.36 -43.83 -20.04
CA LEU G 284 -16.24 -43.20 -19.06
C LEU G 284 -15.46 -42.15 -18.29
N THR G 285 -16.09 -40.99 -18.06
CA THR G 285 -15.43 -39.84 -17.48
C THR G 285 -15.78 -39.72 -16.01
N VAL G 286 -14.76 -39.51 -15.18
CA VAL G 286 -14.94 -39.33 -13.74
C VAL G 286 -15.53 -37.95 -13.47
N LEU G 287 -15.98 -37.73 -12.24
CA LEU G 287 -16.55 -36.44 -11.86
C LEU G 287 -15.43 -35.47 -11.52
N ASN G 288 -15.53 -34.25 -12.07
CA ASN G 288 -14.55 -33.22 -11.81
C ASN G 288 -14.53 -32.86 -10.33
N SER G 289 -13.32 -32.61 -9.81
CA SER G 289 -13.14 -32.34 -8.40
C SER G 289 -13.48 -30.89 -8.09
N MET G 290 -13.24 -30.47 -6.84
CA MET G 290 -13.53 -29.12 -6.36
C MET G 290 -15.00 -28.76 -6.54
N HIS G 291 -15.89 -29.75 -6.37
CA HIS G 291 -17.32 -29.57 -6.52
C HIS G 291 -17.98 -29.62 -5.16
N SER G 292 -18.93 -28.72 -4.93
CA SER G 292 -19.60 -28.66 -3.63
C SER G 292 -20.68 -29.73 -3.53
N HIS G 293 -21.56 -29.81 -4.51
CA HIS G 293 -22.72 -30.68 -4.42
C HIS G 293 -22.95 -31.39 -5.75
N PHE G 294 -23.27 -32.69 -5.66
CA PHE G 294 -23.55 -33.51 -6.83
C PHE G 294 -25.01 -33.93 -6.82
N ILE G 295 -25.61 -33.98 -8.01
CA ILE G 295 -26.96 -34.50 -8.20
C ILE G 295 -26.93 -35.42 -9.41
N LEU G 296 -27.38 -36.65 -9.24
CA LEU G 296 -27.29 -37.68 -10.27
C LEU G 296 -28.70 -38.05 -10.71
N ALA G 297 -28.94 -38.00 -12.02
CA ALA G 297 -30.22 -38.36 -12.60
C ALA G 297 -30.12 -39.75 -13.23
N ASP G 298 -30.61 -40.75 -12.52
CA ASP G 298 -30.63 -42.11 -13.05
C ASP G 298 -31.60 -42.18 -14.23
N ASN G 299 -31.15 -42.83 -15.30
CA ASN G 299 -31.87 -42.84 -16.55
C ASN G 299 -32.45 -44.20 -16.94
N GLY G 300 -31.97 -45.28 -16.34
CA GLY G 300 -32.36 -46.61 -16.75
C GLY G 300 -31.30 -47.24 -17.62
N THR G 301 -30.73 -46.44 -18.52
CA THR G 301 -29.55 -46.84 -19.27
C THR G 301 -28.31 -46.27 -18.59
N THR G 302 -27.16 -46.56 -19.15
CA THR G 302 -25.89 -46.13 -18.59
C THR G 302 -25.04 -45.42 -19.63
N GLY G 303 -24.37 -44.36 -19.20
CA GLY G 303 -23.38 -43.68 -20.02
C GLY G 303 -23.90 -42.99 -21.26
N LYS G 304 -25.03 -42.29 -21.15
CA LYS G 304 -25.62 -41.59 -22.28
C LYS G 304 -26.05 -40.20 -21.86
N TYR G 305 -26.28 -39.35 -22.86
CA TYR G 305 -26.73 -37.98 -22.66
C TYR G 305 -28.23 -37.88 -22.94
N GLY G 306 -28.73 -36.65 -22.94
CA GLY G 306 -30.13 -36.39 -23.27
C GLY G 306 -31.13 -36.84 -22.24
N ALA G 307 -30.75 -36.86 -20.97
CA ALA G 307 -31.68 -37.17 -19.90
C ALA G 307 -31.58 -36.23 -18.71
N GLU G 308 -30.61 -35.32 -18.70
CA GLU G 308 -30.47 -34.34 -17.63
C GLU G 308 -30.82 -32.93 -18.07
N VAL G 309 -31.00 -32.70 -19.38
CA VAL G 309 -31.32 -31.36 -19.87
C VAL G 309 -32.68 -30.92 -19.35
N LYS G 310 -33.66 -31.81 -19.41
CA LYS G 310 -35.02 -31.45 -18.99
C LYS G 310 -35.08 -31.18 -17.50
N LEU G 311 -34.42 -32.01 -16.69
CA LEU G 311 -34.45 -31.82 -15.24
C LEU G 311 -33.79 -30.51 -14.85
N ARG G 312 -32.64 -30.20 -15.45
CA ARG G 312 -31.95 -28.94 -15.16
C ARG G 312 -32.78 -27.74 -15.61
N ARG G 313 -33.41 -27.85 -16.78
CA ARG G 313 -34.25 -26.76 -17.27
C ARG G 313 -35.43 -26.53 -16.34
N GLN G 314 -36.07 -27.61 -15.87
CA GLN G 314 -37.19 -27.45 -14.96
C GLN G 314 -36.74 -26.96 -13.59
N LEU G 315 -35.52 -27.31 -13.17
CA LEU G 315 -34.99 -26.75 -11.94
C LEU G 315 -34.76 -25.25 -12.08
N GLU G 316 -34.27 -24.82 -13.25
CA GLU G 316 -34.11 -23.40 -13.51
C GLU G 316 -35.46 -22.69 -13.47
N LYS G 317 -36.48 -23.30 -14.08
CA LYS G 317 -37.83 -22.74 -14.02
C LYS G 317 -38.33 -22.66 -12.58
N HIS G 318 -38.08 -23.71 -11.80
CA HIS G 318 -38.53 -23.75 -10.42
C HIS G 318 -37.87 -22.63 -9.61
N ILE G 319 -36.57 -22.42 -9.81
CA ILE G 319 -35.87 -21.34 -9.12
C ILE G 319 -36.39 -19.99 -9.58
N SER G 320 -36.73 -19.86 -10.87
CA SER G 320 -37.38 -18.64 -11.34
C SER G 320 -38.71 -18.43 -10.65
N LEU G 321 -39.44 -19.52 -10.37
CA LEU G 321 -40.69 -19.42 -9.63
C LEU G 321 -40.50 -18.97 -8.19
N GLN G 322 -39.29 -19.16 -7.64
CA GLN G 322 -39.06 -18.79 -6.25
C GLN G 322 -38.99 -17.28 -6.10
N LYS G 323 -39.28 -16.81 -4.88
CA LYS G 323 -39.32 -15.39 -4.58
C LYS G 323 -38.26 -15.06 -3.53
N ILE G 324 -37.47 -14.02 -3.82
CA ILE G 324 -36.41 -13.59 -2.90
C ILE G 324 -37.01 -12.61 -1.90
N ASN G 325 -36.24 -12.30 -0.84
CA ASN G 325 -36.73 -11.53 0.29
C ASN G 325 -37.14 -10.10 -0.08
N THR G 326 -36.69 -9.59 -1.23
CA THR G 326 -37.02 -8.22 -1.60
C THR G 326 -38.51 -8.05 -1.81
N ARG G 327 -39.05 -6.94 -1.31
CA ARG G 327 -40.49 -6.67 -1.35
C ARG G 327 -40.99 -6.25 -2.72
N ILE G 328 -40.09 -5.99 -3.68
CA ILE G 328 -40.51 -5.66 -5.03
C ILE G 328 -41.27 -6.82 -5.65
N GLY G 329 -40.90 -8.05 -5.29
CA GLY G 329 -41.52 -9.22 -5.87
C GLY G 329 -40.67 -9.79 -6.98
N GLN G 330 -39.35 -9.77 -6.77
CA GLN G 330 -38.42 -10.22 -7.80
C GLN G 330 -38.01 -11.66 -7.53
N GLY G 331 -38.06 -12.48 -8.57
CA GLY G 331 -37.57 -13.84 -8.51
C GLY G 331 -36.06 -13.89 -8.50
N VAL G 332 -35.53 -15.10 -8.63
CA VAL G 332 -34.08 -15.27 -8.68
C VAL G 332 -33.62 -14.98 -10.10
N PRO G 333 -32.79 -13.97 -10.32
CA PRO G 333 -32.28 -13.70 -11.66
C PRO G 333 -31.30 -14.78 -12.10
N VAL G 334 -31.37 -15.13 -13.38
CA VAL G 334 -30.59 -16.23 -13.94
C VAL G 334 -29.86 -15.75 -15.18
N VAL G 335 -28.58 -16.09 -15.27
CA VAL G 335 -27.76 -15.79 -16.44
C VAL G 335 -27.58 -17.07 -17.23
N ALA G 336 -27.20 -16.91 -18.50
CA ALA G 336 -26.93 -18.03 -19.39
C ALA G 336 -25.53 -17.87 -19.96
N LEU G 337 -24.56 -18.54 -19.35
CA LEU G 337 -23.18 -18.47 -19.80
C LEU G 337 -22.92 -19.59 -20.79
N ILE G 338 -22.45 -19.23 -21.98
CA ILE G 338 -22.27 -20.18 -23.07
C ILE G 338 -20.79 -20.23 -23.43
N VAL G 339 -20.20 -21.41 -23.29
CA VAL G 339 -18.80 -21.63 -23.65
C VAL G 339 -18.73 -22.88 -24.53
N GLU G 340 -17.90 -22.82 -25.57
CA GLU G 340 -17.64 -23.95 -26.46
C GLU G 340 -18.91 -24.50 -27.06
N GLY G 341 -19.41 -25.61 -26.51
CA GLY G 341 -20.67 -26.18 -26.94
C GLY G 341 -20.61 -26.76 -28.34
N GLY G 342 -21.78 -26.88 -28.95
CA GLY G 342 -21.91 -27.40 -30.28
C GLY G 342 -23.22 -26.99 -30.91
N PRO G 343 -23.65 -27.72 -31.95
CA PRO G 343 -24.98 -27.45 -32.53
C PRO G 343 -26.11 -27.62 -31.54
N ASN G 344 -25.98 -28.54 -30.57
CA ASN G 344 -27.00 -28.66 -29.53
C ASN G 344 -27.05 -27.41 -28.66
N VAL G 345 -25.88 -26.82 -28.39
CA VAL G 345 -25.82 -25.59 -27.62
C VAL G 345 -26.57 -24.46 -28.31
N ILE G 346 -26.65 -24.52 -29.65
CA ILE G 346 -27.45 -23.54 -30.37
C ILE G 346 -28.93 -23.71 -30.05
N SER G 347 -29.41 -24.95 -29.98
CA SER G 347 -30.77 -25.20 -29.55
C SER G 347 -30.99 -24.72 -28.12
N ILE G 348 -30.00 -24.93 -27.25
CA ILE G 348 -30.13 -24.51 -25.85
C ILE G 348 -30.24 -22.98 -25.76
N VAL G 349 -29.39 -22.26 -26.49
CA VAL G 349 -29.43 -20.80 -26.40
C VAL G 349 -30.70 -20.26 -27.05
N LEU G 350 -31.18 -20.91 -28.11
CA LEU G 350 -32.46 -20.52 -28.68
C LEU G 350 -33.60 -20.72 -27.69
N GLU G 351 -33.56 -21.82 -26.94
CA GLU G 351 -34.55 -22.05 -25.89
C GLU G 351 -34.47 -20.95 -24.83
N TYR G 352 -33.24 -20.57 -24.45
CA TYR G 352 -33.07 -19.55 -23.42
C TYR G 352 -33.61 -18.20 -23.89
N LEU G 353 -33.38 -17.85 -25.15
CA LEU G 353 -33.88 -16.57 -25.65
C LEU G 353 -35.39 -16.58 -25.81
N ARG G 354 -35.96 -17.68 -26.29
CA ARG G 354 -37.36 -17.73 -26.65
C ARG G 354 -38.28 -18.01 -25.48
N ASP G 355 -37.74 -18.22 -24.28
CA ASP G 355 -38.59 -18.44 -23.11
C ASP G 355 -39.33 -17.16 -22.75
N THR G 356 -40.50 -17.33 -22.12
CA THR G 356 -41.31 -16.16 -21.78
C THR G 356 -40.61 -15.22 -20.81
N PRO G 357 -40.00 -15.67 -19.70
CA PRO G 357 -39.02 -14.82 -19.03
C PRO G 357 -37.67 -14.93 -19.72
N PRO G 358 -37.23 -13.87 -20.39
CA PRO G 358 -35.99 -13.97 -21.18
C PRO G 358 -34.79 -14.29 -20.31
N VAL G 359 -33.92 -15.16 -20.81
CA VAL G 359 -32.69 -15.52 -20.14
C VAL G 359 -31.55 -14.79 -20.85
N PRO G 360 -30.96 -13.76 -20.25
CA PRO G 360 -29.83 -13.09 -20.89
C PRO G 360 -28.67 -14.05 -21.07
N VAL G 361 -28.00 -13.93 -22.21
CA VAL G 361 -26.98 -14.89 -22.64
C VAL G 361 -25.65 -14.17 -22.78
N VAL G 362 -24.61 -14.70 -22.13
CA VAL G 362 -23.25 -14.21 -22.28
C VAL G 362 -22.45 -15.26 -23.00
N VAL G 363 -21.68 -14.84 -24.00
CA VAL G 363 -20.97 -15.74 -24.90
C VAL G 363 -19.47 -15.53 -24.72
N CYS G 364 -18.73 -16.63 -24.73
CA CYS G 364 -17.28 -16.62 -24.60
C CYS G 364 -16.66 -16.70 -25.98
N ASP G 365 -15.85 -15.70 -26.34
CA ASP G 365 -15.29 -15.63 -27.68
C ASP G 365 -14.13 -16.60 -27.88
N GLY G 366 -13.36 -16.87 -26.84
CA GLY G 366 -12.13 -17.63 -27.00
C GLY G 366 -12.33 -19.13 -27.09
N SER G 367 -13.59 -19.56 -27.19
CA SER G 367 -13.91 -20.97 -27.28
C SER G 367 -13.47 -21.61 -28.59
N GLY G 368 -13.65 -20.91 -29.71
CA GLY G 368 -13.39 -21.46 -31.01
C GLY G 368 -14.51 -22.32 -31.58
N ARG G 369 -15.34 -22.90 -30.72
CA ARG G 369 -16.40 -23.81 -31.14
C ARG G 369 -17.66 -23.02 -31.47
N ALA G 370 -18.81 -23.71 -31.52
CA ALA G 370 -20.06 -23.12 -32.00
C ALA G 370 -20.46 -21.88 -31.22
N SER G 371 -20.08 -21.77 -29.95
CA SER G 371 -20.33 -20.53 -29.23
C SER G 371 -19.56 -19.37 -29.85
N ASP G 372 -18.29 -19.62 -30.19
CA ASP G 372 -17.47 -18.58 -30.80
C ASP G 372 -17.96 -18.22 -32.19
N ILE G 373 -18.51 -19.19 -32.94
CA ILE G 373 -19.03 -18.85 -34.26
C ILE G 373 -20.28 -17.98 -34.13
N LEU G 374 -21.07 -18.18 -33.07
CA LEU G 374 -22.18 -17.27 -32.79
C LEU G 374 -21.67 -15.88 -32.43
N ALA G 375 -20.60 -15.84 -31.62
CA ALA G 375 -20.00 -14.56 -31.27
C ALA G 375 -19.50 -13.82 -32.51
N PHE G 376 -18.89 -14.54 -33.44
CA PHE G 376 -18.48 -13.96 -34.71
C PHE G 376 -19.69 -13.49 -35.51
N GLY G 377 -20.73 -14.31 -35.57
CA GLY G 377 -21.92 -13.97 -36.31
C GLY G 377 -22.73 -12.83 -35.72
N HIS G 378 -22.43 -12.43 -34.48
CA HIS G 378 -23.10 -11.27 -33.90
C HIS G 378 -22.84 -10.01 -34.72
N LYS G 379 -21.61 -9.82 -35.17
CA LYS G 379 -21.23 -8.57 -35.82
C LYS G 379 -21.84 -8.46 -37.21
N TYR G 380 -22.01 -7.20 -37.64
CA TYR G 380 -22.51 -6.80 -38.97
C TYR G 380 -23.63 -7.69 -39.48
N SER G 381 -24.73 -7.68 -38.75
CA SER G 381 -25.95 -8.33 -39.20
C SER G 381 -26.72 -7.40 -40.14
N GLU G 382 -27.97 -7.73 -40.42
CA GLU G 382 -28.81 -6.87 -41.26
C GLU G 382 -29.13 -5.58 -40.52
N VAL G 397 -21.40 -11.51 -44.24
CA VAL G 397 -22.65 -12.03 -44.79
C VAL G 397 -22.76 -13.52 -44.53
N THR G 398 -23.83 -14.14 -45.05
CA THR G 398 -24.08 -15.55 -44.83
C THR G 398 -23.04 -16.44 -45.50
N ILE G 399 -22.35 -15.94 -46.52
CA ILE G 399 -21.36 -16.76 -47.23
C ILE G 399 -20.22 -17.14 -46.31
N GLN G 400 -19.77 -16.19 -45.48
CA GLN G 400 -18.64 -16.44 -44.59
C GLN G 400 -18.97 -17.48 -43.54
N LYS G 401 -20.24 -17.58 -43.15
CA LYS G 401 -20.65 -18.56 -42.14
C LYS G 401 -20.51 -20.00 -42.64
N THR G 402 -20.38 -20.20 -43.95
CA THR G 402 -20.29 -21.54 -44.52
C THR G 402 -18.93 -22.13 -44.13
N PHE G 403 -18.82 -22.54 -42.87
CA PHE G 403 -17.61 -23.15 -42.33
C PHE G 403 -17.63 -24.66 -42.38
N THR G 404 -18.68 -25.25 -42.96
CA THR G 404 -18.84 -26.71 -43.05
C THR G 404 -18.72 -27.35 -41.68
N TYR G 405 -19.49 -26.81 -40.73
CA TYR G 405 -19.44 -27.34 -39.36
C TYR G 405 -19.85 -28.80 -39.32
N THR G 406 -20.99 -29.13 -39.92
CA THR G 406 -21.39 -30.52 -40.05
C THR G 406 -21.50 -30.96 -41.51
N ARG G 407 -22.35 -30.30 -42.30
CA ARG G 407 -22.64 -30.74 -43.67
C ARG G 407 -22.68 -29.53 -44.61
N THR G 408 -21.64 -28.72 -44.56
CA THR G 408 -21.33 -27.62 -45.52
C THR G 408 -22.49 -26.64 -45.53
N GLN G 409 -22.89 -26.15 -46.70
CA GLN G 409 -24.05 -25.29 -46.85
C GLN G 409 -25.32 -26.08 -47.11
N ALA G 410 -25.21 -27.39 -47.34
CA ALA G 410 -26.40 -28.24 -47.41
C ALA G 410 -27.14 -28.24 -46.08
N GLN G 411 -26.41 -28.37 -44.98
CA GLN G 411 -26.98 -28.24 -43.64
C GLN G 411 -26.61 -26.86 -43.12
N HIS G 412 -27.44 -25.87 -43.43
CA HIS G 412 -27.26 -24.51 -42.95
C HIS G 412 -28.40 -24.20 -41.99
N LEU G 413 -28.06 -23.97 -40.72
CA LEU G 413 -29.05 -23.70 -39.69
C LEU G 413 -29.43 -22.23 -39.61
N PHE G 414 -29.26 -21.50 -40.71
CA PHE G 414 -29.71 -20.11 -40.74
C PHE G 414 -31.21 -19.98 -40.56
N ILE G 415 -31.97 -21.06 -40.82
CA ILE G 415 -33.41 -21.07 -40.62
C ILE G 415 -33.78 -20.64 -39.20
N ILE G 416 -32.95 -20.99 -38.22
CA ILE G 416 -33.13 -20.53 -36.85
C ILE G 416 -32.07 -19.52 -36.42
N LEU G 417 -30.92 -19.48 -37.09
CA LEU G 417 -29.95 -18.43 -36.80
C LEU G 417 -30.46 -17.05 -37.16
N MET G 418 -31.44 -16.96 -38.07
CA MET G 418 -32.07 -15.67 -38.33
C MET G 418 -32.78 -15.13 -37.09
N GLU G 419 -33.51 -15.99 -36.39
CA GLU G 419 -34.11 -15.59 -35.11
C GLU G 419 -33.04 -15.33 -34.06
N CYS G 420 -32.01 -16.18 -34.03
CA CYS G 420 -30.91 -16.02 -33.08
C CYS G 420 -30.27 -14.66 -33.20
N MET G 421 -30.07 -14.18 -34.43
CA MET G 421 -29.54 -12.84 -34.67
C MET G 421 -30.62 -11.77 -34.66
N LYS G 422 -31.90 -12.16 -34.74
CA LYS G 422 -32.98 -11.22 -34.52
C LYS G 422 -33.00 -10.74 -33.08
N LYS G 423 -32.74 -11.65 -32.15
CA LYS G 423 -32.58 -11.26 -30.74
C LYS G 423 -31.12 -10.97 -30.39
N LYS G 424 -30.47 -10.13 -31.19
CA LYS G 424 -29.06 -9.81 -30.96
C LYS G 424 -28.86 -8.63 -30.00
N GLU G 425 -29.94 -7.93 -29.65
CA GLU G 425 -29.83 -6.88 -28.64
C GLU G 425 -29.54 -7.47 -27.26
N LEU G 426 -30.02 -8.68 -27.00
CA LEU G 426 -29.79 -9.37 -25.73
C LEU G 426 -28.49 -10.15 -25.71
N ILE G 427 -27.76 -10.17 -26.82
CA ILE G 427 -26.47 -10.85 -26.86
C ILE G 427 -25.46 -10.06 -26.05
N THR G 428 -24.95 -10.67 -24.98
CA THR G 428 -23.94 -10.05 -24.12
C THR G 428 -22.59 -10.63 -24.52
N VAL G 429 -21.93 -9.98 -25.48
CA VAL G 429 -20.65 -10.47 -25.96
C VAL G 429 -19.58 -10.29 -24.90
N PHE G 430 -18.45 -10.95 -25.12
CA PHE G 430 -17.28 -10.79 -24.27
C PHE G 430 -16.04 -11.05 -25.11
N ARG G 431 -15.01 -10.22 -24.92
CA ARG G 431 -13.75 -10.38 -25.64
C ARG G 431 -12.66 -9.66 -24.87
N MET G 432 -11.52 -10.32 -24.71
CA MET G 432 -10.42 -9.83 -23.89
C MET G 432 -9.43 -9.04 -24.73
N GLY G 433 -8.96 -7.93 -24.18
CA GLY G 433 -7.97 -7.09 -24.84
C GLY G 433 -8.53 -6.07 -25.81
N SER G 434 -9.83 -6.09 -26.06
CA SER G 434 -10.47 -5.12 -26.94
C SER G 434 -11.59 -4.43 -26.20
N GLU G 435 -12.20 -3.44 -26.86
CA GLU G 435 -13.24 -2.56 -26.33
C GLU G 435 -13.03 -2.21 -24.85
N GLY G 436 -14.08 -2.34 -24.04
CA GLY G 436 -14.00 -2.04 -22.63
C GLY G 436 -14.88 -2.97 -21.83
N HIS G 437 -14.80 -2.83 -20.50
CA HIS G 437 -15.56 -3.64 -19.56
C HIS G 437 -15.30 -5.13 -19.76
N GLN G 438 -14.04 -5.49 -19.95
CA GLN G 438 -13.65 -6.88 -20.15
C GLN G 438 -13.75 -7.71 -18.87
N ASP G 439 -14.15 -7.11 -17.75
CA ASP G 439 -14.28 -7.84 -16.50
C ASP G 439 -15.49 -8.76 -16.57
N ILE G 440 -15.25 -10.06 -16.40
CA ILE G 440 -16.29 -11.07 -16.62
C ILE G 440 -17.42 -10.88 -15.62
N ASP G 441 -17.07 -10.73 -14.33
CA ASP G 441 -18.10 -10.58 -13.30
C ASP G 441 -18.93 -9.32 -13.51
N LEU G 442 -18.27 -8.21 -13.83
CA LEU G 442 -19.00 -6.95 -14.03
C LEU G 442 -19.91 -7.04 -15.25
N ALA G 443 -19.42 -7.66 -16.34
CA ALA G 443 -20.27 -7.87 -17.50
C ALA G 443 -21.40 -8.83 -17.21
N ILE G 444 -21.14 -9.84 -16.37
CA ILE G 444 -22.20 -10.78 -15.99
C ILE G 444 -23.31 -10.05 -15.25
N LEU G 445 -22.95 -9.18 -14.31
CA LEU G 445 -23.93 -8.53 -13.47
C LEU G 445 -24.80 -7.57 -14.27
N THR G 446 -24.17 -6.72 -15.08
CA THR G 446 -24.93 -5.79 -15.91
C THR G 446 -25.70 -6.49 -17.01
N ALA G 447 -25.33 -7.73 -17.34
CA ALA G 447 -26.12 -8.50 -18.31
C ALA G 447 -27.53 -8.72 -17.80
N LEU G 448 -27.68 -9.07 -16.53
CA LEU G 448 -29.00 -9.17 -15.94
C LEU G 448 -29.64 -7.80 -15.77
N LEU G 449 -28.87 -6.73 -15.93
CA LEU G 449 -29.42 -5.39 -15.75
C LEU G 449 -30.05 -4.87 -17.03
N LYS G 450 -29.39 -5.08 -18.17
CA LYS G 450 -30.00 -4.69 -19.44
C LYS G 450 -31.19 -5.56 -19.76
N GLY G 451 -31.19 -6.82 -19.30
CA GLY G 451 -32.33 -7.69 -19.46
C GLY G 451 -33.40 -7.54 -18.39
N ALA G 452 -33.13 -6.74 -17.36
CA ALA G 452 -34.12 -6.54 -16.30
C ALA G 452 -35.37 -5.87 -16.84
N ASN G 453 -35.20 -4.74 -17.55
CA ASN G 453 -36.29 -4.00 -18.20
C ASN G 453 -37.34 -3.51 -17.21
N ALA G 454 -37.06 -3.59 -15.91
CA ALA G 454 -38.01 -3.20 -14.89
C ALA G 454 -37.73 -1.76 -14.47
N SER G 455 -38.38 -1.33 -13.39
CA SER G 455 -38.16 0.00 -12.87
C SER G 455 -36.77 0.11 -12.28
N ALA G 456 -36.18 1.30 -12.40
CA ALA G 456 -34.86 1.54 -11.83
C ALA G 456 -34.79 1.28 -10.32
N PRO G 457 -35.77 1.65 -9.49
CA PRO G 457 -35.70 1.24 -8.08
C PRO G 457 -35.63 -0.26 -7.87
N ASP G 458 -36.27 -1.05 -8.74
CA ASP G 458 -36.14 -2.49 -8.64
C ASP G 458 -34.70 -2.93 -8.87
N GLN G 459 -34.04 -2.34 -9.87
CA GLN G 459 -32.63 -2.64 -10.10
C GLN G 459 -31.78 -2.22 -8.92
N LEU G 460 -32.09 -1.06 -8.33
CA LEU G 460 -31.34 -0.58 -7.17
C LEU G 460 -31.50 -1.54 -6.00
N SER G 461 -32.72 -2.03 -5.77
CA SER G 461 -32.94 -3.00 -4.70
C SER G 461 -32.20 -4.30 -4.97
N LEU G 462 -32.19 -4.75 -6.22
CA LEU G 462 -31.49 -5.98 -6.56
C LEU G 462 -29.98 -5.85 -6.32
N ALA G 463 -29.41 -4.71 -6.70
CA ALA G 463 -27.98 -4.52 -6.46
C ALA G 463 -27.68 -4.34 -4.98
N LEU G 464 -28.60 -3.71 -4.24
CA LEU G 464 -28.41 -3.57 -2.79
C LEU G 464 -28.41 -4.94 -2.12
N ALA G 465 -29.31 -5.83 -2.54
CA ALA G 465 -29.23 -7.21 -2.09
C ALA G 465 -27.92 -7.85 -2.51
N TRP G 466 -27.51 -7.64 -3.75
CA TRP G 466 -26.21 -8.10 -4.23
C TRP G 466 -25.06 -7.40 -3.52
N ASN G 467 -25.31 -6.24 -2.91
CA ASN G 467 -24.30 -5.47 -2.20
C ASN G 467 -23.11 -5.15 -3.12
N ARG G 468 -23.43 -4.47 -4.22
CA ARG G 468 -22.43 -4.03 -5.20
C ARG G 468 -22.67 -2.55 -5.46
N VAL G 469 -22.09 -1.69 -4.62
CA VAL G 469 -22.32 -0.26 -4.75
C VAL G 469 -21.64 0.30 -5.99
N ASP G 470 -20.59 -0.35 -6.48
CA ASP G 470 -19.93 0.12 -7.69
C ASP G 470 -20.84 0.01 -8.90
N ILE G 471 -21.63 -1.07 -8.98
CA ILE G 471 -22.51 -1.26 -10.12
C ILE G 471 -23.65 -0.25 -10.10
N ALA G 472 -24.20 0.02 -8.91
CA ALA G 472 -25.21 1.06 -8.78
C ALA G 472 -24.64 2.41 -9.15
N ARG G 473 -23.39 2.67 -8.75
CA ARG G 473 -22.70 3.87 -9.18
C ARG G 473 -22.52 3.90 -10.69
N SER G 474 -22.40 2.74 -11.32
CA SER G 474 -22.13 2.65 -12.75
C SER G 474 -23.42 2.71 -13.58
N GLN G 475 -24.35 1.78 -13.31
CA GLN G 475 -25.54 1.61 -14.14
C GLN G 475 -26.77 2.28 -13.56
N ILE G 476 -27.12 1.97 -12.32
CA ILE G 476 -28.38 2.43 -11.75
C ILE G 476 -28.34 3.93 -11.49
N PHE G 477 -27.16 4.50 -11.39
CA PHE G 477 -27.01 5.96 -11.25
C PHE G 477 -26.32 6.49 -12.50
N ILE G 478 -27.13 6.93 -13.46
CA ILE G 478 -26.67 7.62 -14.66
C ILE G 478 -27.52 8.88 -14.82
N TYR G 479 -27.21 9.65 -15.85
CA TYR G 479 -27.98 10.87 -16.10
C TYR G 479 -29.36 10.51 -16.62
N GLY G 480 -30.36 11.24 -16.15
CA GLY G 480 -31.74 10.93 -16.50
C GLY G 480 -32.22 9.65 -15.86
N GLN G 481 -32.39 9.66 -14.54
CA GLN G 481 -32.84 8.48 -13.82
C GLN G 481 -34.30 8.54 -13.40
N GLN G 482 -34.86 9.74 -13.25
CA GLN G 482 -36.27 9.99 -12.90
C GLN G 482 -36.79 9.00 -11.85
N TRP G 483 -36.19 9.07 -10.67
CA TRP G 483 -36.56 8.19 -9.58
C TRP G 483 -38.02 8.43 -9.18
N PRO G 484 -38.86 7.39 -9.17
CA PRO G 484 -40.26 7.58 -8.77
C PRO G 484 -40.39 8.03 -7.32
N VAL G 485 -41.45 8.78 -7.05
CA VAL G 485 -41.67 9.37 -5.73
C VAL G 485 -41.94 8.26 -4.71
N GLY G 486 -41.30 8.37 -3.55
CA GLY G 486 -41.45 7.40 -2.49
C GLY G 486 -40.55 6.19 -2.60
N SER G 487 -39.91 5.99 -3.75
CA SER G 487 -39.01 4.85 -3.91
C SER G 487 -37.71 5.06 -3.17
N LEU G 488 -37.17 6.29 -3.20
CA LEU G 488 -35.88 6.56 -2.57
C LEU G 488 -35.97 6.40 -1.05
N GLU G 489 -37.05 6.88 -0.44
CA GLU G 489 -37.21 6.71 1.00
C GLU G 489 -37.27 5.23 1.39
N GLN G 490 -38.02 4.44 0.62
CA GLN G 490 -38.08 3.01 0.89
C GLN G 490 -36.72 2.35 0.71
N ALA G 491 -35.98 2.78 -0.32
CA ALA G 491 -34.65 2.24 -0.55
C ALA G 491 -33.72 2.56 0.62
N MET G 492 -33.78 3.80 1.11
CA MET G 492 -32.94 4.18 2.25
C MET G 492 -33.34 3.40 3.50
N LEU G 493 -34.65 3.21 3.71
CA LEU G 493 -35.11 2.42 4.84
C LEU G 493 -34.56 1.00 4.78
N ASP G 494 -34.68 0.35 3.62
CA ASP G 494 -34.21 -1.02 3.49
C ASP G 494 -32.68 -1.09 3.56
N ALA G 495 -31.98 -0.05 3.13
CA ALA G 495 -30.53 -0.02 3.31
C ALA G 495 -30.18 0.07 4.79
N LEU G 496 -30.92 0.88 5.55
CA LEU G 496 -30.68 0.97 6.98
C LEU G 496 -30.94 -0.36 7.68
N VAL G 497 -32.04 -1.03 7.32
CA VAL G 497 -32.32 -2.33 7.94
C VAL G 497 -31.40 -3.43 7.46
N LEU G 498 -30.64 -3.19 6.40
CA LEU G 498 -29.68 -4.17 5.92
C LEU G 498 -28.24 -3.82 6.26
N ASP G 499 -28.00 -2.68 6.91
CA ASP G 499 -26.69 -2.28 7.41
C ASP G 499 -25.66 -2.21 6.27
N ARG G 500 -25.90 -1.30 5.34
CA ARG G 500 -25.01 -1.06 4.21
C ARG G 500 -24.55 0.39 4.23
N VAL G 501 -23.39 0.64 4.82
CA VAL G 501 -22.89 2.01 4.96
C VAL G 501 -22.63 2.63 3.58
N ASP G 502 -22.02 1.87 2.68
CA ASP G 502 -21.65 2.39 1.37
C ASP G 502 -22.89 2.74 0.55
N PHE G 503 -23.89 1.85 0.54
CA PHE G 503 -25.12 2.16 -0.19
C PHE G 503 -25.82 3.36 0.42
N VAL G 504 -25.84 3.44 1.75
CA VAL G 504 -26.48 4.58 2.42
C VAL G 504 -25.80 5.89 2.04
N LYS G 505 -24.46 5.90 2.06
CA LYS G 505 -23.75 7.13 1.74
C LYS G 505 -23.92 7.49 0.27
N LEU G 506 -24.00 6.49 -0.60
CA LEU G 506 -24.27 6.78 -2.01
C LEU G 506 -25.65 7.39 -2.20
N LEU G 507 -26.65 6.84 -1.51
CA LEU G 507 -28.01 7.39 -1.62
C LEU G 507 -28.08 8.80 -1.07
N ILE G 508 -27.41 9.05 0.05
CA ILE G 508 -27.39 10.40 0.62
C ILE G 508 -26.70 11.36 -0.34
N GLU G 509 -25.61 10.93 -0.96
CA GLU G 509 -24.97 11.74 -1.99
C GLU G 509 -25.85 11.93 -3.21
N ASN G 510 -26.90 11.13 -3.37
CA ASN G 510 -27.87 11.31 -4.45
C ASN G 510 -29.03 12.21 -4.03
N GLY G 511 -29.00 12.75 -2.81
CA GLY G 511 -30.02 13.66 -2.37
C GLY G 511 -30.93 13.16 -1.26
N VAL G 512 -30.73 11.92 -0.80
CA VAL G 512 -31.54 11.41 0.31
C VAL G 512 -31.16 12.18 1.57
N SER G 513 -32.15 12.83 2.18
CA SER G 513 -31.94 13.68 3.35
C SER G 513 -32.54 13.00 4.57
N MET G 514 -31.70 12.76 5.58
CA MET G 514 -32.17 12.09 6.80
C MET G 514 -33.17 12.94 7.57
N HIS G 515 -33.21 14.25 7.36
CA HIS G 515 -34.22 15.08 7.98
C HIS G 515 -35.60 14.67 7.51
N ARG G 516 -35.86 14.81 6.21
CA ARG G 516 -37.17 14.51 5.66
C ARG G 516 -37.49 13.03 5.63
N PHE G 517 -36.47 12.18 5.51
CA PHE G 517 -36.70 10.75 5.38
C PHE G 517 -37.18 10.12 6.69
N LEU G 518 -36.77 10.66 7.83
CA LEU G 518 -36.96 9.97 9.10
C LEU G 518 -38.35 10.26 9.67
N THR G 519 -39.05 9.19 10.05
CA THR G 519 -40.27 9.25 10.85
C THR G 519 -40.09 8.41 12.10
N ILE G 520 -40.96 8.64 13.08
CA ILE G 520 -40.99 7.80 14.28
C ILE G 520 -41.28 6.36 13.90
N SER G 521 -42.23 6.16 12.98
CA SER G 521 -42.59 4.81 12.57
C SER G 521 -41.39 4.08 11.96
N ARG G 522 -40.60 4.79 11.17
CA ARG G 522 -39.42 4.16 10.57
C ARG G 522 -38.43 3.72 11.64
N LEU G 523 -38.21 4.56 12.65
CA LEU G 523 -37.30 4.19 13.73
C LEU G 523 -37.83 3.00 14.52
N GLU G 524 -39.14 2.97 14.78
CA GLU G 524 -39.74 1.85 15.48
C GLU G 524 -39.57 0.55 14.71
N GLU G 525 -39.80 0.60 13.39
CA GLU G 525 -39.57 -0.57 12.56
C GLU G 525 -38.10 -0.96 12.54
N LEU G 526 -37.20 0.03 12.62
CA LEU G 526 -35.78 -0.28 12.75
C LEU G 526 -35.49 -1.06 14.01
N TYR G 527 -36.14 -0.68 15.12
CA TYR G 527 -35.90 -1.40 16.37
C TYR G 527 -36.52 -2.79 16.39
N ASN G 528 -37.35 -3.15 15.42
CA ASN G 528 -38.08 -4.40 15.44
C ASN G 528 -37.85 -5.19 14.15
N THR G 529 -36.60 -5.30 13.74
CA THR G 529 -36.24 -6.05 12.55
C THR G 529 -35.33 -7.22 12.91
N ARG G 530 -35.09 -8.09 11.92
CA ARG G 530 -34.28 -9.28 12.12
C ARG G 530 -33.28 -9.52 11.00
N HIS G 531 -33.06 -8.55 10.12
CA HIS G 531 -32.19 -8.74 8.96
C HIS G 531 -30.80 -8.16 9.25
N GLY G 532 -30.05 -8.87 10.08
CA GLY G 532 -28.72 -8.45 10.43
C GLY G 532 -28.13 -9.22 11.59
N PRO G 533 -27.23 -8.57 12.33
CA PRO G 533 -26.54 -9.26 13.42
C PRO G 533 -27.43 -9.42 14.64
N SER G 534 -26.93 -10.21 15.59
CA SER G 534 -27.62 -10.38 16.86
C SER G 534 -27.30 -9.22 17.80
N ASN G 535 -28.13 -9.10 18.83
CA ASN G 535 -27.98 -8.03 19.82
C ASN G 535 -28.68 -8.43 21.10
N THR G 536 -28.37 -7.72 22.17
CA THR G 536 -28.91 -7.99 23.49
C THR G 536 -30.16 -7.18 23.79
N LEU G 537 -30.61 -6.34 22.86
CA LEU G 537 -31.63 -5.33 23.17
C LEU G 537 -32.92 -5.95 23.66
N TYR G 538 -33.33 -7.07 23.07
CA TYR G 538 -34.52 -7.77 23.56
C TYR G 538 -34.33 -8.24 24.99
N HIS G 539 -33.15 -8.81 25.28
CA HIS G 539 -32.86 -9.24 26.63
C HIS G 539 -32.78 -8.06 27.59
N LEU G 540 -32.18 -6.96 27.14
CA LEU G 540 -32.12 -5.76 27.97
C LEU G 540 -33.52 -5.24 28.29
N VAL G 541 -34.39 -5.22 27.28
CA VAL G 541 -35.76 -4.76 27.50
C VAL G 541 -36.48 -5.67 28.47
N ARG G 542 -36.32 -6.98 28.29
CA ARG G 542 -36.95 -7.93 29.22
C ARG G 542 -36.45 -7.74 30.64
N ASP G 543 -35.16 -7.39 30.80
CA ASP G 543 -34.64 -7.12 32.13
C ASP G 543 -35.25 -5.84 32.70
N VAL G 544 -35.24 -4.76 31.92
CA VAL G 544 -35.71 -3.47 32.44
C VAL G 544 -37.21 -3.47 32.64
N LYS G 545 -37.96 -4.02 31.68
CA LYS G 545 -39.42 -4.02 31.76
C LYS G 545 -39.95 -5.18 32.58
N LYS G 546 -39.12 -5.76 33.45
CA LYS G 546 -39.51 -6.76 34.45
C LYS G 546 -39.99 -8.06 33.84
N GLY G 547 -39.67 -8.32 32.57
CA GLY G 547 -39.97 -9.60 31.97
C GLY G 547 -41.43 -9.95 31.87
N ASN G 548 -42.31 -8.94 31.89
CA ASN G 548 -43.75 -9.15 31.80
C ASN G 548 -44.22 -9.30 30.35
N LEU G 549 -43.31 -9.58 29.43
CA LEU G 549 -43.64 -9.55 28.02
C LEU G 549 -44.55 -10.71 27.62
N PRO G 550 -45.45 -10.48 26.67
CA PRO G 550 -46.10 -11.59 25.98
C PRO G 550 -45.18 -12.10 24.88
N PRO G 551 -45.55 -13.18 24.20
CA PRO G 551 -44.75 -13.62 23.05
C PRO G 551 -44.65 -12.55 21.98
N ASP G 552 -43.45 -12.43 21.41
CA ASP G 552 -43.10 -11.51 20.32
C ASP G 552 -43.76 -10.13 20.47
N TYR G 553 -43.40 -9.46 21.57
CA TYR G 553 -43.88 -8.11 21.80
C TYR G 553 -43.22 -7.12 20.83
N ARG G 554 -43.97 -6.10 20.44
CA ARG G 554 -43.47 -5.05 19.56
C ARG G 554 -42.93 -3.90 20.40
N ILE G 555 -41.62 -3.69 20.33
CA ILE G 555 -40.93 -2.76 21.23
C ILE G 555 -41.24 -1.32 20.83
N SER G 556 -41.40 -0.46 21.82
CA SER G 556 -41.71 0.95 21.63
C SER G 556 -40.52 1.82 21.99
N LEU G 557 -40.63 3.10 21.66
CA LEU G 557 -39.54 4.04 21.91
C LEU G 557 -39.42 4.42 23.38
N ILE G 558 -40.52 4.43 24.12
CA ILE G 558 -40.48 4.79 25.53
C ILE G 558 -39.66 3.78 26.31
N ASP G 559 -39.86 2.48 26.02
CA ASP G 559 -39.05 1.46 26.65
C ASP G 559 -37.58 1.62 26.28
N ILE G 560 -37.31 2.03 25.04
CA ILE G 560 -35.93 2.28 24.61
C ILE G 560 -35.31 3.39 25.46
N GLY G 561 -36.05 4.48 25.65
CA GLY G 561 -35.54 5.55 26.50
C GLY G 561 -35.35 5.12 27.93
N LEU G 562 -36.24 4.25 28.43
CA LEU G 562 -36.07 3.72 29.78
C LEU G 562 -34.80 2.91 29.90
N VAL G 563 -34.51 2.07 28.90
CA VAL G 563 -33.27 1.30 28.90
C VAL G 563 -32.07 2.23 28.85
N ILE G 564 -32.16 3.27 28.03
CA ILE G 564 -31.06 4.24 27.93
C ILE G 564 -30.80 4.90 29.26
N GLU G 565 -31.87 5.39 29.92
CA GLU G 565 -31.71 6.04 31.22
C GLU G 565 -31.23 5.07 32.28
N TYR G 566 -31.60 3.78 32.16
CA TYR G 566 -31.05 2.77 33.04
C TYR G 566 -29.55 2.64 32.85
N LEU G 567 -29.09 2.72 31.61
CA LEU G 567 -27.66 2.60 31.35
C LEU G 567 -26.88 3.83 31.77
N MET G 568 -27.43 5.02 31.53
CA MET G 568 -26.66 6.25 31.69
C MET G 568 -26.30 6.50 33.15
N GLY G 569 -27.28 6.46 34.03
CA GLY G 569 -27.05 6.73 35.43
C GLY G 569 -28.29 7.31 36.07
N GLY G 570 -28.10 7.87 37.26
CA GLY G 570 -29.20 8.37 38.06
C GLY G 570 -29.82 9.65 37.54
N ALA G 571 -29.01 10.71 37.47
CA ALA G 571 -29.53 12.03 37.13
C ALA G 571 -30.03 12.14 35.70
N TYR G 572 -29.73 11.18 34.85
CA TYR G 572 -30.07 11.28 33.44
C TYR G 572 -31.58 11.28 33.21
N ARG G 573 -32.02 12.06 32.24
CA ARG G 573 -33.44 12.13 31.87
C ARG G 573 -33.52 12.39 30.38
N CYS G 574 -33.92 11.37 29.62
CA CYS G 574 -33.97 11.49 28.17
C CYS G 574 -35.17 12.33 27.73
N ASN G 575 -35.10 12.78 26.47
CA ASN G 575 -36.21 13.52 25.88
C ASN G 575 -37.45 12.65 25.71
N TYR G 576 -37.25 11.35 25.49
CA TYR G 576 -38.39 10.46 25.28
C TYR G 576 -39.28 10.40 26.51
N THR G 577 -38.67 10.35 27.69
CA THR G 577 -39.45 10.32 28.94
C THR G 577 -40.11 11.65 29.25
N ARG G 578 -39.69 12.74 28.60
CA ARG G 578 -40.31 14.03 28.83
C ARG G 578 -41.76 14.01 28.36
N LYS G 579 -42.58 14.85 29.02
CA LYS G 579 -44.03 14.76 28.83
C LYS G 579 -44.46 15.22 27.44
N ARG G 580 -43.70 16.11 26.81
CA ARG G 580 -44.03 16.51 25.44
C ARG G 580 -43.91 15.33 24.49
N PHE G 581 -42.85 14.53 24.65
CA PHE G 581 -42.71 13.30 23.87
C PHE G 581 -43.83 12.33 24.21
N ARG G 582 -44.22 12.28 25.48
CA ARG G 582 -45.35 11.43 25.88
C ARG G 582 -46.62 11.81 25.14
N THR G 583 -46.90 13.12 25.09
CA THR G 583 -48.09 13.60 24.40
C THR G 583 -48.02 13.29 22.90
N LEU G 584 -46.87 13.55 22.28
CA LEU G 584 -46.73 13.29 20.85
C LEU G 584 -46.90 11.81 20.54
N TYR G 585 -46.32 10.94 21.37
CA TYR G 585 -46.44 9.50 21.15
C TYR G 585 -47.89 9.04 21.32
N HIS G 586 -48.52 9.43 22.43
CA HIS G 586 -49.88 8.98 22.70
C HIS G 586 -50.88 9.57 21.72
N ASN G 587 -50.82 10.87 21.48
CA ASN G 587 -51.83 11.52 20.66
C ASN G 587 -51.69 11.12 19.20
N LEU G 588 -50.46 11.02 18.69
CA LEU G 588 -50.23 10.77 17.28
C LEU G 588 -49.81 9.34 16.99
N PHE G 589 -48.73 8.87 17.59
CA PHE G 589 -48.19 7.57 17.22
C PHE G 589 -48.84 6.42 17.99
N GLY G 590 -49.75 6.70 18.90
CA GLY G 590 -50.40 5.62 19.63
C GLY G 590 -51.92 5.57 19.57
N PRO G 591 -52.55 5.76 18.38
CA PRO G 591 -54.01 5.67 18.34
C PRO G 591 -54.48 4.26 18.64
N LYS G 592 -54.09 3.30 17.81
CA LYS G 592 -54.29 1.89 18.14
C LYS G 592 -53.22 0.96 17.61
N ARG G 593 -51.96 1.42 17.52
CA ARG G 593 -50.89 0.58 16.99
C ARG G 593 -50.68 -0.73 17.75
N PRO G 594 -50.63 -0.78 19.09
CA PRO G 594 -50.59 -2.11 19.75
C PRO G 594 -51.98 -2.72 19.93
N LYS G 595 -52.43 -3.41 18.89
CA LYS G 595 -53.81 -3.89 18.84
C LYS G 595 -54.11 -4.88 19.98
N ALA G 596 -53.21 -5.80 20.24
CA ALA G 596 -53.44 -6.80 21.28
C ALA G 596 -53.08 -6.30 22.67
N LEU G 597 -52.55 -5.08 22.79
CA LEU G 597 -52.10 -4.57 24.08
C LEU G 597 -53.17 -3.78 24.82
N LYS G 598 -54.17 -3.25 24.11
CA LYS G 598 -55.22 -2.48 24.77
C LYS G 598 -55.98 -3.35 25.76
N LEU G 599 -56.28 -4.60 25.40
CA LEU G 599 -56.91 -5.52 26.33
C LEU G 599 -55.96 -5.84 27.48
N LEU G 600 -54.68 -6.08 27.17
CA LEU G 600 -53.70 -6.34 28.22
C LEU G 600 -53.47 -5.11 29.09
N GLY G 601 -53.36 -3.94 28.45
CA GLY G 601 -53.18 -2.72 29.20
C GLY G 601 -51.73 -2.34 29.43
N MET G 602 -50.93 -2.33 28.37
CA MET G 602 -49.55 -1.88 28.48
C MET G 602 -49.33 -0.71 27.52
N GLU G 603 -50.26 0.24 27.50
CA GLU G 603 -50.21 1.37 26.59
C GLU G 603 -49.90 2.69 27.27
N ASP G 604 -50.42 2.93 28.48
CA ASP G 604 -50.16 4.16 29.18
C ASP G 604 -48.73 4.21 29.71
N ASP G 625 -51.61 19.41 17.64
CA ASP G 625 -51.57 18.74 16.34
C ASP G 625 -51.89 19.74 15.22
N LEU G 626 -52.45 20.89 15.60
CA LEU G 626 -52.77 21.91 14.62
C LEU G 626 -51.49 22.44 13.99
N ASP G 627 -51.39 22.27 12.67
CA ASP G 627 -50.19 22.55 11.89
C ASP G 627 -49.00 21.72 12.35
N ASP G 628 -47.87 21.89 11.67
CA ASP G 628 -46.66 21.21 12.10
C ASP G 628 -45.55 21.45 11.09
N PRO G 629 -44.31 21.22 11.49
CA PRO G 629 -43.22 21.32 10.53
C PRO G 629 -43.07 20.00 9.87
N GLU G 630 -44.05 19.57 9.09
CA GLU G 630 -44.00 18.28 8.52
C GLU G 630 -44.16 17.43 9.74
N ILE G 631 -43.25 17.53 10.70
CA ILE G 631 -43.35 16.83 11.98
C ILE G 631 -42.74 15.46 12.01
N ASN G 632 -42.98 14.74 13.10
CA ASN G 632 -42.31 13.47 13.28
C ASN G 632 -40.92 13.85 12.95
N HIS G 633 -40.53 14.99 13.49
CA HIS G 633 -39.25 15.48 13.12
C HIS G 633 -38.39 15.81 14.28
N PHE G 634 -37.23 15.19 14.29
CA PHE G 634 -36.31 15.37 15.34
C PHE G 634 -35.30 16.38 14.88
N PRO G 635 -35.47 17.61 15.30
CA PRO G 635 -34.51 18.68 15.01
C PRO G 635 -33.11 18.16 14.72
N PHE G 636 -32.70 17.08 15.37
CA PHE G 636 -31.36 16.51 15.20
C PHE G 636 -31.50 15.02 14.93
N PRO G 637 -31.96 14.64 13.73
CA PRO G 637 -32.21 13.22 13.46
C PRO G 637 -30.97 12.34 13.56
N PHE G 638 -29.81 12.87 13.22
CA PHE G 638 -28.60 12.07 13.26
C PHE G 638 -28.22 11.68 14.69
N HIS G 639 -28.59 12.51 15.67
CA HIS G 639 -28.35 12.15 17.07
C HIS G 639 -29.06 10.84 17.41
N GLU G 640 -30.36 10.78 17.13
CA GLU G 640 -31.12 9.58 17.43
C GLU G 640 -30.70 8.43 16.52
N LEU G 641 -30.27 8.72 15.29
CA LEU G 641 -29.79 7.66 14.41
C LEU G 641 -28.53 7.01 14.97
N MET G 642 -27.60 7.84 15.46
CA MET G 642 -26.41 7.31 16.10
C MET G 642 -26.75 6.54 17.36
N VAL G 643 -27.73 7.05 18.12
CA VAL G 643 -28.19 6.34 19.32
C VAL G 643 -28.68 4.94 18.95
N TRP G 644 -29.55 4.87 17.94
CA TRP G 644 -30.10 3.59 17.52
C TRP G 644 -29.02 2.66 17.00
N ALA G 645 -28.06 3.21 16.25
CA ALA G 645 -26.96 2.39 15.74
C ALA G 645 -26.14 1.81 16.88
N VAL G 646 -25.91 2.60 17.93
CA VAL G 646 -25.23 2.09 19.11
C VAL G 646 -26.06 0.98 19.76
N LEU G 647 -27.36 1.21 19.89
CA LEU G 647 -28.22 0.27 20.62
C LEU G 647 -28.28 -1.08 19.91
N MET G 648 -28.40 -1.07 18.58
CA MET G 648 -28.44 -2.32 17.84
C MET G 648 -27.06 -2.92 17.62
N LYS G 649 -26.02 -2.30 18.18
CA LYS G 649 -24.65 -2.81 18.13
C LYS G 649 -24.16 -2.94 16.69
N ARG G 650 -24.15 -1.81 16.00
CA ARG G 650 -23.61 -1.71 14.64
C ARG G 650 -22.57 -0.60 14.66
N GLN G 651 -21.30 -0.99 14.75
CA GLN G 651 -20.23 -0.02 15.02
C GLN G 651 -19.98 0.88 13.82
N LYS G 652 -19.88 0.29 12.62
CA LYS G 652 -19.47 1.06 11.45
C LYS G 652 -20.49 2.12 11.08
N MET G 653 -21.78 1.75 11.09
CA MET G 653 -22.83 2.71 10.78
C MET G 653 -22.85 3.83 11.82
N ALA G 654 -22.65 3.49 13.09
CA ALA G 654 -22.59 4.50 14.14
C ALA G 654 -21.42 5.45 13.92
N LEU G 655 -20.26 4.91 13.52
CA LEU G 655 -19.12 5.77 13.23
C LEU G 655 -19.42 6.70 12.07
N PHE G 656 -20.08 6.19 11.03
CA PHE G 656 -20.42 7.03 9.88
C PHE G 656 -21.38 8.14 10.29
N PHE G 657 -22.36 7.82 11.13
CA PHE G 657 -23.28 8.85 11.63
C PHE G 657 -22.54 9.87 12.46
N TRP G 658 -21.58 9.41 13.28
CA TRP G 658 -20.87 10.30 14.18
C TRP G 658 -20.06 11.34 13.42
N GLN G 659 -19.58 11.02 12.22
CA GLN G 659 -18.81 11.98 11.46
C GLN G 659 -19.65 13.10 10.90
N HIS G 660 -20.98 12.98 10.91
CA HIS G 660 -21.88 14.04 10.52
C HIS G 660 -22.59 14.58 11.75
N GLY G 661 -23.27 15.71 11.59
CA GLY G 661 -24.08 16.29 12.65
C GLY G 661 -23.31 17.35 13.40
N GLU G 662 -23.79 17.63 14.62
CA GLU G 662 -23.20 18.65 15.48
C GLU G 662 -23.07 18.07 16.88
N GLU G 663 -22.26 18.76 17.70
CA GLU G 663 -21.98 18.32 19.07
C GLU G 663 -21.42 16.90 19.09
N ALA G 664 -20.52 16.63 18.13
CA ALA G 664 -20.06 15.26 17.90
C ALA G 664 -19.26 14.71 19.07
N MET G 665 -18.50 15.57 19.77
CA MET G 665 -17.70 15.09 20.89
C MET G 665 -18.58 14.58 22.03
N ALA G 666 -19.69 15.28 22.31
CA ALA G 666 -20.63 14.79 23.29
C ALA G 666 -21.21 13.45 22.86
N LYS G 667 -21.50 13.31 21.57
CA LYS G 667 -21.98 12.03 21.05
C LYS G 667 -20.94 10.93 21.27
N ALA G 668 -19.66 11.25 21.06
CA ALA G 668 -18.61 10.26 21.26
C ALA G 668 -18.51 9.84 22.73
N LEU G 669 -18.58 10.81 23.64
CA LEU G 669 -18.54 10.49 25.06
C LEU G 669 -19.73 9.62 25.46
N VAL G 670 -20.92 9.98 24.97
CA VAL G 670 -22.12 9.20 25.27
C VAL G 670 -21.97 7.78 24.72
N ALA G 671 -21.43 7.65 23.51
CA ALA G 671 -21.26 6.34 22.91
C ALA G 671 -20.27 5.49 23.71
N CYS G 672 -19.19 6.10 24.18
CA CYS G 672 -18.24 5.36 25.00
C CYS G 672 -18.88 4.89 26.30
N LYS G 673 -19.64 5.76 26.95
CA LYS G 673 -20.33 5.37 28.18
C LYS G 673 -21.32 4.24 27.91
N LEU G 674 -22.05 4.34 26.81
CA LEU G 674 -23.01 3.30 26.45
C LEU G 674 -22.33 1.98 26.18
N CYS G 675 -21.20 2.01 25.47
CA CYS G 675 -20.46 0.77 25.19
C CYS G 675 -19.95 0.14 26.48
N LYS G 676 -19.44 0.95 27.40
CA LYS G 676 -18.99 0.42 28.68
C LYS G 676 -20.13 -0.21 29.45
N ALA G 677 -21.27 0.48 29.52
CA ALA G 677 -22.42 -0.06 30.24
C ALA G 677 -22.94 -1.34 29.60
N MET G 678 -23.00 -1.38 28.28
CA MET G 678 -23.49 -2.57 27.59
C MET G 678 -22.53 -3.74 27.77
N ALA G 679 -21.22 -3.47 27.78
CA ALA G 679 -20.26 -4.51 28.08
C ALA G 679 -20.46 -5.06 29.49
N HIS G 680 -20.73 -4.17 30.45
CA HIS G 680 -21.03 -4.63 31.80
C HIS G 680 -22.29 -5.50 31.83
N GLU G 681 -23.32 -5.07 31.10
CA GLU G 681 -24.56 -5.84 31.04
C GLU G 681 -24.31 -7.23 30.44
N ALA G 682 -23.52 -7.28 29.37
CA ALA G 682 -23.19 -8.57 28.74
C ALA G 682 -22.43 -9.46 29.71
N SER G 683 -21.46 -8.90 30.43
CA SER G 683 -20.72 -9.67 31.42
C SER G 683 -21.61 -10.11 32.57
N GLU G 684 -22.71 -9.41 32.83
CA GLU G 684 -23.55 -9.75 33.97
C GLU G 684 -24.36 -11.03 33.75
N ASN G 685 -24.69 -11.37 32.51
CA ASN G 685 -25.64 -12.45 32.25
C ASN G 685 -25.10 -13.43 31.21
N ASP G 686 -23.97 -14.06 31.54
CA ASP G 686 -23.44 -15.27 30.90
C ASP G 686 -23.50 -15.20 29.37
N MET G 687 -22.81 -14.21 28.84
CA MET G 687 -22.84 -13.99 27.40
C MET G 687 -21.72 -14.78 26.73
N VAL G 688 -21.50 -14.53 25.45
CA VAL G 688 -20.65 -15.39 24.64
C VAL G 688 -19.19 -14.96 24.75
N ASP G 689 -18.92 -14.01 25.64
CA ASP G 689 -17.60 -13.56 26.08
C ASP G 689 -16.80 -12.85 24.99
N ASP G 690 -17.30 -12.79 23.75
CA ASP G 690 -16.68 -11.96 22.73
C ASP G 690 -17.41 -10.65 22.51
N ILE G 691 -18.73 -10.63 22.72
CA ILE G 691 -19.49 -9.39 22.66
C ILE G 691 -18.99 -8.42 23.72
N SER G 692 -18.64 -8.93 24.90
CA SER G 692 -18.16 -8.08 25.98
C SER G 692 -16.88 -7.34 25.58
N GLN G 693 -15.88 -8.09 25.10
CA GLN G 693 -14.63 -7.45 24.72
C GLN G 693 -14.76 -6.61 23.46
N GLU G 694 -15.66 -6.99 22.55
CA GLU G 694 -15.92 -6.14 21.39
C GLU G 694 -16.53 -4.81 21.80
N LEU G 695 -17.47 -4.84 22.75
CA LEU G 695 -18.03 -3.60 23.27
C LEU G 695 -16.96 -2.77 23.98
N ASN G 696 -16.07 -3.44 24.71
CA ASN G 696 -14.96 -2.74 25.35
C ASN G 696 -14.06 -2.08 24.32
N HIS G 697 -13.78 -2.77 23.21
CA HIS G 697 -12.98 -2.19 22.14
C HIS G 697 -13.68 -1.01 21.50
N ASN G 698 -15.00 -1.11 21.34
CA ASN G 698 -15.75 0.02 20.80
C ASN G 698 -15.69 1.22 21.74
N SER G 699 -15.78 0.98 23.05
CA SER G 699 -15.65 2.06 24.02
C SER G 699 -14.25 2.67 23.95
N ARG G 700 -13.23 1.82 23.79
CA ARG G 700 -11.87 2.32 23.62
C ARG G 700 -11.77 3.22 22.40
N ASP G 701 -12.36 2.79 21.28
CA ASP G 701 -12.30 3.57 20.06
C ASP G 701 -13.02 4.91 20.22
N PHE G 702 -14.17 4.89 20.88
CA PHE G 702 -14.91 6.15 21.09
C PHE G 702 -14.13 7.10 21.99
N GLY G 703 -13.52 6.58 23.06
CA GLY G 703 -12.69 7.42 23.89
C GLY G 703 -11.48 7.96 23.16
N GLN G 704 -10.87 7.13 22.31
CA GLN G 704 -9.74 7.56 21.50
C GLN G 704 -10.14 8.68 20.56
N LEU G 705 -11.29 8.53 19.89
CA LEU G 705 -11.76 9.58 19.00
C LEU G 705 -12.05 10.86 19.76
N ALA G 706 -12.67 10.75 20.94
CA ALA G 706 -12.95 11.93 21.75
C ALA G 706 -11.66 12.65 22.13
N VAL G 707 -10.66 11.89 22.58
CA VAL G 707 -9.39 12.49 22.99
C VAL G 707 -8.70 13.15 21.80
N GLU G 708 -8.67 12.46 20.65
CA GLU G 708 -8.02 13.03 19.47
C GLU G 708 -8.71 14.30 19.01
N LEU G 709 -10.05 14.29 18.98
CA LEU G 709 -10.78 15.48 18.59
C LEU G 709 -10.54 16.63 19.56
N LEU G 710 -10.52 16.32 20.86
CA LEU G 710 -10.26 17.34 21.87
C LEU G 710 -8.87 17.95 21.67
N ASP G 711 -7.87 17.11 21.45
CA ASP G 711 -6.51 17.60 21.31
C ASP G 711 -6.35 18.43 20.04
N GLN G 712 -6.94 17.98 18.93
CA GLN G 712 -6.84 18.73 17.69
C GLN G 712 -7.56 20.07 17.80
N SER G 713 -8.71 20.10 18.47
CA SER G 713 -9.40 21.36 18.68
C SER G 713 -8.60 22.28 19.60
N TYR G 714 -7.96 21.72 20.62
CA TYR G 714 -7.14 22.51 21.53
C TYR G 714 -5.96 23.13 20.79
N LYS G 715 -5.31 22.35 19.92
CA LYS G 715 -4.24 22.91 19.11
C LYS G 715 -4.76 23.95 18.13
N GLN G 716 -5.97 23.75 17.61
CA GLN G 716 -6.58 24.74 16.73
C GLN G 716 -6.77 26.07 17.45
N ASP G 717 -7.31 26.02 18.67
CA ASP G 717 -7.49 27.21 19.49
C ASP G 717 -7.70 26.76 20.93
N GLU G 718 -7.37 27.66 21.86
CA GLU G 718 -7.52 27.33 23.27
C GLU G 718 -8.80 27.89 23.87
N GLN G 719 -9.13 29.15 23.55
CA GLN G 719 -10.28 29.79 24.19
C GLN G 719 -11.60 29.12 23.79
N LEU G 720 -11.79 28.89 22.50
CA LEU G 720 -13.01 28.24 22.04
C LEU G 720 -13.10 26.81 22.57
N ALA G 721 -11.97 26.10 22.61
CA ALA G 721 -11.97 24.74 23.14
C ALA G 721 -12.33 24.73 24.63
N MET G 722 -11.81 25.69 25.40
CA MET G 722 -12.19 25.81 26.79
C MET G 722 -13.68 26.10 26.94
N LYS G 723 -14.20 27.00 26.11
CA LYS G 723 -15.63 27.30 26.12
C LYS G 723 -16.48 26.16 25.60
N LEU G 724 -15.88 25.15 24.97
CA LEU G 724 -16.65 24.10 24.31
C LEU G 724 -17.26 23.13 25.32
N LEU G 725 -16.56 22.85 26.41
CA LEU G 725 -17.06 21.88 27.40
C LEU G 725 -17.99 22.53 28.42
N THR G 726 -18.52 23.71 28.14
CA THR G 726 -19.21 24.51 29.13
C THR G 726 -20.72 24.51 28.98
N TYR G 727 -21.23 24.44 27.77
CA TYR G 727 -22.66 24.65 27.55
C TYR G 727 -23.46 23.40 27.93
N GLU G 728 -24.74 23.63 28.25
CA GLU G 728 -25.64 22.55 28.60
C GLU G 728 -26.11 21.81 27.35
N LEU G 729 -26.41 20.53 27.50
CA LEU G 729 -26.72 19.65 26.37
C LEU G 729 -28.23 19.46 26.27
N LYS G 730 -28.88 20.35 25.51
CA LYS G 730 -30.33 20.27 25.33
C LYS G 730 -30.77 18.98 24.65
N ASN G 731 -29.83 18.14 24.20
CA ASN G 731 -30.17 16.88 23.57
C ASN G 731 -29.84 15.67 24.43
N TRP G 732 -28.96 15.82 25.43
CA TRP G 732 -28.42 14.67 26.14
C TRP G 732 -28.61 14.80 27.64
N SER G 733 -29.86 15.10 28.04
CA SER G 733 -30.23 15.23 29.45
C SER G 733 -29.51 16.38 30.14
N ASN G 734 -29.14 17.40 29.37
CA ASN G 734 -28.74 18.70 29.89
C ASN G 734 -27.53 18.60 30.82
N ALA G 735 -26.40 18.23 30.23
CA ALA G 735 -25.14 18.12 30.96
C ALA G 735 -24.04 18.83 30.18
N THR G 736 -22.80 18.66 30.64
CA THR G 736 -21.62 19.14 29.92
C THR G 736 -20.66 17.99 29.74
N CYS G 737 -19.76 18.15 28.75
CA CYS G 737 -18.89 17.06 28.32
C CYS G 737 -18.03 16.55 29.47
N LEU G 738 -17.60 17.44 30.35
CA LEU G 738 -16.74 17.04 31.47
C LEU G 738 -17.44 16.04 32.37
N GLN G 739 -18.70 16.31 32.71
CA GLN G 739 -19.45 15.39 33.56
C GLN G 739 -19.62 14.05 32.89
N LEU G 740 -19.85 14.05 31.58
CA LEU G 740 -20.00 12.79 30.84
C LEU G 740 -18.71 11.99 30.86
N ALA G 741 -17.58 12.66 30.65
CA ALA G 741 -16.30 11.97 30.70
C ALA G 741 -16.03 11.42 32.10
N VAL G 742 -16.46 12.15 33.13
CA VAL G 742 -16.31 11.67 34.49
C VAL G 742 -17.16 10.42 34.72
N ALA G 743 -18.41 10.46 34.27
CA ALA G 743 -19.27 9.29 34.38
C ALA G 743 -18.73 8.14 33.54
N ALA G 744 -18.26 8.44 32.33
CA ALA G 744 -17.59 7.44 31.52
C ALA G 744 -16.24 7.04 32.09
N LYS G 745 -15.69 7.84 33.02
CA LYS G 745 -14.43 7.55 33.71
C LYS G 745 -13.28 7.43 32.71
N HIS G 746 -13.00 8.54 32.03
CA HIS G 746 -11.97 8.61 31.01
C HIS G 746 -10.73 9.25 31.64
N ARG G 747 -9.67 8.44 31.81
CA ARG G 747 -8.48 8.93 32.50
C ARG G 747 -7.83 10.07 31.75
N ASP G 748 -7.35 9.81 30.53
CA ASP G 748 -6.59 10.80 29.79
C ASP G 748 -7.41 12.02 29.45
N PHE G 749 -8.70 11.82 29.12
CA PHE G 749 -9.54 12.95 28.74
C PHE G 749 -9.66 13.94 29.89
N ILE G 750 -9.92 13.45 31.09
CA ILE G 750 -9.90 14.32 32.27
C ILE G 750 -8.48 14.81 32.53
N ALA G 751 -7.49 13.93 32.36
CA ALA G 751 -6.10 14.30 32.59
C ALA G 751 -5.52 15.18 31.49
N HIS G 752 -6.29 15.50 30.46
CA HIS G 752 -5.73 16.23 29.34
C HIS G 752 -5.44 17.67 29.73
N THR G 753 -4.55 18.30 28.96
CA THR G 753 -4.09 19.65 29.26
C THR G 753 -5.24 20.64 29.30
N CYS G 754 -6.11 20.61 28.28
CA CYS G 754 -7.22 21.55 28.24
C CYS G 754 -8.22 21.29 29.35
N SER G 755 -8.42 20.02 29.72
CA SER G 755 -9.33 19.70 30.81
C SER G 755 -8.81 20.26 32.13
N GLN G 756 -7.50 20.16 32.36
CA GLN G 756 -6.92 20.65 33.61
C GLN G 756 -7.10 22.16 33.73
N MET G 757 -6.69 22.91 32.71
CA MET G 757 -6.79 24.36 32.77
C MET G 757 -8.24 24.85 32.78
N LEU G 758 -9.18 24.03 32.31
CA LEU G 758 -10.58 24.39 32.43
C LEU G 758 -11.04 24.34 33.88
N LEU G 759 -10.48 23.43 34.67
CA LEU G 759 -10.76 23.40 36.10
C LEU G 759 -10.21 24.63 36.80
N THR G 760 -9.12 25.20 36.25
CA THR G 760 -8.37 26.23 36.98
C THR G 760 -9.19 27.50 37.17
N ASP G 761 -10.16 27.75 36.28
CA ASP G 761 -10.98 28.95 36.41
C ASP G 761 -11.86 28.94 37.65
N MET G 762 -12.03 27.80 38.30
CA MET G 762 -12.82 27.73 39.52
C MET G 762 -11.95 27.96 40.74
N ASN G 993 -2.33 19.60 46.41
CA ASN G 993 -1.05 20.04 45.88
C ASN G 993 -0.64 19.26 44.64
N LYS G 994 -0.12 19.97 43.64
CA LYS G 994 0.30 19.32 42.40
C LYS G 994 1.45 18.37 42.64
N TYR G 995 2.42 18.76 43.47
CA TYR G 995 3.65 17.97 43.60
C TYR G 995 3.44 16.76 44.49
N LEU G 996 3.10 16.97 45.76
CA LEU G 996 3.10 15.88 46.73
C LEU G 996 1.84 15.02 46.64
N GLY G 997 0.87 15.40 45.82
CA GLY G 997 -0.31 14.60 45.62
C GLY G 997 0.00 13.21 45.06
N PRO G 998 0.73 13.16 43.94
CA PRO G 998 1.21 11.85 43.46
C PRO G 998 2.13 11.14 44.43
N TYR G 999 2.84 11.88 45.29
CA TYR G 999 3.77 11.24 46.21
C TYR G 999 3.06 10.29 47.17
N VAL G 1000 1.89 10.70 47.66
CA VAL G 1000 1.11 9.83 48.55
C VAL G 1000 0.67 8.58 47.80
N MET G 1001 0.19 8.74 46.57
CA MET G 1001 -0.26 7.59 45.78
C MET G 1001 0.88 6.66 45.42
N MET G 1002 2.13 7.14 45.45
CA MET G 1002 3.26 6.28 45.17
C MET G 1002 3.35 5.13 46.16
N ILE G 1003 3.31 5.46 47.46
CA ILE G 1003 3.48 4.44 48.50
C ILE G 1003 2.28 3.50 48.53
N GLY G 1004 1.09 4.01 48.24
CA GLY G 1004 -0.11 3.19 48.34
C GLY G 1004 -0.10 2.00 47.40
N LYS G 1005 0.51 2.15 46.23
CA LYS G 1005 0.64 1.03 45.30
C LYS G 1005 1.83 0.14 45.62
N MET G 1006 2.64 0.50 46.61
CA MET G 1006 3.69 -0.39 47.10
C MET G 1006 3.28 -1.11 48.38
N MET G 1007 2.24 -0.62 49.06
CA MET G 1007 1.82 -1.21 50.34
C MET G 1007 1.31 -2.64 50.17
N ILE G 1008 0.90 -3.04 48.96
CA ILE G 1008 0.47 -4.41 48.75
C ILE G 1008 1.63 -5.37 48.97
N ASP G 1009 2.81 -5.03 48.49
CA ASP G 1009 4.00 -5.82 48.74
C ASP G 1009 4.98 -5.09 49.66
N ASN G 1108 17.13 -6.26 50.07
CA ASN G 1108 17.42 -5.54 48.82
C ASN G 1108 16.53 -6.04 47.69
N LEU G 1109 15.98 -7.23 47.86
CA LEU G 1109 15.04 -7.75 46.88
C LEU G 1109 13.78 -6.89 46.81
N LEU G 1110 13.32 -6.41 47.96
CA LEU G 1110 12.19 -5.48 47.98
C LEU G 1110 12.51 -4.20 47.23
N ILE G 1111 13.71 -3.65 47.43
CA ILE G 1111 14.13 -2.45 46.71
C ILE G 1111 14.26 -2.76 45.22
N ALA G 1112 14.72 -3.98 44.90
CA ALA G 1112 14.76 -4.40 43.51
C ALA G 1112 13.36 -4.42 42.91
N VAL G 1113 12.37 -4.88 43.68
CA VAL G 1113 10.98 -4.74 43.25
C VAL G 1113 10.58 -3.27 43.23
N PHE G 1114 10.99 -2.50 44.24
CA PHE G 1114 10.65 -1.09 44.29
C PHE G 1114 11.26 -0.31 43.12
N ASN G 1115 12.51 -0.61 42.79
CA ASN G 1115 13.19 0.14 41.74
C ASN G 1115 12.64 -0.20 40.36
N ASN G 1116 12.23 -1.44 40.13
CA ASN G 1116 11.72 -1.87 38.85
C ASN G 1116 10.22 -1.68 38.70
N THR G 1117 9.54 -1.21 39.73
CA THR G 1117 8.10 -0.96 39.70
C THR G 1117 7.79 0.44 40.21
N PHE G 1118 8.53 1.42 39.72
CA PHE G 1118 8.37 2.80 40.17
C PHE G 1118 7.94 3.76 39.07
N PHE G 1119 8.51 3.64 37.87
CA PHE G 1119 8.20 4.57 36.79
C PHE G 1119 6.75 4.43 36.32
N GLU G 1120 6.33 3.20 36.03
CA GLU G 1120 4.96 2.97 35.58
C GLU G 1120 3.96 3.32 36.69
N VAL G 1121 4.30 3.00 37.94
CA VAL G 1121 3.43 3.34 39.06
C VAL G 1121 3.29 4.85 39.18
N LYS G 1122 4.40 5.57 39.03
CA LYS G 1122 4.34 7.03 39.05
C LYS G 1122 3.46 7.58 37.94
N SER G 1123 3.59 7.03 36.73
CA SER G 1123 2.76 7.48 35.61
C SER G 1123 1.28 7.24 35.89
N ILE G 1124 0.94 6.04 36.36
CA ILE G 1124 -0.45 5.71 36.62
C ILE G 1124 -1.01 6.56 37.75
N SER G 1125 -0.18 6.83 38.77
CA SER G 1125 -0.62 7.71 39.86
C SER G 1125 -0.86 9.13 39.36
N ASN G 1126 -0.02 9.61 38.44
CA ASN G 1126 -0.26 10.92 37.83
C ASN G 1126 -1.59 10.93 37.09
N GLN G 1127 -1.86 9.87 36.33
CA GLN G 1127 -3.15 9.78 35.63
C GLN G 1127 -4.31 9.81 36.61
N VAL G 1128 -4.20 9.04 37.69
CA VAL G 1128 -5.28 8.96 38.68
C VAL G 1128 -5.51 10.31 39.33
N TRP G 1129 -4.44 10.99 39.72
CA TRP G 1129 -4.60 12.28 40.39
C TRP G 1129 -5.17 13.33 39.45
N LYS G 1130 -4.68 13.38 38.20
CA LYS G 1130 -5.23 14.31 37.24
C LYS G 1130 -6.68 13.99 36.91
N PHE G 1131 -7.07 12.72 37.06
CA PHE G 1131 -8.47 12.35 36.88
C PHE G 1131 -9.32 12.80 38.06
N GLN G 1132 -8.80 12.69 39.27
CA GLN G 1132 -9.57 12.95 40.48
C GLN G 1132 -9.50 14.40 40.93
N ARG G 1133 -8.72 15.24 40.24
CA ARG G 1133 -8.71 16.66 40.57
C ARG G 1133 -10.09 17.28 40.43
N TYR G 1134 -10.87 16.85 39.44
CA TYR G 1134 -12.23 17.36 39.26
C TYR G 1134 -13.09 17.03 40.46
N GLN G 1135 -13.05 15.78 40.92
CA GLN G 1135 -13.83 15.38 42.08
C GLN G 1135 -13.41 16.16 43.31
N LEU G 1136 -12.09 16.37 43.48
CA LEU G 1136 -11.61 17.15 44.60
C LEU G 1136 -12.13 18.59 44.55
N ILE G 1137 -12.11 19.21 43.36
CA ILE G 1137 -12.58 20.58 43.22
C ILE G 1137 -14.06 20.68 43.53
N MET G 1138 -14.86 19.76 42.99
CA MET G 1138 -16.30 19.81 43.24
C MET G 1138 -16.62 19.55 44.71
N THR G 1139 -15.89 18.63 45.35
CA THR G 1139 -16.09 18.37 46.76
C THR G 1139 -15.74 19.58 47.60
N PHE G 1140 -14.65 20.28 47.28
CA PHE G 1140 -14.27 21.45 48.04
C PHE G 1140 -15.11 22.67 47.70
N HIS G 1141 -15.85 22.66 46.59
CA HIS G 1141 -16.76 23.74 46.28
C HIS G 1141 -18.13 23.54 46.93
N GLU G 1142 -18.78 22.44 46.63
CA GLU G 1142 -20.13 22.23 47.10
C GLU G 1142 -20.15 21.92 48.60
N ARG G 1177 -26.35 28.09 40.13
CA ARG G 1177 -25.47 27.18 39.40
C ARG G 1177 -25.18 27.69 37.99
N ASP G 1178 -25.17 29.01 37.82
CA ASP G 1178 -24.81 29.58 36.53
C ASP G 1178 -23.39 29.21 36.15
N TYR G 1179 -22.47 29.28 37.11
CA TYR G 1179 -21.13 28.76 36.96
C TYR G 1179 -20.87 27.78 38.11
N GLY G 1180 -19.65 27.27 38.18
CA GLY G 1180 -19.30 26.26 39.17
C GLY G 1180 -19.38 24.88 38.57
N LEU G 1181 -20.40 24.66 37.75
CA LEU G 1181 -20.55 23.42 36.98
C LEU G 1181 -20.61 23.69 35.48
N LYS G 1182 -21.44 24.65 35.05
CA LYS G 1182 -21.64 24.89 33.62
C LYS G 1182 -21.42 26.35 33.26
N LEU G 1183 -21.71 26.69 32.01
CA LEU G 1183 -21.73 28.06 31.54
C LEU G 1183 -22.78 28.16 30.45
N PHE G 1184 -23.55 29.24 30.46
CA PHE G 1184 -24.72 29.38 29.61
C PHE G 1184 -24.55 30.57 28.69
N ILE G 1185 -24.69 30.34 27.39
CA ILE G 1185 -24.45 31.34 26.37
C ILE G 1185 -25.63 31.34 25.40
N THR G 1186 -25.73 32.42 24.62
CA THR G 1186 -26.84 32.58 23.70
C THR G 1186 -26.73 31.59 22.54
N ASP G 1187 -27.80 31.49 21.75
CA ASP G 1187 -27.86 30.53 20.66
C ASP G 1187 -26.86 30.86 19.56
N ASP G 1188 -26.61 32.15 19.33
CA ASP G 1188 -25.70 32.53 18.25
C ASP G 1188 -24.29 32.04 18.51
N GLU G 1189 -23.82 32.16 19.75
CA GLU G 1189 -22.50 31.64 20.08
C GLU G 1189 -22.48 30.12 19.99
N LEU G 1190 -23.60 29.48 20.28
CA LEU G 1190 -23.69 28.03 20.11
C LEU G 1190 -23.56 27.66 18.64
N LYS G 1191 -24.16 28.46 17.75
CA LYS G 1191 -24.01 28.24 16.31
C LYS G 1191 -22.56 28.42 15.89
N LYS G 1192 -21.89 29.45 16.42
CA LYS G 1192 -20.47 29.66 16.14
C LYS G 1192 -19.64 28.47 16.60
N VAL G 1193 -19.95 27.93 17.77
CA VAL G 1193 -19.24 26.76 18.29
C VAL G 1193 -19.53 25.54 17.42
N HIS G 1194 -20.76 25.44 16.89
CA HIS G 1194 -21.09 24.33 16.00
C HIS G 1194 -20.25 24.39 14.73
N ASP G 1195 -20.14 25.57 14.13
CA ASP G 1195 -19.30 25.71 12.94
C ASP G 1195 -17.84 25.45 13.26
N PHE G 1196 -17.37 25.90 14.42
CA PHE G 1196 -16.00 25.64 14.85
C PHE G 1196 -15.75 24.14 14.98
N GLU G 1197 -16.70 23.43 15.60
CA GLU G 1197 -16.55 21.99 15.79
C GLU G 1197 -16.56 21.26 14.45
N GLU G 1198 -17.44 21.66 13.54
CA GLU G 1198 -17.48 21.02 12.22
C GLU G 1198 -16.18 21.26 11.47
N GLN G 1199 -15.67 22.48 11.53
CA GLN G 1199 -14.37 22.78 10.92
C GLN G 1199 -13.28 21.91 11.53
N CYS G 1200 -13.28 21.78 12.86
CA CYS G 1200 -12.25 21.00 13.53
C CYS G 1200 -12.29 19.53 13.15
N ILE G 1201 -13.49 18.95 13.11
CA ILE G 1201 -13.59 17.53 12.79
C ILE G 1201 -13.25 17.28 11.31
N GLU G 1202 -13.64 18.20 10.44
CA GLU G 1202 -13.25 18.09 9.03
C GLU G 1202 -11.74 18.16 8.88
N GLU G 1203 -11.10 19.08 9.59
CA GLU G 1203 -9.65 19.20 9.57
C GLU G 1203 -9.00 17.93 10.11
N TYR G 1204 -9.56 17.37 11.19
CA TYR G 1204 -9.01 16.15 11.76
C TYR G 1204 -9.07 14.99 10.77
N PHE G 1205 -10.21 14.84 10.09
CA PHE G 1205 -10.34 13.76 9.11
C PHE G 1205 -9.39 13.96 7.93
N ARG G 1206 -9.29 15.18 7.42
CA ARG G 1206 -8.39 15.44 6.30
C ARG G 1206 -6.94 15.19 6.68
N GLU G 1207 -6.54 15.62 7.87
CA GLU G 1207 -5.17 15.37 8.32
C GLU G 1207 -4.92 13.90 8.57
N LYS G 1208 -5.92 13.16 9.05
CA LYS G 1208 -5.77 11.72 9.18
C LYS G 1208 -5.57 11.07 7.82
N ASP G 1209 -6.33 11.51 6.82
CA ASP G 1209 -6.15 10.99 5.46
C ASP G 1209 -4.74 11.30 4.95
N ASP G 1210 -4.24 12.51 5.23
CA ASP G 1210 -2.89 12.87 4.80
C ASP G 1210 -1.85 12.00 5.48
N ARG G 1211 -1.96 11.82 6.80
CA ARG G 1211 -0.97 11.03 7.53
C ARG G 1211 -0.99 9.57 7.08
N PHE G 1212 -2.18 9.00 6.87
CA PHE G 1212 -2.25 7.63 6.38
C PHE G 1212 -1.70 7.51 4.97
N ASN G 1213 -1.97 8.48 4.11
CA ASN G 1213 -1.53 8.40 2.73
C ASN G 1213 -0.05 8.67 2.57
N SER G 1214 0.59 9.31 3.55
CA SER G 1214 1.99 9.70 3.43
C SER G 1214 2.95 8.63 3.94
N SER G 1215 2.45 7.53 4.49
CA SER G 1215 3.33 6.48 4.97
C SER G 1215 4.08 5.83 3.81
N ASN G 1216 5.32 5.42 4.09
CA ASN G 1216 6.16 4.85 3.04
C ASN G 1216 5.60 3.53 2.54
N ASP G 1217 5.02 2.74 3.44
CA ASP G 1217 4.48 1.43 3.04
C ASP G 1217 3.35 1.58 2.04
N GLU G 1218 2.52 2.61 2.22
CA GLU G 1218 1.45 2.89 1.26
C GLU G 1218 2.02 3.18 -0.12
N ARG G 1219 3.08 4.00 -0.17
CA ARG G 1219 3.72 4.28 -1.44
C ARG G 1219 4.32 3.02 -2.05
N ILE G 1220 4.89 2.15 -1.22
CA ILE G 1220 5.45 0.90 -1.71
C ILE G 1220 4.36 0.03 -2.33
N ARG G 1221 3.22 -0.08 -1.65
CA ARG G 1221 2.14 -0.90 -2.16
C ARG G 1221 1.58 -0.35 -3.47
N VAL G 1222 1.38 0.97 -3.54
CA VAL G 1222 0.89 1.59 -4.76
C VAL G 1222 1.87 1.38 -5.90
N THR G 1223 3.17 1.55 -5.61
CA THR G 1223 4.19 1.35 -6.64
C THR G 1223 4.19 -0.09 -7.12
N SER G 1224 4.03 -1.05 -6.21
CA SER G 1224 4.00 -2.46 -6.61
C SER G 1224 2.82 -2.75 -7.53
N GLU G 1225 1.64 -2.26 -7.16
CA GLU G 1225 0.47 -2.49 -8.01
C GLU G 1225 0.65 -1.86 -9.40
N ARG G 1226 1.14 -0.62 -9.43
CA ARG G 1226 1.31 0.04 -10.72
C ARG G 1226 2.41 -0.63 -11.54
N VAL G 1227 3.44 -1.18 -10.89
CA VAL G 1227 4.47 -1.91 -11.61
C VAL G 1227 3.89 -3.17 -12.23
N GLU G 1228 3.04 -3.89 -11.48
CA GLU G 1228 2.38 -5.06 -12.03
C GLU G 1228 1.55 -4.71 -13.27
N ASN G 1229 0.75 -3.64 -13.15
CA ASN G 1229 -0.07 -3.22 -14.28
C ASN G 1229 0.78 -2.80 -15.47
N MET G 1230 1.89 -2.11 -15.19
CA MET G 1230 2.77 -1.66 -16.25
C MET G 1230 3.44 -2.83 -16.96
N SER G 1231 3.82 -3.86 -16.20
CA SER G 1231 4.40 -5.05 -16.83
C SER G 1231 3.37 -5.75 -17.71
N MET G 1232 2.13 -5.85 -17.24
CA MET G 1232 1.08 -6.42 -18.06
C MET G 1232 0.88 -5.62 -19.35
N ARG G 1233 0.87 -4.30 -19.24
CA ARG G 1233 0.68 -3.45 -20.42
C ARG G 1233 1.88 -3.56 -21.37
N LEU G 1234 3.08 -3.69 -20.83
CA LEU G 1234 4.26 -3.87 -21.67
C LEU G 1234 4.18 -5.18 -22.45
N GLU G 1235 3.76 -6.25 -21.79
CA GLU G 1235 3.56 -7.52 -22.50
C GLU G 1235 2.49 -7.37 -23.58
N GLU G 1236 1.42 -6.63 -23.27
CA GLU G 1236 0.37 -6.38 -24.25
C GLU G 1236 0.90 -5.65 -25.47
N VAL G 1237 1.75 -4.64 -25.24
CA VAL G 1237 2.35 -3.90 -26.35
C VAL G 1237 3.27 -4.81 -27.16
N ASN G 1238 4.04 -5.67 -26.47
CA ASN G 1238 4.95 -6.57 -27.16
C ASN G 1238 4.22 -7.68 -27.90
N GLU G 1239 2.94 -7.91 -27.63
CA GLU G 1239 2.21 -8.95 -28.35
C GLU G 1239 2.09 -8.61 -29.83
N ARG G 1240 1.78 -7.35 -30.16
CA ARG G 1240 1.64 -6.97 -31.56
C ARG G 1240 3.01 -6.90 -32.24
N GLU G 1241 2.99 -7.07 -33.57
CA GLU G 1241 4.19 -6.96 -34.40
C GLU G 1241 3.81 -6.20 -35.66
N HIS G 1242 3.96 -4.88 -35.61
CA HIS G 1242 3.65 -4.04 -36.77
C HIS G 1242 4.67 -4.18 -37.89
N SER G 1243 5.81 -4.81 -37.62
CA SER G 1243 6.82 -5.02 -38.64
C SER G 1243 7.41 -6.43 -38.53
N UNK H 1 -37.03 -41.51 7.21
CA UNK H 1 -36.38 -40.93 6.05
C UNK H 1 -37.40 -40.36 5.07
N UNK H 2 -37.39 -39.05 4.90
CA UNK H 2 -38.34 -38.38 4.00
C UNK H 2 -37.79 -38.32 2.58
N UNK H 3 -36.52 -38.67 2.43
CA UNK H 3 -35.88 -38.70 1.12
C UNK H 3 -36.01 -40.09 0.51
N UNK H 4 -37.24 -40.61 0.50
CA UNK H 4 -37.50 -41.95 -0.01
C UNK H 4 -38.51 -41.93 -1.14
N UNK H 5 -39.09 -40.77 -1.39
CA UNK H 5 -40.07 -40.61 -2.46
C UNK H 5 -39.38 -40.74 -3.81
N UNK H 6 -38.14 -40.27 -3.89
CA UNK H 6 -37.34 -40.38 -5.10
C UNK H 6 -37.09 -41.85 -5.40
N UNK H 7 -36.96 -42.19 -6.68
CA UNK H 7 -36.89 -43.59 -7.07
C UNK H 7 -35.60 -43.96 -7.79
N UNK H 8 -35.27 -45.24 -7.74
CA UNK H 8 -34.11 -45.77 -8.44
C UNK H 8 -34.57 -46.59 -9.65
N UNK H 9 -34.84 -45.89 -10.75
CA UNK H 9 -35.37 -46.53 -11.95
C UNK H 9 -34.31 -47.39 -12.63
N UNK H 10 -34.50 -48.70 -12.55
CA UNK H 10 -33.59 -49.65 -13.19
C UNK H 10 -34.20 -50.19 -14.48
N UNK H 11 -33.33 -50.65 -15.39
CA UNK H 11 -33.79 -51.16 -16.68
C UNK H 11 -34.49 -52.50 -16.52
N UNK H 12 -35.64 -52.64 -17.16
CA UNK H 12 -36.41 -53.88 -17.10
C UNK H 12 -35.82 -54.93 -18.03
N UNK H 13 -36.57 -56.01 -18.24
CA UNK H 13 -36.14 -57.06 -19.16
C UNK H 13 -36.15 -56.53 -20.59
N UNK H 14 -35.10 -55.79 -20.94
CA UNK H 14 -35.02 -55.12 -22.23
C UNK H 14 -34.79 -56.11 -23.35
N UNK H 15 -34.97 -55.62 -24.58
CA UNK H 15 -34.68 -56.41 -25.77
C UNK H 15 -33.30 -56.05 -26.29
N UNK H 16 -32.51 -55.38 -25.45
CA UNK H 16 -31.18 -54.94 -25.82
C UNK H 16 -30.10 -55.87 -25.29
N UNK H 17 -28.86 -55.37 -25.22
CA UNK H 17 -27.70 -56.13 -24.76
C UNK H 17 -27.52 -57.43 -25.53
N LEU I 3 -66.10 -2.98 -15.88
CA LEU I 3 -66.44 -3.89 -14.80
C LEU I 3 -66.42 -3.17 -13.45
N ASP I 4 -66.17 -1.86 -13.50
CA ASP I 4 -66.13 -1.04 -12.30
C ASP I 4 -67.47 -0.41 -11.96
N GLN I 5 -68.52 -0.70 -12.75
CA GLN I 5 -69.85 -0.24 -12.41
C GLN I 5 -70.37 -0.87 -11.13
N LEU I 6 -69.77 -1.98 -10.70
CA LEU I 6 -70.15 -2.60 -9.44
C LEU I 6 -69.95 -1.64 -8.27
N ARG I 7 -68.95 -0.76 -8.36
CA ARG I 7 -68.79 0.28 -7.36
C ARG I 7 -69.86 1.36 -7.51
N GLN I 8 -70.38 1.56 -8.72
CA GLN I 8 -71.44 2.53 -8.92
C GLN I 8 -72.79 2.00 -8.42
N GLU I 9 -73.04 0.70 -8.60
CA GLU I 9 -74.26 0.11 -8.05
C GLU I 9 -74.20 0.06 -6.53
N ALA I 10 -73.03 -0.26 -5.97
CA ALA I 10 -72.85 -0.15 -4.53
C ALA I 10 -73.03 1.28 -4.07
N GLU I 11 -72.56 2.24 -4.87
CA GLU I 11 -72.89 3.64 -4.62
C GLU I 11 -74.39 3.86 -4.73
N GLN I 12 -75.03 3.25 -5.73
CA GLN I 12 -76.48 3.32 -5.84
C GLN I 12 -77.15 2.61 -4.68
N LEU I 13 -76.68 1.42 -4.33
CA LEU I 13 -77.30 0.66 -3.25
C LEU I 13 -76.98 1.24 -1.87
N LYS I 14 -75.96 2.10 -1.77
CA LYS I 14 -75.70 2.79 -0.51
C LYS I 14 -76.76 3.84 -0.21
N ASN I 15 -77.56 4.22 -1.20
CA ASN I 15 -78.53 5.28 -1.00
C ASN I 15 -79.72 4.83 -0.14
N GLN I 16 -80.26 3.64 -0.43
CA GLN I 16 -81.57 3.28 0.10
C GLN I 16 -81.59 3.20 1.62
N ILE I 17 -80.47 2.78 2.24
CA ILE I 17 -80.44 2.65 3.69
C ILE I 17 -80.67 4.01 4.36
N ARG I 18 -79.92 5.03 3.93
CA ARG I 18 -80.13 6.36 4.48
C ARG I 18 -81.37 7.03 3.91
N ASP I 19 -81.60 6.88 2.61
CA ASP I 19 -82.70 7.59 1.96
C ASP I 19 -84.06 7.12 2.46
N ALA I 20 -84.24 5.80 2.60
CA ALA I 20 -85.48 5.33 3.22
C ALA I 20 -85.56 5.73 4.68
N ARG I 21 -84.40 5.77 5.36
CA ARG I 21 -84.39 6.15 6.77
C ARG I 21 -84.86 7.58 6.94
N LYS I 22 -84.29 8.52 6.18
CA LYS I 22 -84.70 9.92 6.31
C LYS I 22 -86.15 10.11 5.90
N ALA I 23 -86.62 9.31 4.93
CA ALA I 23 -88.06 9.29 4.64
C ALA I 23 -88.83 8.71 5.82
N CYS I 24 -88.28 7.68 6.47
CA CYS I 24 -88.93 7.08 7.62
C CYS I 24 -88.78 7.90 8.88
N ALA I 25 -87.64 8.57 9.06
CA ALA I 25 -87.33 9.25 10.33
C ALA I 25 -88.18 10.52 10.43
N ASP I 26 -89.46 10.32 10.75
CA ASP I 26 -90.38 11.41 11.01
C ASP I 26 -90.59 11.66 12.49
N ALA I 27 -90.60 10.60 13.32
CA ALA I 27 -90.82 10.74 14.75
C ALA I 27 -89.84 9.81 15.45
N THR I 28 -88.67 10.33 15.78
CA THR I 28 -87.67 9.56 16.49
C THR I 28 -88.10 9.40 17.95
N LEU I 29 -87.22 8.80 18.77
CA LEU I 29 -87.56 8.56 20.16
C LEU I 29 -87.68 9.83 20.98
N SER I 30 -87.23 10.97 20.44
CA SER I 30 -87.27 12.23 21.18
C SER I 30 -88.70 12.67 21.45
N GLN I 31 -89.60 12.51 20.47
CA GLN I 31 -90.94 13.06 20.60
C GLN I 31 -91.97 11.99 21.00
N ILE I 32 -91.61 10.72 20.92
CA ILE I 32 -92.58 9.66 21.22
C ILE I 32 -92.89 9.63 22.71
N THR I 33 -91.86 9.66 23.55
CA THR I 33 -91.99 9.40 24.99
C THR I 33 -91.24 10.44 25.81
N ASN I 34 -91.47 11.72 25.53
CA ASN I 34 -90.88 12.80 26.31
C ASN I 34 -91.53 12.95 27.69
N ASN I 35 -92.62 12.25 27.96
CA ASN I 35 -93.38 12.46 29.19
C ASN I 35 -92.72 11.84 30.41
N ILE I 36 -92.03 10.71 30.24
CA ILE I 36 -91.50 9.97 31.37
C ILE I 36 -90.40 10.76 32.07
N ASP I 37 -90.50 10.86 33.39
CA ASP I 37 -89.63 11.73 34.18
C ASP I 37 -88.18 11.24 34.12
N PRO I 38 -87.22 12.16 34.23
CA PRO I 38 -85.82 11.73 34.37
C PRO I 38 -85.61 10.95 35.65
N VAL I 39 -84.64 10.05 35.62
CA VAL I 39 -84.41 9.12 36.73
C VAL I 39 -84.02 9.86 38.00
N GLY I 40 -83.17 10.88 37.89
CA GLY I 40 -82.81 11.65 39.07
C GLY I 40 -81.68 11.00 39.83
N ARG I 41 -81.89 10.79 41.13
CA ARG I 41 -80.83 10.37 42.04
C ARG I 41 -81.17 9.00 42.63
N ILE I 42 -80.56 7.96 42.06
CA ILE I 42 -80.66 6.59 42.57
C ILE I 42 -79.25 6.07 42.75
N GLN I 43 -78.95 5.56 43.95
CA GLN I 43 -77.61 5.12 44.31
C GLN I 43 -77.60 3.62 44.52
N MET I 44 -76.70 2.93 43.83
CA MET I 44 -76.59 1.48 43.89
C MET I 44 -75.45 1.07 44.81
N ARG I 45 -75.72 0.10 45.68
CA ARG I 45 -74.76 -0.34 46.70
C ARG I 45 -74.12 -1.65 46.27
N THR I 46 -72.79 -1.72 46.41
CA THR I 46 -72.07 -2.96 46.21
C THR I 46 -72.45 -3.97 47.30
N ARG I 47 -72.75 -5.20 46.90
CA ARG I 47 -73.15 -6.25 47.83
C ARG I 47 -71.99 -7.15 48.22
N ARG I 48 -71.30 -7.71 47.24
CA ARG I 48 -70.17 -8.60 47.47
C ARG I 48 -68.93 -8.06 46.77
N THR I 49 -67.79 -8.13 47.45
CA THR I 49 -66.52 -7.67 46.91
C THR I 49 -65.55 -8.85 46.94
N LEU I 50 -65.19 -9.36 45.77
CA LEU I 50 -64.31 -10.52 45.66
C LEU I 50 -62.87 -10.07 45.90
N ARG I 51 -62.48 -10.05 47.17
CA ARG I 51 -61.17 -9.58 47.57
C ARG I 51 -60.23 -10.78 47.76
N GLY I 52 -59.08 -10.71 47.12
CA GLY I 52 -58.11 -11.79 47.23
C GLY I 52 -57.33 -12.07 45.96
N HIS I 53 -57.78 -11.50 44.84
CA HIS I 53 -57.05 -11.69 43.60
C HIS I 53 -55.82 -10.80 43.57
N LEU I 54 -54.99 -11.02 42.54
CA LEU I 54 -53.68 -10.39 42.49
C LEU I 54 -53.62 -9.12 41.64
N ALA I 55 -54.22 -9.13 40.47
CA ALA I 55 -53.95 -8.08 39.48
C ALA I 55 -55.21 -7.83 38.67
N LYS I 56 -55.04 -7.23 37.49
CA LYS I 56 -56.15 -6.82 36.65
C LYS I 56 -56.96 -8.03 36.20
N ILE I 57 -58.28 -7.86 36.19
CA ILE I 57 -59.21 -8.90 35.76
C ILE I 57 -59.71 -8.52 34.37
N TYR I 58 -59.57 -9.44 33.42
CA TYR I 58 -59.77 -9.14 32.01
C TYR I 58 -61.14 -9.57 31.47
N ALA I 59 -61.75 -10.61 32.04
CA ALA I 59 -63.03 -11.09 31.54
C ALA I 59 -63.79 -11.77 32.67
N MET I 60 -65.11 -11.83 32.52
CA MET I 60 -65.98 -12.52 33.46
C MET I 60 -67.28 -12.90 32.78
N HIS I 61 -67.72 -14.13 33.01
CA HIS I 61 -69.05 -14.58 32.63
C HIS I 61 -69.69 -15.23 33.85
N TRP I 62 -70.99 -15.03 34.01
CA TRP I 62 -71.67 -15.52 35.19
C TRP I 62 -71.92 -17.02 35.10
N GLY I 63 -72.49 -17.56 36.18
CA GLY I 63 -72.97 -18.93 36.20
C GLY I 63 -74.46 -18.95 35.92
N THR I 64 -74.91 -19.99 35.24
CA THR I 64 -76.27 -20.05 34.75
C THR I 64 -77.29 -20.39 35.84
N ASP I 65 -76.87 -20.38 37.11
CA ASP I 65 -77.78 -20.40 38.23
C ASP I 65 -77.83 -19.04 38.93
N SER I 66 -77.22 -18.01 38.31
CA SER I 66 -77.05 -16.68 38.93
C SER I 66 -76.36 -16.78 40.28
N ARG I 67 -75.50 -17.78 40.43
CA ARG I 67 -74.85 -18.09 41.69
C ARG I 67 -73.33 -18.18 41.57
N LEU I 68 -72.77 -17.99 40.37
CA LEU I 68 -71.40 -18.35 40.09
C LEU I 68 -70.86 -17.47 38.97
N LEU I 69 -69.53 -17.42 38.86
CA LEU I 69 -68.87 -16.79 37.73
C LEU I 69 -67.45 -17.33 37.61
N VAL I 70 -66.88 -17.15 36.43
CA VAL I 70 -65.54 -17.64 36.10
C VAL I 70 -64.56 -16.47 36.15
N SER I 71 -63.45 -16.65 36.86
CA SER I 71 -62.43 -15.63 36.97
C SER I 71 -61.51 -15.68 35.75
N ALA I 72 -61.16 -14.51 35.23
CA ALA I 72 -60.19 -14.37 34.15
C ALA I 72 -59.37 -13.11 34.40
N SER I 73 -58.19 -13.28 35.01
CA SER I 73 -57.36 -12.17 35.43
C SER I 73 -55.93 -12.40 34.99
N GLN I 74 -55.08 -11.41 35.27
CA GLN I 74 -53.69 -11.46 34.85
C GLN I 74 -52.92 -12.58 35.53
N ASP I 75 -53.38 -13.05 36.68
CA ASP I 75 -52.77 -14.20 37.33
C ASP I 75 -52.87 -15.46 36.48
N GLY I 76 -53.91 -15.57 35.65
CA GLY I 76 -54.10 -16.72 34.80
C GLY I 76 -54.96 -17.81 35.39
N LYS I 77 -55.32 -17.72 36.67
CA LYS I 77 -56.09 -18.76 37.33
C LYS I 77 -57.56 -18.59 36.97
N LEU I 78 -58.10 -19.53 36.21
CA LEU I 78 -59.54 -19.59 35.98
C LEU I 78 -60.17 -20.10 37.26
N ILE I 79 -60.56 -19.18 38.14
CA ILE I 79 -61.11 -19.52 39.43
C ILE I 79 -62.63 -19.49 39.32
N ILE I 80 -63.25 -20.65 39.54
CA ILE I 80 -64.70 -20.76 39.50
C ILE I 80 -65.23 -20.22 40.83
N TRP I 81 -65.65 -18.96 40.84
CA TRP I 81 -66.05 -18.27 42.07
C TRP I 81 -67.55 -18.42 42.28
N ASP I 82 -67.92 -18.83 43.49
CA ASP I 82 -69.32 -18.83 43.89
C ASP I 82 -69.74 -17.39 44.23
N SER I 83 -70.94 -17.00 43.80
CA SER I 83 -71.42 -15.64 44.02
C SER I 83 -72.39 -15.53 45.17
N TYR I 84 -72.59 -16.58 45.96
CA TYR I 84 -73.52 -16.54 47.08
C TYR I 84 -72.83 -16.69 48.43
N THR I 85 -71.53 -16.95 48.45
CA THR I 85 -70.74 -16.85 49.67
C THR I 85 -69.43 -16.13 49.42
N THR I 86 -69.28 -15.44 48.28
CA THR I 86 -68.03 -14.84 47.83
C THR I 86 -66.89 -15.85 47.77
N ASN I 87 -67.22 -17.12 47.68
CA ASN I 87 -66.24 -18.19 47.71
C ASN I 87 -66.00 -18.74 46.31
N LYS I 88 -65.23 -19.81 46.24
CA LYS I 88 -64.87 -20.43 44.97
C LYS I 88 -65.17 -21.92 45.04
N VAL I 89 -65.05 -22.57 43.89
CA VAL I 89 -65.13 -24.02 43.79
C VAL I 89 -63.80 -24.62 43.32
N HIS I 90 -63.32 -24.17 42.16
CA HIS I 90 -62.05 -24.62 41.61
C HIS I 90 -61.31 -23.42 41.03
N ALA I 91 -59.99 -23.53 40.94
CA ALA I 91 -59.13 -22.52 40.34
C ALA I 91 -58.23 -23.19 39.31
N ILE I 92 -58.24 -22.69 38.08
CA ILE I 92 -57.55 -23.32 36.97
C ILE I 92 -56.61 -22.31 36.33
N PRO I 93 -55.33 -22.32 36.71
CA PRO I 93 -54.33 -21.60 35.90
C PRO I 93 -54.25 -22.18 34.50
N LEU I 94 -54.06 -21.30 33.54
CA LEU I 94 -53.96 -21.70 32.14
C LEU I 94 -52.50 -21.96 31.77
N ARG I 95 -52.31 -22.59 30.61
CA ARG I 95 -50.97 -22.82 30.10
C ARG I 95 -50.26 -21.50 29.84
N SER I 96 -50.96 -20.54 29.25
CA SER I 96 -50.47 -19.17 29.10
C SER I 96 -51.44 -18.26 29.83
N SER I 97 -50.90 -17.33 30.63
CA SER I 97 -51.75 -16.47 31.45
C SER I 97 -52.43 -15.37 30.64
N TRP I 98 -52.41 -15.41 29.31
CA TRP I 98 -53.01 -14.37 28.48
C TRP I 98 -54.22 -14.99 27.76
N VAL I 99 -55.35 -14.97 28.44
CA VAL I 99 -56.64 -15.44 27.91
C VAL I 99 -57.63 -14.32 28.09
N MET I 100 -58.19 -13.82 26.98
CA MET I 100 -58.95 -12.58 26.98
C MET I 100 -60.45 -12.80 26.91
N THR I 101 -60.92 -13.99 27.27
CA THR I 101 -62.36 -14.25 27.27
C THR I 101 -62.64 -15.46 28.15
N CYS I 102 -63.91 -15.63 28.48
CA CYS I 102 -64.37 -16.80 29.20
C CYS I 102 -65.86 -16.97 28.95
N ALA I 103 -66.24 -18.08 28.33
CA ALA I 103 -67.63 -18.41 28.07
C ALA I 103 -68.05 -19.53 29.02
N TYR I 104 -69.29 -19.43 29.49
CA TYR I 104 -69.83 -20.37 30.46
C TYR I 104 -70.99 -21.12 29.84
N ALA I 105 -71.05 -22.42 30.07
CA ALA I 105 -72.04 -23.26 29.42
C ALA I 105 -73.45 -22.86 29.86
N PRO I 106 -74.41 -22.81 28.93
CA PRO I 106 -75.78 -22.39 29.29
C PRO I 106 -76.44 -23.29 30.31
N SER I 107 -76.01 -24.55 30.43
CA SER I 107 -76.52 -25.41 31.50
C SER I 107 -75.77 -25.15 32.80
N GLY I 108 -74.44 -25.07 32.73
CA GLY I 108 -73.63 -24.90 33.91
C GLY I 108 -72.54 -25.94 34.06
N ASN I 109 -72.19 -26.59 32.95
CA ASN I 109 -71.30 -27.75 32.98
C ASN I 109 -69.86 -27.43 32.61
N TYR I 110 -69.63 -26.62 31.58
CA TYR I 110 -68.29 -26.42 31.05
C TYR I 110 -68.03 -24.93 30.85
N VAL I 111 -66.78 -24.62 30.50
CA VAL I 111 -66.32 -23.24 30.34
C VAL I 111 -65.35 -23.17 29.18
N ALA I 112 -65.59 -22.23 28.26
CA ALA I 112 -64.64 -21.94 27.20
C ALA I 112 -63.66 -20.86 27.64
N CYS I 113 -62.48 -20.86 27.03
CA CYS I 113 -61.47 -19.86 27.32
C CYS I 113 -60.55 -19.70 26.12
N GLY I 114 -60.05 -18.49 25.93
CA GLY I 114 -59.13 -18.22 24.85
C GLY I 114 -58.71 -16.77 24.86
N GLY I 115 -57.76 -16.45 23.97
CA GLY I 115 -57.17 -15.14 23.97
C GLY I 115 -55.93 -15.03 23.11
N LEU I 116 -54.84 -14.54 23.70
CA LEU I 116 -53.59 -14.32 22.98
C LEU I 116 -53.08 -15.60 22.31
N ASP I 117 -53.42 -16.76 22.87
CA ASP I 117 -53.02 -18.03 22.28
C ASP I 117 -53.66 -18.29 20.92
N ASN I 118 -54.69 -17.52 20.54
CA ASN I 118 -55.44 -17.70 19.30
C ASN I 118 -56.11 -19.05 19.22
N ILE I 119 -56.35 -19.68 20.37
CA ILE I 119 -57.03 -20.97 20.47
C ILE I 119 -58.18 -20.81 21.45
N CYS I 120 -59.19 -21.65 21.29
CA CYS I 120 -60.27 -21.76 22.26
C CYS I 120 -60.20 -23.11 22.95
N SER I 121 -60.40 -23.11 24.27
CA SER I 121 -60.30 -24.34 25.05
C SER I 121 -61.51 -24.45 25.97
N ILE I 122 -62.11 -25.63 26.00
CA ILE I 122 -63.28 -25.90 26.84
C ILE I 122 -62.84 -26.86 27.95
N TYR I 123 -63.27 -26.58 29.17
CA TYR I 123 -62.84 -27.31 30.35
C TYR I 123 -64.03 -27.97 31.02
N ASN I 124 -63.86 -29.23 31.43
CA ASN I 124 -64.91 -30.00 32.08
C ASN I 124 -64.89 -29.71 33.56
N LEU I 125 -65.88 -28.95 34.04
CA LEU I 125 -65.91 -28.55 35.44
C LEU I 125 -66.35 -29.70 36.35
N LYS I 126 -67.29 -30.53 35.90
CA LYS I 126 -67.96 -31.50 36.75
C LYS I 126 -67.41 -32.91 36.57
N THR I 127 -66.09 -33.05 36.44
CA THR I 127 -65.49 -34.37 36.30
C THR I 127 -65.75 -35.22 37.53
N ARG I 128 -65.72 -36.55 37.33
CA ARG I 128 -65.99 -37.47 38.41
C ARG I 128 -64.93 -37.40 39.50
N GLU I 129 -63.67 -37.22 39.13
CA GLU I 129 -62.59 -37.09 40.10
C GLU I 129 -62.62 -35.78 40.86
N GLY I 130 -63.47 -34.83 40.45
CA GLY I 130 -63.65 -33.58 41.17
C GLY I 130 -62.77 -32.43 40.72
N ASN I 131 -61.89 -32.65 39.75
CA ASN I 131 -60.98 -31.61 39.28
C ASN I 131 -61.34 -31.19 37.85
N VAL I 132 -61.21 -29.91 37.57
CA VAL I 132 -61.53 -29.37 36.26
C VAL I 132 -60.39 -29.69 35.30
N ARG I 133 -60.71 -30.33 34.18
CA ARG I 133 -59.74 -30.66 33.16
C ARG I 133 -60.24 -30.21 31.80
N VAL I 134 -59.30 -29.80 30.95
CA VAL I 134 -59.65 -29.30 29.63
C VAL I 134 -60.20 -30.43 28.78
N SER I 135 -61.35 -30.19 28.15
CA SER I 135 -61.89 -31.18 27.22
C SER I 135 -61.06 -31.23 25.94
N ARG I 136 -61.03 -30.13 25.20
CA ARG I 136 -60.29 -30.06 23.94
C ARG I 136 -59.96 -28.61 23.64
N GLU I 137 -59.03 -28.42 22.71
CA GLU I 137 -58.69 -27.11 22.18
C GLU I 137 -59.42 -26.87 20.86
N LEU I 138 -59.44 -25.62 20.43
CA LEU I 138 -60.06 -25.24 19.16
C LEU I 138 -59.07 -24.39 18.37
N ALA I 139 -58.19 -25.03 17.61
CA ALA I 139 -57.29 -24.34 16.72
C ALA I 139 -58.00 -24.04 15.40
N GLY I 140 -57.61 -22.93 14.78
CA GLY I 140 -58.22 -22.54 13.53
C GLY I 140 -58.37 -21.03 13.38
N HIS I 141 -58.06 -20.30 14.44
CA HIS I 141 -58.14 -18.84 14.44
C HIS I 141 -56.74 -18.25 14.45
N THR I 142 -56.48 -17.36 13.49
CA THR I 142 -55.21 -16.63 13.41
C THR I 142 -55.30 -15.25 14.04
N GLY I 143 -56.45 -14.87 14.57
CA GLY I 143 -56.57 -13.67 15.38
C GLY I 143 -56.98 -14.07 16.79
N TYR I 144 -56.49 -13.31 17.77
CA TYR I 144 -56.68 -13.69 19.17
C TYR I 144 -58.16 -13.67 19.55
N LEU I 145 -58.54 -14.61 20.41
CA LEU I 145 -59.93 -14.75 20.81
C LEU I 145 -60.31 -13.60 21.72
N SER I 146 -61.17 -12.70 21.23
CA SER I 146 -61.59 -11.53 21.97
C SER I 146 -62.81 -11.79 22.84
N CYS I 147 -63.84 -12.41 22.28
CA CYS I 147 -65.02 -12.79 23.04
C CYS I 147 -65.62 -14.04 22.44
N CYS I 148 -66.40 -14.75 23.25
CA CYS I 148 -67.02 -15.98 22.78
C CYS I 148 -68.19 -16.32 23.70
N ARG I 149 -69.19 -16.99 23.12
CA ARG I 149 -70.36 -17.42 23.86
C ARG I 149 -70.89 -18.72 23.25
N PHE I 150 -71.49 -19.55 24.09
CA PHE I 150 -72.07 -20.80 23.63
C PHE I 150 -73.47 -20.58 23.07
N LEU I 151 -73.95 -21.57 22.30
CA LEU I 151 -75.37 -21.78 22.11
C LEU I 151 -75.91 -22.75 23.16
N ASP I 152 -75.30 -23.93 23.22
CA ASP I 152 -75.45 -24.85 24.34
C ASP I 152 -74.06 -25.42 24.59
N ASP I 153 -73.99 -26.54 25.30
CA ASP I 153 -72.67 -27.04 25.67
C ASP I 153 -71.91 -27.69 24.50
N ASN I 154 -72.30 -27.52 23.23
CA ASN I 154 -71.53 -28.07 22.12
C ASN I 154 -71.24 -27.01 21.06
N GLN I 155 -72.10 -26.00 20.95
CA GLN I 155 -71.99 -25.00 19.90
C GLN I 155 -71.65 -23.65 20.52
N ILE I 156 -70.56 -23.03 20.04
CA ILE I 156 -70.03 -21.82 20.64
C ILE I 156 -69.62 -20.85 19.52
N VAL I 157 -70.12 -19.63 19.58
CA VAL I 157 -69.64 -18.55 18.72
C VAL I 157 -68.36 -17.99 19.30
N THR I 158 -67.40 -17.66 18.43
CA THR I 158 -66.15 -17.05 18.84
C THR I 158 -65.86 -15.82 17.99
N SER I 159 -65.13 -14.86 18.58
CA SER I 159 -64.77 -13.62 17.92
C SER I 159 -63.25 -13.58 17.76
N SER I 160 -62.79 -13.38 16.52
CA SER I 160 -61.38 -13.42 16.21
C SER I 160 -60.95 -12.16 15.47
N GLY I 161 -59.68 -11.80 15.65
CA GLY I 161 -59.10 -10.62 15.03
C GLY I 161 -58.58 -10.79 13.62
N ASP I 162 -58.62 -12.01 13.06
CA ASP I 162 -58.18 -12.25 11.70
C ASP I 162 -59.33 -12.19 10.70
N THR I 163 -60.32 -11.34 10.96
CA THR I 163 -61.46 -11.09 10.09
C THR I 163 -62.27 -12.36 9.82
N THR I 164 -62.32 -13.27 10.80
CA THR I 164 -63.11 -14.49 10.68
C THR I 164 -63.87 -14.70 11.99
N CYS I 165 -65.19 -14.82 11.88
CA CYS I 165 -66.04 -15.14 13.02
C CYS I 165 -66.47 -16.59 12.90
N ALA I 166 -66.39 -17.33 14.02
CA ALA I 166 -66.48 -18.78 13.96
C ALA I 166 -67.59 -19.29 14.87
N LEU I 167 -67.95 -20.55 14.64
CA LEU I 167 -68.95 -21.27 15.42
C LEU I 167 -68.45 -22.70 15.56
N TRP I 168 -67.92 -23.03 16.74
CA TRP I 168 -67.16 -24.26 16.95
C TRP I 168 -68.02 -25.37 17.52
N ASP I 169 -67.90 -26.56 16.95
CA ASP I 169 -68.39 -27.76 17.60
C ASP I 169 -67.39 -28.18 18.66
N ILE I 170 -67.89 -28.59 19.83
CA ILE I 170 -67.01 -28.84 20.96
C ILE I 170 -66.51 -30.28 20.96
N GLU I 171 -67.43 -31.24 20.93
CA GLU I 171 -67.04 -32.64 21.08
C GLU I 171 -66.19 -33.11 19.91
N THR I 172 -66.55 -32.72 18.68
CA THR I 172 -65.78 -33.14 17.51
C THR I 172 -64.46 -32.41 17.42
N GLY I 173 -64.42 -31.13 17.80
CA GLY I 173 -63.24 -30.31 17.62
C GLY I 173 -63.12 -29.67 16.26
N GLN I 174 -64.11 -29.85 15.38
CA GLN I 174 -64.10 -29.30 14.04
C GLN I 174 -65.09 -28.14 13.95
N GLN I 175 -64.85 -27.25 12.99
CA GLN I 175 -65.77 -26.15 12.73
C GLN I 175 -66.42 -26.38 11.37
N THR I 176 -67.76 -26.43 11.35
CA THR I 176 -68.48 -26.72 10.11
C THR I 176 -68.45 -25.54 9.15
N THR I 177 -68.74 -24.33 9.63
CA THR I 177 -68.83 -23.14 8.79
C THR I 177 -68.24 -21.95 9.51
N THR I 178 -67.87 -20.93 8.74
CA THR I 178 -67.23 -19.73 9.27
C THR I 178 -68.00 -18.50 8.82
N PHE I 179 -68.19 -17.55 9.73
CA PHE I 179 -68.83 -16.27 9.42
C PHE I 179 -67.77 -15.35 8.83
N THR I 180 -67.79 -15.20 7.51
CA THR I 180 -66.84 -14.34 6.80
C THR I 180 -67.58 -13.16 6.20
N GLY I 181 -66.94 -11.99 6.26
CA GLY I 181 -67.56 -10.78 5.74
C GLY I 181 -67.44 -9.60 6.69
N HIS I 182 -66.63 -9.75 7.72
CA HIS I 182 -66.38 -8.68 8.68
C HIS I 182 -64.90 -8.32 8.65
N THR I 183 -64.61 -7.03 8.49
CA THR I 183 -63.25 -6.56 8.32
C THR I 183 -62.62 -6.05 9.62
N GLY I 184 -63.29 -5.15 10.32
CA GLY I 184 -62.79 -4.72 11.61
C GLY I 184 -62.75 -5.88 12.59
N ASP I 185 -61.70 -5.89 13.41
CA ASP I 185 -61.52 -6.99 14.35
C ASP I 185 -62.59 -6.96 15.42
N VAL I 186 -63.30 -8.06 15.57
CA VAL I 186 -64.45 -8.12 16.48
C VAL I 186 -63.94 -8.32 17.90
N MET I 187 -64.28 -7.38 18.78
CA MET I 187 -63.85 -7.44 20.17
C MET I 187 -64.87 -8.08 21.09
N SER I 188 -66.16 -7.96 20.78
CA SER I 188 -67.21 -8.54 21.59
C SER I 188 -68.34 -9.02 20.70
N LEU I 189 -69.02 -10.07 21.16
CA LEU I 189 -70.19 -10.60 20.46
C LEU I 189 -71.35 -10.67 21.43
N SER I 190 -72.51 -10.17 21.00
CA SER I 190 -73.72 -10.16 21.83
C SER I 190 -74.76 -11.04 21.15
N LEU I 191 -75.05 -12.18 21.76
CA LEU I 191 -76.04 -13.09 21.21
C LEU I 191 -77.43 -12.50 21.30
N ALA I 192 -78.23 -12.78 20.29
CA ALA I 192 -79.66 -12.53 20.38
C ALA I 192 -80.31 -13.59 21.27
N PRO I 193 -81.46 -13.28 21.87
CA PRO I 193 -82.11 -14.27 22.74
C PRO I 193 -82.51 -15.55 22.03
N ASP I 194 -82.60 -15.55 20.71
CA ASP I 194 -83.06 -16.74 19.98
C ASP I 194 -82.01 -17.82 19.85
N THR I 195 -80.74 -17.50 20.15
CA THR I 195 -79.53 -18.33 20.00
C THR I 195 -79.17 -18.52 18.53
N ARG I 196 -80.05 -18.06 17.65
CA ARG I 196 -79.86 -18.19 16.22
C ARG I 196 -79.41 -16.90 15.57
N LEU I 197 -79.09 -15.88 16.38
CA LEU I 197 -78.57 -14.61 15.88
C LEU I 197 -77.58 -14.05 16.91
N PHE I 198 -76.67 -13.20 16.42
CA PHE I 198 -75.78 -12.46 17.30
C PHE I 198 -75.26 -11.25 16.55
N VAL I 199 -75.21 -10.12 17.24
CA VAL I 199 -74.60 -8.89 16.73
C VAL I 199 -73.34 -8.63 17.55
N SER I 200 -72.27 -8.25 16.86
CA SER I 200 -70.94 -8.21 17.46
C SER I 200 -70.36 -6.81 17.35
N GLY I 201 -69.44 -6.51 18.27
CA GLY I 201 -68.73 -5.25 18.28
C GLY I 201 -67.33 -5.41 17.71
N ALA I 202 -67.04 -4.64 16.67
CA ALA I 202 -65.81 -4.81 15.90
C ALA I 202 -65.08 -3.48 15.78
N CYS I 203 -63.90 -3.53 15.15
CA CYS I 203 -63.05 -2.35 15.01
C CYS I 203 -63.56 -1.38 13.95
N ASP I 204 -64.26 -1.89 12.93
CA ASP I 204 -64.69 -1.07 11.80
C ASP I 204 -65.92 -0.23 12.10
N ALA I 205 -66.27 -0.06 13.39
CA ALA I 205 -67.43 0.71 13.82
C ALA I 205 -68.72 0.18 13.21
N SER I 206 -68.79 -1.12 12.99
CA SER I 206 -69.96 -1.74 12.37
C SER I 206 -70.31 -3.03 13.10
N ALA I 207 -71.58 -3.17 13.46
CA ALA I 207 -72.13 -4.43 13.93
C ALA I 207 -72.88 -5.10 12.79
N LYS I 208 -73.02 -6.42 12.87
CA LYS I 208 -73.68 -7.17 11.83
C LYS I 208 -74.61 -8.20 12.44
N LEU I 209 -75.79 -8.36 11.84
CA LEU I 209 -76.76 -9.36 12.27
C LEU I 209 -76.37 -10.70 11.62
N TRP I 210 -75.28 -11.27 12.12
CA TRP I 210 -74.78 -12.54 11.61
C TRP I 210 -75.75 -13.65 11.98
N ASP I 211 -76.46 -14.18 10.99
CA ASP I 211 -77.47 -15.21 11.22
C ASP I 211 -76.75 -16.55 11.39
N VAL I 212 -77.08 -17.26 12.47
CA VAL I 212 -76.28 -18.40 12.90
C VAL I 212 -76.35 -19.55 11.89
N ARG I 213 -77.57 -19.93 11.49
CA ARG I 213 -77.73 -21.15 10.71
C ARG I 213 -77.24 -21.04 9.27
N GLU I 214 -76.64 -19.92 8.89
CA GLU I 214 -76.08 -19.75 7.55
C GLU I 214 -74.62 -19.36 7.55
N GLY I 215 -74.19 -18.54 8.49
CA GLY I 215 -72.88 -17.92 8.40
C GLY I 215 -72.94 -16.72 7.48
N MET I 216 -74.04 -15.98 7.54
CA MET I 216 -74.33 -14.91 6.59
C MET I 216 -74.78 -13.67 7.36
N CYS I 217 -74.38 -12.50 6.86
CA CYS I 217 -74.79 -11.24 7.47
C CYS I 217 -76.16 -10.82 6.95
N ARG I 218 -77.01 -10.36 7.86
CA ARG I 218 -78.36 -9.91 7.51
C ARG I 218 -78.41 -8.40 7.29
N GLN I 219 -78.12 -7.62 8.33
CA GLN I 219 -78.31 -6.19 8.31
C GLN I 219 -76.99 -5.45 8.42
N THR I 220 -77.03 -4.17 8.09
CA THR I 220 -75.92 -3.26 8.29
C THR I 220 -76.20 -2.39 9.51
N PHE I 221 -75.26 -2.38 10.46
CA PHE I 221 -75.37 -1.56 11.66
C PHE I 221 -74.11 -0.69 11.69
N THR I 222 -74.16 0.44 11.01
CA THR I 222 -73.05 1.39 10.98
C THR I 222 -73.54 2.73 11.53
N GLY I 223 -72.59 3.50 12.05
CA GLY I 223 -72.94 4.77 12.68
C GLY I 223 -72.09 5.11 13.87
N HIS I 224 -71.24 4.17 14.29
CA HIS I 224 -70.28 4.46 15.34
C HIS I 224 -69.02 5.08 14.74
N GLU I 225 -68.06 5.43 15.61
CA GLU I 225 -66.89 6.17 15.18
C GLU I 225 -65.58 5.40 15.27
N SER I 226 -65.50 4.38 16.12
CA SER I 226 -64.24 3.70 16.34
C SER I 226 -64.53 2.23 16.67
N ASP I 227 -63.54 1.55 17.22
CA ASP I 227 -63.70 0.15 17.60
C ASP I 227 -64.82 -0.02 18.60
N ILE I 228 -65.71 -0.98 18.33
CA ILE I 228 -66.85 -1.24 19.19
C ILE I 228 -66.39 -2.25 20.23
N ASN I 229 -65.85 -1.74 21.33
CA ASN I 229 -65.25 -2.60 22.35
C ASN I 229 -66.29 -3.33 23.20
N ALA I 230 -67.56 -2.98 23.09
CA ALA I 230 -68.60 -3.62 23.88
C ALA I 230 -69.92 -3.57 23.14
N ILE I 231 -70.80 -4.50 23.46
CA ILE I 231 -72.13 -4.56 22.87
C ILE I 231 -73.02 -5.42 23.76
N CYS I 232 -74.25 -4.95 23.98
CA CYS I 232 -75.25 -5.66 24.76
CA CYS I 232 -75.25 -5.66 24.76
C CYS I 232 -76.57 -5.67 24.00
N PHE I 233 -77.26 -6.80 24.06
CA PHE I 233 -78.51 -6.98 23.34
C PHE I 233 -79.70 -6.49 24.16
N PHE I 234 -80.66 -5.87 23.49
CA PHE I 234 -81.92 -5.51 24.15
C PHE I 234 -82.71 -6.77 24.45
N PRO I 235 -83.30 -6.88 25.64
CA PRO I 235 -83.86 -8.18 26.07
C PRO I 235 -84.96 -8.73 25.18
N ASN I 236 -85.79 -7.88 24.58
CA ASN I 236 -86.92 -8.39 23.81
C ASN I 236 -86.51 -9.02 22.49
N GLY I 237 -85.28 -8.78 22.02
CA GLY I 237 -84.79 -9.36 20.79
C GLY I 237 -84.83 -8.44 19.59
N ASN I 238 -85.14 -7.16 19.77
CA ASN I 238 -85.32 -6.26 18.64
C ASN I 238 -84.24 -5.19 18.52
N ALA I 239 -83.36 -5.03 19.51
CA ALA I 239 -82.35 -4.00 19.47
C ALA I 239 -81.12 -4.45 20.25
N PHE I 240 -80.14 -3.56 20.33
CA PHE I 240 -78.90 -3.81 21.08
C PHE I 240 -78.13 -2.51 21.21
N ALA I 241 -77.50 -2.33 22.37
CA ALA I 241 -76.66 -1.18 22.64
C ALA I 241 -75.19 -1.60 22.60
N THR I 242 -74.33 -0.65 22.26
CA THR I 242 -72.93 -0.94 22.02
C THR I 242 -72.04 -0.05 22.89
N GLY I 243 -70.83 -0.52 23.13
CA GLY I 243 -69.79 0.26 23.78
C GLY I 243 -68.58 0.33 22.88
N SER I 244 -67.99 1.52 22.77
CA SER I 244 -66.97 1.76 21.77
C SER I 244 -65.81 2.52 22.41
N ASP I 245 -64.91 3.01 21.57
CA ASP I 245 -63.75 3.78 22.04
C ASP I 245 -63.99 5.29 22.00
N ASP I 246 -64.91 5.76 21.16
CA ASP I 246 -65.17 7.19 21.03
C ASP I 246 -65.98 7.75 22.20
N ALA I 247 -66.13 6.98 23.28
CA ALA I 247 -66.77 7.41 24.53
C ALA I 247 -68.24 7.76 24.35
N THR I 248 -68.86 7.31 23.26
CA THR I 248 -70.26 7.57 23.00
C THR I 248 -71.01 6.25 22.85
N CYS I 249 -72.23 6.21 23.35
CA CYS I 249 -73.14 5.09 23.12
C CYS I 249 -74.14 5.49 22.04
N ARG I 250 -74.27 4.63 21.03
CA ARG I 250 -75.14 4.89 19.89
C ARG I 250 -76.07 3.70 19.70
N LEU I 251 -77.31 3.83 20.20
CA LEU I 251 -78.26 2.74 20.16
C LEU I 251 -78.88 2.62 18.78
N PHE I 252 -78.90 1.40 18.25
CA PHE I 252 -79.54 1.11 16.98
C PHE I 252 -80.62 0.05 17.19
N ASP I 253 -81.22 -0.41 16.10
CA ASP I 253 -82.33 -1.34 16.14
C ASP I 253 -82.19 -2.39 15.04
N LEU I 254 -82.70 -3.59 15.31
CA LEU I 254 -82.76 -4.62 14.27
C LEU I 254 -83.86 -4.32 13.26
N ARG I 255 -85.11 -4.29 13.72
CA ARG I 255 -86.25 -4.31 12.83
C ARG I 255 -86.61 -2.95 12.25
N ALA I 256 -85.89 -1.89 12.63
CA ALA I 256 -86.02 -0.61 11.95
C ALA I 256 -84.72 -0.10 11.37
N ASP I 257 -83.58 -0.57 11.88
CA ASP I 257 -82.24 -0.24 11.39
C ASP I 257 -82.01 1.27 11.36
N GLN I 258 -82.06 1.86 12.56
CA GLN I 258 -81.81 3.29 12.70
C GLN I 258 -81.24 3.55 14.09
N GLU I 259 -80.42 4.60 14.18
CA GLU I 259 -79.90 5.04 15.47
C GLU I 259 -81.00 5.71 16.26
N LEU I 260 -80.93 5.61 17.59
CA LEU I 260 -81.97 6.13 18.47
C LEU I 260 -81.59 7.46 19.11
N MET I 261 -80.37 7.57 19.65
CA MET I 261 -79.99 8.77 20.39
C MET I 261 -78.48 8.81 20.56
N THR I 262 -78.04 9.76 21.38
CA THR I 262 -76.63 9.88 21.77
C THR I 262 -76.55 9.85 23.29
N TYR I 263 -75.66 9.02 23.81
CA TYR I 263 -75.47 8.88 25.25
C TYR I 263 -73.99 9.09 25.54
N SER I 264 -73.60 10.35 25.71
CA SER I 264 -72.21 10.71 25.92
C SER I 264 -72.14 11.95 26.81
N HIS I 265 -71.01 12.10 27.49
CA HIS I 265 -70.79 13.21 28.40
C HIS I 265 -69.46 13.88 28.08
N ASP I 266 -69.35 15.15 28.48
CA ASP I 266 -68.12 15.88 28.29
C ASP I 266 -66.98 15.31 29.12
N ASN I 267 -67.31 14.71 30.27
CA ASN I 267 -66.28 14.11 31.12
C ASN I 267 -65.91 12.70 30.68
N ILE I 268 -66.70 12.08 29.81
CA ILE I 268 -66.38 10.76 29.30
C ILE I 268 -65.61 10.92 28.00
N ILE I 269 -64.30 10.67 28.04
CA ILE I 269 -63.46 10.75 26.86
C ILE I 269 -62.89 9.37 26.57
N CYS I 270 -62.70 8.57 27.62
CA CYS I 270 -62.13 7.25 27.48
C CYS I 270 -63.17 6.27 26.91
N GLY I 271 -62.67 5.15 26.39
CA GLY I 271 -63.52 4.19 25.73
C GLY I 271 -64.45 3.46 26.69
N ILE I 272 -65.29 2.61 26.10
CA ILE I 272 -66.28 1.83 26.83
C ILE I 272 -65.88 0.36 26.74
N THR I 273 -65.75 -0.29 27.89
CA THR I 273 -65.22 -1.65 27.93
C THR I 273 -66.31 -2.71 27.95
N SER I 274 -67.30 -2.58 28.84
CA SER I 274 -68.36 -3.56 28.97
C SER I 274 -69.68 -2.85 29.22
N VAL I 275 -70.72 -3.24 28.47
CA VAL I 275 -72.03 -2.60 28.56
C VAL I 275 -73.08 -3.65 28.86
N SER I 276 -74.19 -3.20 29.45
CA SER I 276 -75.30 -4.11 29.76
C SER I 276 -76.59 -3.32 29.89
N PHE I 277 -77.67 -3.91 29.41
CA PHE I 277 -79.00 -3.31 29.49
C PHE I 277 -79.61 -3.56 30.86
N SER I 278 -80.89 -3.24 31.00
CA SER I 278 -81.70 -3.71 32.11
C SER I 278 -82.48 -4.96 31.66
N LYS I 279 -83.26 -5.54 32.57
CA LYS I 279 -84.09 -6.67 32.19
C LYS I 279 -85.19 -6.24 31.23
N SER I 280 -85.70 -5.03 31.38
CA SER I 280 -86.60 -4.45 30.40
C SER I 280 -85.86 -3.63 29.34
N GLY I 281 -84.53 -3.55 29.44
CA GLY I 281 -83.77 -2.69 28.56
C GLY I 281 -83.87 -1.22 28.89
N ARG I 282 -84.36 -0.87 30.08
CA ARG I 282 -84.56 0.54 30.43
C ARG I 282 -83.27 1.20 30.89
N LEU I 283 -82.72 0.75 32.02
CA LEU I 283 -81.48 1.30 32.54
C LEU I 283 -80.30 0.59 31.91
N LEU I 284 -79.38 1.37 31.34
CA LEU I 284 -78.25 0.85 30.58
C LEU I 284 -76.97 1.03 31.37
N LEU I 285 -76.15 -0.02 31.43
CA LEU I 285 -74.86 0.03 32.10
C LEU I 285 -73.74 0.11 31.08
N ALA I 286 -72.59 0.61 31.54
CA ALA I 286 -71.43 0.75 30.67
C ALA I 286 -70.18 0.84 31.52
N GLY I 287 -69.25 -0.09 31.33
CA GLY I 287 -67.94 0.00 31.94
C GLY I 287 -66.97 0.70 30.99
N TYR I 288 -66.12 1.53 31.56
CA TYR I 288 -65.23 2.38 30.78
C TYR I 288 -63.78 2.13 31.14
N ASP I 289 -62.89 2.85 30.46
CA ASP I 289 -61.46 2.77 30.79
C ASP I 289 -61.16 3.49 32.10
N ASP I 290 -61.85 4.60 32.36
CA ASP I 290 -61.67 5.34 33.60
C ASP I 290 -62.46 4.66 34.71
N PHE I 291 -62.62 5.35 35.85
CA PHE I 291 -63.18 4.75 37.05
C PHE I 291 -64.57 5.31 37.38
N ASN I 292 -65.40 5.54 36.35
CA ASN I 292 -66.74 6.09 36.55
C ASN I 292 -67.69 5.46 35.54
N CYS I 293 -68.66 4.70 36.03
CA CYS I 293 -69.69 4.12 35.19
CA CYS I 293 -69.70 4.11 35.21
C CYS I 293 -70.97 4.94 35.29
N ASN I 294 -71.83 4.80 34.30
CA ASN I 294 -73.09 5.53 34.24
C ASN I 294 -74.24 4.56 34.02
N VAL I 295 -75.31 4.75 34.79
CA VAL I 295 -76.53 3.94 34.60
C VAL I 295 -77.36 4.68 33.57
N TRP I 296 -77.03 4.47 32.30
CA TRP I 296 -77.61 5.21 31.20
C TRP I 296 -79.04 4.75 30.93
N ASP I 297 -79.73 5.52 30.10
CA ASP I 297 -81.04 5.16 29.58
C ASP I 297 -80.95 5.20 28.06
N ALA I 298 -80.95 4.03 27.43
CA ALA I 298 -80.95 3.98 25.97
C ALA I 298 -82.23 4.52 25.37
N LEU I 299 -83.30 4.63 26.16
CA LEU I 299 -84.56 5.16 25.68
C LEU I 299 -84.72 6.64 25.99
N LYS I 300 -84.01 7.16 27.00
CA LYS I 300 -84.23 8.54 27.42
C LYS I 300 -82.95 9.32 27.66
N ALA I 301 -81.78 8.72 27.44
CA ALA I 301 -80.48 9.38 27.66
C ALA I 301 -80.38 9.94 29.08
N ASP I 302 -80.82 9.16 30.05
CA ASP I 302 -80.87 9.58 31.44
C ASP I 302 -79.98 8.69 32.29
N ARG I 303 -79.17 9.30 33.14
CA ARG I 303 -78.24 8.57 34.01
C ARG I 303 -78.80 8.53 35.43
N ALA I 304 -79.04 7.32 35.93
CA ALA I 304 -79.52 7.17 37.30
C ALA I 304 -78.48 7.64 38.30
N GLY I 305 -77.21 7.34 38.05
CA GLY I 305 -76.14 7.78 38.93
C GLY I 305 -74.80 7.29 38.42
N VAL I 306 -73.76 7.65 39.18
CA VAL I 306 -72.39 7.23 38.88
C VAL I 306 -71.95 6.28 39.99
N LEU I 307 -71.48 5.10 39.59
CA LEU I 307 -71.10 4.04 40.51
C LEU I 307 -69.58 3.92 40.50
N ALA I 308 -68.94 4.72 41.35
CA ALA I 308 -67.48 4.72 41.49
C ALA I 308 -67.13 4.05 42.81
N GLY I 309 -66.67 2.81 42.74
CA GLY I 309 -66.18 2.11 43.90
C GLY I 309 -64.89 1.38 43.61
N HIS I 310 -64.52 1.35 42.33
CA HIS I 310 -63.30 0.72 41.87
C HIS I 310 -62.26 1.79 41.60
N ASP I 311 -61.03 1.57 42.07
CA ASP I 311 -59.94 2.49 41.79
C ASP I 311 -59.19 2.16 40.52
N ASN I 312 -59.52 1.05 39.86
CA ASN I 312 -58.80 0.61 38.66
C ASN I 312 -59.79 0.50 37.50
N ARG I 313 -59.26 0.04 36.36
CA ARG I 313 -60.03 0.05 35.12
C ARG I 313 -61.13 -1.01 35.14
N VAL I 314 -62.33 -0.60 34.74
CA VAL I 314 -63.49 -1.49 34.69
C VAL I 314 -63.48 -2.23 33.37
N SER I 315 -63.52 -3.56 33.43
CA SER I 315 -63.45 -4.35 32.20
C SER I 315 -64.57 -5.36 32.05
N CYS I 316 -65.00 -6.00 33.13
CA CYS I 316 -65.89 -7.15 33.05
C CYS I 316 -67.09 -6.97 33.97
N LEU I 317 -68.26 -7.38 33.50
CA LEU I 317 -69.47 -7.33 34.32
C LEU I 317 -70.48 -8.35 33.78
N GLY I 318 -71.47 -8.65 34.61
CA GLY I 318 -72.51 -9.59 34.23
C GLY I 318 -73.81 -9.40 34.99
N VAL I 319 -74.92 -9.35 34.25
CA VAL I 319 -76.25 -9.13 34.83
C VAL I 319 -77.00 -10.45 34.84
N THR I 320 -77.82 -10.65 35.87
CA THR I 320 -78.53 -11.91 36.04
C THR I 320 -79.55 -12.12 34.93
N ASP I 321 -79.84 -13.39 34.66
CA ASP I 321 -80.87 -13.73 33.68
C ASP I 321 -82.22 -13.20 34.13
N ASP I 322 -82.51 -13.28 35.42
CA ASP I 322 -83.72 -12.70 35.99
C ASP I 322 -83.57 -11.21 36.25
N GLY I 323 -82.47 -10.60 35.82
CA GLY I 323 -82.31 -9.15 35.87
C GLY I 323 -82.38 -8.56 37.26
N MET I 324 -82.15 -9.37 38.29
CA MET I 324 -82.40 -8.91 39.66
C MET I 324 -81.34 -7.93 40.12
N ALA I 325 -80.13 -8.02 39.59
CA ALA I 325 -79.04 -7.13 40.01
C ALA I 325 -77.98 -7.12 38.92
N VAL I 326 -76.94 -6.32 39.16
CA VAL I 326 -75.79 -6.22 38.26
C VAL I 326 -74.52 -6.37 39.09
N ALA I 327 -73.51 -7.00 38.48
CA ALA I 327 -72.25 -7.28 39.16
C ALA I 327 -71.10 -6.85 38.27
N THR I 328 -70.25 -5.96 38.78
CA THR I 328 -69.15 -5.38 38.01
C THR I 328 -67.81 -5.81 38.58
N GLY I 329 -66.89 -6.16 37.70
CA GLY I 329 -65.52 -6.47 38.08
C GLY I 329 -64.56 -5.56 37.34
N SER I 330 -63.52 -5.11 38.05
CA SER I 330 -62.57 -4.17 37.48
C SER I 330 -61.16 -4.74 37.56
N TRP I 331 -60.18 -3.90 37.22
CA TRP I 331 -58.78 -4.28 37.22
C TRP I 331 -58.13 -4.23 38.59
N ASP I 332 -58.87 -3.86 39.63
CA ASP I 332 -58.35 -3.86 40.99
C ASP I 332 -58.57 -5.18 41.70
N SER I 333 -58.62 -6.29 40.95
CA SER I 333 -58.67 -7.65 41.48
C SER I 333 -59.93 -7.95 42.28
N PHE I 334 -60.97 -7.14 42.12
CA PHE I 334 -62.23 -7.29 42.84
C PHE I 334 -63.36 -7.54 41.86
N LEU I 335 -64.56 -7.76 42.41
CA LEU I 335 -65.79 -7.79 41.65
C LEU I 335 -66.91 -7.36 42.58
N LYS I 336 -67.71 -6.40 42.14
CA LYS I 336 -68.67 -5.74 43.02
C LYS I 336 -70.06 -5.78 42.40
N ILE I 337 -71.06 -5.78 43.27
CA ILE I 337 -72.45 -6.06 42.87
C ILE I 337 -73.27 -4.83 43.22
N TRP I 338 -73.38 -3.90 42.28
CA TRP I 338 -74.10 -2.66 42.53
C TRP I 338 -75.61 -2.89 42.52
N ASN I 339 -76.28 -2.41 43.56
CA ASN I 339 -77.75 -2.35 43.63
C ASN I 339 -78.21 -1.64 44.89
N ALA J 6 -58.52 -7.51 -11.90
CA ALA J 6 -57.82 -8.63 -11.31
C ALA J 6 -58.77 -9.44 -10.42
N SER J 7 -59.39 -8.78 -9.45
CA SER J 7 -60.34 -9.40 -8.53
C SER J 7 -61.66 -8.63 -8.66
N ILE J 8 -62.67 -9.30 -9.20
CA ILE J 8 -63.95 -8.67 -9.46
C ILE J 8 -65.09 -9.27 -8.64
N ALA J 9 -64.89 -10.45 -8.03
CA ALA J 9 -65.95 -11.05 -7.25
C ALA J 9 -66.22 -10.29 -5.96
N GLN J 10 -65.19 -9.64 -5.39
CA GLN J 10 -65.36 -8.94 -4.13
C GLN J 10 -66.35 -7.80 -4.25
N ALA J 11 -66.29 -7.04 -5.35
CA ALA J 11 -67.25 -5.97 -5.57
C ALA J 11 -68.67 -6.50 -5.69
N ARG J 12 -68.82 -7.70 -6.26
CA ARG J 12 -70.14 -8.34 -6.27
C ARG J 12 -70.62 -8.65 -4.86
N LYS J 13 -69.71 -9.11 -3.99
CA LYS J 13 -70.08 -9.66 -2.69
C LYS J 13 -70.83 -8.64 -1.85
N LEU J 14 -70.42 -7.37 -1.90
CA LEU J 14 -71.15 -6.34 -1.16
C LEU J 14 -72.56 -6.16 -1.71
N VAL J 15 -72.71 -6.17 -3.04
CA VAL J 15 -74.00 -5.91 -3.66
C VAL J 15 -75.03 -6.96 -3.26
N GLU J 16 -74.63 -8.24 -3.28
CA GLU J 16 -75.55 -9.29 -2.85
C GLU J 16 -75.94 -9.12 -1.39
N GLN J 17 -75.02 -8.62 -0.57
CA GLN J 17 -75.39 -8.21 0.78
C GLN J 17 -76.20 -6.92 0.76
N LEU J 18 -75.88 -6.02 -0.16
CA LEU J 18 -76.60 -4.76 -0.25
C LEU J 18 -78.02 -4.95 -0.80
N LYS J 19 -78.17 -5.80 -1.82
CA LYS J 19 -79.46 -5.95 -2.47
C LYS J 19 -80.49 -6.57 -1.54
N MET J 20 -80.12 -7.66 -0.86
CA MET J 20 -81.04 -8.37 0.01
C MET J 20 -81.28 -7.67 1.34
N GLU J 21 -80.59 -6.56 1.59
CA GLU J 21 -80.74 -5.82 2.84
C GLU J 21 -81.59 -4.56 2.69
N ALA J 22 -81.53 -3.89 1.53
CA ALA J 22 -82.28 -2.66 1.34
C ALA J 22 -83.79 -2.91 1.34
N ASN J 23 -84.23 -4.13 1.10
CA ASN J 23 -85.65 -4.46 1.04
C ASN J 23 -86.16 -5.18 2.29
N ILE J 24 -85.35 -5.30 3.34
CA ILE J 24 -85.80 -5.98 4.55
C ILE J 24 -86.86 -5.13 5.23
N ASP J 25 -87.53 -5.72 6.23
CA ASP J 25 -88.65 -5.07 6.90
C ASP J 25 -88.14 -4.14 8.00
N ARG J 26 -87.51 -3.04 7.56
CA ARG J 26 -87.15 -1.97 8.48
C ARG J 26 -88.42 -1.25 8.87
N ILE J 27 -88.97 -1.59 10.03
CA ILE J 27 -90.31 -1.16 10.39
C ILE J 27 -90.28 0.33 10.70
N LYS J 28 -91.46 0.93 10.65
CA LYS J 28 -91.58 2.36 10.85
C LYS J 28 -91.22 2.73 12.28
N VAL J 29 -90.56 3.89 12.42
CA VAL J 29 -90.01 4.29 13.72
C VAL J 29 -91.12 4.51 14.74
N SER J 30 -92.27 5.01 14.29
CA SER J 30 -93.43 5.10 15.18
C SER J 30 -93.89 3.71 15.62
N LYS J 31 -93.92 2.76 14.69
CA LYS J 31 -94.22 1.38 15.06
C LYS J 31 -93.03 0.69 15.72
N ALA J 32 -91.81 1.11 15.40
CA ALA J 32 -90.63 0.50 16.02
C ALA J 32 -90.61 0.77 17.52
N ALA J 33 -90.98 1.99 17.93
CA ALA J 33 -90.99 2.32 19.34
C ALA J 33 -92.00 1.48 20.10
N ALA J 34 -93.24 1.42 19.61
CA ALA J 34 -94.34 0.81 20.35
C ALA J 34 -94.07 -0.66 20.68
N ASP J 35 -93.39 -1.37 19.79
CA ASP J 35 -92.94 -2.73 20.13
C ASP J 35 -91.96 -2.70 21.29
N LEU J 36 -90.97 -1.80 21.23
CA LEU J 36 -90.04 -1.67 22.34
C LEU J 36 -90.68 -0.95 23.52
N MET J 37 -91.63 -0.05 23.26
CA MET J 37 -92.30 0.66 24.35
C MET J 37 -93.15 -0.28 25.20
N ALA J 38 -93.62 -1.37 24.62
CA ALA J 38 -94.54 -2.28 25.31
C ALA J 38 -93.86 -3.14 26.37
N TYR J 39 -92.61 -2.86 26.73
CA TYR J 39 -91.85 -3.72 27.63
C TYR J 39 -91.99 -3.30 29.09
N CYS J 40 -91.54 -2.08 29.41
CA CYS J 40 -91.18 -1.77 30.79
C CYS J 40 -92.39 -1.73 31.72
N GLU J 41 -93.45 -1.03 31.33
CA GLU J 41 -94.55 -0.80 32.27
C GLU J 41 -95.31 -2.09 32.58
N ALA J 42 -95.40 -3.01 31.62
CA ALA J 42 -95.94 -4.33 31.90
C ALA J 42 -94.95 -5.19 32.68
N HIS J 43 -93.65 -5.05 32.40
CA HIS J 43 -92.59 -5.75 33.10
C HIS J 43 -92.21 -4.99 34.38
N ALA J 44 -93.09 -5.04 35.38
CA ALA J 44 -93.05 -4.09 36.49
C ALA J 44 -92.76 -4.73 37.85
N LYS J 45 -93.56 -5.72 38.27
CA LYS J 45 -93.52 -6.18 39.66
C LYS J 45 -92.20 -6.84 40.03
N GLU J 46 -91.44 -7.31 39.05
CA GLU J 46 -90.31 -8.19 39.29
C GLU J 46 -88.96 -7.47 39.34
N ASP J 47 -88.85 -6.28 38.76
CA ASP J 47 -87.55 -5.66 38.56
C ASP J 47 -87.09 -4.94 39.83
N PRO J 48 -85.99 -5.35 40.45
CA PRO J 48 -85.46 -4.63 41.61
C PRO J 48 -84.44 -3.56 41.23
N LEU J 49 -84.41 -3.13 39.98
CA LEU J 49 -83.35 -2.24 39.53
C LEU J 49 -83.81 -0.85 39.08
N LEU J 50 -85.10 -0.65 38.83
CA LEU J 50 -85.60 0.69 38.50
C LEU J 50 -86.65 1.20 39.48
N THR J 51 -87.59 0.36 39.88
CA THR J 51 -88.53 0.67 40.96
C THR J 51 -88.46 -0.48 41.95
N PRO J 52 -87.40 -0.54 42.75
CA PRO J 52 -87.16 -1.71 43.60
C PRO J 52 -87.92 -1.71 44.90
N VAL J 53 -87.62 -2.70 45.74
CA VAL J 53 -88.14 -2.82 47.10
C VAL J 53 -86.96 -3.32 47.92
N PRO J 54 -86.99 -3.27 49.27
CA PRO J 54 -85.86 -3.80 50.04
C PRO J 54 -85.58 -5.27 49.81
N ALA J 55 -84.56 -5.79 50.50
CA ALA J 55 -83.79 -6.96 50.06
C ALA J 55 -84.20 -8.26 50.75
N SER J 56 -85.50 -8.51 50.92
CA SER J 56 -85.94 -9.76 51.55
C SER J 56 -85.67 -10.96 50.64
N GLU J 57 -86.36 -11.02 49.49
CA GLU J 57 -86.23 -12.12 48.55
C GLU J 57 -85.10 -11.89 47.55
N ASN J 58 -84.22 -10.93 47.81
CA ASN J 58 -83.18 -10.56 46.88
C ASN J 58 -82.13 -11.67 46.80
N PRO J 59 -81.29 -11.64 45.75
CA PRO J 59 -80.19 -12.61 45.69
C PRO J 59 -78.92 -12.19 46.42
N PHE J 60 -78.83 -10.96 46.92
CA PHE J 60 -77.55 -10.43 47.38
C PHE J 60 -77.65 -9.74 48.73
N ARG J 61 -78.25 -10.42 49.71
CA ARG J 61 -78.21 -9.94 51.09
C ARG J 61 -77.45 -10.93 51.96
N GLU J 62 -77.19 -10.52 53.19
CA GLU J 62 -76.48 -11.38 54.14
C GLU J 62 -77.44 -11.85 55.23
#